data_5E58
#
_entry.id   5E58
#
_cell.length_a   98.079
_cell.length_b   106.066
_cell.length_c   106.198
_cell.angle_alpha   64.61
_cell.angle_beta   82.53
_cell.angle_gamma   69.93
#
_symmetry.space_group_name_H-M   'P 1'
#
loop_
_entity.id
_entity.type
_entity.pdbx_description
1 polymer 'Cytochrome P450 family 2 subfamily B'
2 branched beta-D-fructofuranose-(2-1)-alpha-D-glucopyranose
3 non-polymer 'PROTOPORPHYRIN IX CONTAINING FE'
4 non-polymer 4-(4-CHLOROPHENYL)IMIDAZOLE
5 non-polymer 5-CYCLOHEXYL-1-PENTYL-BETA-D-MALTOSIDE
6 non-polymer GLYCEROL
7 water water
#
_entity_poly.entity_id   1
_entity_poly.type   'polypeptide(L)'
_entity_poly.pdbx_seq_one_letter_code
;MGPSVLLLLALLVGFVLLLVRGYPKARGHLPPGPRPLPLLGNLLQMDRGGFLNSFMRIREKYGDVFTVHLGPRPVVMLYG
TEAIREALVDQAEAFSGRGTIAVIKPVIGDYGMIFSNGERWKVLRRFSLATMRDFGMGKRSVEDRIQEEAQCLVEELQKS
QGAPLDPTFLFQCITANIICSIVFGERYDYKDRQFLRLLDLFYRTFSLMSSFSSQVFELFSGFMKYFPGAHRQITRNLQE
ILDYVGQSVEKHRATLDPSNPRDFIDTYLLRMEKEKSNQHTEFHHQNLLISVLSLFFAGTETTSTTLRYGFLLMLKYPHV
AEKVQKEIDQVIGSHRLPTLEDRTKMPYTDAVIHEIQRFSDLAPIGAPHKVTKDTLFRGYLLPKNTEVYPILSSALHDPQ
YFEQPGTFNPDHFLDANGALKKSEAFMPFSIGKRICLGEGIARNELFLFFTTILQNFSVSSSVAPKDIDLSPKESGIGKV
PQTYQISFLARHH
;
_entity_poly.pdbx_strand_id   A,B,C,D,E,F
#
loop_
_chem_comp.id
_chem_comp.type
_chem_comp.name
_chem_comp.formula
CM5 non-polymer 5-CYCLOHEXYL-1-PENTYL-BETA-D-MALTOSIDE 'C23 H42 O11'
CPZ non-polymer 4-(4-CHLOROPHENYL)IMIDAZOLE 'C9 H7 Cl N2'
FRU D-saccharide, beta linking beta-D-fructofuranose 'C6 H12 O6'
GLC D-saccharide, alpha linking alpha-D-glucopyranose 'C6 H12 O6'
GOL non-polymer GLYCEROL 'C3 H8 O3'
HEM non-polymer 'PROTOPORPHYRIN IX CONTAINING FE' 'C34 H32 Fe N4 O4'
#
# COMPACT_ATOMS: atom_id res chain seq x y z
N HIS A 29 34.35 -11.41 -10.82
CA HIS A 29 33.26 -11.79 -11.74
C HIS A 29 32.20 -12.71 -11.08
N LEU A 30 32.54 -13.95 -10.53
CA LEU A 30 31.46 -14.71 -9.89
C LEU A 30 31.21 -14.04 -8.55
N PRO A 31 30.03 -14.26 -7.95
CA PRO A 31 29.79 -13.68 -6.61
C PRO A 31 30.88 -14.13 -5.66
N PRO A 32 31.16 -13.36 -4.60
CA PRO A 32 32.29 -13.68 -3.75
C PRO A 32 32.02 -14.97 -3.02
N GLY A 33 33.06 -15.57 -2.47
CA GLY A 33 32.89 -16.75 -1.64
C GLY A 33 34.25 -17.26 -1.20
N PRO A 34 34.25 -18.21 -0.26
CA PRO A 34 35.43 -18.77 0.39
C PRO A 34 36.30 -19.47 -0.64
N ARG A 35 37.60 -19.25 -0.59
CA ARG A 35 38.48 -19.81 -1.59
C ARG A 35 38.42 -21.34 -1.48
N PRO A 36 38.18 -22.01 -2.60
CA PRO A 36 38.09 -23.48 -2.65
C PRO A 36 39.45 -24.16 -2.74
N LEU A 37 39.53 -25.42 -2.33
CA LEU A 37 40.76 -26.20 -2.43
C LEU A 37 40.64 -27.22 -3.57
N PRO A 38 41.77 -27.60 -4.15
CA PRO A 38 41.75 -28.69 -5.15
C PRO A 38 41.12 -29.93 -4.55
N LEU A 39 40.28 -30.62 -5.32
CA LEU A 39 39.60 -31.86 -4.88
C LEU A 39 38.48 -31.65 -3.87
N LEU A 40 38.78 -30.97 -2.78
CA LEU A 40 37.84 -30.83 -1.69
C LEU A 40 36.81 -29.74 -1.90
N GLY A 41 37.05 -28.87 -2.88
CA GLY A 41 36.19 -27.72 -3.11
C GLY A 41 36.14 -26.89 -1.85
N ASN A 42 34.93 -26.57 -1.38
CA ASN A 42 34.71 -25.83 -0.13
C ASN A 42 34.24 -26.70 1.02
N LEU A 43 34.71 -27.94 1.06
CA LEU A 43 34.39 -28.85 2.15
C LEU A 43 34.70 -28.26 3.53
N LEU A 44 35.80 -27.50 3.63
CA LEU A 44 36.25 -26.99 4.90
C LEU A 44 35.25 -26.01 5.53
N GLN A 45 34.43 -25.36 4.71
CA GLN A 45 33.43 -24.43 5.21
C GLN A 45 32.07 -25.12 5.30
N MET A 46 32.03 -26.42 5.10
CA MET A 46 30.78 -27.15 5.22
C MET A 46 30.54 -27.51 6.66
N ASP A 47 29.32 -27.93 6.95
CA ASP A 47 28.92 -28.23 8.30
C ASP A 47 28.28 -29.62 8.32
N ARG A 48 28.41 -30.35 9.43
CA ARG A 48 27.75 -31.66 9.51
C ARG A 48 26.23 -31.51 9.70
N GLY A 49 25.77 -30.29 9.96
CA GLY A 49 24.35 -30.05 10.04
C GLY A 49 23.65 -30.08 8.68
N GLY A 50 24.44 -30.23 7.62
CA GLY A 50 23.92 -30.27 6.27
C GLY A 50 24.12 -29.00 5.45
N PHE A 51 23.71 -29.06 4.19
CA PHE A 51 23.87 -27.93 3.27
C PHE A 51 23.27 -26.63 3.79
N LEU A 52 22.07 -26.70 4.35
CA LEU A 52 21.34 -25.48 4.75
C LEU A 52 22.09 -24.78 5.90
N ASN A 53 22.48 -25.55 6.90
CA ASN A 53 23.23 -24.99 8.02
C ASN A 53 24.56 -24.43 7.51
N SER A 54 25.19 -25.12 6.57
CA SER A 54 26.46 -24.68 6.00
C SER A 54 26.36 -23.35 5.26
N PHE A 55 25.38 -23.25 4.37
CA PHE A 55 25.22 -22.08 3.52
C PHE A 55 24.88 -20.87 4.37
N MET A 56 24.12 -21.13 5.44
CA MET A 56 23.72 -20.08 6.35
C MET A 56 24.98 -19.50 7.01
N ARG A 57 25.95 -20.34 7.31
CA ARG A 57 27.17 -19.81 7.92
C ARG A 57 28.03 -19.02 6.94
N ILE A 58 28.18 -19.52 5.71
CA ILE A 58 28.91 -18.78 4.67
C ILE A 58 28.23 -17.42 4.35
N ARG A 59 26.91 -17.37 4.42
CA ARG A 59 26.20 -16.13 4.15
C ARG A 59 26.56 -15.00 5.12
N GLU A 60 26.72 -15.34 6.40
CA GLU A 60 27.11 -14.34 7.38
C GLU A 60 28.42 -13.66 7.00
N LYS A 61 29.30 -14.42 6.36
CA LYS A 61 30.59 -13.89 5.97
C LYS A 61 30.53 -13.14 4.64
N TYR A 62 29.76 -13.63 3.68
CA TYR A 62 29.92 -13.06 2.34
C TYR A 62 28.69 -12.34 1.82
N GLY A 63 27.61 -12.37 2.57
CA GLY A 63 26.42 -11.69 2.11
C GLY A 63 25.38 -12.61 1.46
N ASP A 64 24.40 -11.97 0.81
CA ASP A 64 23.17 -12.59 0.32
C ASP A 64 23.35 -13.35 -1.00
N VAL A 65 24.39 -12.99 -1.75
CA VAL A 65 24.65 -13.62 -3.02
C VAL A 65 26.12 -14.04 -3.01
N PHE A 66 26.37 -15.35 -3.02
CA PHE A 66 27.71 -15.84 -2.85
C PHE A 66 27.92 -17.19 -3.50
N THR A 67 29.18 -17.57 -3.64
CA THR A 67 29.56 -18.78 -4.31
C THR A 67 30.11 -19.87 -3.40
N VAL A 68 29.55 -21.08 -3.52
CA VAL A 68 30.17 -22.26 -2.91
C VAL A 68 30.53 -23.33 -3.95
N HIS A 69 31.74 -23.85 -3.85
CA HIS A 69 32.18 -24.95 -4.72
C HIS A 69 31.81 -26.29 -4.11
N LEU A 70 30.90 -26.98 -4.77
CA LEU A 70 30.50 -28.32 -4.37
C LEU A 70 31.40 -29.27 -5.16
N GLY A 71 32.37 -29.82 -4.46
CA GLY A 71 33.48 -30.46 -5.14
C GLY A 71 34.06 -29.39 -6.02
N PRO A 72 34.32 -29.72 -7.29
CA PRO A 72 34.84 -28.69 -8.19
C PRO A 72 33.79 -27.71 -8.77
N ARG A 73 32.49 -27.94 -8.56
CA ARG A 73 31.50 -27.10 -9.24
C ARG A 73 31.13 -25.84 -8.48
N PRO A 74 31.32 -24.65 -9.11
CA PRO A 74 30.83 -23.41 -8.51
C PRO A 74 29.31 -23.32 -8.56
N VAL A 75 28.72 -23.08 -7.41
CA VAL A 75 27.27 -22.94 -7.30
C VAL A 75 26.95 -21.61 -6.64
N VAL A 76 26.11 -20.80 -7.27
CA VAL A 76 25.76 -19.52 -6.68
C VAL A 76 24.52 -19.65 -5.79
N MET A 77 24.63 -19.24 -4.53
CA MET A 77 23.49 -19.30 -3.61
C MET A 77 22.83 -17.94 -3.59
N LEU A 78 21.50 -17.93 -3.50
CA LEU A 78 20.76 -16.68 -3.43
C LEU A 78 19.96 -16.71 -2.15
N TYR A 79 20.26 -15.78 -1.24
CA TYR A 79 19.61 -15.70 0.06
C TYR A 79 18.70 -14.53 0.19
N GLY A 80 17.55 -14.79 0.80
CA GLY A 80 16.58 -13.76 1.10
C GLY A 80 15.61 -13.49 -0.01
N THR A 81 14.39 -13.11 0.37
CA THR A 81 13.33 -12.79 -0.57
C THR A 81 13.77 -11.87 -1.69
N GLU A 82 14.48 -10.81 -1.34
CA GLU A 82 14.83 -9.78 -2.32
C GLU A 82 15.77 -10.33 -3.40
N ALA A 83 16.82 -11.05 -2.99
CA ALA A 83 17.79 -11.60 -3.94
C ALA A 83 17.17 -12.67 -4.80
N ILE A 84 16.35 -13.52 -4.17
CA ILE A 84 15.70 -14.59 -4.91
C ILE A 84 14.77 -14.06 -5.98
N ARG A 85 13.92 -13.09 -5.62
CA ARG A 85 13.03 -12.46 -6.61
C ARG A 85 13.74 -11.68 -7.68
N GLU A 86 14.83 -11.01 -7.33
CA GLU A 86 15.57 -10.25 -8.31
C GLU A 86 16.07 -11.16 -9.44
N ALA A 87 16.40 -12.40 -9.08
CA ALA A 87 16.88 -13.36 -10.04
C ALA A 87 15.72 -14.06 -10.77
N LEU A 88 14.91 -14.78 -10.02
CA LEU A 88 13.91 -15.67 -10.62
C LEU A 88 12.73 -14.91 -11.22
N VAL A 89 12.47 -13.69 -10.73
CA VAL A 89 11.42 -12.87 -11.33
C VAL A 89 11.99 -11.83 -12.30
N ASP A 90 12.92 -10.98 -11.84
CA ASP A 90 13.35 -9.88 -12.69
C ASP A 90 14.28 -10.30 -13.85
N GLN A 91 14.93 -11.45 -13.75
CA GLN A 91 15.61 -12.03 -14.91
C GLN A 91 15.10 -13.47 -15.11
N ALA A 92 13.78 -13.59 -15.21
CA ALA A 92 13.07 -14.87 -15.20
C ALA A 92 13.62 -15.89 -16.18
N GLU A 93 13.95 -15.42 -17.39
CA GLU A 93 14.41 -16.28 -18.46
C GLU A 93 15.83 -16.76 -18.24
N ALA A 94 16.70 -15.88 -17.79
CA ALA A 94 18.10 -16.20 -17.57
C ALA A 94 18.22 -17.25 -16.47
N PHE A 95 17.42 -17.10 -15.42
CA PHE A 95 17.44 -18.03 -14.30
C PHE A 95 16.39 -19.18 -14.42
N SER A 96 15.98 -19.52 -15.64
CA SER A 96 14.96 -20.59 -15.82
C SER A 96 15.56 -21.98 -16.10
N GLY A 97 16.89 -22.06 -16.18
CA GLY A 97 17.55 -23.33 -16.43
C GLY A 97 17.44 -24.24 -15.22
N ARG A 98 17.64 -25.53 -15.44
CA ARG A 98 17.54 -26.56 -14.45
C ARG A 98 18.88 -27.22 -14.22
N GLY A 99 19.29 -27.27 -12.95
CA GLY A 99 20.56 -27.91 -12.59
C GLY A 99 20.34 -29.37 -12.29
N THR A 100 21.22 -29.93 -11.48
CA THR A 100 21.13 -31.35 -11.22
C THR A 100 21.20 -31.72 -9.75
N ILE A 101 20.55 -32.83 -9.45
CA ILE A 101 20.71 -33.50 -8.19
C ILE A 101 21.40 -34.87 -8.45
N ALA A 102 22.63 -35.01 -7.97
CA ALA A 102 23.51 -36.13 -8.35
C ALA A 102 22.91 -37.50 -8.06
N VAL A 103 22.16 -37.56 -6.98
CA VAL A 103 21.71 -38.83 -6.45
C VAL A 103 20.50 -39.40 -7.29
N ILE A 104 19.81 -38.55 -8.04
CA ILE A 104 18.70 -39.05 -8.85
C ILE A 104 19.02 -38.94 -10.34
N LYS A 105 20.17 -38.39 -10.64
CA LYS A 105 20.63 -38.24 -12.01
C LYS A 105 20.85 -39.60 -12.74
N PRO A 106 21.35 -40.66 -12.05
CA PRO A 106 21.48 -41.92 -12.78
C PRO A 106 20.15 -42.40 -13.41
N VAL A 107 19.08 -42.47 -12.62
CA VAL A 107 17.79 -42.92 -13.16
C VAL A 107 17.05 -41.83 -13.95
N ILE A 108 16.98 -40.62 -13.41
CA ILE A 108 16.07 -39.63 -13.96
C ILE A 108 16.71 -38.82 -15.08
N GLY A 109 18.00 -38.55 -14.96
CA GLY A 109 18.69 -37.73 -15.93
C GLY A 109 18.02 -36.37 -16.08
N ASP A 110 17.77 -35.98 -17.34
CA ASP A 110 17.23 -34.66 -17.63
C ASP A 110 15.99 -34.85 -18.48
N TYR A 111 15.33 -35.99 -18.28
CA TYR A 111 14.11 -36.32 -19.00
C TYR A 111 12.89 -35.90 -18.17
N GLY A 112 11.73 -35.83 -18.82
CA GLY A 112 10.49 -35.40 -18.18
C GLY A 112 10.32 -33.87 -18.14
N MET A 113 9.26 -33.41 -17.49
CA MET A 113 9.00 -31.96 -17.40
C MET A 113 9.82 -31.29 -16.28
N ILE A 114 10.31 -32.07 -15.31
CA ILE A 114 10.94 -31.45 -14.14
C ILE A 114 12.45 -31.21 -14.31
N PHE A 115 13.24 -32.22 -14.69
CA PHE A 115 14.69 -32.05 -14.71
C PHE A 115 15.26 -31.74 -16.09
N SER A 116 14.40 -31.34 -17.01
CA SER A 116 14.82 -31.01 -18.39
C SER A 116 15.13 -29.51 -18.61
N ASN A 117 15.78 -29.21 -19.74
CA ASN A 117 16.12 -27.84 -20.13
C ASN A 117 15.69 -27.52 -21.55
N GLY A 118 15.81 -26.27 -21.95
CA GLY A 118 15.56 -25.89 -23.34
C GLY A 118 14.23 -26.28 -23.92
N GLU A 119 14.23 -26.72 -25.17
CA GLU A 119 12.99 -27.00 -25.87
C GLU A 119 12.23 -28.17 -25.25
N ARG A 120 12.96 -29.18 -24.78
CA ARG A 120 12.32 -30.30 -24.10
C ARG A 120 11.48 -29.81 -22.89
N TRP A 121 12.07 -28.91 -22.10
CA TRP A 121 11.39 -28.42 -20.93
C TRP A 121 10.15 -27.64 -21.34
N LYS A 122 10.34 -26.72 -22.29
CA LYS A 122 9.23 -25.90 -22.78
C LYS A 122 8.10 -26.76 -23.36
N VAL A 123 8.45 -27.79 -24.13
CA VAL A 123 7.45 -28.69 -24.74
C VAL A 123 6.73 -29.49 -23.67
N LEU A 124 7.48 -30.15 -22.78
CA LEU A 124 6.87 -31.03 -21.77
C LEU A 124 6.10 -30.32 -20.64
N ARG A 125 6.52 -29.11 -20.23
CA ARG A 125 5.76 -28.35 -19.22
C ARG A 125 4.41 -27.91 -19.79
N ARG A 126 4.45 -27.33 -21.00
CA ARG A 126 3.24 -26.94 -21.71
C ARG A 126 2.31 -28.12 -21.95
N PHE A 127 2.88 -29.22 -22.43
CA PHE A 127 2.10 -30.42 -22.63
C PHE A 127 1.49 -30.83 -21.29
N SER A 128 2.29 -30.90 -20.24
CA SER A 128 1.78 -31.42 -18.97
C SER A 128 0.69 -30.53 -18.36
N LEU A 129 0.88 -29.21 -18.40
CA LEU A 129 -0.14 -28.32 -17.91
C LEU A 129 -1.46 -28.55 -18.66
N ALA A 130 -1.40 -28.50 -19.99
CA ALA A 130 -2.59 -28.63 -20.83
C ALA A 130 -3.31 -29.93 -20.54
N THR A 131 -2.54 -30.99 -20.43
CA THR A 131 -3.07 -32.33 -20.28
C THR A 131 -3.70 -32.52 -18.90
N MET A 132 -3.04 -32.04 -17.86
CA MET A 132 -3.59 -32.19 -16.52
C MET A 132 -4.92 -31.41 -16.41
N ARG A 133 -5.00 -30.28 -17.08
CA ARG A 133 -6.24 -29.52 -17.10
C ARG A 133 -7.34 -30.23 -17.88
N ASP A 134 -6.97 -30.98 -18.91
CA ASP A 134 -7.99 -31.73 -19.65
C ASP A 134 -8.56 -32.83 -18.81
N PHE A 135 -7.81 -33.32 -17.83
CA PHE A 135 -8.37 -34.35 -16.97
C PHE A 135 -8.68 -33.78 -15.57
N GLY A 136 -8.95 -32.47 -15.51
CA GLY A 136 -9.57 -31.91 -14.33
C GLY A 136 -8.86 -30.87 -13.49
N MET A 137 -7.58 -30.67 -13.70
CA MET A 137 -6.85 -29.78 -12.80
C MET A 137 -7.44 -28.36 -12.85
N GLY A 138 -7.78 -27.82 -11.69
CA GLY A 138 -8.38 -26.51 -11.62
C GLY A 138 -9.88 -26.48 -11.97
N LYS A 139 -10.50 -27.65 -12.04
CA LYS A 139 -11.90 -27.75 -12.42
C LYS A 139 -12.66 -28.58 -11.42
N ARG A 140 -13.99 -28.56 -11.52
CA ARG A 140 -14.86 -29.30 -10.61
C ARG A 140 -14.55 -30.80 -10.47
N SER A 141 -14.18 -31.45 -11.58
CA SER A 141 -13.88 -32.89 -11.56
C SER A 141 -12.80 -33.25 -10.52
N VAL A 142 -11.63 -32.61 -10.57
CA VAL A 142 -10.60 -32.87 -9.54
C VAL A 142 -11.03 -32.41 -8.14
N GLU A 143 -11.75 -31.31 -8.04
CA GLU A 143 -12.30 -30.95 -6.75
C GLU A 143 -13.16 -32.08 -6.19
N ASP A 144 -13.92 -32.74 -7.06
CA ASP A 144 -14.82 -33.79 -6.59
C ASP A 144 -14.06 -35.01 -6.12
N ARG A 145 -13.01 -35.39 -6.86
CA ARG A 145 -12.15 -36.52 -6.51
C ARG A 145 -11.47 -36.34 -5.17
N ILE A 146 -11.04 -35.13 -4.88
CA ILE A 146 -10.44 -34.82 -3.58
C ILE A 146 -11.49 -34.93 -2.47
N GLN A 147 -12.67 -34.39 -2.72
CA GLN A 147 -13.76 -34.55 -1.78
C GLN A 147 -14.06 -36.03 -1.56
N GLU A 148 -14.10 -36.80 -2.65
CA GLU A 148 -14.37 -38.23 -2.54
C GLU A 148 -13.29 -38.99 -1.81
N GLU A 149 -12.04 -38.57 -1.99
CA GLU A 149 -10.92 -39.20 -1.34
C GLU A 149 -10.87 -38.87 0.15
N ALA A 150 -11.29 -37.65 0.49
CA ALA A 150 -11.36 -37.24 1.88
C ALA A 150 -12.42 -38.07 2.59
N GLN A 151 -13.55 -38.26 1.92
CA GLN A 151 -14.60 -39.03 2.54
C GLN A 151 -14.10 -40.46 2.79
N CYS A 152 -13.30 -41.01 1.87
CA CYS A 152 -12.70 -42.34 2.09
C CYS A 152 -11.78 -42.35 3.27
N LEU A 153 -11.07 -41.24 3.46
CA LEU A 153 -10.13 -41.13 4.55
C LEU A 153 -10.89 -41.06 5.89
N VAL A 154 -12.00 -40.32 5.93
CA VAL A 154 -12.72 -40.20 7.21
C VAL A 154 -13.29 -41.55 7.64
N GLU A 155 -13.79 -42.31 6.66
CA GLU A 155 -14.35 -43.62 6.92
C GLU A 155 -13.30 -44.60 7.45
N GLU A 156 -12.05 -44.40 7.03
CA GLU A 156 -10.98 -45.30 7.43
C GLU A 156 -10.48 -45.01 8.84
N LEU A 157 -10.51 -43.74 9.24
CA LEU A 157 -10.06 -43.36 10.57
C LEU A 157 -11.16 -43.59 11.62
N GLN A 158 -12.42 -43.70 11.20
CA GLN A 158 -13.46 -44.07 12.13
C GLN A 158 -13.28 -45.53 12.52
N LYS A 159 -12.83 -46.35 11.57
CA LYS A 159 -12.58 -47.76 11.84
C LYS A 159 -11.45 -47.97 12.84
N SER A 160 -10.62 -46.96 13.04
CA SER A 160 -9.48 -47.09 13.95
C SER A 160 -9.97 -46.89 15.37
N GLN A 161 -10.99 -46.06 15.53
CA GLN A 161 -11.61 -45.78 16.83
C GLN A 161 -10.69 -45.24 17.93
N GLY A 162 -10.07 -44.10 17.71
CA GLY A 162 -9.25 -43.55 18.77
C GLY A 162 -7.83 -44.04 18.72
N ALA A 163 -7.70 -45.34 18.50
CA ALA A 163 -6.42 -46.04 18.48
C ALA A 163 -5.33 -45.24 17.77
N PRO A 164 -4.18 -45.04 18.44
CA PRO A 164 -3.10 -44.27 17.83
C PRO A 164 -2.53 -44.93 16.57
N LEU A 165 -2.19 -44.11 15.57
CA LEU A 165 -1.67 -44.61 14.30
C LEU A 165 -0.68 -43.66 13.65
N ASP A 166 0.18 -44.19 12.80
CA ASP A 166 1.12 -43.38 12.02
C ASP A 166 0.50 -43.01 10.68
N PRO A 167 0.19 -41.73 10.50
CA PRO A 167 -0.60 -41.28 9.35
C PRO A 167 0.18 -41.17 8.05
N THR A 168 1.44 -41.61 8.03
CA THR A 168 2.25 -41.49 6.81
C THR A 168 1.57 -42.14 5.61
N PHE A 169 1.26 -43.44 5.74
CA PHE A 169 0.69 -44.15 4.63
C PHE A 169 -0.65 -43.58 4.12
N LEU A 170 -1.57 -43.25 5.02
CA LEU A 170 -2.85 -42.71 4.58
C LEU A 170 -2.69 -41.34 3.93
N PHE A 171 -1.80 -40.49 4.44
CA PHE A 171 -1.65 -39.16 3.86
C PHE A 171 -1.07 -39.25 2.45
N GLN A 172 -0.20 -40.24 2.24
CA GLN A 172 0.28 -40.60 0.91
C GLN A 172 -0.84 -41.15 0.02
N CYS A 173 -1.64 -42.08 0.56
CA CYS A 173 -2.76 -42.66 -0.20
C CYS A 173 -3.66 -41.63 -0.83
N ILE A 174 -4.09 -40.67 -0.01
CA ILE A 174 -5.09 -39.71 -0.42
C ILE A 174 -4.59 -38.71 -1.46
N THR A 175 -3.30 -38.41 -1.41
CA THR A 175 -2.75 -37.41 -2.31
C THR A 175 -2.36 -38.10 -3.63
N ALA A 176 -1.76 -39.28 -3.51
CA ALA A 176 -1.37 -40.08 -4.67
C ALA A 176 -2.63 -40.46 -5.52
N ASN A 177 -3.74 -40.77 -4.86
CA ASN A 177 -4.93 -41.12 -5.62
C ASN A 177 -5.40 -39.97 -6.51
N ILE A 178 -5.13 -38.73 -6.12
CA ILE A 178 -5.52 -37.61 -6.98
C ILE A 178 -4.65 -37.55 -8.25
N ILE A 179 -3.35 -37.77 -8.11
CA ILE A 179 -2.47 -37.70 -9.27
C ILE A 179 -2.57 -39.00 -10.11
N CYS A 180 -2.83 -40.11 -9.44
CA CYS A 180 -3.02 -41.36 -10.12
C CYS A 180 -4.23 -41.30 -11.04
N SER A 181 -5.28 -40.65 -10.56
CA SER A 181 -6.51 -40.52 -11.34
C SER A 181 -6.27 -39.68 -12.59
N ILE A 182 -5.35 -38.73 -12.53
CA ILE A 182 -5.01 -37.90 -13.68
C ILE A 182 -3.97 -38.57 -14.58
N VAL A 183 -3.10 -39.38 -14.00
CA VAL A 183 -1.99 -39.92 -14.77
C VAL A 183 -2.25 -41.35 -15.24
N PHE A 184 -2.62 -42.24 -14.33
CA PHE A 184 -2.84 -43.66 -14.64
C PHE A 184 -4.30 -44.01 -14.92
N GLY A 185 -5.19 -43.05 -14.71
CA GLY A 185 -6.61 -43.24 -14.95
C GLY A 185 -7.38 -43.93 -13.85
N GLU A 186 -6.73 -44.32 -12.76
CA GLU A 186 -7.41 -45.01 -11.68
C GLU A 186 -6.92 -44.52 -10.33
N ARG A 187 -7.70 -44.80 -9.30
CA ARG A 187 -7.21 -44.64 -7.93
C ARG A 187 -7.03 -46.05 -7.37
N TYR A 188 -6.38 -46.18 -6.24
CA TYR A 188 -6.07 -47.50 -5.73
C TYR A 188 -6.56 -47.63 -4.31
N ASP A 189 -6.96 -48.82 -3.94
CA ASP A 189 -7.50 -49.09 -2.62
C ASP A 189 -6.39 -49.06 -1.54
N TYR A 190 -6.74 -48.66 -0.31
CA TYR A 190 -5.73 -48.50 0.74
C TYR A 190 -5.10 -49.82 1.16
N LYS A 191 -5.58 -50.93 0.61
CA LYS A 191 -4.99 -52.21 0.98
C LYS A 191 -4.43 -52.93 -0.24
N ASP A 192 -4.39 -52.23 -1.35
CA ASP A 192 -3.72 -52.71 -2.55
C ASP A 192 -2.21 -52.92 -2.21
N ARG A 193 -1.74 -54.15 -2.39
CA ARG A 193 -0.38 -54.54 -2.01
C ARG A 193 0.69 -53.88 -2.88
N GLN A 194 0.40 -53.72 -4.17
CA GLN A 194 1.33 -53.08 -5.08
C GLN A 194 1.34 -51.57 -4.85
N PHE A 195 0.22 -51.03 -4.39
CA PHE A 195 0.11 -49.60 -4.01
C PHE A 195 0.88 -49.32 -2.73
N LEU A 196 0.76 -50.21 -1.75
CA LEU A 196 1.56 -50.12 -0.52
C LEU A 196 3.06 -50.09 -0.79
N ARG A 197 3.50 -50.96 -1.70
CA ARG A 197 4.92 -51.06 -2.02
C ARG A 197 5.45 -49.78 -2.65
N LEU A 198 4.74 -49.28 -3.65
CA LEU A 198 5.14 -48.04 -4.30
C LEU A 198 5.25 -46.88 -3.32
N LEU A 199 4.33 -46.81 -2.35
CA LEU A 199 4.30 -45.70 -1.43
C LEU A 199 5.39 -45.84 -0.39
N ASP A 200 5.75 -47.09 -0.06
CA ASP A 200 6.90 -47.36 0.82
C ASP A 200 8.19 -46.89 0.15
N LEU A 201 8.30 -47.16 -1.14
CA LEU A 201 9.45 -46.79 -1.94
C LEU A 201 9.57 -45.26 -2.01
N PHE A 202 8.46 -44.56 -2.21
CA PHE A 202 8.45 -43.10 -2.27
C PHE A 202 8.87 -42.44 -0.97
N TYR A 203 8.35 -42.91 0.15
CA TYR A 203 8.72 -42.40 1.46
C TYR A 203 10.21 -42.64 1.71
N ARG A 204 10.66 -43.88 1.53
CA ARG A 204 12.05 -44.19 1.85
C ARG A 204 12.99 -43.44 0.93
N THR A 205 12.58 -43.23 -0.32
CA THR A 205 13.46 -42.55 -1.25
C THR A 205 13.56 -41.07 -0.96
N PHE A 206 12.44 -40.43 -0.57
CA PHE A 206 12.46 -38.99 -0.31
C PHE A 206 13.34 -38.71 0.92
N SER A 207 13.21 -39.52 1.96
CA SER A 207 14.06 -39.43 3.12
C SER A 207 15.55 -39.64 2.76
N LEU A 208 15.84 -40.68 1.96
CA LEU A 208 17.18 -40.97 1.50
C LEU A 208 17.76 -39.85 0.66
N MET A 209 16.91 -39.26 -0.18
CA MET A 209 17.32 -38.12 -0.97
C MET A 209 17.70 -36.98 -0.07
N SER A 210 17.04 -36.89 1.09
CA SER A 210 17.16 -35.74 1.98
C SER A 210 18.26 -35.89 3.02
N SER A 211 18.81 -37.10 3.13
CA SER A 211 19.80 -37.46 4.14
C SER A 211 21.18 -36.81 3.97
N PHE A 212 21.95 -36.83 5.04
CA PHE A 212 23.28 -36.26 5.03
C PHE A 212 24.10 -36.94 3.90
N SER A 213 23.86 -38.23 3.70
CA SER A 213 24.53 -39.02 2.68
C SER A 213 24.39 -38.49 1.25
N SER A 214 23.22 -37.96 0.92
CA SER A 214 22.95 -37.45 -0.42
C SER A 214 23.63 -36.13 -0.64
N GLN A 215 23.79 -35.38 0.45
CA GLN A 215 24.50 -34.12 0.38
C GLN A 215 25.98 -34.32 0.18
N VAL A 216 26.54 -35.28 0.91
CA VAL A 216 27.93 -35.64 0.75
C VAL A 216 28.09 -36.16 -0.68
N PHE A 217 27.11 -36.95 -1.13
CA PHE A 217 27.14 -37.45 -2.48
C PHE A 217 27.11 -36.36 -3.54
N GLU A 218 26.37 -35.27 -3.29
CA GLU A 218 26.34 -34.13 -4.21
C GLU A 218 27.74 -33.50 -4.35
N LEU A 219 28.53 -33.58 -3.30
CA LEU A 219 29.89 -33.05 -3.32
C LEU A 219 30.81 -33.97 -4.09
N PHE A 220 30.76 -35.26 -3.77
CA PHE A 220 31.79 -36.24 -4.19
C PHE A 220 31.32 -37.53 -4.93
N SER A 221 30.24 -37.44 -5.70
CA SER A 221 29.67 -38.58 -6.42
C SER A 221 30.67 -39.28 -7.35
N GLY A 222 31.54 -38.53 -8.01
CA GLY A 222 32.56 -39.08 -8.89
C GLY A 222 33.43 -40.10 -8.19
N PHE A 223 33.47 -40.03 -6.86
CA PHE A 223 34.33 -40.91 -6.09
C PHE A 223 33.46 -41.89 -5.34
N MET A 224 32.39 -41.40 -4.73
CA MET A 224 31.51 -42.22 -3.92
C MET A 224 30.63 -43.16 -4.67
N LYS A 225 30.39 -42.90 -5.96
CA LYS A 225 29.50 -43.72 -6.76
C LYS A 225 29.98 -45.17 -6.89
N TYR A 226 31.27 -45.39 -6.61
CA TYR A 226 31.84 -46.73 -6.74
C TYR A 226 31.57 -47.58 -5.52
N PHE A 227 30.99 -46.97 -4.50
CA PHE A 227 30.89 -47.63 -3.21
C PHE A 227 29.45 -47.75 -2.77
N PRO A 228 29.17 -48.64 -1.81
CA PRO A 228 27.83 -48.73 -1.22
C PRO A 228 27.39 -47.37 -0.65
N GLY A 229 26.09 -47.15 -0.47
CA GLY A 229 25.61 -45.87 0.07
C GLY A 229 24.15 -45.54 -0.23
N ALA A 230 23.66 -44.43 0.32
CA ALA A 230 22.28 -44.01 0.08
C ALA A 230 21.97 -43.92 -1.41
N HIS A 231 22.95 -43.47 -2.20
CA HIS A 231 22.75 -43.23 -3.63
C HIS A 231 22.35 -44.49 -4.40
N ARG A 232 22.71 -45.64 -3.87
CA ARG A 232 22.49 -46.90 -4.55
C ARG A 232 21.12 -47.44 -4.30
N GLN A 233 20.68 -47.26 -3.06
CA GLN A 233 19.36 -47.63 -2.68
C GLN A 233 18.36 -46.73 -3.35
N ILE A 234 18.75 -45.49 -3.61
CA ILE A 234 17.88 -44.57 -4.31
C ILE A 234 17.69 -44.94 -5.79
N THR A 235 18.75 -45.42 -6.43
CA THR A 235 18.67 -45.87 -7.81
C THR A 235 17.76 -47.11 -7.91
N ARG A 236 17.91 -48.04 -6.96
CA ARG A 236 17.09 -49.26 -6.90
C ARG A 236 15.62 -48.98 -6.69
N ASN A 237 15.31 -48.16 -5.69
CA ASN A 237 13.94 -47.75 -5.44
C ASN A 237 13.32 -47.10 -6.66
N LEU A 238 14.02 -46.12 -7.22
CA LEU A 238 13.49 -45.44 -8.40
C LEU A 238 13.30 -46.40 -9.55
N GLN A 239 14.21 -47.36 -9.70
CA GLN A 239 14.07 -48.36 -10.76
C GLN A 239 12.88 -49.28 -10.49
N GLU A 240 12.64 -49.68 -9.25
CA GLU A 240 11.48 -50.52 -8.98
C GLU A 240 10.17 -49.78 -9.28
N ILE A 241 10.13 -48.48 -9.01
CA ILE A 241 8.95 -47.69 -9.31
C ILE A 241 8.78 -47.56 -10.83
N LEU A 242 9.90 -47.39 -11.50
CA LEU A 242 9.93 -47.24 -12.94
C LEU A 242 9.49 -48.55 -13.67
N ASP A 243 9.66 -49.71 -13.01
CA ASP A 243 9.16 -50.97 -13.55
C ASP A 243 7.64 -50.96 -13.57
N TYR A 244 7.06 -50.56 -12.44
CA TYR A 244 5.62 -50.40 -12.36
C TYR A 244 5.12 -49.44 -13.44
N VAL A 245 5.84 -48.34 -13.64
CA VAL A 245 5.44 -47.33 -14.62
C VAL A 245 5.46 -47.97 -16.02
N GLY A 246 6.52 -48.71 -16.30
CA GLY A 246 6.63 -49.42 -17.57
C GLY A 246 5.46 -50.37 -17.75
N GLN A 247 5.15 -51.15 -16.72
CA GLN A 247 4.01 -52.03 -16.81
C GLN A 247 2.81 -51.24 -17.18
N SER A 248 2.53 -50.18 -16.41
CA SER A 248 1.34 -49.38 -16.65
C SER A 248 1.28 -48.78 -18.05
N VAL A 249 2.42 -48.34 -18.58
CA VAL A 249 2.47 -47.81 -19.93
C VAL A 249 2.07 -48.90 -20.96
N GLU A 250 2.54 -50.13 -20.77
CA GLU A 250 2.25 -51.20 -21.75
C GLU A 250 0.76 -51.49 -21.75
N LYS A 251 0.21 -51.66 -20.57
CA LYS A 251 -1.21 -51.91 -20.41
C LYS A 251 -2.07 -50.72 -20.93
N HIS A 252 -1.50 -49.52 -20.93
CA HIS A 252 -2.27 -48.41 -21.48
C HIS A 252 -2.37 -48.56 -23.01
N ARG A 253 -1.30 -49.05 -23.64
CA ARG A 253 -1.23 -49.23 -25.10
C ARG A 253 -2.32 -50.23 -25.61
N ALA A 254 -2.41 -51.35 -24.91
CA ALA A 254 -3.35 -52.42 -25.22
C ALA A 254 -4.79 -51.94 -25.22
N THR A 255 -5.12 -51.09 -24.27
CA THR A 255 -6.51 -50.65 -24.20
C THR A 255 -6.67 -49.25 -24.81
N LEU A 256 -5.66 -48.76 -25.52
CA LEU A 256 -5.71 -47.39 -26.04
C LEU A 256 -6.71 -47.21 -27.15
N ASP A 257 -7.74 -46.40 -26.84
CA ASP A 257 -8.76 -45.93 -27.78
C ASP A 257 -8.47 -44.49 -28.15
N PRO A 258 -7.94 -44.28 -29.37
CA PRO A 258 -7.48 -43.00 -29.92
C PRO A 258 -8.49 -41.85 -29.92
N SER A 259 -9.75 -42.12 -29.60
CA SER A 259 -10.74 -41.07 -29.62
C SER A 259 -11.32 -40.82 -28.22
N ASN A 260 -10.85 -41.61 -27.26
CA ASN A 260 -11.14 -41.34 -25.86
C ASN A 260 -9.93 -41.67 -24.98
N PRO A 261 -8.90 -40.80 -24.97
CA PRO A 261 -7.81 -41.00 -24.00
C PRO A 261 -8.34 -40.84 -22.58
N ARG A 262 -8.01 -41.77 -21.68
CA ARG A 262 -8.55 -41.68 -20.32
C ARG A 262 -7.71 -40.74 -19.46
N ASP A 263 -6.44 -40.56 -19.80
CA ASP A 263 -5.50 -39.93 -18.90
C ASP A 263 -4.26 -39.37 -19.57
N PHE A 264 -3.35 -38.89 -18.73
CA PHE A 264 -2.07 -38.34 -19.17
C PHE A 264 -1.32 -39.31 -20.07
N ILE A 265 -1.24 -40.58 -19.66
CA ILE A 265 -0.50 -41.57 -20.43
C ILE A 265 -1.09 -41.75 -21.82
N ASP A 266 -2.41 -41.95 -21.90
CA ASP A 266 -3.04 -42.10 -23.21
C ASP A 266 -2.76 -40.91 -24.10
N THR A 267 -2.95 -39.71 -23.52
CA THR A 267 -2.80 -38.48 -24.28
C THR A 267 -1.40 -38.39 -24.81
N TYR A 268 -0.44 -38.81 -23.99
CA TYR A 268 0.95 -38.82 -24.41
C TYR A 268 1.16 -39.87 -25.53
N LEU A 269 0.60 -41.06 -25.35
CA LEU A 269 0.70 -42.10 -26.38
C LEU A 269 0.17 -41.61 -27.70
N LEU A 270 -1.01 -40.99 -27.70
CA LEU A 270 -1.59 -40.47 -28.93
C LEU A 270 -0.66 -39.47 -29.60
N ARG A 271 -0.02 -38.60 -28.81
CA ARG A 271 0.88 -37.62 -29.42
C ARG A 271 2.14 -38.27 -29.90
N MET A 272 2.52 -39.34 -29.24
CA MET A 272 3.69 -40.12 -29.61
C MET A 272 3.53 -40.77 -31.01
N GLU A 273 2.39 -41.42 -31.23
CA GLU A 273 2.07 -42.05 -32.51
C GLU A 273 2.03 -41.02 -33.61
N LYS A 274 1.38 -39.89 -33.34
CA LYS A 274 1.27 -38.83 -34.32
C LYS A 274 2.64 -38.23 -34.71
N GLU A 275 3.65 -38.30 -33.83
CA GLU A 275 4.88 -37.55 -34.10
C GLU A 275 6.04 -38.47 -34.38
N LYS A 276 5.75 -39.73 -34.67
CA LYS A 276 6.77 -40.70 -35.05
C LYS A 276 7.41 -40.25 -36.38
N SER A 277 6.66 -39.45 -37.16
CA SER A 277 7.19 -38.70 -38.30
C SER A 277 8.51 -37.94 -38.03
N ASN A 278 8.45 -36.97 -37.12
CA ASN A 278 9.63 -36.18 -36.74
C ASN A 278 10.61 -37.05 -35.96
N GLN A 279 11.89 -36.95 -36.31
CA GLN A 279 12.89 -37.80 -35.68
C GLN A 279 13.49 -37.07 -34.49
N HIS A 280 13.19 -35.79 -34.37
CA HIS A 280 13.70 -35.04 -33.25
C HIS A 280 12.61 -34.65 -32.27
N THR A 281 11.50 -35.39 -32.30
CA THR A 281 10.39 -35.14 -31.38
C THR A 281 10.78 -35.40 -29.94
N GLU A 282 10.14 -34.69 -29.02
CA GLU A 282 10.43 -34.89 -27.62
C GLU A 282 9.55 -36.00 -27.07
N PHE A 283 8.47 -36.30 -27.79
CA PHE A 283 7.52 -37.28 -27.29
C PHE A 283 7.95 -38.69 -27.61
N HIS A 284 8.96 -39.16 -26.91
CA HIS A 284 9.43 -40.53 -27.08
C HIS A 284 9.26 -41.33 -25.78
N HIS A 285 9.67 -42.59 -25.80
CA HIS A 285 9.40 -43.51 -24.70
C HIS A 285 10.07 -43.14 -23.36
N GLN A 286 11.31 -42.66 -23.42
CA GLN A 286 12.03 -42.34 -22.18
C GLN A 286 11.41 -41.12 -21.43
N ASN A 287 11.09 -40.08 -22.18
CA ASN A 287 10.40 -38.89 -21.67
C ASN A 287 9.03 -39.23 -21.13
N LEU A 288 8.42 -40.27 -21.65
CA LEU A 288 7.16 -40.72 -21.09
C LEU A 288 7.38 -41.35 -19.74
N LEU A 289 8.37 -42.25 -19.65
CA LEU A 289 8.58 -42.98 -18.42
C LEU A 289 8.94 -42.02 -17.32
N ILE A 290 9.85 -41.11 -17.61
CA ILE A 290 10.34 -40.21 -16.61
C ILE A 290 9.28 -39.13 -16.30
N SER A 291 8.52 -38.69 -17.31
CA SER A 291 7.39 -37.75 -17.08
C SER A 291 6.45 -38.33 -16.04
N VAL A 292 6.05 -39.59 -16.23
CA VAL A 292 5.16 -40.22 -15.29
C VAL A 292 5.79 -40.40 -13.89
N LEU A 293 7.04 -40.85 -13.83
CA LEU A 293 7.73 -41.00 -12.56
C LEU A 293 7.74 -39.66 -11.79
N SER A 294 8.06 -38.58 -12.50
CA SER A 294 8.16 -37.24 -11.93
C SER A 294 6.83 -36.81 -11.31
N LEU A 295 5.78 -36.86 -12.09
CA LEU A 295 4.50 -36.60 -11.58
C LEU A 295 4.05 -37.54 -10.49
N PHE A 296 4.41 -38.83 -10.51
CA PHE A 296 3.89 -39.80 -9.57
C PHE A 296 4.54 -39.48 -8.20
N PHE A 297 5.85 -39.34 -8.22
CA PHE A 297 6.60 -38.75 -7.15
C PHE A 297 6.20 -37.32 -7.01
N ALA A 298 6.24 -36.82 -5.86
CA ALA A 298 5.89 -35.42 -5.77
C ALA A 298 4.38 -35.21 -5.75
N GLY A 299 3.61 -36.21 -6.10
CA GLY A 299 2.18 -36.17 -5.92
C GLY A 299 1.84 -37.22 -4.87
N THR A 300 2.87 -37.84 -4.38
CA THR A 300 2.74 -38.83 -3.37
C THR A 300 3.45 -38.29 -2.15
N GLU A 301 4.55 -37.50 -2.46
CA GLU A 301 5.45 -37.20 -1.36
C GLU A 301 5.49 -35.73 -0.93
N THR A 302 4.85 -34.84 -1.68
CA THR A 302 4.90 -33.44 -1.35
C THR A 302 3.76 -33.01 -0.40
N THR A 303 2.55 -32.87 -0.95
CA THR A 303 1.35 -32.48 -0.21
C THR A 303 1.20 -33.39 1.00
N SER A 304 1.51 -34.66 0.81
CA SER A 304 1.52 -35.67 1.85
C SER A 304 2.45 -35.33 3.05
N THR A 305 3.68 -34.95 2.75
CA THR A 305 4.64 -34.57 3.77
C THR A 305 4.22 -33.30 4.49
N THR A 306 3.73 -32.30 3.75
CA THR A 306 3.20 -31.04 4.32
C THR A 306 2.07 -31.28 5.33
N LEU A 307 1.14 -32.13 4.92
CA LEU A 307 0.03 -32.51 5.75
C LEU A 307 0.50 -33.18 7.03
N ARG A 308 1.52 -34.02 6.90
CA ARG A 308 1.99 -34.79 8.04
C ARG A 308 2.61 -33.84 9.06
N TYR A 309 3.31 -32.81 8.57
CA TYR A 309 3.80 -31.79 9.48
C TYR A 309 2.69 -30.95 10.08
N GLY A 310 1.64 -30.71 9.30
CA GLY A 310 0.50 -29.92 9.72
C GLY A 310 -0.15 -30.45 10.97
N PHE A 311 -0.32 -31.77 11.06
CA PHE A 311 -1.00 -32.37 12.20
C PHE A 311 -0.08 -32.65 13.37
N LEU A 312 1.23 -32.79 13.11
CA LEU A 312 2.20 -32.77 14.20
C LEU A 312 2.17 -31.40 14.86
N LEU A 313 2.00 -30.37 14.03
CA LEU A 313 1.85 -28.99 14.49
C LEU A 313 0.51 -28.77 15.20
N MET A 314 -0.49 -29.55 14.83
CA MET A 314 -1.79 -29.42 15.46
C MET A 314 -1.72 -30.08 16.84
N LEU A 315 -0.86 -31.09 16.98
CA LEU A 315 -0.60 -31.71 18.27
C LEU A 315 0.19 -30.81 19.19
N LYS A 316 1.03 -29.95 18.64
CA LYS A 316 1.84 -29.11 19.50
C LYS A 316 1.06 -27.86 19.94
N TYR A 317 0.21 -27.36 19.04
CA TYR A 317 -0.55 -26.15 19.29
C TYR A 317 -2.06 -26.40 19.18
N PRO A 318 -2.63 -27.21 20.10
CA PRO A 318 -4.04 -27.60 20.00
C PRO A 318 -4.99 -26.41 19.97
N HIS A 319 -4.60 -25.26 20.51
CA HIS A 319 -5.47 -24.10 20.49
C HIS A 319 -5.66 -23.62 19.05
N VAL A 320 -4.66 -23.87 18.21
CA VAL A 320 -4.78 -23.53 16.80
C VAL A 320 -5.80 -24.42 16.14
N ALA A 321 -5.75 -25.70 16.51
CA ALA A 321 -6.70 -26.67 15.97
C ALA A 321 -8.13 -26.28 16.33
N GLU A 322 -8.39 -26.03 17.61
CA GLU A 322 -9.72 -25.67 18.07
C GLU A 322 -10.21 -24.43 17.35
N LYS A 323 -9.31 -23.49 17.08
CA LYS A 323 -9.72 -22.29 16.39
C LYS A 323 -10.02 -22.58 14.93
N VAL A 324 -9.41 -23.63 14.37
CA VAL A 324 -9.74 -24.03 13.01
C VAL A 324 -11.14 -24.67 12.99
N GLN A 325 -11.36 -25.61 13.92
CA GLN A 325 -12.66 -26.28 13.99
C GLN A 325 -13.81 -25.32 14.27
N LYS A 326 -13.54 -24.28 15.05
CA LYS A 326 -14.59 -23.31 15.36
C LYS A 326 -14.99 -22.56 14.12
N GLU A 327 -14.04 -22.37 13.21
CA GLU A 327 -14.31 -21.67 11.97
C GLU A 327 -14.97 -22.61 10.98
N ILE A 328 -14.67 -23.89 11.10
CA ILE A 328 -15.29 -24.90 10.26
C ILE A 328 -16.77 -24.94 10.64
N ASP A 329 -17.03 -24.93 11.94
CA ASP A 329 -18.38 -25.00 12.48
C ASP A 329 -19.23 -23.80 12.05
N GLN A 330 -18.64 -22.62 12.06
CA GLN A 330 -19.36 -21.42 11.69
C GLN A 330 -19.66 -21.35 10.19
N VAL A 331 -18.67 -21.66 9.35
CA VAL A 331 -18.84 -21.53 7.89
C VAL A 331 -19.47 -22.76 7.22
N ILE A 332 -19.12 -23.95 7.68
CA ILE A 332 -19.53 -25.17 6.98
C ILE A 332 -20.57 -25.97 7.77
N GLY A 333 -20.33 -26.16 9.05
CA GLY A 333 -21.15 -27.02 9.89
C GLY A 333 -20.46 -28.35 10.12
N SER A 334 -21.19 -29.39 10.51
CA SER A 334 -20.48 -30.64 10.81
C SER A 334 -20.83 -31.78 9.88
N HIS A 335 -21.59 -31.50 8.83
CA HIS A 335 -22.01 -32.55 7.91
C HIS A 335 -21.71 -32.32 6.43
N ARG A 336 -21.95 -31.14 5.86
CA ARG A 336 -21.70 -31.06 4.41
C ARG A 336 -20.20 -31.15 4.15
N LEU A 337 -19.86 -31.45 2.91
CA LEU A 337 -18.47 -31.57 2.50
C LEU A 337 -17.86 -30.20 2.29
N PRO A 338 -16.66 -29.98 2.82
CA PRO A 338 -16.03 -28.69 2.52
C PRO A 338 -15.77 -28.53 1.02
N THR A 339 -15.74 -27.28 0.58
CA THR A 339 -15.50 -26.93 -0.82
C THR A 339 -14.39 -25.90 -0.91
N LEU A 340 -13.82 -25.75 -2.09
CA LEU A 340 -12.80 -24.76 -2.29
C LEU A 340 -13.34 -23.36 -2.08
N GLU A 341 -14.63 -23.15 -2.35
CA GLU A 341 -15.26 -21.85 -2.12
C GLU A 341 -15.31 -21.50 -0.66
N ASP A 342 -15.37 -22.50 0.20
CA ASP A 342 -15.40 -22.27 1.64
C ASP A 342 -14.11 -21.63 2.18
N ARG A 343 -13.00 -21.81 1.47
CA ARG A 343 -11.70 -21.31 1.91
C ARG A 343 -11.69 -19.79 1.86
N THR A 344 -12.38 -19.22 0.88
CA THR A 344 -12.45 -17.78 0.73
C THR A 344 -13.15 -17.10 1.93
N LYS A 345 -13.96 -17.86 2.66
CA LYS A 345 -14.63 -17.33 3.84
C LYS A 345 -14.02 -17.91 5.10
N MET A 346 -12.83 -18.49 4.98
CA MET A 346 -12.16 -19.07 6.15
C MET A 346 -10.71 -18.61 6.28
N PRO A 347 -10.52 -17.31 6.54
CA PRO A 347 -9.19 -16.69 6.52
C PRO A 347 -8.24 -17.31 7.53
N TYR A 348 -8.77 -17.72 8.68
CA TYR A 348 -7.94 -18.25 9.73
C TYR A 348 -7.37 -19.64 9.36
N THR A 349 -8.25 -20.54 8.92
CA THR A 349 -7.80 -21.83 8.43
C THR A 349 -6.81 -21.69 7.28
N ASP A 350 -7.11 -20.77 6.36
CA ASP A 350 -6.24 -20.48 5.25
C ASP A 350 -4.87 -20.00 5.76
N ALA A 351 -4.90 -19.12 6.75
CA ALA A 351 -3.66 -18.60 7.30
C ALA A 351 -2.89 -19.74 7.96
N VAL A 352 -3.62 -20.62 8.64
CA VAL A 352 -2.96 -21.72 9.30
C VAL A 352 -2.22 -22.61 8.29
N ILE A 353 -2.87 -22.90 7.16
CA ILE A 353 -2.30 -23.72 6.15
C ILE A 353 -1.07 -23.03 5.55
N HIS A 354 -1.17 -21.74 5.27
CA HIS A 354 -0.01 -20.97 4.82
C HIS A 354 1.14 -21.20 5.80
N GLU A 355 0.85 -21.08 7.09
CA GLU A 355 1.89 -21.15 8.10
C GLU A 355 2.47 -22.56 8.27
N ILE A 356 1.63 -23.55 8.01
CA ILE A 356 2.06 -24.91 7.98
C ILE A 356 3.08 -25.09 6.84
N GLN A 357 2.79 -24.51 5.66
CA GLN A 357 3.72 -24.55 4.55
C GLN A 357 5.02 -23.74 4.79
N ARG A 358 4.92 -22.59 5.44
CA ARG A 358 6.06 -21.70 5.67
C ARG A 358 7.02 -22.37 6.63
N PHE A 359 6.43 -22.98 7.66
CA PHE A 359 7.21 -23.65 8.68
C PHE A 359 7.80 -24.99 8.23
N SER A 360 6.97 -25.82 7.62
CA SER A 360 7.39 -27.17 7.26
C SER A 360 8.51 -27.13 6.22
N ASP A 361 8.51 -26.10 5.36
CA ASP A 361 9.66 -25.76 4.53
C ASP A 361 10.13 -26.95 3.68
N LEU A 362 9.23 -27.46 2.84
CA LEU A 362 9.44 -28.73 2.14
C LEU A 362 10.70 -28.83 1.28
N ALA A 363 10.99 -27.76 0.57
CA ALA A 363 12.16 -27.66 -0.28
C ALA A 363 13.07 -26.52 0.08
N PRO A 364 13.90 -26.72 1.07
CA PRO A 364 14.65 -25.64 1.68
C PRO A 364 15.71 -25.06 0.81
N ILE A 365 16.66 -25.85 0.35
CA ILE A 365 17.71 -25.30 -0.48
C ILE A 365 17.21 -25.08 -1.88
N GLY A 366 15.90 -25.04 -1.98
CA GLY A 366 15.16 -24.85 -3.21
C GLY A 366 15.31 -26.01 -4.17
N ALA A 367 15.49 -25.69 -5.44
CA ALA A 367 15.74 -26.69 -6.44
C ALA A 367 16.68 -26.08 -7.41
N PRO A 368 17.60 -26.89 -7.83
CA PRO A 368 18.74 -26.44 -8.59
C PRO A 368 18.36 -25.81 -9.85
N HIS A 369 18.72 -24.57 -9.96
CA HIS A 369 18.61 -23.86 -11.22
C HIS A 369 20.00 -23.73 -11.85
N LYS A 370 20.05 -23.07 -13.00
CA LYS A 370 21.29 -22.67 -13.62
C LYS A 370 20.96 -21.58 -14.63
N VAL A 371 21.95 -20.77 -15.00
CA VAL A 371 21.67 -19.70 -15.97
C VAL A 371 21.80 -20.22 -17.37
N THR A 372 20.88 -19.80 -18.23
CA THR A 372 20.79 -20.29 -19.59
C THR A 372 21.72 -19.55 -20.54
N LYS A 373 22.29 -18.44 -20.08
CA LYS A 373 23.12 -17.60 -20.93
C LYS A 373 24.06 -16.88 -19.98
N ASP A 374 25.14 -16.30 -20.49
CA ASP A 374 25.97 -15.40 -19.66
C ASP A 374 25.16 -14.28 -19.03
N THR A 375 25.20 -14.18 -17.70
CA THR A 375 24.25 -13.29 -17.03
C THR A 375 24.92 -12.31 -16.08
N LEU A 376 24.47 -11.07 -16.13
CA LEU A 376 24.94 -10.06 -15.21
C LEU A 376 23.92 -9.90 -14.08
N PHE A 377 24.41 -10.09 -12.85
CA PHE A 377 23.57 -10.08 -11.69
C PHE A 377 24.29 -9.45 -10.55
N ARG A 378 23.73 -8.34 -10.04
CA ARG A 378 24.33 -7.53 -8.97
C ARG A 378 25.81 -7.26 -9.20
N GLY A 379 26.16 -6.96 -10.45
CA GLY A 379 27.53 -6.63 -10.80
C GLY A 379 28.39 -7.85 -11.07
N TYR A 380 27.83 -9.02 -10.82
CA TYR A 380 28.54 -10.28 -11.07
C TYR A 380 28.24 -10.84 -12.46
N LEU A 381 29.21 -11.56 -13.02
CA LEU A 381 29.00 -12.26 -14.28
C LEU A 381 28.89 -13.76 -14.03
N LEU A 382 27.73 -14.34 -14.27
CA LEU A 382 27.56 -15.78 -14.14
C LEU A 382 27.58 -16.38 -15.55
N PRO A 383 28.65 -17.08 -15.88
CA PRO A 383 28.75 -17.72 -17.19
C PRO A 383 27.61 -18.69 -17.39
N LYS A 384 27.28 -18.95 -18.66
CA LYS A 384 26.23 -19.88 -19.00
C LYS A 384 26.42 -21.23 -18.31
N ASN A 385 25.30 -21.78 -17.81
CA ASN A 385 25.22 -23.08 -17.13
C ASN A 385 25.80 -23.11 -15.70
N THR A 386 26.08 -21.95 -15.15
CA THR A 386 26.46 -21.87 -13.74
C THR A 386 25.27 -22.28 -12.86
N GLU A 387 25.46 -23.22 -11.93
CA GLU A 387 24.37 -23.69 -11.06
C GLU A 387 23.98 -22.59 -10.11
N VAL A 388 22.70 -22.53 -9.74
CA VAL A 388 22.18 -21.47 -8.88
C VAL A 388 21.20 -22.12 -7.93
N TYR A 389 21.42 -21.96 -6.63
CA TYR A 389 20.48 -22.47 -5.65
C TYR A 389 19.70 -21.31 -5.06
N PRO A 390 18.37 -21.21 -5.35
CA PRO A 390 17.51 -20.23 -4.64
C PRO A 390 17.15 -20.79 -3.27
N ILE A 391 17.71 -20.22 -2.21
CA ILE A 391 17.49 -20.79 -0.88
C ILE A 391 16.13 -20.31 -0.39
N LEU A 392 15.09 -21.03 -0.80
CA LEU A 392 13.70 -20.69 -0.53
C LEU A 392 13.41 -20.61 0.96
N SER A 393 14.09 -21.44 1.74
CA SER A 393 13.98 -21.48 3.19
C SER A 393 14.23 -20.09 3.81
N SER A 394 15.15 -19.36 3.21
CA SER A 394 15.54 -18.04 3.65
C SER A 394 14.49 -17.00 3.28
N ALA A 395 13.61 -17.36 2.37
CA ALA A 395 12.47 -16.51 2.07
C ALA A 395 11.37 -16.84 3.05
N LEU A 396 11.14 -18.13 3.25
CA LEU A 396 10.05 -18.54 4.15
C LEU A 396 10.35 -18.12 5.61
N HIS A 397 11.63 -18.01 5.96
CA HIS A 397 12.03 -17.59 7.32
C HIS A 397 12.66 -16.18 7.31
N ASP A 398 12.30 -15.36 6.32
CA ASP A 398 12.81 -13.98 6.19
C ASP A 398 12.24 -13.04 7.29
N PRO A 399 13.13 -12.54 8.17
CA PRO A 399 12.77 -11.69 9.32
C PRO A 399 12.18 -10.35 8.93
N GLN A 400 12.48 -9.88 7.74
CA GLN A 400 11.88 -8.64 7.27
C GLN A 400 10.44 -8.82 6.84
N TYR A 401 9.97 -10.07 6.83
CA TYR A 401 8.62 -10.37 6.40
C TYR A 401 7.80 -11.12 7.42
N PHE A 402 8.48 -11.78 8.35
CA PHE A 402 7.82 -12.55 9.39
C PHE A 402 8.45 -12.20 10.74
N GLU A 403 7.63 -11.80 11.71
CA GLU A 403 8.12 -11.25 12.97
C GLU A 403 8.94 -12.29 13.72
N GLN A 404 8.41 -13.51 13.87
CA GLN A 404 9.17 -14.55 14.55
C GLN A 404 9.30 -15.81 13.69
N PRO A 405 10.19 -15.77 12.69
CA PRO A 405 10.22 -16.75 11.59
C PRO A 405 10.52 -18.14 12.05
N GLY A 406 11.17 -18.30 13.19
CA GLY A 406 11.46 -19.62 13.70
C GLY A 406 10.31 -20.26 14.45
N THR A 407 9.24 -19.50 14.64
CA THR A 407 8.11 -20.00 15.42
C THR A 407 6.87 -20.20 14.53
N PHE A 408 6.05 -21.18 14.88
CA PHE A 408 4.80 -21.42 14.19
C PHE A 408 3.73 -20.48 14.73
N ASN A 409 3.29 -19.55 13.89
CA ASN A 409 2.29 -18.58 14.27
C ASN A 409 1.45 -18.16 13.09
N PRO A 410 0.16 -18.58 13.06
CA PRO A 410 -0.78 -18.25 12.01
C PRO A 410 -0.91 -16.75 11.74
N ASP A 411 -0.59 -15.94 12.75
CA ASP A 411 -0.68 -14.49 12.65
C ASP A 411 0.27 -13.92 11.60
N HIS A 412 1.25 -14.72 11.18
CA HIS A 412 2.16 -14.30 10.10
C HIS A 412 1.39 -14.07 8.80
N PHE A 413 0.16 -14.60 8.72
CA PHE A 413 -0.66 -14.50 7.51
C PHE A 413 -2.04 -13.93 7.79
N LEU A 414 -2.16 -13.28 8.94
CA LEU A 414 -3.37 -12.55 9.30
C LEU A 414 -3.07 -11.05 9.49
N ASP A 415 -3.94 -10.19 8.97
CA ASP A 415 -3.80 -8.78 9.27
C ASP A 415 -4.56 -8.45 10.53
N ALA A 416 -4.55 -7.17 10.90
CA ALA A 416 -5.17 -6.71 12.14
C ALA A 416 -6.65 -7.07 12.20
N ASN A 417 -7.30 -7.12 11.05
CA ASN A 417 -8.72 -7.43 10.96
C ASN A 417 -9.04 -8.93 10.99
N GLY A 418 -8.02 -9.75 10.82
CA GLY A 418 -8.22 -11.18 10.83
C GLY A 418 -8.47 -11.71 9.44
N ALA A 419 -8.13 -10.90 8.44
CA ALA A 419 -8.20 -11.31 7.05
C ALA A 419 -6.84 -11.93 6.63
N LEU A 420 -6.85 -12.70 5.54
CA LEU A 420 -5.65 -13.37 5.10
C LEU A 420 -4.69 -12.34 4.57
N LYS A 421 -3.47 -12.36 5.09
CA LYS A 421 -2.43 -11.43 4.70
C LYS A 421 -1.39 -12.11 3.79
N LYS A 422 -1.36 -11.71 2.52
CA LYS A 422 -0.41 -12.26 1.57
C LYS A 422 1.00 -11.79 1.86
N SER A 423 1.98 -12.49 1.28
CA SER A 423 3.38 -12.11 1.44
C SER A 423 4.26 -12.51 0.25
N GLU A 424 5.04 -11.58 -0.27
CA GLU A 424 5.99 -11.80 -1.36
C GLU A 424 7.07 -12.79 -0.99
N ALA A 425 7.18 -13.01 0.32
CA ALA A 425 8.14 -13.91 0.92
C ALA A 425 7.64 -15.33 0.92
N PHE A 426 6.34 -15.50 0.71
CA PHE A 426 5.75 -16.84 0.70
C PHE A 426 6.03 -17.55 -0.63
N MET A 427 7.12 -18.30 -0.71
CA MET A 427 7.40 -19.03 -1.95
C MET A 427 7.66 -20.50 -1.77
N PRO A 428 6.73 -21.20 -1.11
CA PRO A 428 7.05 -22.61 -0.90
C PRO A 428 7.05 -23.39 -2.23
N PHE A 429 6.39 -22.83 -3.25
CA PHE A 429 6.32 -23.45 -4.58
C PHE A 429 7.31 -22.82 -5.55
N SER A 430 8.24 -22.05 -4.98
CA SER A 430 9.18 -21.22 -5.72
C SER A 430 8.48 -20.07 -6.48
N ILE A 431 9.14 -19.52 -7.49
CA ILE A 431 8.68 -18.36 -8.21
C ILE A 431 9.31 -18.30 -9.60
N GLY A 432 8.77 -17.48 -10.50
CA GLY A 432 9.36 -17.40 -11.83
C GLY A 432 8.84 -18.49 -12.77
N LYS A 433 9.59 -18.73 -13.85
CA LYS A 433 9.22 -19.66 -14.94
C LYS A 433 9.23 -21.12 -14.54
N ARG A 434 9.95 -21.44 -13.47
CA ARG A 434 10.03 -22.83 -13.02
C ARG A 434 9.09 -23.12 -11.91
N ILE A 435 8.18 -22.19 -11.63
CA ILE A 435 7.30 -22.29 -10.48
C ILE A 435 6.54 -23.58 -10.57
N CYS A 436 6.33 -24.21 -9.43
CA CYS A 436 5.73 -25.53 -9.34
C CYS A 436 4.52 -25.68 -10.27
N LEU A 437 4.52 -26.74 -11.07
CA LEU A 437 3.39 -27.02 -11.94
C LEU A 437 2.15 -27.42 -11.16
N GLY A 438 2.35 -28.02 -10.00
CA GLY A 438 1.21 -28.45 -9.24
C GLY A 438 0.73 -27.55 -8.10
N GLU A 439 1.14 -26.28 -8.07
CA GLU A 439 0.75 -25.36 -6.98
C GLU A 439 -0.76 -25.30 -6.72
N GLY A 440 -1.54 -25.13 -7.78
CA GLY A 440 -2.97 -25.14 -7.67
C GLY A 440 -3.56 -26.40 -7.05
N ILE A 441 -3.22 -27.55 -7.61
CA ILE A 441 -3.72 -28.81 -7.08
C ILE A 441 -3.20 -29.05 -5.64
N ALA A 442 -1.97 -28.68 -5.34
CA ALA A 442 -1.48 -28.86 -3.97
C ALA A 442 -2.24 -27.97 -2.94
N ARG A 443 -2.46 -26.70 -3.27
CA ARG A 443 -3.19 -25.81 -2.36
C ARG A 443 -4.61 -26.39 -2.14
N ASN A 444 -5.27 -26.79 -3.21
CA ASN A 444 -6.62 -27.35 -3.09
C ASN A 444 -6.64 -28.66 -2.29
N GLU A 445 -5.66 -29.53 -2.49
CA GLU A 445 -5.56 -30.73 -1.66
C GLU A 445 -5.36 -30.42 -0.18
N LEU A 446 -4.47 -29.49 0.11
CA LEU A 446 -4.15 -29.13 1.47
C LEU A 446 -5.43 -28.62 2.14
N PHE A 447 -6.10 -27.66 1.51
CA PHE A 447 -7.29 -27.13 2.14
C PHE A 447 -8.35 -28.20 2.39
N LEU A 448 -8.74 -28.91 1.33
CA LEU A 448 -9.82 -29.89 1.45
C LEU A 448 -9.49 -31.04 2.39
N PHE A 449 -8.29 -31.63 2.31
CA PHE A 449 -7.91 -32.74 3.21
C PHE A 449 -7.76 -32.23 4.67
N PHE A 450 -7.11 -31.09 4.87
CA PHE A 450 -6.92 -30.55 6.22
C PHE A 450 -8.27 -30.19 6.85
N THR A 451 -9.07 -29.43 6.12
CA THR A 451 -10.30 -28.94 6.66
C THR A 451 -11.31 -30.11 6.88
N THR A 452 -11.31 -31.13 6.00
CA THR A 452 -12.24 -32.27 6.14
C THR A 452 -11.91 -33.19 7.33
N ILE A 453 -10.62 -33.41 7.60
CA ILE A 453 -10.20 -34.23 8.74
C ILE A 453 -10.56 -33.55 10.09
N LEU A 454 -10.35 -32.24 10.20
CA LEU A 454 -10.60 -31.56 11.45
C LEU A 454 -12.11 -31.32 11.64
N GLN A 455 -12.86 -31.32 10.54
CA GLN A 455 -14.32 -31.29 10.60
C GLN A 455 -14.87 -32.50 11.34
N ASN A 456 -14.28 -33.67 11.12
CA ASN A 456 -14.83 -34.91 11.67
C ASN A 456 -14.13 -35.40 12.94
N PHE A 457 -12.90 -34.93 13.15
CA PHE A 457 -12.05 -35.43 14.23
C PHE A 457 -11.35 -34.33 15.01
N SER A 458 -10.93 -34.66 16.20
CA SER A 458 -9.91 -33.89 16.89
C SER A 458 -8.72 -34.82 17.04
N VAL A 459 -7.54 -34.26 17.29
CA VAL A 459 -6.34 -35.09 17.30
C VAL A 459 -5.63 -35.03 18.64
N SER A 460 -5.05 -36.14 19.04
CA SER A 460 -4.25 -36.22 20.26
C SER A 460 -3.18 -37.32 20.14
N SER A 461 -2.30 -37.39 21.14
CA SER A 461 -1.30 -38.44 21.21
C SER A 461 -0.73 -38.57 22.63
N SER A 462 0.00 -39.66 22.86
CA SER A 462 0.63 -39.91 24.15
C SER A 462 1.56 -38.77 24.57
N VAL A 463 2.21 -38.18 23.58
CA VAL A 463 3.23 -37.17 23.79
C VAL A 463 2.62 -35.80 24.12
N ALA A 464 3.08 -35.24 25.24
CA ALA A 464 2.64 -33.91 25.68
C ALA A 464 3.02 -32.84 24.66
N PRO A 465 2.15 -31.85 24.44
CA PRO A 465 2.41 -30.82 23.43
C PRO A 465 3.78 -30.15 23.57
N LYS A 466 4.26 -30.03 24.80
CA LYS A 466 5.51 -29.35 25.04
C LYS A 466 6.66 -30.26 24.64
N ASP A 467 6.38 -31.56 24.57
CA ASP A 467 7.37 -32.57 24.22
C ASP A 467 7.32 -32.92 22.73
N ILE A 468 6.44 -32.27 21.97
CA ILE A 468 6.36 -32.50 20.54
C ILE A 468 7.58 -31.94 19.84
N ASP A 469 8.24 -32.80 19.09
CA ASP A 469 9.51 -32.49 18.46
C ASP A 469 9.26 -32.05 17.00
N LEU A 470 9.56 -30.79 16.69
CA LEU A 470 9.33 -30.23 15.36
C LEU A 470 10.60 -30.20 14.50
N SER A 471 11.74 -30.62 15.06
CA SER A 471 12.96 -30.68 14.26
C SER A 471 12.84 -31.74 13.15
N PRO A 472 13.30 -31.41 11.95
CA PRO A 472 13.22 -32.38 10.86
C PRO A 472 14.03 -33.63 11.14
N LYS A 473 13.48 -34.73 10.66
CA LYS A 473 14.11 -36.04 10.79
C LYS A 473 15.20 -36.19 9.74
N GLU A 474 14.99 -35.53 8.61
CA GLU A 474 16.01 -35.40 7.60
C GLU A 474 15.85 -34.00 7.07
N SER A 475 16.96 -33.31 6.87
CA SER A 475 16.91 -32.03 6.21
C SER A 475 18.01 -31.93 5.16
N GLY A 476 17.58 -31.69 3.93
CA GLY A 476 18.47 -31.73 2.80
C GLY A 476 17.71 -31.17 1.62
N ILE A 477 17.76 -31.83 0.47
CA ILE A 477 16.98 -31.34 -0.64
C ILE A 477 15.46 -31.34 -0.31
N GLY A 478 15.04 -32.16 0.64
CA GLY A 478 13.69 -32.07 1.16
C GLY A 478 13.74 -31.99 2.68
N LYS A 479 12.60 -31.65 3.28
CA LYS A 479 12.49 -31.64 4.73
C LYS A 479 11.36 -32.55 5.20
N VAL A 480 11.68 -33.44 6.12
CA VAL A 480 10.78 -34.52 6.53
C VAL A 480 10.58 -34.45 8.04
N PRO A 481 9.32 -34.50 8.49
CA PRO A 481 9.13 -34.41 9.94
C PRO A 481 9.57 -35.69 10.66
N GLN A 482 9.69 -35.60 11.96
CA GLN A 482 9.97 -36.73 12.84
C GLN A 482 8.80 -37.71 12.71
N THR A 483 9.06 -39.00 12.88
CA THR A 483 7.97 -39.96 12.90
C THR A 483 7.11 -39.80 14.14
N TYR A 484 5.81 -39.98 14.00
CA TYR A 484 4.93 -39.91 15.16
C TYR A 484 3.67 -40.73 15.03
N GLN A 485 3.01 -40.90 16.17
CA GLN A 485 1.73 -41.56 16.20
C GLN A 485 0.67 -40.53 16.59
N ILE A 486 -0.55 -40.74 16.10
CA ILE A 486 -1.61 -39.79 16.31
C ILE A 486 -2.94 -40.51 16.41
N SER A 487 -3.86 -39.94 17.20
CA SER A 487 -5.18 -40.51 17.37
C SER A 487 -6.25 -39.62 16.78
N PHE A 488 -7.14 -40.21 16.01
CA PHE A 488 -8.27 -39.47 15.49
C PHE A 488 -9.51 -39.90 16.28
N LEU A 489 -10.04 -38.96 17.04
CA LEU A 489 -11.18 -39.25 17.88
C LEU A 489 -12.37 -38.45 17.41
N ALA A 490 -13.50 -39.12 17.27
CA ALA A 490 -14.68 -38.40 16.85
C ALA A 490 -15.00 -37.36 17.91
N ARG A 491 -15.51 -36.23 17.47
CA ARG A 491 -15.87 -35.21 18.42
C ARG A 491 -17.40 -35.06 18.45
N HIS A 492 -18.02 -35.90 19.30
CA HIS A 492 -19.43 -35.80 19.71
C HIS A 492 -20.36 -34.87 18.91
N HIS B 29 42.76 -25.56 35.30
CA HIS B 29 42.01 -25.52 36.54
C HIS B 29 40.97 -24.44 36.42
N LEU B 30 41.26 -23.41 35.63
CA LEU B 30 40.21 -22.47 35.26
C LEU B 30 39.34 -23.15 34.22
N PRO B 31 38.06 -22.76 34.15
CA PRO B 31 37.18 -23.29 33.11
C PRO B 31 37.76 -23.01 31.71
N PRO B 32 37.41 -23.83 30.68
CA PRO B 32 38.11 -23.68 29.39
C PRO B 32 37.77 -22.35 28.69
N GLY B 33 38.59 -21.94 27.74
CA GLY B 33 38.28 -20.73 26.97
C GLY B 33 39.35 -20.31 25.99
N PRO B 34 39.03 -19.30 25.15
CA PRO B 34 39.96 -18.88 24.10
C PRO B 34 41.28 -18.43 24.70
N ARG B 35 42.35 -18.85 24.04
CA ARG B 35 43.67 -18.56 24.51
C ARG B 35 43.84 -17.04 24.42
N PRO B 36 44.19 -16.41 25.54
CA PRO B 36 44.33 -14.96 25.56
C PRO B 36 45.69 -14.49 25.08
N LEU B 37 45.76 -13.23 24.65
CA LEU B 37 47.00 -12.66 24.18
C LEU B 37 47.56 -11.69 25.18
N PRO B 38 48.88 -11.55 25.20
CA PRO B 38 49.43 -10.51 26.07
C PRO B 38 48.80 -9.19 25.70
N LEU B 39 48.38 -8.41 26.70
CA LEU B 39 47.79 -7.10 26.50
C LEU B 39 46.36 -7.17 25.96
N LEU B 40 46.10 -7.85 24.84
CA LEU B 40 44.77 -7.78 24.25
C LEU B 40 43.74 -8.62 24.97
N GLY B 41 44.22 -9.47 25.86
CA GLY B 41 43.36 -10.40 26.56
C GLY B 41 42.65 -11.17 25.49
N ASN B 42 41.33 -11.27 25.57
CA ASN B 42 40.57 -11.94 24.53
C ASN B 42 39.80 -11.03 23.59
N LEU B 43 40.37 -9.84 23.36
CA LEU B 43 39.77 -8.89 22.41
C LEU B 43 39.39 -9.50 21.04
N LEU B 44 40.24 -10.38 20.51
CA LEU B 44 40.02 -10.92 19.16
C LEU B 44 38.72 -11.73 19.10
N GLN B 45 38.30 -12.23 20.25
CA GLN B 45 37.08 -13.03 20.28
C GLN B 45 35.93 -12.15 20.73
N MET B 46 36.17 -10.84 20.86
CA MET B 46 35.12 -9.90 21.26
C MET B 46 34.35 -9.42 20.05
N ASP B 47 33.16 -8.89 20.27
CA ASP B 47 32.28 -8.56 19.17
C ASP B 47 31.84 -7.10 19.33
N ARG B 48 31.54 -6.44 18.21
CA ARG B 48 31.11 -5.07 18.25
C ARG B 48 29.68 -4.95 18.80
N GLY B 49 28.98 -6.08 18.88
CA GLY B 49 27.65 -6.10 19.48
C GLY B 49 27.66 -6.00 20.99
N GLY B 50 28.85 -6.01 21.60
CA GLY B 50 28.98 -5.87 23.03
C GLY B 50 29.25 -7.16 23.78
N PHE B 51 29.44 -7.01 25.09
CA PHE B 51 29.76 -8.12 25.98
C PHE B 51 28.81 -9.28 25.89
N LEU B 52 27.51 -9.01 25.81
CA LEU B 52 26.55 -10.10 25.88
C LEU B 52 26.69 -10.99 24.65
N ASN B 53 26.75 -10.35 23.48
CA ASN B 53 26.88 -11.10 22.21
C ASN B 53 28.27 -11.77 22.09
N SER B 54 29.33 -11.10 22.55
CA SER B 54 30.67 -11.68 22.54
C SER B 54 30.71 -12.94 23.40
N PHE B 55 30.11 -12.84 24.58
CA PHE B 55 30.10 -13.98 25.48
C PHE B 55 29.25 -15.14 24.94
N MET B 56 28.14 -14.85 24.28
CA MET B 56 27.26 -15.91 23.77
C MET B 56 27.91 -16.73 22.66
N ARG B 57 28.73 -16.05 21.88
CA ARG B 57 29.42 -16.70 20.78
C ARG B 57 30.51 -17.60 21.33
N ILE B 58 31.28 -17.08 22.29
CA ILE B 58 32.32 -17.86 22.93
C ILE B 58 31.69 -19.03 23.67
N ARG B 59 30.47 -18.85 24.14
CA ARG B 59 29.78 -19.95 24.80
C ARG B 59 29.55 -21.16 23.88
N GLU B 60 29.16 -20.92 22.64
CA GLU B 60 28.93 -22.04 21.71
C GLU B 60 30.17 -22.93 21.48
N LYS B 61 31.35 -22.33 21.55
CA LYS B 61 32.61 -23.03 21.33
C LYS B 61 33.09 -23.77 22.59
N TYR B 62 32.88 -23.18 23.78
CA TYR B 62 33.48 -23.73 25.00
C TYR B 62 32.53 -24.31 26.05
N GLY B 63 31.21 -24.21 25.84
CA GLY B 63 30.26 -24.78 26.80
C GLY B 63 29.67 -23.77 27.78
N ASP B 64 28.99 -24.22 28.83
CA ASP B 64 28.23 -23.31 29.69
C ASP B 64 29.05 -22.57 30.72
N VAL B 65 30.24 -23.09 31.02
CA VAL B 65 31.11 -22.51 32.01
C VAL B 65 32.46 -22.28 31.40
N PHE B 66 32.87 -21.02 31.25
CA PHE B 66 34.10 -20.74 30.53
C PHE B 66 34.81 -19.48 31.00
N THR B 67 36.06 -19.32 30.55
CA THR B 67 36.86 -18.17 30.94
C THR B 67 37.07 -17.19 29.76
N VAL B 68 36.77 -15.93 30.01
CA VAL B 68 37.10 -14.87 29.07
C VAL B 68 38.03 -13.89 29.76
N HIS B 69 39.14 -13.56 29.12
CA HIS B 69 40.06 -12.61 29.69
C HIS B 69 39.69 -11.20 29.27
N LEU B 70 39.16 -10.43 30.19
CA LEU B 70 38.83 -9.05 29.87
C LEU B 70 40.09 -8.26 30.18
N GLY B 71 40.78 -7.81 29.13
CA GLY B 71 42.15 -7.35 29.26
C GLY B 71 42.95 -8.48 29.88
N PRO B 72 43.80 -8.18 30.88
CA PRO B 72 44.57 -9.24 31.55
C PRO B 72 43.75 -10.03 32.59
N ARG B 73 42.51 -9.64 32.84
CA ARG B 73 41.72 -10.30 33.86
C ARG B 73 40.89 -11.47 33.38
N PRO B 74 41.14 -12.65 33.96
CA PRO B 74 40.31 -13.83 33.73
C PRO B 74 38.96 -13.71 34.42
N VAL B 75 37.90 -13.90 33.65
CA VAL B 75 36.55 -13.82 34.17
C VAL B 75 35.74 -15.04 33.80
N VAL B 76 35.17 -15.70 34.79
CA VAL B 76 34.40 -16.90 34.52
C VAL B 76 32.95 -16.58 34.23
N MET B 77 32.43 -17.05 33.09
CA MET B 77 31.04 -16.81 32.73
C MET B 77 30.21 -18.00 33.12
N LEU B 78 28.98 -17.75 33.56
CA LEU B 78 28.06 -18.82 33.90
C LEU B 78 26.79 -18.70 33.07
N TYR B 79 26.55 -19.66 32.17
CA TYR B 79 25.37 -19.63 31.28
C TYR B 79 24.31 -20.63 31.68
N GLY B 80 23.06 -20.19 31.66
CA GLY B 80 21.92 -21.04 31.97
C GLY B 80 21.54 -21.12 33.44
N THR B 81 20.25 -21.30 33.70
CA THR B 81 19.71 -21.45 35.06
C THR B 81 20.54 -22.44 35.87
N GLU B 82 20.96 -23.51 35.21
CA GLU B 82 21.64 -24.62 35.85
C GLU B 82 22.95 -24.25 36.51
N ALA B 83 23.82 -23.62 35.72
CA ALA B 83 25.13 -23.21 36.20
C ALA B 83 25.02 -22.04 37.18
N ILE B 84 24.11 -21.11 36.92
CA ILE B 84 23.99 -19.94 37.81
C ILE B 84 23.54 -20.34 39.21
N ARG B 85 22.49 -21.15 39.33
CA ARG B 85 22.10 -21.67 40.64
C ARG B 85 23.16 -22.59 41.26
N GLU B 86 23.84 -23.37 40.41
CA GLU B 86 24.83 -24.31 40.91
C GLU B 86 25.91 -23.55 41.68
N ALA B 87 26.22 -22.35 41.21
CA ALA B 87 27.23 -21.51 41.83
C ALA B 87 26.66 -20.63 42.95
N LEU B 88 25.71 -19.77 42.60
CA LEU B 88 25.23 -18.72 43.52
C LEU B 88 24.28 -19.22 44.61
N VAL B 89 23.62 -20.36 44.39
CA VAL B 89 22.78 -20.95 45.44
C VAL B 89 23.51 -22.08 46.19
N ASP B 90 24.02 -23.09 45.50
CA ASP B 90 24.65 -24.22 46.18
C ASP B 90 26.07 -23.95 46.71
N GLN B 91 26.74 -22.91 46.21
CA GLN B 91 27.97 -22.44 46.87
C GLN B 91 27.87 -20.93 47.15
N ALA B 92 26.77 -20.55 47.79
CA ALA B 92 26.38 -19.15 48.03
C ALA B 92 27.48 -18.33 48.68
N GLU B 93 28.17 -18.93 49.65
CA GLU B 93 29.17 -18.19 50.39
C GLU B 93 30.38 -17.98 49.49
N ALA B 94 30.72 -19.02 48.72
CA ALA B 94 31.88 -18.98 47.86
C ALA B 94 31.71 -17.92 46.77
N PHE B 95 30.51 -17.83 46.22
CA PHE B 95 30.19 -16.88 45.15
C PHE B 95 29.52 -15.55 45.64
N SER B 96 29.73 -15.18 46.90
CA SER B 96 29.09 -13.99 47.49
C SER B 96 29.98 -12.76 47.34
N GLY B 97 31.12 -12.96 46.69
CA GLY B 97 32.05 -11.88 46.44
C GLY B 97 31.52 -10.91 45.40
N ARG B 98 32.08 -9.70 45.41
CA ARG B 98 31.68 -8.64 44.50
C ARG B 98 32.85 -8.19 43.65
N GLY B 99 32.64 -8.15 42.34
CA GLY B 99 33.70 -7.72 41.42
C GLY B 99 33.71 -6.23 41.22
N THR B 100 34.22 -5.76 40.09
CA THR B 100 34.32 -4.31 39.86
C THR B 100 33.77 -3.91 38.50
N ILE B 101 33.23 -2.69 38.44
CA ILE B 101 32.86 -2.08 37.18
C ILE B 101 33.76 -0.85 37.03
N ALA B 102 34.65 -0.88 36.03
CA ALA B 102 35.78 0.05 35.92
C ALA B 102 35.37 1.51 35.85
N VAL B 103 34.23 1.75 35.24
CA VAL B 103 33.79 3.10 34.95
C VAL B 103 33.14 3.83 36.17
N ILE B 104 32.71 3.08 37.18
CA ILE B 104 32.15 3.71 38.37
C ILE B 104 33.08 3.52 39.57
N LYS B 105 34.17 2.80 39.36
CA LYS B 105 35.13 2.53 40.42
C LYS B 105 35.85 3.79 40.95
N PRO B 106 36.13 4.78 40.08
CA PRO B 106 36.75 5.98 40.67
C PRO B 106 35.91 6.64 41.75
N VAL B 107 34.63 6.88 41.50
CA VAL B 107 33.77 7.52 42.47
C VAL B 107 33.30 6.59 43.59
N ILE B 108 32.79 5.42 43.22
CA ILE B 108 32.10 4.59 44.19
C ILE B 108 33.06 3.65 44.85
N GLY B 109 33.97 3.12 44.05
CA GLY B 109 34.95 2.16 44.49
C GLY B 109 34.28 0.99 45.21
N ASP B 110 34.83 0.73 46.40
CA ASP B 110 34.51 -0.37 47.30
C ASP B 110 33.49 -0.05 48.41
N TYR B 111 32.88 1.13 48.35
CA TYR B 111 32.06 1.59 49.47
C TYR B 111 30.58 1.34 49.34
N GLY B 112 29.86 1.53 50.44
CA GLY B 112 28.42 1.34 50.41
C GLY B 112 28.08 -0.12 50.58
N MET B 113 26.84 -0.44 50.34
CA MET B 113 26.30 -1.75 50.51
C MET B 113 26.28 -2.57 49.26
N ILE B 114 26.46 -1.96 48.12
CA ILE B 114 26.37 -2.68 46.84
C ILE B 114 27.73 -3.17 46.36
N PHE B 115 28.71 -2.27 46.35
CA PHE B 115 29.97 -2.58 45.74
C PHE B 115 31.01 -3.00 46.76
N SER B 116 30.56 -3.32 47.97
CA SER B 116 31.45 -3.74 49.03
C SER B 116 31.66 -5.26 49.11
N ASN B 117 32.70 -5.64 49.83
CA ASN B 117 32.96 -7.04 50.10
C ASN B 117 33.15 -7.25 51.57
N GLY B 118 33.21 -8.52 51.96
CA GLY B 118 33.55 -8.89 53.31
C GLY B 118 32.74 -8.22 54.39
N GLU B 119 33.45 -7.81 55.44
CA GLU B 119 32.84 -7.30 56.65
C GLU B 119 32.10 -6.00 56.39
N ARG B 120 32.64 -5.16 55.50
CA ARG B 120 31.93 -3.95 55.11
C ARG B 120 30.56 -4.32 54.50
N TRP B 121 30.55 -5.30 53.61
CA TRP B 121 29.32 -5.72 52.97
C TRP B 121 28.33 -6.43 53.91
N LYS B 122 28.83 -7.31 54.77
CA LYS B 122 27.93 -7.99 55.73
C LYS B 122 27.19 -6.97 56.64
N VAL B 123 27.94 -5.99 57.15
CA VAL B 123 27.34 -4.95 57.99
C VAL B 123 26.38 -4.10 57.18
N LEU B 124 26.87 -3.49 56.11
CA LEU B 124 26.05 -2.50 55.41
C LEU B 124 24.84 -3.12 54.74
N ARG B 125 24.92 -4.38 54.32
CA ARG B 125 23.72 -5.03 53.79
C ARG B 125 22.72 -5.23 54.93
N ARG B 126 23.15 -5.76 56.07
CA ARG B 126 22.23 -5.91 57.19
C ARG B 126 21.60 -4.59 57.62
N PHE B 127 22.43 -3.56 57.80
CA PHE B 127 21.94 -2.24 58.17
C PHE B 127 20.90 -1.73 57.17
N SER B 128 21.24 -1.79 55.88
CA SER B 128 20.38 -1.28 54.81
C SER B 128 19.10 -2.09 54.72
N LEU B 129 19.21 -3.39 54.94
CA LEU B 129 18.01 -4.20 54.94
C LEU B 129 17.09 -3.70 56.04
N ALA B 130 17.60 -3.70 57.27
CA ALA B 130 16.82 -3.34 58.47
C ALA B 130 16.24 -1.91 58.45
N THR B 131 17.07 -0.95 58.08
CA THR B 131 16.70 0.45 58.15
C THR B 131 15.57 0.76 57.20
N MET B 132 15.63 0.24 55.99
CA MET B 132 14.58 0.51 55.01
C MET B 132 13.23 -0.05 55.42
N ARG B 133 13.23 -1.24 56.04
CA ARG B 133 11.98 -1.81 56.51
C ARG B 133 11.38 -1.01 57.67
N ASP B 134 12.23 -0.40 58.49
CA ASP B 134 11.76 0.42 59.60
C ASP B 134 11.11 1.69 59.08
N PHE B 135 11.40 2.08 57.85
CA PHE B 135 10.71 3.23 57.23
C PHE B 135 9.75 2.86 56.11
N SER B 141 2.58 3.19 55.41
CA SER B 141 3.37 2.04 54.97
C SER B 141 4.04 2.44 53.66
N VAL B 142 5.05 1.67 53.26
CA VAL B 142 5.75 1.95 52.01
C VAL B 142 4.73 1.78 50.90
N GLU B 143 3.83 0.82 51.09
CA GLU B 143 2.70 0.61 50.19
C GLU B 143 1.85 1.86 49.99
N ASP B 144 1.49 2.53 51.09
CA ASP B 144 0.62 3.69 50.96
C ASP B 144 1.38 4.86 50.33
N ARG B 145 2.67 4.99 50.61
CA ARG B 145 3.45 6.01 49.89
C ARG B 145 3.50 5.75 48.37
N ILE B 146 3.59 4.48 47.96
CA ILE B 146 3.57 4.16 46.54
C ILE B 146 2.21 4.52 45.96
N GLN B 147 1.16 4.14 46.68
CA GLN B 147 -0.20 4.51 46.30
C GLN B 147 -0.35 6.02 46.20
N GLU B 148 0.16 6.72 47.21
CA GLU B 148 0.05 8.18 47.26
C GLU B 148 0.79 8.82 46.08
N GLU B 149 1.88 8.18 45.65
CA GLU B 149 2.61 8.58 44.47
C GLU B 149 1.88 8.21 43.17
N ALA B 150 1.21 7.06 43.20
CA ALA B 150 0.42 6.61 42.05
C ALA B 150 -0.71 7.58 41.79
N GLN B 151 -1.39 7.99 42.86
CA GLN B 151 -2.48 8.95 42.76
C GLN B 151 -1.92 10.29 42.28
N CYS B 152 -0.74 10.63 42.76
CA CYS B 152 -0.06 11.85 42.35
C CYS B 152 0.32 11.81 40.86
N LEU B 153 0.62 10.60 40.37
CA LEU B 153 0.94 10.38 38.97
C LEU B 153 -0.29 10.54 38.06
N VAL B 154 -1.43 10.02 38.49
CA VAL B 154 -2.66 10.07 37.67
C VAL B 154 -3.16 11.50 37.45
N GLU B 155 -3.00 12.37 38.45
CA GLU B 155 -3.41 13.76 38.29
C GLU B 155 -2.62 14.43 37.17
N GLU B 156 -1.39 13.97 36.98
CA GLU B 156 -0.48 14.55 35.99
C GLU B 156 -0.74 14.05 34.57
N LEU B 157 -1.21 12.81 34.47
CA LEU B 157 -1.55 12.23 33.18
C LEU B 157 -2.95 12.65 32.74
N GLN B 158 -3.76 13.11 33.70
CA GLN B 158 -5.08 13.70 33.44
C GLN B 158 -4.93 15.07 32.81
N LYS B 159 -3.93 15.82 33.27
CA LYS B 159 -3.63 17.15 32.75
C LYS B 159 -3.15 17.07 31.29
N SER B 160 -2.80 15.87 30.86
CA SER B 160 -2.24 15.66 29.53
C SER B 160 -3.34 15.65 28.48
N GLN B 161 -4.43 15.01 28.90
CA GLN B 161 -5.62 14.84 28.12
C GLN B 161 -5.34 14.06 26.88
N GLY B 162 -4.42 13.10 26.95
CA GLY B 162 -4.10 12.43 25.71
C GLY B 162 -2.75 12.78 25.12
N ALA B 163 -2.44 14.07 25.04
CA ALA B 163 -1.23 14.57 24.38
C ALA B 163 0.00 13.68 24.58
N PRO B 164 0.69 13.37 23.48
CA PRO B 164 1.87 12.49 23.48
C PRO B 164 3.03 13.06 24.30
N LEU B 165 3.66 12.14 24.85
CA LEU B 165 4.80 12.54 25.68
C LEU B 165 5.84 11.42 25.86
N ASP B 166 7.03 11.81 26.28
CA ASP B 166 8.07 10.85 26.61
C ASP B 166 7.92 10.49 28.08
N PRO B 167 7.45 9.26 28.37
CA PRO B 167 7.08 8.92 29.74
C PRO B 167 8.27 8.62 30.65
N THR B 168 9.47 8.89 30.16
CA THR B 168 10.68 8.62 30.94
C THR B 168 10.73 9.34 32.29
N PHE B 169 10.69 10.66 32.23
CA PHE B 169 10.88 11.48 33.42
C PHE B 169 9.86 11.15 34.50
N LEU B 170 8.62 10.89 34.08
CA LEU B 170 7.58 10.55 35.02
C LEU B 170 7.87 9.23 35.72
N PHE B 171 8.33 8.25 34.97
CA PHE B 171 8.61 6.95 35.56
C PHE B 171 9.78 7.02 36.53
N GLN B 172 10.75 7.88 36.23
CA GLN B 172 11.79 8.20 37.19
C GLN B 172 11.27 8.88 38.46
N CYS B 173 10.42 9.90 38.26
CA CYS B 173 9.82 10.65 39.36
C CYS B 173 9.13 9.78 40.37
N ILE B 174 8.25 8.93 39.86
CA ILE B 174 7.38 8.16 40.71
C ILE B 174 8.19 7.14 41.49
N THR B 175 9.28 6.66 40.91
CA THR B 175 10.07 5.66 41.59
C THR B 175 11.07 6.31 42.52
N ALA B 176 11.71 7.37 42.05
CA ALA B 176 12.71 8.07 42.83
C ALA B 176 12.10 8.63 44.13
N ASN B 177 10.87 9.11 44.05
CA ASN B 177 10.24 9.63 45.25
C ASN B 177 10.11 8.57 46.33
N ILE B 178 9.97 7.30 45.94
CA ILE B 178 9.81 6.23 46.93
C ILE B 178 11.10 6.06 47.71
N ILE B 179 12.22 6.12 47.02
CA ILE B 179 13.47 5.93 47.72
C ILE B 179 13.93 7.22 48.41
N CYS B 180 13.58 8.36 47.83
CA CYS B 180 13.92 9.64 48.45
C CYS B 180 13.27 9.75 49.82
N SER B 181 12.01 9.35 49.91
CA SER B 181 11.28 9.43 51.17
C SER B 181 11.87 8.49 52.21
N ILE B 182 12.45 7.40 51.74
CA ILE B 182 13.07 6.41 52.62
C ILE B 182 14.47 6.84 53.04
N VAL B 183 15.15 7.55 52.15
CA VAL B 183 16.56 7.86 52.34
C VAL B 183 16.76 9.33 52.77
N PHE B 184 16.08 10.24 52.08
CA PHE B 184 16.18 11.66 52.35
C PHE B 184 15.02 12.15 53.22
N GLY B 185 14.02 11.30 53.40
CA GLY B 185 12.89 11.67 54.25
C GLY B 185 11.84 12.53 53.58
N GLU B 186 12.04 12.87 52.30
CA GLU B 186 11.08 13.71 51.58
C GLU B 186 10.84 13.22 50.15
N ARG B 187 9.75 13.64 49.52
CA ARG B 187 9.55 13.45 48.08
C ARG B 187 9.67 14.80 47.39
N TYR B 188 9.73 14.80 46.06
CA TYR B 188 9.91 16.07 45.38
C TYR B 188 8.85 16.26 44.30
N ASP B 189 8.50 17.52 44.04
CA ASP B 189 7.47 17.84 43.06
C ASP B 189 7.99 17.57 41.65
N TYR B 190 7.12 17.16 40.74
CA TYR B 190 7.51 16.80 39.37
C TYR B 190 8.08 17.97 38.58
N LYS B 191 8.11 19.15 39.18
CA LYS B 191 8.68 20.31 38.50
C LYS B 191 9.82 20.99 39.29
N ASP B 192 10.25 20.36 40.38
CA ASP B 192 11.41 20.82 41.12
C ASP B 192 12.65 20.85 40.24
N ARG B 193 13.32 22.01 40.21
CA ARG B 193 14.44 22.18 39.29
C ARG B 193 15.66 21.30 39.61
N GLN B 194 16.09 21.20 40.86
CA GLN B 194 17.29 20.38 41.09
C GLN B 194 16.87 18.91 41.07
N PHE B 195 15.60 18.63 41.37
CA PHE B 195 15.08 17.26 41.24
C PHE B 195 15.20 16.82 39.80
N LEU B 196 14.85 17.70 38.87
CA LEU B 196 14.97 17.44 37.43
C LEU B 196 16.42 17.13 37.00
N ARG B 197 17.36 17.91 37.51
CA ARG B 197 18.78 17.80 37.17
C ARG B 197 19.36 16.45 37.62
N LEU B 198 19.06 16.06 38.86
CA LEU B 198 19.52 14.78 39.38
C LEU B 198 19.01 13.60 38.55
N LEU B 199 17.77 13.69 38.11
CA LEU B 199 17.17 12.57 37.39
C LEU B 199 17.70 12.48 35.96
N ASP B 200 17.99 13.63 35.36
CA ASP B 200 18.59 13.68 34.03
C ASP B 200 20.00 13.07 34.13
N LEU B 201 20.71 13.40 35.22
CA LEU B 201 22.03 12.86 35.50
C LEU B 201 21.96 11.36 35.67
N PHE B 202 20.97 10.89 36.42
CA PHE B 202 20.81 9.46 36.64
C PHE B 202 20.50 8.73 35.34
N TYR B 203 19.56 9.25 34.56
CA TYR B 203 19.23 8.64 33.28
C TYR B 203 20.44 8.60 32.35
N ARG B 204 21.05 9.76 32.16
CA ARG B 204 22.12 9.88 31.19
C ARG B 204 23.35 9.08 31.61
N THR B 205 23.59 9.02 32.92
CA THR B 205 24.76 8.32 33.43
C THR B 205 24.58 6.82 33.28
N PHE B 206 23.34 6.37 33.47
CA PHE B 206 23.04 4.95 33.32
C PHE B 206 23.36 4.51 31.90
N SER B 207 23.01 5.37 30.94
CA SER B 207 23.24 5.09 29.53
C SER B 207 24.71 5.01 29.15
N LEU B 208 25.48 5.98 29.63
CA LEU B 208 26.92 6.00 29.41
C LEU B 208 27.61 4.76 30.01
N MET B 209 27.13 4.32 31.17
CA MET B 209 27.57 3.09 31.83
C MET B 209 27.27 1.89 30.94
N SER B 210 26.15 1.94 30.21
CA SER B 210 25.67 0.82 29.41
C SER B 210 26.18 0.90 27.98
N SER B 211 26.84 2.00 27.64
CA SER B 211 27.27 2.14 26.26
C SER B 211 28.46 1.23 25.95
N PHE B 212 28.67 0.98 24.67
CA PHE B 212 29.76 0.15 24.20
C PHE B 212 31.06 0.69 24.74
N SER B 213 31.17 2.02 24.77
CA SER B 213 32.37 2.70 25.25
C SER B 213 32.75 2.23 26.64
N SER B 214 31.74 2.03 27.48
CA SER B 214 32.03 1.64 28.85
C SER B 214 32.48 0.19 28.88
N GLN B 215 31.99 -0.63 27.94
CA GLN B 215 32.43 -2.01 27.83
C GLN B 215 33.88 -2.07 27.37
N VAL B 216 34.25 -1.20 26.45
CA VAL B 216 35.63 -1.10 26.03
C VAL B 216 36.48 -0.58 27.19
N PHE B 217 35.94 0.34 27.96
CA PHE B 217 36.67 0.85 29.11
C PHE B 217 36.93 -0.27 30.12
N GLU B 218 35.97 -1.18 30.23
CA GLU B 218 36.08 -2.31 31.10
C GLU B 218 37.25 -3.22 30.73
N LEU B 219 37.53 -3.34 29.44
CA LEU B 219 38.63 -4.17 28.97
C LEU B 219 39.97 -3.54 29.26
N PHE B 220 40.05 -2.24 28.95
CA PHE B 220 41.34 -1.55 28.87
C PHE B 220 41.45 -0.25 29.68
N SER B 221 40.74 -0.17 30.81
CA SER B 221 40.73 1.02 31.65
C SER B 221 42.13 1.47 32.07
N GLY B 222 43.00 0.50 32.32
CA GLY B 222 44.36 0.80 32.74
C GLY B 222 45.09 1.76 31.84
N PHE B 223 44.68 1.84 30.58
CA PHE B 223 45.35 2.70 29.64
C PHE B 223 44.39 3.77 29.17
N MET B 224 43.15 3.38 28.91
CA MET B 224 42.16 4.32 28.41
C MET B 224 41.77 5.42 29.40
N LYS B 225 42.11 5.22 30.67
CA LYS B 225 41.77 6.17 31.71
C LYS B 225 42.47 7.51 31.50
N TYR B 226 43.52 7.48 30.70
CA TYR B 226 44.29 8.67 30.40
C TYR B 226 43.64 9.46 29.26
N PHE B 227 42.56 8.94 28.69
CA PHE B 227 42.04 9.59 27.50
C PHE B 227 40.52 9.88 27.61
N PRO B 228 40.02 10.85 26.84
CA PRO B 228 38.57 11.15 26.81
C PRO B 228 37.70 9.95 26.44
N GLY B 229 36.46 9.99 26.90
CA GLY B 229 35.51 8.92 26.68
C GLY B 229 34.43 9.04 27.73
N ALA B 230 33.40 8.21 27.61
CA ALA B 230 32.24 8.22 28.47
C ALA B 230 32.64 8.17 29.94
N HIS B 231 33.72 7.46 30.22
CA HIS B 231 34.16 7.19 31.59
C HIS B 231 34.43 8.45 32.40
N ARG B 232 34.71 9.54 31.70
CA ARG B 232 34.96 10.79 32.40
C ARG B 232 33.65 11.57 32.63
N GLN B 233 32.72 11.45 31.69
CA GLN B 233 31.41 12.05 31.89
C GLN B 233 30.68 11.33 33.01
N ILE B 234 30.94 10.05 33.14
CA ILE B 234 30.29 9.28 34.19
C ILE B 234 30.81 9.70 35.56
N THR B 235 32.12 9.92 35.64
CA THR B 235 32.76 10.37 36.87
C THR B 235 32.30 11.76 37.25
N ARG B 236 32.15 12.63 36.24
CA ARG B 236 31.65 13.97 36.49
C ARG B 236 30.26 13.98 37.02
N ASN B 237 29.37 13.28 36.33
CA ASN B 237 27.98 13.23 36.74
C ASN B 237 27.80 12.77 38.18
N LEU B 238 28.32 11.59 38.48
CA LEU B 238 28.16 10.96 39.78
C LEU B 238 28.67 11.88 40.87
N GLN B 239 29.71 12.62 40.53
CA GLN B 239 30.31 13.56 41.45
C GLN B 239 29.36 14.72 41.71
N GLU B 240 28.66 15.17 40.67
CA GLU B 240 27.69 16.24 40.84
C GLU B 240 26.58 15.76 41.77
N ILE B 241 26.18 14.50 41.59
CA ILE B 241 25.15 13.91 42.42
C ILE B 241 25.62 13.74 43.85
N LEU B 242 26.89 13.36 44.00
CA LEU B 242 27.47 13.13 45.31
C LEU B 242 27.60 14.44 46.15
N ASP B 243 27.71 15.56 45.45
CA ASP B 243 27.76 16.86 46.07
C ASP B 243 26.39 17.16 46.69
N TYR B 244 25.35 16.87 45.93
CA TYR B 244 23.99 16.96 46.43
C TYR B 244 23.83 16.12 47.68
N VAL B 245 24.37 14.91 47.64
CA VAL B 245 24.24 13.97 48.75
C VAL B 245 24.95 14.53 50.00
N GLY B 246 26.16 15.06 49.80
CA GLY B 246 26.90 15.65 50.90
C GLY B 246 26.15 16.83 51.55
N GLN B 247 25.57 17.71 50.72
CA GLN B 247 24.76 18.83 51.20
C GLN B 247 23.61 18.35 52.07
N SER B 248 22.86 17.39 51.55
CA SER B 248 21.72 16.85 52.28
C SER B 248 22.17 16.20 53.58
N VAL B 249 23.30 15.53 53.56
CA VAL B 249 23.81 14.89 54.74
C VAL B 249 24.05 15.90 55.84
N GLU B 250 24.69 17.02 55.47
CA GLU B 250 25.00 18.06 56.43
C GLU B 250 23.72 18.73 56.93
N LYS B 251 22.75 18.95 56.03
CA LYS B 251 21.43 19.43 56.44
C LYS B 251 20.76 18.44 57.39
N HIS B 252 21.00 17.15 57.18
CA HIS B 252 20.47 16.11 58.05
C HIS B 252 21.16 16.07 59.39
N ARG B 253 22.46 16.32 59.35
CA ARG B 253 23.28 16.35 60.55
C ARG B 253 22.86 17.50 61.50
N ALA B 254 22.69 18.65 60.88
CA ALA B 254 22.38 19.90 61.51
C ALA B 254 21.04 19.92 62.20
N THR B 255 20.08 19.18 61.70
CA THR B 255 18.76 19.13 62.30
C THR B 255 18.41 17.74 62.67
N LEU B 256 19.39 17.03 63.18
CA LEU B 256 19.18 15.67 63.67
C LEU B 256 18.50 15.59 65.04
N ASP B 257 17.32 14.98 65.10
CA ASP B 257 16.71 14.70 66.40
C ASP B 257 16.91 13.24 66.78
N PRO B 258 17.84 12.99 67.70
CA PRO B 258 18.28 11.67 68.14
C PRO B 258 17.18 10.71 68.61
N SER B 259 15.95 11.21 68.77
CA SER B 259 14.83 10.37 69.23
C SER B 259 13.72 10.28 68.20
N ASN B 260 13.88 10.98 67.08
CA ASN B 260 13.01 10.78 65.92
C ASN B 260 13.80 10.82 64.60
N PRO B 261 14.47 9.70 64.27
CA PRO B 261 15.06 9.61 62.93
C PRO B 261 13.98 9.58 61.85
N ARG B 262 14.15 10.47 60.90
CA ARG B 262 13.22 10.66 59.83
C ARG B 262 13.53 9.81 58.59
N ASP B 263 14.69 9.20 58.52
CA ASP B 263 15.08 8.46 57.35
C ASP B 263 16.42 7.74 57.50
N PHE B 264 16.85 7.14 56.38
CA PHE B 264 18.10 6.37 56.28
C PHE B 264 19.31 7.14 56.77
N ILE B 265 19.43 8.39 56.33
CA ILE B 265 20.58 9.22 56.72
C ILE B 265 20.60 9.44 58.23
N ASP B 266 19.44 9.81 58.81
CA ASP B 266 19.34 10.00 60.26
C ASP B 266 19.71 8.76 61.02
N THR B 267 19.16 7.64 60.60
CA THR B 267 19.43 6.38 61.26
C THR B 267 20.94 6.05 61.20
N TYR B 268 21.54 6.36 60.07
CA TYR B 268 22.97 6.12 59.87
C TYR B 268 23.82 7.07 60.73
N LEU B 269 23.47 8.36 60.74
CA LEU B 269 24.16 9.33 61.60
C LEU B 269 24.11 8.92 63.08
N LEU B 270 22.95 8.47 63.54
CA LEU B 270 22.83 8.03 64.92
C LEU B 270 23.81 6.92 65.22
N ARG B 271 23.90 5.98 64.29
CA ARG B 271 24.79 4.85 64.47
C ARG B 271 26.24 5.24 64.16
N MET B 272 26.45 6.30 63.39
CA MET B 272 27.79 6.86 63.19
C MET B 272 28.45 7.36 64.46
N GLU B 273 27.76 8.23 65.21
CA GLU B 273 28.32 8.74 66.48
C GLU B 273 28.43 7.65 67.57
N LYS B 274 27.45 6.76 67.62
CA LYS B 274 27.47 5.64 68.55
C LYS B 274 28.72 4.78 68.39
N GLU B 275 29.30 4.76 67.20
CA GLU B 275 30.43 3.88 66.91
C GLU B 275 31.73 4.66 66.64
N LYS B 276 31.74 5.94 67.00
CA LYS B 276 32.96 6.74 66.87
C LYS B 276 34.09 6.26 67.77
N SER B 277 33.74 5.63 68.89
CA SER B 277 34.73 4.93 69.73
C SER B 277 35.65 3.97 68.93
N ASN B 278 35.04 2.95 68.33
CA ASN B 278 35.76 1.94 67.54
C ASN B 278 36.34 2.52 66.26
N GLN B 279 37.62 2.29 66.00
CA GLN B 279 38.24 2.89 64.83
C GLN B 279 38.18 2.02 63.60
N HIS B 280 37.62 0.82 63.74
CA HIS B 280 37.38 -0.01 62.58
C HIS B 280 35.89 -0.16 62.28
N THR B 281 35.10 0.85 62.68
CA THR B 281 33.68 0.91 62.36
C THR B 281 33.51 1.10 60.85
N GLU B 282 32.42 0.60 60.30
CA GLU B 282 32.13 0.78 58.87
C GLU B 282 31.27 2.00 58.63
N PHE B 283 30.64 2.46 59.70
CA PHE B 283 29.71 3.58 59.61
C PHE B 283 30.48 4.90 59.67
N HIS B 284 31.16 5.20 58.57
CA HIS B 284 31.88 6.46 58.41
C HIS B 284 31.26 7.26 57.26
N HIS B 285 31.80 8.46 57.03
CA HIS B 285 31.16 9.42 56.12
C HIS B 285 31.18 8.94 54.69
N GLN B 286 32.31 8.39 54.28
CA GLN B 286 32.44 7.93 52.91
C GLN B 286 31.44 6.81 52.64
N ASN B 287 31.33 5.85 53.57
CA ASN B 287 30.33 4.81 53.40
C ASN B 287 28.93 5.37 53.40
N LEU B 288 28.69 6.50 54.09
CA LEU B 288 27.36 7.11 54.06
C LEU B 288 27.09 7.72 52.71
N LEU B 289 28.06 8.46 52.18
CA LEU B 289 27.86 9.13 50.90
C LEU B 289 27.56 8.14 49.77
N ILE B 290 28.36 7.07 49.73
CA ILE B 290 28.27 6.09 48.67
C ILE B 290 27.03 5.20 48.87
N SER B 291 26.73 4.85 50.11
CA SER B 291 25.51 4.11 50.43
C SER B 291 24.30 4.85 49.89
N VAL B 292 24.24 6.15 50.15
CA VAL B 292 23.13 6.96 49.70
C VAL B 292 23.08 7.04 48.19
N LEU B 293 24.24 7.32 47.58
CA LEU B 293 24.34 7.37 46.12
C LEU B 293 23.90 6.06 45.50
N SER B 294 24.35 4.97 46.11
CA SER B 294 23.97 3.64 45.66
C SER B 294 22.45 3.40 45.74
N LEU B 295 21.81 3.70 46.86
CA LEU B 295 20.35 3.50 46.95
C LEU B 295 19.59 4.48 46.08
N PHE B 296 20.11 5.69 45.97
CA PHE B 296 19.38 6.74 45.27
C PHE B 296 19.30 6.32 43.79
N PHE B 297 20.45 5.98 43.24
CA PHE B 297 20.55 5.27 41.99
C PHE B 297 19.93 3.93 42.15
N ALA B 298 19.38 3.42 41.13
CA ALA B 298 18.84 2.10 41.30
C ALA B 298 17.46 2.14 41.95
N GLY B 299 17.08 3.25 42.54
CA GLY B 299 15.73 3.45 43.00
C GLY B 299 15.11 4.53 42.12
N THR B 300 15.98 4.98 41.27
CA THR B 300 15.64 5.91 40.28
C THR B 300 15.60 5.16 38.96
N GLU B 301 16.66 4.46 38.64
CA GLU B 301 16.86 4.05 37.24
C GLU B 301 16.51 2.59 36.92
N THR B 302 16.16 1.81 37.92
CA THR B 302 15.81 0.41 37.71
C THR B 302 14.34 0.17 37.46
N THR B 303 13.49 0.38 38.44
CA THR B 303 12.09 0.15 38.24
C THR B 303 11.62 1.04 37.14
N SER B 304 12.22 2.20 37.10
CA SER B 304 11.82 3.20 36.17
C SER B 304 11.90 2.59 34.82
N THR B 305 13.09 2.15 34.45
CA THR B 305 13.34 1.60 33.16
C THR B 305 12.46 0.43 32.80
N THR B 306 12.16 -0.40 33.78
CA THR B 306 11.35 -1.58 33.57
C THR B 306 9.97 -1.20 33.17
N LEU B 307 9.39 -0.29 33.92
CA LEU B 307 8.06 0.21 33.66
C LEU B 307 7.93 0.82 32.28
N ARG B 308 8.95 1.54 31.86
CA ARG B 308 8.94 2.20 30.55
C ARG B 308 8.97 1.15 29.43
N TYR B 309 9.69 0.03 29.65
CA TYR B 309 9.61 -1.07 28.67
C TYR B 309 8.29 -1.71 28.67
N GLY B 310 7.71 -1.77 29.87
CA GLY B 310 6.43 -2.39 30.07
C GLY B 310 5.39 -1.77 29.18
N PHE B 311 5.44 -0.44 29.02
CA PHE B 311 4.43 0.23 28.24
C PHE B 311 4.79 0.29 26.78
N LEU B 312 6.08 0.16 26.47
CA LEU B 312 6.48 -0.08 25.08
C LEU B 312 5.92 -1.42 24.66
N LEU B 313 5.95 -2.36 25.61
CA LEU B 313 5.38 -3.67 25.43
C LEU B 313 3.85 -3.64 25.34
N MET B 314 3.26 -2.65 26.01
CA MET B 314 1.81 -2.47 26.04
C MET B 314 1.29 -1.84 24.75
N LEU B 315 2.14 -1.08 24.06
CA LEU B 315 1.78 -0.51 22.78
C LEU B 315 1.74 -1.57 21.66
N LYS B 316 2.67 -2.54 21.72
CA LYS B 316 2.81 -3.57 20.68
C LYS B 316 1.85 -4.74 20.86
N TYR B 317 1.50 -5.06 22.09
CA TYR B 317 0.56 -6.14 22.33
C TYR B 317 -0.67 -5.61 23.09
N PRO B 318 -1.47 -4.76 22.42
CA PRO B 318 -2.58 -4.09 23.12
C PRO B 318 -3.59 -5.05 23.76
N HIS B 319 -3.70 -6.25 23.20
CA HIS B 319 -4.64 -7.26 23.67
C HIS B 319 -4.22 -7.78 25.02
N VAL B 320 -2.93 -7.74 25.26
CA VAL B 320 -2.38 -8.15 26.55
C VAL B 320 -2.80 -7.11 27.59
N ALA B 321 -2.72 -5.83 27.20
CA ALA B 321 -3.14 -4.70 28.01
C ALA B 321 -4.62 -4.79 28.35
N GLU B 322 -5.41 -5.13 27.36
CA GLU B 322 -6.84 -5.19 27.49
C GLU B 322 -7.27 -6.27 28.42
N LYS B 323 -6.52 -7.35 28.44
CA LYS B 323 -6.93 -8.46 29.26
C LYS B 323 -6.53 -8.17 30.65
N VAL B 324 -5.77 -7.10 30.83
CA VAL B 324 -5.33 -6.70 32.15
C VAL B 324 -6.44 -5.91 32.85
N GLN B 325 -6.81 -4.80 32.26
CA GLN B 325 -7.93 -4.02 32.72
C GLN B 325 -9.07 -4.95 33.13
N LYS B 326 -9.49 -5.81 32.22
CA LYS B 326 -10.50 -6.78 32.52
C LYS B 326 -10.20 -7.41 33.84
N GLU B 327 -8.94 -7.52 34.18
CA GLU B 327 -8.60 -8.18 35.42
C GLU B 327 -8.63 -7.16 36.50
N ILE B 328 -8.32 -5.95 36.13
CA ILE B 328 -8.33 -4.81 37.06
C ILE B 328 -9.75 -4.48 37.45
N ASP B 329 -10.61 -4.39 36.44
CA ASP B 329 -11.99 -4.03 36.65
C ASP B 329 -12.72 -5.06 37.51
N GLN B 330 -12.46 -6.35 37.25
CA GLN B 330 -13.12 -7.43 37.98
C GLN B 330 -12.66 -7.50 39.44
N VAL B 331 -11.35 -7.43 39.65
CA VAL B 331 -10.77 -7.56 40.99
C VAL B 331 -10.74 -6.21 41.73
N ILE B 332 -10.53 -5.12 41.00
CA ILE B 332 -10.39 -3.80 41.64
C ILE B 332 -11.58 -2.90 41.39
N GLY B 333 -11.99 -2.74 40.13
CA GLY B 333 -13.08 -1.84 39.85
C GLY B 333 -12.55 -0.48 39.45
N SER B 334 -13.40 0.53 39.57
CA SER B 334 -13.04 1.89 39.27
C SER B 334 -13.07 2.67 40.54
N HIS B 335 -13.39 1.97 41.62
CA HIS B 335 -13.56 2.60 42.93
C HIS B 335 -12.38 3.26 43.64
N ARG B 336 -11.44 2.45 44.12
CA ARG B 336 -10.35 2.94 44.90
C ARG B 336 -8.98 2.79 44.27
N LEU B 337 -7.98 2.71 45.12
CA LEU B 337 -6.64 2.58 44.65
C LEU B 337 -6.29 1.12 44.85
N PRO B 338 -5.63 0.53 43.86
CA PRO B 338 -5.24 -0.88 43.93
C PRO B 338 -4.32 -1.15 45.10
N THR B 339 -4.32 -2.38 45.59
CA THR B 339 -3.51 -2.75 46.73
C THR B 339 -2.63 -3.97 46.46
N LEU B 340 -1.66 -4.19 47.35
CA LEU B 340 -0.77 -5.34 47.29
C LEU B 340 -1.57 -6.61 47.50
N GLU B 341 -2.71 -6.46 48.16
CA GLU B 341 -3.60 -7.58 48.42
C GLU B 341 -4.20 -8.12 47.10
N ASP B 342 -4.41 -7.19 46.17
CA ASP B 342 -5.02 -7.47 44.88
C ASP B 342 -4.17 -8.28 43.94
N ARG B 343 -2.86 -8.25 44.15
CA ARG B 343 -1.94 -8.95 43.27
C ARG B 343 -2.12 -10.45 43.43
N THR B 344 -2.43 -10.85 44.67
CA THR B 344 -2.71 -12.23 45.01
C THR B 344 -3.93 -12.76 44.28
N LYS B 345 -4.82 -11.84 43.90
CA LYS B 345 -6.04 -12.23 43.21
C LYS B 345 -6.09 -11.72 41.78
N MET B 346 -4.94 -11.37 41.21
CA MET B 346 -4.88 -10.94 39.82
C MET B 346 -3.78 -11.72 39.08
N PRO B 347 -3.96 -13.05 38.94
CA PRO B 347 -2.87 -13.90 38.44
C PRO B 347 -2.35 -13.48 37.07
N TYR B 348 -3.23 -12.97 36.22
CA TYR B 348 -2.80 -12.63 34.89
C TYR B 348 -1.87 -11.41 34.90
N THR B 349 -2.30 -10.34 35.56
CA THR B 349 -1.47 -9.13 35.64
C THR B 349 -0.10 -9.40 36.27
N ASP B 350 -0.08 -10.24 37.29
CA ASP B 350 1.15 -10.64 37.92
C ASP B 350 2.10 -11.25 36.89
N ALA B 351 1.51 -12.08 36.03
CA ALA B 351 2.20 -12.72 34.93
C ALA B 351 2.68 -11.71 33.90
N VAL B 352 1.86 -10.70 33.61
CA VAL B 352 2.22 -9.69 32.63
C VAL B 352 3.46 -8.97 33.16
N ILE B 353 3.43 -8.74 34.45
CA ILE B 353 4.53 -8.10 35.16
C ILE B 353 5.80 -8.97 35.17
N HIS B 354 5.66 -10.26 35.50
CA HIS B 354 6.79 -11.19 35.41
C HIS B 354 7.42 -11.19 34.02
N GLU B 355 6.59 -11.30 32.99
CA GLU B 355 7.04 -11.42 31.60
C GLU B 355 7.66 -10.10 31.13
N ILE B 356 7.21 -8.99 31.70
CA ILE B 356 7.83 -7.71 31.40
C ILE B 356 9.26 -7.70 31.94
N GLN B 357 9.43 -8.24 33.13
CA GLN B 357 10.75 -8.33 33.75
C GLN B 357 11.69 -9.32 33.03
N ARG B 358 11.13 -10.43 32.56
CA ARG B 358 11.91 -11.45 31.84
C ARG B 358 12.41 -10.93 30.49
N PHE B 359 11.55 -10.23 29.78
CA PHE B 359 11.87 -9.72 28.47
C PHE B 359 12.83 -8.52 28.54
N SER B 360 12.51 -7.56 29.39
CA SER B 360 13.27 -6.35 29.50
C SER B 360 14.67 -6.57 30.02
N ASP B 361 14.88 -7.57 30.83
CA ASP B 361 16.20 -8.00 31.05
C ASP B 361 17.12 -6.85 31.39
N LEU B 362 16.88 -6.19 32.50
CA LEU B 362 17.66 -5.03 32.91
C LEU B 362 19.12 -5.31 33.06
N ALA B 363 19.43 -6.40 33.71
CA ALA B 363 20.83 -6.78 33.90
C ALA B 363 21.19 -8.05 33.13
N PRO B 364 21.52 -7.94 31.86
CA PRO B 364 21.78 -9.12 31.04
C PRO B 364 22.89 -9.93 31.62
N ILE B 365 23.84 -9.28 32.23
CA ILE B 365 24.89 -10.00 32.86
C ILE B 365 24.88 -9.97 34.33
N GLY B 366 23.94 -9.36 34.96
CA GLY B 366 23.98 -9.43 36.38
C GLY B 366 25.14 -8.57 36.72
N ALA B 367 25.54 -8.54 37.97
CA ALA B 367 26.63 -7.70 38.35
C ALA B 367 27.76 -8.59 38.71
N PRO B 368 28.96 -8.10 38.54
CA PRO B 368 30.17 -8.87 38.80
C PRO B 368 30.36 -9.36 40.23
N HIS B 369 30.53 -10.66 40.34
CA HIS B 369 30.82 -11.35 41.57
C HIS B 369 32.27 -11.77 41.57
N LYS B 370 32.69 -12.48 42.60
CA LYS B 370 34.00 -13.12 42.64
C LYS B 370 34.02 -14.16 43.73
N VAL B 371 34.88 -15.17 43.63
CA VAL B 371 34.88 -16.17 44.67
C VAL B 371 35.73 -15.64 45.82
N THR B 372 35.24 -15.86 47.03
CA THR B 372 35.87 -15.29 48.22
C THR B 372 37.04 -16.15 48.69
N LYS B 373 37.12 -17.33 48.12
CA LYS B 373 38.11 -18.32 48.47
C LYS B 373 38.36 -19.24 47.28
N ASP B 374 39.47 -19.97 47.30
CA ASP B 374 39.73 -21.01 46.31
C ASP B 374 38.50 -21.90 46.30
N THR B 375 37.92 -22.04 45.11
CA THR B 375 36.61 -22.68 44.98
C THR B 375 36.74 -23.72 43.89
N LEU B 376 36.19 -24.91 44.15
CA LEU B 376 36.17 -25.96 43.16
C LEU B 376 34.76 -26.02 42.58
N PHE B 377 34.67 -25.90 41.27
CA PHE B 377 33.38 -25.81 40.59
C PHE B 377 33.48 -26.62 39.31
N ARG B 378 32.61 -27.62 39.21
CA ARG B 378 32.58 -28.53 38.07
C ARG B 378 33.98 -28.98 37.66
N GLY B 379 34.82 -29.30 38.63
CA GLY B 379 36.12 -29.83 38.30
C GLY B 379 37.14 -28.77 37.97
N TYR B 380 36.69 -27.52 37.92
CA TYR B 380 37.61 -26.41 37.71
C TYR B 380 38.01 -25.80 39.08
N LEU B 381 39.22 -25.25 39.17
CA LEU B 381 39.64 -24.55 40.39
C LEU B 381 39.74 -23.05 40.13
N LEU B 382 38.85 -22.30 40.76
CA LEU B 382 38.82 -20.84 40.66
C LEU B 382 39.48 -20.27 41.89
N PRO B 383 40.68 -19.72 41.73
CA PRO B 383 41.47 -19.13 42.82
C PRO B 383 40.70 -18.02 43.51
N LYS B 384 41.07 -17.71 44.75
CA LYS B 384 40.44 -16.64 45.51
C LYS B 384 40.43 -15.35 44.71
N ASN B 385 39.27 -14.68 44.72
CA ASN B 385 39.04 -13.37 44.05
C ASN B 385 38.95 -13.45 42.51
N THR B 386 38.78 -14.66 41.99
CA THR B 386 38.50 -14.80 40.58
C THR B 386 37.13 -14.21 40.34
N GLU B 387 37.04 -13.26 39.42
CA GLU B 387 35.75 -12.65 39.11
C GLU B 387 34.81 -13.58 38.36
N VAL B 388 33.52 -13.38 38.56
CA VAL B 388 32.50 -14.27 38.05
C VAL B 388 31.32 -13.46 37.55
N TYR B 389 30.91 -13.70 36.31
CA TYR B 389 29.72 -13.09 35.78
C TYR B 389 28.63 -14.11 35.69
N PRO B 390 27.59 -13.99 36.52
CA PRO B 390 26.39 -14.81 36.27
C PRO B 390 25.53 -14.13 35.23
N ILE B 391 25.50 -14.69 34.02
CA ILE B 391 24.80 -14.06 32.92
C ILE B 391 23.30 -14.36 33.06
N LEU B 392 22.64 -13.53 33.87
CA LEU B 392 21.23 -13.67 34.21
C LEU B 392 20.35 -13.69 32.98
N SER B 393 20.76 -12.99 31.92
CA SER B 393 20.00 -13.00 30.67
C SER B 393 19.82 -14.41 30.14
N SER B 394 20.83 -15.27 30.33
CA SER B 394 20.75 -16.67 29.85
C SER B 394 19.79 -17.50 30.72
N ALA B 395 19.47 -17.01 31.91
CA ALA B 395 18.46 -17.66 32.75
C ALA B 395 17.07 -17.19 32.36
N LEU B 396 16.92 -15.88 32.18
CA LEU B 396 15.63 -15.30 31.84
C LEU B 396 15.13 -15.78 30.48
N HIS B 397 16.06 -16.08 29.58
CA HIS B 397 15.67 -16.57 28.26
C HIS B 397 16.02 -18.05 28.16
N ASP B 398 16.03 -18.75 29.27
CA ASP B 398 16.47 -20.14 29.25
C ASP B 398 15.42 -21.01 28.53
N PRO B 399 15.83 -21.62 27.39
CA PRO B 399 14.89 -22.44 26.59
C PRO B 399 14.41 -23.65 27.39
N GLN B 400 15.20 -24.03 28.38
CA GLN B 400 14.85 -25.17 29.23
C GLN B 400 13.70 -24.81 30.17
N TYR B 401 13.33 -23.54 30.19
CA TYR B 401 12.23 -23.11 31.06
C TYR B 401 11.14 -22.29 30.37
N PHE B 402 11.48 -21.72 29.21
CA PHE B 402 10.52 -20.86 28.54
C PHE B 402 10.34 -21.29 27.09
N GLU B 403 9.08 -21.51 26.71
CA GLU B 403 8.77 -22.11 25.42
C GLU B 403 9.31 -21.26 24.25
N GLN B 404 8.99 -19.97 24.25
CA GLN B 404 9.44 -19.10 23.18
C GLN B 404 10.15 -17.88 23.77
N PRO B 405 11.40 -18.09 24.23
CA PRO B 405 12.15 -17.13 25.06
C PRO B 405 12.49 -15.83 24.35
N GLY B 406 12.51 -15.81 23.03
CA GLY B 406 12.78 -14.58 22.33
C GLY B 406 11.52 -13.73 22.19
N THR B 407 10.38 -14.27 22.62
CA THR B 407 9.09 -13.59 22.39
C THR B 407 8.47 -13.06 23.68
N PHE B 408 7.71 -11.96 23.59
CA PHE B 408 6.96 -11.50 24.75
C PHE B 408 5.65 -12.27 24.84
N ASN B 409 5.54 -13.16 25.82
CA ASN B 409 4.31 -13.92 25.97
C ASN B 409 4.06 -14.29 27.42
N PRO B 410 3.06 -13.65 28.04
CA PRO B 410 2.68 -13.81 29.45
C PRO B 410 2.40 -15.25 29.85
N ASP B 411 2.05 -16.12 28.91
CA ASP B 411 1.77 -17.51 29.26
C ASP B 411 2.99 -18.20 29.80
N HIS B 412 4.16 -17.58 29.63
CA HIS B 412 5.37 -18.14 30.19
C HIS B 412 5.25 -18.28 31.70
N PHE B 413 4.32 -17.53 32.30
CA PHE B 413 4.21 -17.51 33.74
C PHE B 413 2.80 -17.85 34.16
N LEU B 414 2.04 -18.38 33.21
CA LEU B 414 0.70 -18.87 33.49
C LEU B 414 0.67 -20.37 33.26
N ASP B 415 -0.04 -21.09 34.13
CA ASP B 415 -0.24 -22.50 33.88
C ASP B 415 -1.50 -22.71 33.04
N ALA B 416 -1.82 -23.95 32.76
CA ALA B 416 -2.85 -24.34 31.83
C ALA B 416 -4.21 -23.85 32.26
N ASN B 417 -4.30 -23.45 33.51
CA ASN B 417 -5.57 -23.06 34.07
C ASN B 417 -5.90 -21.60 33.90
N GLY B 418 -4.99 -20.76 34.38
CA GLY B 418 -5.14 -19.32 34.34
C GLY B 418 -4.44 -18.70 35.52
N ALA B 419 -3.75 -19.52 36.29
CA ALA B 419 -3.11 -19.09 37.52
C ALA B 419 -1.70 -18.66 37.24
N LEU B 420 -0.99 -18.25 38.27
CA LEU B 420 0.40 -17.80 38.16
C LEU B 420 1.39 -18.97 38.30
N LYS B 421 2.29 -19.10 37.32
CA LYS B 421 3.30 -20.15 37.35
C LYS B 421 4.71 -19.63 37.67
N LYS B 422 5.22 -19.94 38.86
CA LYS B 422 6.58 -19.55 39.26
C LYS B 422 7.64 -20.33 38.48
N SER B 423 8.88 -19.81 38.46
CA SER B 423 9.97 -20.44 37.73
C SER B 423 11.34 -20.18 38.29
N GLU B 424 12.12 -21.25 38.44
CA GLU B 424 13.50 -21.15 38.88
C GLU B 424 14.37 -20.39 37.88
N ALA B 425 13.86 -20.20 36.65
CA ALA B 425 14.61 -19.46 35.66
C ALA B 425 14.39 -17.96 35.83
N PHE B 426 13.34 -17.60 36.55
CA PHE B 426 13.06 -16.19 36.77
C PHE B 426 13.97 -15.57 37.83
N MET B 427 15.09 -14.99 37.41
CA MET B 427 16.03 -14.31 38.31
C MET B 427 16.44 -12.88 37.92
N PRO B 428 15.47 -11.99 37.69
CA PRO B 428 15.89 -10.64 37.30
C PRO B 428 16.60 -9.89 38.46
N PHE B 429 16.36 -10.36 39.67
CA PHE B 429 16.95 -9.75 40.85
C PHE B 429 18.17 -10.54 41.29
N SER B 430 18.63 -11.43 40.41
CA SER B 430 19.69 -12.39 40.73
C SER B 430 19.24 -13.40 41.80
N ILE B 431 20.21 -14.02 42.45
CA ILE B 431 19.92 -15.09 43.38
C ILE B 431 21.11 -15.26 44.32
N GLY B 432 20.93 -16.01 45.41
CA GLY B 432 22.04 -16.20 46.35
C GLY B 432 22.14 -15.07 47.37
N LYS B 433 23.29 -14.94 48.04
CA LYS B 433 23.43 -13.95 49.13
C LYS B 433 23.40 -12.50 48.66
N ARG B 434 23.61 -12.29 47.37
CA ARG B 434 23.61 -10.95 46.81
C ARG B 434 22.27 -10.57 46.18
N ILE B 435 21.23 -11.38 46.37
CA ILE B 435 19.99 -11.05 45.71
C ILE B 435 19.56 -9.63 46.11
N CYS B 436 19.04 -8.91 45.13
CA CYS B 436 18.68 -7.51 45.24
C CYS B 436 17.95 -7.14 46.54
N LEU B 437 18.51 -6.19 47.27
CA LEU B 437 17.95 -5.76 48.56
C LEU B 437 16.56 -5.18 48.36
N GLY B 438 16.34 -4.58 47.19
CA GLY B 438 15.08 -3.95 46.87
C GLY B 438 14.10 -4.78 46.05
N GLU B 439 14.27 -6.10 46.07
CA GLU B 439 13.38 -6.96 45.30
C GLU B 439 11.94 -6.67 45.64
N GLY B 440 11.65 -6.73 46.93
CA GLY B 440 10.31 -6.50 47.41
C GLY B 440 9.78 -5.16 46.96
N ILE B 441 10.55 -4.12 47.24
CA ILE B 441 10.13 -2.76 46.91
C ILE B 441 9.88 -2.55 45.43
N ALA B 442 10.73 -3.13 44.60
CA ALA B 442 10.60 -2.97 43.16
C ALA B 442 9.32 -3.60 42.65
N ARG B 443 9.05 -4.83 43.09
CA ARG B 443 7.87 -5.58 42.66
C ARG B 443 6.62 -4.82 43.03
N ASN B 444 6.59 -4.34 44.27
CA ASN B 444 5.44 -3.56 44.74
C ASN B 444 5.25 -2.28 43.93
N GLU B 445 6.34 -1.55 43.69
CA GLU B 445 6.27 -0.33 42.85
C GLU B 445 5.75 -0.74 41.47
N LEU B 446 6.30 -1.85 40.99
CA LEU B 446 5.99 -2.36 39.67
C LEU B 446 4.51 -2.67 39.58
N PHE B 447 4.03 -3.49 40.50
CA PHE B 447 2.64 -3.90 40.47
C PHE B 447 1.71 -2.70 40.59
N LEU B 448 1.88 -1.91 41.66
CA LEU B 448 1.01 -0.75 41.94
C LEU B 448 1.07 0.37 40.89
N PHE B 449 2.25 0.72 40.40
CA PHE B 449 2.29 1.78 39.39
C PHE B 449 1.62 1.32 38.10
N PHE B 450 1.88 0.07 37.72
CA PHE B 450 1.34 -0.49 36.49
C PHE B 450 -0.17 -0.59 36.54
N THR B 451 -0.66 -1.25 37.57
CA THR B 451 -2.06 -1.55 37.71
C THR B 451 -2.91 -0.27 37.89
N THR B 452 -2.37 0.73 38.56
CA THR B 452 -3.08 2.01 38.75
C THR B 452 -3.15 2.79 37.45
N ILE B 453 -2.08 2.74 36.65
CA ILE B 453 -2.05 3.45 35.36
C ILE B 453 -3.05 2.84 34.35
N LEU B 454 -3.12 1.51 34.31
CA LEU B 454 -4.01 0.82 33.37
C LEU B 454 -5.45 0.79 33.86
N GLN B 455 -5.64 0.98 35.16
CA GLN B 455 -6.97 1.18 35.75
C GLN B 455 -7.61 2.44 35.19
N ASN B 456 -6.82 3.51 35.11
CA ASN B 456 -7.30 4.84 34.81
C ASN B 456 -7.12 5.28 33.38
N PHE B 457 -6.18 4.62 32.69
CA PHE B 457 -5.85 5.03 31.33
C PHE B 457 -5.78 3.84 30.38
N SER B 458 -5.91 4.16 29.09
CA SER B 458 -5.52 3.25 28.03
C SER B 458 -4.39 3.89 27.23
N VAL B 459 -3.67 3.07 26.48
CA VAL B 459 -2.46 3.56 25.82
C VAL B 459 -2.55 3.45 24.31
N SER B 460 -1.93 4.40 23.62
CA SER B 460 -1.99 4.47 22.18
C SER B 460 -0.82 5.21 21.62
N SER B 461 -0.50 4.95 20.35
CA SER B 461 0.66 5.55 19.75
C SER B 461 0.31 6.05 18.38
N SER B 462 0.98 7.12 17.99
CA SER B 462 0.89 7.59 16.63
C SER B 462 1.32 6.50 15.71
N VAL B 463 2.06 5.56 16.25
CA VAL B 463 2.79 4.59 15.47
C VAL B 463 2.33 3.18 15.68
N ALA B 464 2.10 2.51 14.59
CA ALA B 464 1.46 1.23 14.60
C ALA B 464 2.24 0.15 15.34
N PRO B 465 1.50 -0.71 15.99
CA PRO B 465 2.00 -1.84 16.77
C PRO B 465 2.98 -2.82 16.08
N LYS B 466 2.90 -2.99 14.76
CA LYS B 466 3.77 -3.93 14.09
C LYS B 466 5.12 -3.27 13.89
N ASP B 467 5.11 -1.94 13.96
CA ASP B 467 6.33 -1.15 13.76
C ASP B 467 6.98 -0.80 15.09
N ILE B 468 6.40 -1.32 16.18
CA ILE B 468 7.01 -1.13 17.49
C ILE B 468 8.31 -1.91 17.65
N ASP B 469 9.33 -1.12 17.99
CA ASP B 469 10.73 -1.51 18.05
C ASP B 469 11.12 -1.92 19.47
N LEU B 470 11.41 -3.19 19.66
CA LEU B 470 11.76 -3.71 20.98
C LEU B 470 13.28 -3.81 21.17
N SER B 471 14.04 -3.37 20.17
CA SER B 471 15.50 -3.33 20.28
C SER B 471 15.98 -2.41 21.39
N PRO B 472 16.92 -2.89 22.22
CA PRO B 472 17.45 -2.00 23.26
C PRO B 472 18.24 -0.89 22.59
N LYS B 473 18.18 0.35 23.10
CA LYS B 473 18.97 1.41 22.50
C LYS B 473 20.39 1.35 23.04
N GLU B 474 20.51 0.69 24.19
CA GLU B 474 21.81 0.39 24.77
C GLU B 474 21.71 -0.94 25.49
N SER B 475 22.73 -1.79 25.30
CA SER B 475 22.88 -3.07 26.01
C SER B 475 24.31 -3.31 26.52
N GLY B 476 24.42 -3.48 27.83
CA GLY B 476 25.70 -3.56 28.52
C GLY B 476 25.45 -3.92 29.97
N ILE B 477 26.07 -3.23 30.91
CA ILE B 477 25.80 -3.53 32.32
C ILE B 477 24.29 -3.34 32.63
N GLY B 478 23.61 -2.51 31.80
CA GLY B 478 22.16 -2.39 31.80
C GLY B 478 21.56 -2.44 30.39
N LYS B 479 20.24 -2.60 30.32
CA LYS B 479 19.49 -2.62 29.07
C LYS B 479 18.41 -1.52 29.11
N VAL B 480 18.42 -0.63 28.10
CA VAL B 480 17.64 0.63 28.02
C VAL B 480 16.86 0.72 26.72
N PRO B 481 15.54 1.02 26.81
CA PRO B 481 14.66 0.90 25.62
C PRO B 481 14.94 1.94 24.55
N GLN B 482 14.36 1.76 23.37
CA GLN B 482 14.28 2.86 22.39
C GLN B 482 13.39 3.99 22.94
N THR B 483 13.74 5.21 22.60
CA THR B 483 12.91 6.34 22.97
C THR B 483 11.60 6.27 22.20
N TYR B 484 10.49 6.56 22.87
CA TYR B 484 9.21 6.57 22.19
C TYR B 484 8.31 7.58 22.89
N GLN B 485 7.20 7.91 22.23
CA GLN B 485 6.17 8.77 22.81
C GLN B 485 4.86 8.01 22.93
N ILE B 486 4.07 8.34 23.93
CA ILE B 486 2.84 7.61 24.21
C ILE B 486 1.75 8.54 24.77
N SER B 487 0.49 8.18 24.51
CA SER B 487 -0.66 8.95 24.97
C SER B 487 -1.52 8.20 26.01
N PHE B 488 -1.83 8.89 27.10
CA PHE B 488 -2.71 8.33 28.12
C PHE B 488 -4.07 9.01 28.00
N LEU B 489 -5.07 8.24 27.60
CA LEU B 489 -6.42 8.78 27.43
C LEU B 489 -7.35 8.11 28.43
N ALA B 490 -8.13 8.91 29.15
CA ALA B 490 -9.03 8.36 30.15
C ALA B 490 -10.07 7.43 29.54
N ARG B 491 -10.43 6.39 30.28
CA ARG B 491 -11.40 5.40 29.82
C ARG B 491 -12.67 5.41 30.68
N GLY C 28 -39.57 -12.19 55.90
CA GLY C 28 -39.76 -13.21 54.89
C GLY C 28 -38.64 -13.23 53.85
N HIS C 29 -38.70 -14.20 52.93
CA HIS C 29 -37.64 -14.37 51.95
C HIS C 29 -38.09 -14.26 50.48
N LEU C 30 -39.32 -14.63 50.14
CA LEU C 30 -39.79 -14.35 48.78
C LEU C 30 -40.13 -12.84 48.70
N PRO C 31 -40.00 -12.23 47.51
CA PRO C 31 -40.34 -10.81 47.37
C PRO C 31 -41.77 -10.53 47.86
N PRO C 32 -42.04 -9.29 48.31
CA PRO C 32 -43.33 -9.08 48.96
C PRO C 32 -44.53 -9.17 48.00
N GLY C 33 -45.72 -9.30 48.57
CA GLY C 33 -46.92 -9.29 47.77
C GLY C 33 -48.21 -9.58 48.52
N PRO C 34 -49.35 -9.42 47.83
CA PRO C 34 -50.64 -9.59 48.48
C PRO C 34 -50.81 -10.97 49.06
N ARG C 35 -51.29 -11.03 50.30
CA ARG C 35 -51.44 -12.30 50.97
C ARG C 35 -52.44 -13.16 50.23
N PRO C 36 -52.03 -14.36 49.90
CA PRO C 36 -52.90 -15.29 49.19
C PRO C 36 -53.81 -16.03 50.14
N LEU C 37 -54.87 -16.54 49.56
CA LEU C 37 -55.85 -17.31 50.27
C LEU C 37 -55.71 -18.77 49.90
N PRO C 38 -56.10 -19.66 50.80
CA PRO C 38 -56.12 -21.09 50.44
C PRO C 38 -56.94 -21.28 49.17
N LEU C 39 -56.47 -22.15 48.26
CA LEU C 39 -57.19 -22.51 47.04
C LEU C 39 -57.22 -21.39 46.00
N LEU C 40 -57.65 -20.20 46.39
CA LEU C 40 -57.85 -19.09 45.46
C LEU C 40 -56.56 -18.37 45.10
N GLY C 41 -55.52 -18.60 45.88
CA GLY C 41 -54.28 -17.88 45.72
C GLY C 41 -54.58 -16.40 45.84
N ASN C 42 -54.10 -15.62 44.87
CA ASN C 42 -54.38 -14.20 44.83
C ASN C 42 -55.49 -13.84 43.84
N LEU C 43 -56.47 -14.74 43.69
CA LEU C 43 -57.58 -14.46 42.79
C LEU C 43 -58.21 -13.08 43.08
N LEU C 44 -58.35 -12.72 44.37
CA LEU C 44 -58.99 -11.43 44.70
C LEU C 44 -58.27 -10.25 44.14
N GLN C 45 -56.98 -10.41 43.86
CA GLN C 45 -56.28 -9.27 43.32
C GLN C 45 -56.18 -9.43 41.84
N MET C 46 -56.85 -10.45 41.30
CA MET C 46 -56.80 -10.60 39.85
C MET C 46 -57.92 -9.75 39.29
N ASP C 47 -57.71 -9.41 38.07
CA ASP C 47 -58.50 -8.48 37.42
C ASP C 47 -58.88 -9.23 36.21
N ARG C 48 -60.13 -9.00 35.81
CA ARG C 48 -60.74 -9.68 34.68
C ARG C 48 -60.10 -9.18 33.41
N GLY C 49 -59.45 -8.02 33.49
CA GLY C 49 -58.80 -7.50 32.33
C GLY C 49 -57.62 -8.30 31.84
N GLY C 50 -57.16 -9.25 32.62
CA GLY C 50 -56.07 -10.11 32.21
C GLY C 50 -54.84 -10.06 33.06
N PHE C 51 -53.94 -11.01 32.94
CA PHE C 51 -52.74 -11.06 33.78
C PHE C 51 -51.94 -9.76 33.80
N LEU C 52 -51.72 -9.15 32.63
CA LEU C 52 -50.85 -7.99 32.55
C LEU C 52 -51.39 -6.79 33.34
N ASN C 53 -52.67 -6.51 33.18
CA ASN C 53 -53.33 -5.41 33.87
C ASN C 53 -53.39 -5.67 35.37
N SER C 54 -53.63 -6.92 35.73
CA SER C 54 -53.63 -7.28 37.14
C SER C 54 -52.25 -7.05 37.72
N PHE C 55 -51.22 -7.54 37.05
CA PHE C 55 -49.89 -7.48 37.62
C PHE C 55 -49.48 -6.04 37.72
N MET C 56 -49.91 -5.25 36.75
CA MET C 56 -49.57 -3.83 36.73
C MET C 56 -50.14 -3.10 37.95
N ARG C 57 -51.33 -3.49 38.39
CA ARG C 57 -51.93 -2.84 39.56
C ARG C 57 -51.26 -3.29 40.86
N ILE C 58 -51.04 -4.60 41.01
CA ILE C 58 -50.34 -5.09 42.17
C ILE C 58 -48.96 -4.41 42.24
N ARG C 59 -48.40 -4.11 41.07
CA ARG C 59 -47.12 -3.47 41.06
C ARG C 59 -47.16 -2.09 41.75
N GLU C 60 -48.24 -1.34 41.56
CA GLU C 60 -48.34 -0.01 42.17
C GLU C 60 -48.11 -0.02 43.68
N LYS C 61 -48.60 -1.07 44.31
CA LYS C 61 -48.58 -1.28 45.73
C LYS C 61 -47.29 -1.92 46.26
N TYR C 62 -46.72 -2.84 45.50
CA TYR C 62 -45.62 -3.60 46.09
C TYR C 62 -44.25 -3.38 45.47
N GLY C 63 -44.15 -2.60 44.40
CA GLY C 63 -42.87 -2.31 43.80
C GLY C 63 -42.53 -3.15 42.56
N ASP C 64 -41.25 -3.09 42.14
CA ASP C 64 -40.82 -3.63 40.86
C ASP C 64 -40.66 -5.13 40.84
N VAL C 65 -40.45 -5.71 42.02
CA VAL C 65 -40.24 -7.13 42.17
C VAL C 65 -41.16 -7.70 43.23
N PHE C 66 -42.10 -8.54 42.83
CA PHE C 66 -43.09 -9.00 43.80
C PHE C 66 -43.64 -10.38 43.53
N THR C 67 -44.28 -10.95 44.53
CA THR C 67 -44.83 -12.29 44.45
C THR C 67 -46.36 -12.30 44.30
N VAL C 68 -46.82 -12.99 43.26
CA VAL C 68 -48.25 -13.27 43.04
C VAL C 68 -48.49 -14.77 43.09
N HIS C 69 -49.46 -15.21 43.88
CA HIS C 69 -49.77 -16.63 43.90
C HIS C 69 -50.79 -16.95 42.79
N LEU C 70 -50.35 -17.77 41.82
CA LEU C 70 -51.20 -18.28 40.76
C LEU C 70 -51.75 -19.62 41.19
N GLY C 71 -53.01 -19.64 41.62
CA GLY C 71 -53.48 -20.75 42.42
C GLY C 71 -52.58 -20.82 43.65
N PRO C 72 -52.13 -22.03 44.01
CA PRO C 72 -51.22 -22.16 45.15
C PRO C 72 -49.76 -21.83 44.80
N ARG C 73 -49.45 -21.64 43.52
CA ARG C 73 -48.05 -21.44 43.12
C ARG C 73 -47.61 -19.99 43.22
N PRO C 74 -46.56 -19.75 44.00
CA PRO C 74 -45.86 -18.46 44.05
C PRO C 74 -45.09 -18.15 42.78
N VAL C 75 -45.31 -16.98 42.23
CA VAL C 75 -44.61 -16.58 41.02
C VAL C 75 -44.03 -15.20 41.18
N VAL C 76 -42.73 -15.06 40.95
CA VAL C 76 -42.08 -13.77 41.09
C VAL C 76 -42.10 -12.96 39.82
N MET C 77 -42.59 -11.73 39.91
CA MET C 77 -42.70 -10.85 38.75
C MET C 77 -41.53 -9.90 38.73
N LEU C 78 -41.00 -9.61 37.54
CA LEU C 78 -39.89 -8.68 37.42
C LEU C 78 -40.28 -7.52 36.54
N TYR C 79 -40.33 -6.32 37.15
CA TYR C 79 -40.75 -5.10 36.44
C TYR C 79 -39.60 -4.13 36.19
N GLY C 80 -39.59 -3.57 34.99
CA GLY C 80 -38.58 -2.59 34.63
C GLY C 80 -37.33 -3.23 34.05
N THR C 81 -36.71 -2.52 33.11
CA THR C 81 -35.47 -2.92 32.48
C THR C 81 -34.41 -3.38 33.48
N GLU C 82 -34.26 -2.63 34.57
CA GLU C 82 -33.20 -2.90 35.56
C GLU C 82 -33.37 -4.22 36.27
N ALA C 83 -34.58 -4.51 36.75
CA ALA C 83 -34.80 -5.74 37.49
C ALA C 83 -34.64 -6.97 36.57
N ILE C 84 -35.14 -6.84 35.34
CA ILE C 84 -35.08 -7.94 34.39
C ILE C 84 -33.63 -8.25 34.05
N ARG C 85 -32.87 -7.22 33.70
CA ARG C 85 -31.46 -7.41 33.44
C ARG C 85 -30.70 -7.87 34.68
N GLU C 86 -31.10 -7.37 35.84
CA GLU C 86 -30.47 -7.74 37.09
C GLU C 86 -30.60 -9.24 37.31
N ALA C 87 -31.72 -9.80 36.86
CA ALA C 87 -31.97 -11.23 37.03
C ALA C 87 -31.38 -12.06 35.89
N LEU C 88 -31.85 -11.79 34.68
CA LEU C 88 -31.58 -12.64 33.53
C LEU C 88 -30.19 -12.48 32.94
N VAL C 89 -29.58 -11.32 33.18
CA VAL C 89 -28.20 -11.07 32.74
C VAL C 89 -27.19 -11.28 33.87
N ASP C 90 -27.38 -10.56 34.98
CA ASP C 90 -26.43 -10.62 36.09
C ASP C 90 -26.50 -11.90 36.93
N GLN C 91 -27.62 -12.64 36.87
CA GLN C 91 -27.60 -13.98 37.44
C GLN C 91 -28.16 -14.96 36.42
N ALA C 92 -27.61 -14.88 35.21
CA ALA C 92 -28.13 -15.61 34.05
C ALA C 92 -28.34 -17.09 34.28
N GLU C 93 -27.44 -17.73 35.00
CA GLU C 93 -27.54 -19.18 35.16
C GLU C 93 -28.66 -19.49 36.13
N ALA C 94 -28.73 -18.68 37.16
CA ALA C 94 -29.71 -18.89 38.20
C ALA C 94 -31.11 -18.75 37.61
N PHE C 95 -31.28 -17.77 36.73
CA PHE C 95 -32.55 -17.50 36.11
C PHE C 95 -32.71 -18.15 34.72
N SER C 96 -31.97 -19.22 34.46
CA SER C 96 -32.02 -19.87 33.14
C SER C 96 -33.03 -21.01 33.06
N GLY C 97 -33.70 -21.30 34.16
CA GLY C 97 -34.70 -22.34 34.19
C GLY C 97 -35.93 -21.92 33.42
N ARG C 98 -36.73 -22.90 33.02
CA ARG C 98 -37.94 -22.66 32.23
C ARG C 98 -39.17 -23.09 33.03
N GLY C 99 -40.16 -22.18 33.12
CA GLY C 99 -41.39 -22.45 33.87
C GLY C 99 -42.39 -23.20 33.01
N THR C 100 -43.68 -23.09 33.31
CA THR C 100 -44.69 -23.86 32.58
C THR C 100 -45.87 -22.99 32.13
N ILE C 101 -46.46 -23.34 30.99
CA ILE C 101 -47.71 -22.76 30.55
C ILE C 101 -48.72 -23.90 30.56
N ALA C 102 -49.75 -23.79 31.40
CA ALA C 102 -50.66 -24.90 31.71
C ALA C 102 -51.42 -25.43 30.49
N VAL C 103 -51.68 -24.54 29.55
CA VAL C 103 -52.57 -24.88 28.45
C VAL C 103 -51.87 -25.66 27.30
N ILE C 104 -50.55 -25.59 27.23
CA ILE C 104 -49.82 -26.30 26.20
C ILE C 104 -49.01 -27.43 26.80
N LYS C 105 -49.06 -27.57 28.11
CA LYS C 105 -48.34 -28.63 28.77
C LYS C 105 -48.81 -30.06 28.45
N PRO C 106 -50.13 -30.29 28.28
CA PRO C 106 -50.55 -31.67 28.01
C PRO C 106 -49.84 -32.29 26.80
N VAL C 107 -49.86 -31.59 25.66
CA VAL C 107 -49.25 -32.01 24.41
C VAL C 107 -47.72 -31.82 24.41
N ILE C 108 -47.27 -30.64 24.81
CA ILE C 108 -45.86 -30.27 24.60
C ILE C 108 -44.95 -30.68 25.77
N GLY C 109 -45.52 -30.63 26.97
CA GLY C 109 -44.79 -30.98 28.18
C GLY C 109 -43.52 -30.16 28.29
N ASP C 110 -42.40 -30.79 28.56
CA ASP C 110 -41.16 -30.07 28.76
C ASP C 110 -40.10 -30.62 27.79
N TYR C 111 -40.56 -31.03 26.59
CA TYR C 111 -39.72 -31.56 25.52
C TYR C 111 -39.33 -30.50 24.50
N GLY C 112 -38.36 -30.83 23.67
CA GLY C 112 -37.86 -29.88 22.69
C GLY C 112 -36.86 -28.94 23.33
N MET C 113 -36.52 -27.90 22.59
CA MET C 113 -35.58 -26.89 22.98
C MET C 113 -36.17 -25.68 23.66
N ILE C 114 -37.48 -25.54 23.58
CA ILE C 114 -38.11 -24.36 24.13
C ILE C 114 -38.59 -24.61 25.55
N PHE C 115 -39.29 -25.71 25.74
CA PHE C 115 -39.91 -25.92 27.05
C PHE C 115 -39.16 -26.87 27.97
N SER C 116 -37.89 -27.13 27.65
CA SER C 116 -37.06 -28.01 28.47
C SER C 116 -36.18 -27.31 29.50
N ASN C 117 -35.67 -28.11 30.44
CA ASN C 117 -34.76 -27.68 31.46
C ASN C 117 -33.48 -28.51 31.54
N GLY C 118 -32.51 -28.05 32.34
CA GLY C 118 -31.30 -28.81 32.61
C GLY C 118 -30.54 -29.32 31.37
N GLU C 119 -30.09 -30.57 31.45
CA GLU C 119 -29.29 -31.15 30.38
C GLU C 119 -30.04 -31.29 29.08
N ARG C 120 -31.33 -31.60 29.16
CA ARG C 120 -32.11 -31.65 27.93
C ARG C 120 -32.10 -30.31 27.21
N TRP C 121 -32.31 -29.23 27.95
CA TRP C 121 -32.36 -27.93 27.31
C TRP C 121 -31.00 -27.57 26.74
N LYS C 122 -29.94 -27.80 27.51
CA LYS C 122 -28.60 -27.47 27.03
C LYS C 122 -28.27 -28.20 25.71
N VAL C 123 -28.55 -29.50 25.67
CA VAL C 123 -28.28 -30.29 24.47
C VAL C 123 -29.10 -29.80 23.29
N LEU C 124 -30.43 -29.73 23.44
CA LEU C 124 -31.30 -29.44 22.32
C LEU C 124 -31.19 -28.00 21.81
N ARG C 125 -30.90 -27.05 22.72
CA ARG C 125 -30.65 -25.66 22.30
C ARG C 125 -29.35 -25.58 21.47
N ARG C 126 -28.28 -26.19 21.98
CA ARG C 126 -27.00 -26.28 21.26
C ARG C 126 -27.19 -26.96 19.91
N PHE C 127 -27.92 -28.08 19.90
CA PHE C 127 -28.24 -28.78 18.65
C PHE C 127 -28.98 -27.92 17.63
N SER C 128 -30.04 -27.25 18.07
CA SER C 128 -30.89 -26.50 17.14
C SER C 128 -30.15 -25.33 16.57
N LEU C 129 -29.37 -24.70 17.42
CA LEU C 129 -28.59 -23.55 16.99
C LEU C 129 -27.62 -23.92 15.85
N ALA C 130 -26.77 -24.91 16.11
CA ALA C 130 -25.79 -25.38 15.12
C ALA C 130 -26.48 -25.86 13.87
N THR C 131 -27.55 -26.64 14.05
CA THR C 131 -28.27 -27.23 12.93
C THR C 131 -28.96 -26.16 12.09
N MET C 132 -29.59 -25.17 12.73
CA MET C 132 -30.23 -24.14 11.92
C MET C 132 -29.19 -23.37 11.12
N ARG C 133 -28.03 -23.12 11.75
CA ARG C 133 -26.94 -22.47 11.04
C ARG C 133 -26.32 -23.31 9.94
N ASP C 134 -26.32 -24.63 10.08
CA ASP C 134 -25.77 -25.47 9.02
C ASP C 134 -26.63 -25.42 7.79
N PHE C 135 -27.91 -25.12 7.94
CA PHE C 135 -28.78 -25.03 6.77
C PHE C 135 -29.17 -23.59 6.41
N GLY C 136 -28.29 -22.67 6.79
CA GLY C 136 -28.30 -21.32 6.28
C GLY C 136 -28.50 -20.14 7.22
N MET C 137 -28.95 -20.39 8.45
CA MET C 137 -29.31 -19.29 9.33
C MET C 137 -28.11 -18.43 9.63
N GLY C 138 -28.28 -17.12 9.41
CA GLY C 138 -27.21 -16.16 9.60
C GLY C 138 -26.21 -16.16 8.45
N LYS C 139 -26.55 -16.86 7.36
CA LYS C 139 -25.68 -16.96 6.18
C LYS C 139 -26.39 -16.46 4.92
N ARG C 140 -25.60 -16.28 3.86
CA ARG C 140 -26.07 -15.75 2.59
C ARG C 140 -27.25 -16.55 2.07
N SER C 141 -27.18 -17.87 2.24
CA SER C 141 -28.22 -18.77 1.75
C SER C 141 -29.61 -18.41 2.27
N VAL C 142 -29.82 -18.35 3.60
CA VAL C 142 -31.12 -17.94 4.15
C VAL C 142 -31.54 -16.54 3.71
N GLU C 143 -30.59 -15.63 3.55
CA GLU C 143 -30.90 -14.34 2.95
C GLU C 143 -31.49 -14.50 1.54
N ASP C 144 -31.08 -15.53 0.80
CA ASP C 144 -31.59 -15.75 -0.56
C ASP C 144 -33.01 -16.26 -0.57
N ARG C 145 -33.28 -17.19 0.34
CA ARG C 145 -34.62 -17.73 0.48
C ARG C 145 -35.62 -16.69 0.89
N ILE C 146 -35.22 -15.74 1.73
CA ILE C 146 -36.12 -14.66 2.10
C ILE C 146 -36.34 -13.73 0.91
N GLN C 147 -35.27 -13.40 0.18
CA GLN C 147 -35.39 -12.58 -1.03
C GLN C 147 -36.33 -13.21 -2.06
N GLU C 148 -36.13 -14.49 -2.37
CA GLU C 148 -37.00 -15.14 -3.34
C GLU C 148 -38.43 -15.29 -2.82
N GLU C 149 -38.56 -15.47 -1.52
CA GLU C 149 -39.90 -15.55 -0.93
C GLU C 149 -40.53 -14.18 -0.97
N ALA C 150 -39.70 -13.14 -0.81
CA ALA C 150 -40.17 -11.78 -0.92
C ALA C 150 -40.70 -11.55 -2.32
N GLN C 151 -39.94 -11.99 -3.32
CA GLN C 151 -40.37 -11.84 -4.69
C GLN C 151 -41.64 -12.65 -4.97
N CYS C 152 -41.76 -13.83 -4.37
CA CYS C 152 -42.96 -14.64 -4.57
C CYS C 152 -44.17 -13.92 -4.03
N LEU C 153 -43.95 -13.18 -2.94
CA LEU C 153 -45.02 -12.42 -2.32
C LEU C 153 -45.45 -11.27 -3.22
N VAL C 154 -44.47 -10.59 -3.82
CA VAL C 154 -44.77 -9.42 -4.62
C VAL C 154 -45.65 -9.81 -5.79
N GLU C 155 -45.38 -10.96 -6.36
CA GLU C 155 -46.15 -11.44 -7.49
C GLU C 155 -47.61 -11.66 -7.12
N GLU C 156 -47.90 -12.02 -5.87
CA GLU C 156 -49.28 -12.33 -5.47
C GLU C 156 -50.11 -11.08 -5.13
N LEU C 157 -49.44 -10.04 -4.62
CA LEU C 157 -50.17 -8.83 -4.28
C LEU C 157 -50.45 -8.02 -5.54
N GLN C 158 -49.70 -8.31 -6.60
CA GLN C 158 -50.00 -7.71 -7.90
C GLN C 158 -51.26 -8.34 -8.44
N LYS C 159 -51.46 -9.63 -8.16
CA LYS C 159 -52.67 -10.33 -8.58
C LYS C 159 -53.93 -9.81 -7.89
N SER C 160 -53.76 -9.11 -6.79
CA SER C 160 -54.91 -8.56 -6.07
C SER C 160 -55.28 -7.27 -6.81
N GLN C 161 -54.23 -6.61 -7.31
CA GLN C 161 -54.36 -5.39 -8.07
C GLN C 161 -55.17 -4.38 -7.26
N GLY C 162 -54.67 -4.03 -6.09
CA GLY C 162 -55.39 -3.07 -5.27
C GLY C 162 -56.37 -3.70 -4.30
N ALA C 163 -57.14 -4.68 -4.73
CA ALA C 163 -58.19 -5.30 -3.90
C ALA C 163 -57.81 -5.50 -2.42
N PRO C 164 -58.69 -5.03 -1.50
CA PRO C 164 -58.45 -5.15 -0.06
C PRO C 164 -58.45 -6.62 0.36
N LEU C 165 -57.55 -7.00 1.26
CA LEU C 165 -57.43 -8.39 1.69
C LEU C 165 -56.93 -8.50 3.12
N ASP C 166 -57.18 -9.64 3.74
CA ASP C 166 -56.66 -9.94 5.06
C ASP C 166 -55.30 -10.62 4.90
N PRO C 167 -54.24 -9.91 5.28
CA PRO C 167 -52.84 -10.30 5.07
C PRO C 167 -52.32 -11.31 6.09
N THR C 168 -53.22 -11.85 6.91
CA THR C 168 -52.85 -12.82 7.93
C THR C 168 -52.12 -13.99 7.29
N PHE C 169 -52.82 -14.70 6.41
CA PHE C 169 -52.33 -15.92 5.79
C PHE C 169 -51.05 -15.72 4.96
N LEU C 170 -51.01 -14.66 4.16
CA LEU C 170 -49.83 -14.40 3.35
C LEU C 170 -48.62 -14.15 4.23
N PHE C 171 -48.81 -13.39 5.31
CA PHE C 171 -47.72 -13.06 6.25
C PHE C 171 -47.24 -14.29 6.99
N GLN C 172 -48.16 -15.21 7.28
CA GLN C 172 -47.83 -16.55 7.75
C GLN C 172 -47.10 -17.41 6.70
N CYS C 173 -47.58 -17.41 5.47
CA CYS C 173 -46.92 -18.17 4.41
C CYS C 173 -45.44 -17.84 4.31
N ILE C 174 -45.16 -16.55 4.17
CA ILE C 174 -43.82 -16.12 3.86
C ILE C 174 -42.88 -16.40 5.01
N THR C 175 -43.38 -16.37 6.24
CA THR C 175 -42.46 -16.56 7.34
C THR C 175 -42.28 -18.08 7.55
N ALA C 176 -43.37 -18.82 7.47
CA ALA C 176 -43.32 -20.26 7.63
C ALA C 176 -42.41 -20.94 6.62
N ASN C 177 -42.41 -20.47 5.37
CA ASN C 177 -41.60 -21.10 4.34
C ASN C 177 -40.11 -21.04 4.65
N ILE C 178 -39.68 -20.00 5.36
CA ILE C 178 -38.27 -19.88 5.70
C ILE C 178 -37.89 -20.92 6.73
N ILE C 179 -38.76 -21.13 7.74
CA ILE C 179 -38.43 -22.10 8.76
C ILE C 179 -38.67 -23.54 8.26
N CYS C 180 -39.67 -23.70 7.39
CA CYS C 180 -39.99 -24.99 6.78
C CYS C 180 -38.82 -25.49 5.94
N SER C 181 -38.19 -24.58 5.19
CA SER C 181 -37.06 -24.97 4.34
C SER C 181 -35.85 -25.45 5.18
N ILE C 182 -35.72 -24.94 6.40
CA ILE C 182 -34.65 -25.34 7.30
C ILE C 182 -35.04 -26.60 8.09
N VAL C 183 -36.33 -26.78 8.33
CA VAL C 183 -36.80 -27.86 9.17
C VAL C 183 -37.36 -29.04 8.37
N PHE C 184 -38.20 -28.73 7.40
CA PHE C 184 -38.81 -29.74 6.54
C PHE C 184 -38.14 -29.89 5.18
N GLY C 185 -37.20 -29.02 4.86
CA GLY C 185 -36.49 -29.12 3.59
C GLY C 185 -37.18 -28.59 2.34
N GLU C 186 -38.40 -28.07 2.49
CA GLU C 186 -39.18 -27.54 1.36
C GLU C 186 -39.95 -26.28 1.71
N ARG C 187 -40.38 -25.52 0.70
CA ARG C 187 -41.33 -24.44 0.92
C ARG C 187 -42.66 -24.89 0.33
N TYR C 188 -43.71 -24.13 0.56
CA TYR C 188 -45.02 -24.55 0.14
C TYR C 188 -45.73 -23.50 -0.67
N ASP C 189 -46.57 -23.96 -1.59
CA ASP C 189 -47.33 -23.07 -2.43
C ASP C 189 -48.36 -22.38 -1.56
N TYR C 190 -48.71 -21.15 -1.92
CA TYR C 190 -49.67 -20.38 -1.16
C TYR C 190 -51.08 -20.99 -1.22
N LYS C 191 -51.27 -22.04 -2.01
CA LYS C 191 -52.60 -22.63 -2.10
C LYS C 191 -52.61 -24.11 -1.79
N ASP C 192 -51.49 -24.62 -1.30
CA ASP C 192 -51.42 -25.97 -0.77
C ASP C 192 -52.44 -26.13 0.35
N ARG C 193 -53.31 -27.13 0.23
CA ARG C 193 -54.40 -27.32 1.18
C ARG C 193 -53.90 -27.66 2.60
N GLN C 194 -52.89 -28.51 2.68
CA GLN C 194 -52.36 -28.96 3.95
C GLN C 194 -51.55 -27.84 4.61
N PHE C 195 -50.99 -26.97 3.79
CA PHE C 195 -50.29 -25.80 4.30
C PHE C 195 -51.29 -24.78 4.86
N LEU C 196 -52.41 -24.57 4.13
CA LEU C 196 -53.44 -23.67 4.67
C LEU C 196 -53.97 -24.16 6.01
N ARG C 197 -54.23 -25.42 6.12
CA ARG C 197 -54.81 -25.98 7.33
C ARG C 197 -53.89 -25.81 8.54
N LEU C 198 -52.62 -26.13 8.36
CA LEU C 198 -51.61 -25.97 9.41
C LEU C 198 -51.49 -24.52 9.87
N LEU C 199 -51.54 -23.60 8.92
CA LEU C 199 -51.37 -22.20 9.27
C LEU C 199 -52.64 -21.66 9.94
N ASP C 200 -53.81 -22.16 9.54
CA ASP C 200 -55.04 -21.78 10.23
C ASP C 200 -54.97 -22.26 11.68
N LEU C 201 -54.45 -23.46 11.88
CA LEU C 201 -54.33 -24.01 13.22
C LEU C 201 -53.39 -23.17 14.10
N PHE C 202 -52.26 -22.74 13.53
CA PHE C 202 -51.30 -21.94 14.28
C PHE C 202 -51.90 -20.61 14.75
N TYR C 203 -52.62 -19.93 13.86
CA TYR C 203 -53.29 -18.67 14.20
C TYR C 203 -54.32 -18.83 15.32
N ARG C 204 -55.21 -19.78 15.16
CA ARG C 204 -56.28 -20.02 16.11
C ARG C 204 -55.74 -20.48 17.48
N THR C 205 -54.64 -21.23 17.45
CA THR C 205 -54.07 -21.77 18.67
C THR C 205 -53.38 -20.68 19.46
N PHE C 206 -52.67 -19.79 18.76
CA PHE C 206 -51.98 -18.68 19.42
C PHE C 206 -53.00 -17.73 20.05
N SER C 207 -54.09 -17.46 19.33
CA SER C 207 -55.17 -16.63 19.87
C SER C 207 -55.74 -17.30 21.12
N LEU C 208 -56.03 -18.59 21.02
CA LEU C 208 -56.56 -19.31 22.18
C LEU C 208 -55.60 -19.31 23.36
N MET C 209 -54.30 -19.47 23.10
CA MET C 209 -53.30 -19.44 24.17
C MET C 209 -53.35 -18.08 24.85
N SER C 210 -53.62 -17.05 24.05
CA SER C 210 -53.52 -15.69 24.54
C SER C 210 -54.84 -15.18 25.16
N SER C 211 -55.92 -15.96 25.03
CA SER C 211 -57.20 -15.49 25.52
C SER C 211 -57.27 -15.61 27.05
N PHE C 212 -58.18 -14.83 27.63
CA PHE C 212 -58.41 -14.74 29.06
C PHE C 212 -58.64 -16.10 29.70
N SER C 213 -59.29 -16.97 28.96
CA SER C 213 -59.58 -18.33 29.36
C SER C 213 -58.30 -19.14 29.71
N SER C 214 -57.21 -18.93 28.96
CA SER C 214 -55.97 -19.67 29.24
C SER C 214 -55.33 -19.13 30.51
N GLN C 215 -55.54 -17.84 30.75
CA GLN C 215 -55.03 -17.23 31.97
C GLN C 215 -55.77 -17.78 33.17
N VAL C 216 -57.07 -17.95 33.03
CA VAL C 216 -57.85 -18.54 34.11
C VAL C 216 -57.39 -19.98 34.32
N PHE C 217 -57.10 -20.66 33.21
CA PHE C 217 -56.61 -22.04 33.25
C PHE C 217 -55.25 -22.09 33.93
N GLU C 218 -54.45 -21.06 33.66
CA GLU C 218 -53.15 -20.98 34.31
C GLU C 218 -53.31 -20.95 35.85
N LEU C 219 -54.33 -20.23 36.35
CA LEU C 219 -54.57 -20.17 37.80
C LEU C 219 -55.12 -21.48 38.36
N PHE C 220 -56.09 -22.06 37.66
CA PHE C 220 -56.87 -23.15 38.23
C PHE C 220 -56.95 -24.45 37.37
N SER C 221 -55.89 -24.78 36.63
CA SER C 221 -55.91 -25.95 35.76
C SER C 221 -56.31 -27.26 36.44
N GLY C 222 -55.84 -27.47 37.68
CA GLY C 222 -56.14 -28.67 38.45
C GLY C 222 -57.63 -28.93 38.61
N PHE C 223 -58.41 -27.85 38.44
CA PHE C 223 -59.86 -27.85 38.60
C PHE C 223 -60.53 -27.67 37.25
N MET C 224 -60.07 -26.70 36.48
CA MET C 224 -60.68 -26.34 35.20
C MET C 224 -60.50 -27.39 34.09
N LYS C 225 -59.51 -28.27 34.26
CA LYS C 225 -59.21 -29.28 33.25
C LYS C 225 -60.39 -30.26 33.12
N TYR C 226 -61.26 -30.31 34.13
CA TYR C 226 -62.37 -31.25 34.08
C TYR C 226 -63.55 -30.73 33.27
N PHE C 227 -63.45 -29.50 32.79
CA PHE C 227 -64.58 -28.88 32.14
C PHE C 227 -64.18 -28.38 30.79
N PRO C 228 -65.16 -28.21 29.90
CA PRO C 228 -64.89 -27.63 28.58
C PRO C 228 -64.12 -26.31 28.65
N GLY C 229 -63.42 -25.97 27.56
CA GLY C 229 -62.66 -24.75 27.51
C GLY C 229 -61.59 -24.73 26.46
N ALA C 230 -60.99 -23.55 26.30
CA ALA C 230 -59.99 -23.31 25.28
C ALA C 230 -58.88 -24.34 25.37
N HIS C 231 -58.59 -24.82 26.58
CA HIS C 231 -57.49 -25.76 26.77
C HIS C 231 -57.69 -27.07 25.98
N ARG C 232 -58.94 -27.42 25.70
CA ARG C 232 -59.23 -28.68 25.04
C ARG C 232 -59.09 -28.48 23.53
N GLN C 233 -59.48 -27.30 23.07
CA GLN C 233 -59.29 -26.93 21.67
C GLN C 233 -57.81 -26.76 21.36
N ILE C 234 -57.05 -26.30 22.34
CA ILE C 234 -55.63 -26.09 22.15
C ILE C 234 -54.88 -27.41 22.02
N THR C 235 -55.24 -28.38 22.86
CA THR C 235 -54.66 -29.71 22.82
C THR C 235 -54.98 -30.46 21.53
N ARG C 236 -56.21 -30.27 21.05
CA ARG C 236 -56.69 -30.88 19.82
C ARG C 236 -55.92 -30.38 18.62
N ASN C 237 -55.81 -29.07 18.51
CA ASN C 237 -55.05 -28.43 17.44
C ASN C 237 -53.60 -28.86 17.42
N LEU C 238 -52.95 -28.70 18.56
CA LEU C 238 -51.53 -29.00 18.67
C LEU C 238 -51.35 -30.47 18.29
N GLN C 239 -52.33 -31.29 18.63
CA GLN C 239 -52.20 -32.71 18.30
C GLN C 239 -52.29 -32.94 16.77
N GLU C 240 -53.17 -32.22 16.09
CA GLU C 240 -53.28 -32.35 14.64
C GLU C 240 -52.00 -31.90 13.93
N ILE C 241 -51.40 -30.82 14.41
CA ILE C 241 -50.16 -30.34 13.83
C ILE C 241 -49.08 -31.40 14.07
N LEU C 242 -49.11 -32.02 15.24
CA LEU C 242 -48.15 -33.04 15.59
C LEU C 242 -48.32 -34.32 14.73
N ASP C 243 -49.55 -34.59 14.30
CA ASP C 243 -49.80 -35.71 13.41
C ASP C 243 -49.13 -35.46 12.07
N TYR C 244 -49.29 -34.25 11.54
CA TYR C 244 -48.56 -33.87 10.34
C TYR C 244 -47.03 -34.00 10.52
N VAL C 245 -46.52 -33.57 11.69
CA VAL C 245 -45.09 -33.60 11.96
C VAL C 245 -44.56 -35.05 11.95
N GLY C 246 -45.31 -35.95 12.58
CA GLY C 246 -44.95 -37.35 12.60
C GLY C 246 -44.89 -37.94 11.20
N GLN C 247 -45.89 -37.63 10.39
CA GLN C 247 -45.91 -38.06 9.00
C GLN C 247 -44.66 -37.58 8.30
N SER C 248 -44.31 -36.32 8.51
CA SER C 248 -43.12 -35.76 7.89
C SER C 248 -41.87 -36.48 8.31
N VAL C 249 -41.81 -36.83 9.59
CA VAL C 249 -40.69 -37.55 10.14
C VAL C 249 -40.54 -38.90 9.45
N GLU C 250 -41.66 -39.60 9.21
CA GLU C 250 -41.61 -40.91 8.55
C GLU C 250 -41.30 -40.77 7.07
N LYS C 251 -41.92 -39.78 6.44
CA LYS C 251 -41.60 -39.49 5.07
C LYS C 251 -40.11 -39.15 4.94
N HIS C 252 -39.54 -38.52 5.97
CA HIS C 252 -38.10 -38.23 5.98
C HIS C 252 -37.26 -39.50 6.20
N ARG C 253 -37.77 -40.38 7.06
CA ARG C 253 -37.09 -41.61 7.40
C ARG C 253 -36.98 -42.50 6.13
N ALA C 254 -38.08 -42.60 5.39
CA ALA C 254 -38.16 -43.40 4.18
C ALA C 254 -37.13 -42.97 3.14
N THR C 255 -36.92 -41.67 2.98
CA THR C 255 -35.97 -41.15 1.99
C THR C 255 -34.64 -40.63 2.52
N LEU C 256 -34.23 -41.00 3.73
CA LEU C 256 -33.00 -40.46 4.30
C LEU C 256 -31.69 -40.84 3.56
N ASP C 257 -30.94 -39.86 3.11
CA ASP C 257 -29.59 -40.11 2.59
C ASP C 257 -28.53 -39.62 3.60
N PRO C 258 -27.95 -40.54 4.40
CA PRO C 258 -27.01 -40.29 5.50
C PRO C 258 -25.78 -39.49 5.17
N SER C 259 -25.54 -39.22 3.89
CA SER C 259 -24.37 -38.43 3.52
C SER C 259 -24.78 -37.10 2.92
N ASN C 260 -26.09 -36.94 2.73
CA ASN C 260 -26.58 -35.63 2.37
C ASN C 260 -27.86 -35.34 3.16
N PRO C 261 -27.72 -35.03 4.46
CA PRO C 261 -28.91 -34.59 5.20
C PRO C 261 -29.42 -33.28 4.63
N ARG C 262 -30.71 -33.23 4.29
CA ARG C 262 -31.31 -32.04 3.68
C ARG C 262 -31.72 -30.94 4.68
N ASP C 263 -31.98 -31.31 5.93
CA ASP C 263 -32.59 -30.40 6.90
C ASP C 263 -32.45 -30.83 8.36
N PHE C 264 -33.10 -30.07 9.24
CA PHE C 264 -33.17 -30.32 10.67
C PHE C 264 -33.62 -31.75 10.97
N ILE C 265 -34.68 -32.19 10.30
CA ILE C 265 -35.22 -33.53 10.57
C ILE C 265 -34.19 -34.61 10.24
N ASP C 266 -33.58 -34.51 9.05
CA ASP C 266 -32.53 -35.47 8.65
C ASP C 266 -31.38 -35.47 9.63
N THR C 267 -30.94 -34.27 10.02
CA THR C 267 -29.79 -34.11 10.92
C THR C 267 -30.03 -34.77 12.26
N TYR C 268 -31.26 -34.61 12.73
CA TYR C 268 -31.68 -35.17 14.00
C TYR C 268 -31.72 -36.69 13.91
N LEU C 269 -32.34 -37.21 12.84
CA LEU C 269 -32.36 -38.67 12.63
C LEU C 269 -30.94 -39.28 12.62
N LEU C 270 -30.02 -38.66 11.90
CA LEU C 270 -28.65 -39.14 11.87
C LEU C 270 -28.08 -39.13 13.30
N ARG C 271 -28.40 -38.10 14.07
CA ARG C 271 -27.85 -38.02 15.42
C ARG C 271 -28.52 -39.04 16.31
N MET C 272 -29.74 -39.44 15.96
CA MET C 272 -30.43 -40.49 16.67
C MET C 272 -29.69 -41.80 16.62
N GLU C 273 -29.29 -42.21 15.41
CA GLU C 273 -28.60 -43.48 15.24
C GLU C 273 -27.27 -43.42 15.94
N LYS C 274 -26.61 -42.28 15.82
CA LYS C 274 -25.28 -42.06 16.36
C LYS C 274 -25.27 -42.24 17.88
N GLU C 275 -26.45 -42.12 18.48
CA GLU C 275 -26.60 -42.21 19.91
C GLU C 275 -27.47 -43.42 20.27
N LYS C 276 -27.56 -44.39 19.36
CA LYS C 276 -28.35 -45.60 19.59
C LYS C 276 -27.86 -46.33 20.83
N SER C 277 -26.54 -46.34 20.98
CA SER C 277 -25.86 -46.80 22.17
C SER C 277 -26.42 -46.24 23.48
N ASN C 278 -26.34 -44.91 23.61
CA ASN C 278 -26.74 -44.22 24.84
C ASN C 278 -28.23 -44.33 25.12
N GLN C 279 -28.54 -44.90 26.27
CA GLN C 279 -29.89 -45.21 26.70
C GLN C 279 -30.56 -44.07 27.43
N HIS C 280 -29.80 -43.02 27.68
CA HIS C 280 -30.29 -41.80 28.28
C HIS C 280 -30.11 -40.63 27.33
N THR C 281 -30.02 -40.91 26.03
CA THR C 281 -29.86 -39.83 25.06
C THR C 281 -31.10 -38.94 25.03
N GLU C 282 -30.89 -37.67 24.69
CA GLU C 282 -32.00 -36.75 24.57
C GLU C 282 -32.58 -36.87 23.19
N PHE C 283 -31.83 -37.47 22.27
CA PHE C 283 -32.29 -37.57 20.88
C PHE C 283 -33.18 -38.76 20.62
N HIS C 284 -34.40 -38.69 21.13
CA HIS C 284 -35.37 -39.74 20.92
C HIS C 284 -36.52 -39.18 20.10
N HIS C 285 -37.53 -39.99 19.83
CA HIS C 285 -38.60 -39.59 18.93
C HIS C 285 -39.48 -38.43 19.46
N GLN C 286 -39.84 -38.47 20.73
CA GLN C 286 -40.72 -37.45 21.31
C GLN C 286 -40.01 -36.08 21.28
N ASN C 287 -38.73 -36.06 21.63
CA ASN C 287 -37.98 -34.81 21.57
C ASN C 287 -37.89 -34.31 20.15
N LEU C 288 -37.97 -35.21 19.19
CA LEU C 288 -37.98 -34.80 17.79
C LEU C 288 -39.32 -34.14 17.39
N LEU C 289 -40.43 -34.77 17.76
CA LEU C 289 -41.75 -34.28 17.36
C LEU C 289 -41.94 -32.89 17.99
N ILE C 290 -41.62 -32.79 19.27
CA ILE C 290 -41.86 -31.55 19.99
C ILE C 290 -40.88 -30.49 19.54
N SER C 291 -39.64 -30.89 19.20
CA SER C 291 -38.69 -29.94 18.61
C SER C 291 -39.19 -29.30 17.34
N VAL C 292 -39.67 -30.14 16.42
CA VAL C 292 -40.19 -29.64 15.14
C VAL C 292 -41.46 -28.80 15.33
N LEU C 293 -42.38 -29.28 16.17
CA LEU C 293 -43.61 -28.52 16.51
C LEU C 293 -43.20 -27.12 17.02
N SER C 294 -42.24 -27.10 17.93
CA SER C 294 -41.77 -25.86 18.52
C SER C 294 -41.21 -24.89 17.48
N LEU C 295 -40.33 -25.34 16.62
CA LEU C 295 -39.74 -24.47 15.65
C LEU C 295 -40.70 -24.00 14.60
N PHE C 296 -41.69 -25.04 14.35
CA PHE C 296 -42.62 -24.80 13.26
C PHE C 296 -43.56 -23.66 13.71
N PHE C 297 -44.09 -23.81 14.90
CA PHE C 297 -44.73 -22.74 15.63
C PHE C 297 -43.72 -21.70 15.94
N ALA C 298 -44.11 -20.51 15.99
CA ALA C 298 -43.11 -19.52 16.35
C ALA C 298 -42.25 -19.13 15.14
N GLY C 299 -42.31 -19.88 14.07
CA GLY C 299 -41.71 -19.48 12.82
C GLY C 299 -42.83 -19.24 11.84
N THR C 300 -44.02 -19.42 12.33
CA THR C 300 -45.19 -19.22 11.56
C THR C 300 -45.94 -18.07 12.20
N GLU C 301 -45.80 -17.98 13.55
CA GLU C 301 -46.71 -17.14 14.32
C GLU C 301 -46.10 -15.91 15.03
N THR C 302 -44.79 -15.77 15.02
CA THR C 302 -44.14 -14.63 15.65
C THR C 302 -43.89 -13.48 14.67
N THR C 303 -42.93 -13.68 13.78
CA THR C 303 -42.62 -12.72 12.73
C THR C 303 -43.86 -12.34 11.90
N SER C 304 -44.72 -13.31 11.64
CA SER C 304 -45.96 -13.03 10.91
C SER C 304 -46.85 -12.05 11.66
N THR C 305 -47.03 -12.27 12.97
CA THR C 305 -47.86 -11.41 13.81
C THR C 305 -47.30 -10.00 13.89
N THR C 306 -46.00 -9.89 14.07
CA THR C 306 -45.32 -8.60 14.03
C THR C 306 -45.56 -7.84 12.75
N LEU C 307 -45.37 -8.51 11.62
CA LEU C 307 -45.58 -7.90 10.33
C LEU C 307 -47.00 -7.39 10.14
N ARG C 308 -47.97 -8.16 10.65
CA ARG C 308 -49.36 -7.78 10.52
C ARG C 308 -49.66 -6.54 11.36
N TYR C 309 -49.08 -6.47 12.55
CA TYR C 309 -49.20 -5.29 13.39
C TYR C 309 -48.39 -4.15 12.78
N GLY C 310 -47.29 -4.53 12.12
CA GLY C 310 -46.44 -3.58 11.43
C GLY C 310 -47.16 -2.78 10.35
N PHE C 311 -48.07 -3.41 9.64
CA PHE C 311 -48.76 -2.70 8.57
C PHE C 311 -50.03 -2.03 9.03
N LEU C 312 -50.58 -2.50 10.14
CA LEU C 312 -51.68 -1.80 10.77
C LEU C 312 -51.12 -0.45 11.23
N LEU C 313 -49.86 -0.46 11.65
CA LEU C 313 -49.17 0.77 12.01
C LEU C 313 -48.86 1.64 10.78
N MET C 314 -48.72 1.03 9.62
CA MET C 314 -48.41 1.78 8.41
C MET C 314 -49.68 2.42 7.85
N LEU C 315 -50.83 1.80 8.13
CA LEU C 315 -52.10 2.39 7.75
C LEU C 315 -52.43 3.61 8.64
N LYS C 316 -52.05 3.53 9.92
CA LYS C 316 -52.39 4.59 10.86
C LYS C 316 -51.42 5.78 10.81
N TYR C 317 -50.14 5.52 10.51
CA TYR C 317 -49.16 6.60 10.44
C TYR C 317 -48.46 6.67 9.07
N PRO C 318 -49.20 7.03 8.01
CA PRO C 318 -48.72 6.98 6.61
C PRO C 318 -47.46 7.82 6.33
N HIS C 319 -47.19 8.83 7.13
CA HIS C 319 -45.99 9.64 6.92
C HIS C 319 -44.74 8.82 7.21
N VAL C 320 -44.83 7.90 8.17
CA VAL C 320 -43.72 7.02 8.47
C VAL C 320 -43.46 6.12 7.28
N ALA C 321 -44.57 5.63 6.70
CA ALA C 321 -44.50 4.79 5.52
C ALA C 321 -43.78 5.53 4.39
N GLU C 322 -44.26 6.75 4.14
CA GLU C 322 -43.72 7.57 3.07
C GLU C 322 -42.24 7.84 3.24
N LYS C 323 -41.82 8.06 4.48
CA LYS C 323 -40.44 8.38 4.75
C LYS C 323 -39.56 7.11 4.61
N VAL C 324 -40.17 5.95 4.75
CA VAL C 324 -39.44 4.70 4.55
C VAL C 324 -39.15 4.51 3.07
N GLN C 325 -40.19 4.65 2.25
CA GLN C 325 -40.07 4.51 0.80
C GLN C 325 -39.08 5.51 0.21
N LYS C 326 -39.00 6.69 0.80
CA LYS C 326 -38.05 7.71 0.36
C LYS C 326 -36.62 7.24 0.65
N GLU C 327 -36.46 6.45 1.71
CA GLU C 327 -35.13 5.94 2.07
C GLU C 327 -34.81 4.68 1.25
N ILE C 328 -35.85 3.93 0.88
CA ILE C 328 -35.65 2.76 0.03
C ILE C 328 -35.15 3.24 -1.33
N ASP C 329 -35.84 4.25 -1.88
CA ASP C 329 -35.48 4.82 -3.17
C ASP C 329 -34.07 5.44 -3.14
N GLN C 330 -33.71 6.07 -2.04
CA GLN C 330 -32.42 6.72 -1.96
C GLN C 330 -31.28 5.69 -1.95
N VAL C 331 -31.41 4.66 -1.11
CA VAL C 331 -30.35 3.68 -0.95
C VAL C 331 -30.43 2.53 -1.96
N ILE C 332 -31.63 2.09 -2.30
CA ILE C 332 -31.77 0.87 -3.11
C ILE C 332 -32.25 1.10 -4.54
N GLY C 333 -33.28 1.93 -4.69
CA GLY C 333 -33.90 2.15 -5.97
C GLY C 333 -35.15 1.32 -6.03
N SER C 334 -35.60 1.02 -7.24
CA SER C 334 -36.82 0.27 -7.47
C SER C 334 -36.38 -0.87 -8.34
N HIS C 335 -35.07 -1.01 -8.35
CA HIS C 335 -34.29 -1.80 -9.24
C HIS C 335 -33.97 -3.24 -8.80
N ARG C 336 -33.47 -3.36 -7.58
CA ARG C 336 -32.94 -4.59 -6.99
C ARG C 336 -33.89 -5.24 -5.97
N LEU C 337 -33.56 -6.46 -5.57
CA LEU C 337 -34.14 -6.99 -4.35
C LEU C 337 -33.28 -6.38 -3.25
N PRO C 338 -33.91 -5.90 -2.16
CA PRO C 338 -33.16 -5.37 -1.02
C PRO C 338 -32.28 -6.43 -0.37
N THR C 339 -31.21 -6.00 0.32
CA THR C 339 -30.30 -6.92 1.00
C THR C 339 -30.14 -6.52 2.45
N LEU C 340 -29.67 -7.46 3.28
CA LEU C 340 -29.43 -7.15 4.69
C LEU C 340 -28.34 -6.09 4.81
N GLU C 341 -27.47 -6.06 3.81
CA GLU C 341 -26.42 -5.05 3.72
C GLU C 341 -27.04 -3.66 3.57
N ASP C 342 -28.26 -3.56 3.04
CA ASP C 342 -28.94 -2.25 2.91
C ASP C 342 -29.39 -1.65 4.27
N ARG C 343 -29.61 -2.50 5.28
CA ARG C 343 -30.12 -2.05 6.58
C ARG C 343 -29.09 -1.24 7.39
N THR C 344 -27.82 -1.59 7.23
CA THR C 344 -26.75 -0.87 7.89
C THR C 344 -26.70 0.56 7.36
N LYS C 345 -27.27 0.75 6.16
CA LYS C 345 -27.37 2.07 5.50
C LYS C 345 -28.78 2.63 5.39
N MET C 346 -29.71 2.15 6.20
CA MET C 346 -31.08 2.69 6.22
C MET C 346 -31.61 2.90 7.65
N PRO C 347 -31.01 3.84 8.40
CA PRO C 347 -31.29 4.05 9.84
C PRO C 347 -32.76 4.35 10.16
N TYR C 348 -33.50 5.04 9.30
CA TYR C 348 -34.89 5.37 9.63
C TYR C 348 -35.72 4.10 9.64
N THR C 349 -35.60 3.32 8.56
CA THR C 349 -36.28 2.04 8.41
C THR C 349 -35.95 1.06 9.55
N ASP C 350 -34.66 0.97 9.85
CA ASP C 350 -34.21 0.11 10.94
C ASP C 350 -34.92 0.50 12.21
N ALA C 351 -35.01 1.81 12.44
CA ALA C 351 -35.70 2.36 13.61
C ALA C 351 -37.19 2.07 13.59
N VAL C 352 -37.79 2.15 12.40
CA VAL C 352 -39.22 1.87 12.24
C VAL C 352 -39.53 0.42 12.61
N ILE C 353 -38.68 -0.50 12.17
CA ILE C 353 -38.82 -1.93 12.45
C ILE C 353 -38.66 -2.16 13.94
N HIS C 354 -37.63 -1.55 14.53
CA HIS C 354 -37.46 -1.54 15.98
C HIS C 354 -38.71 -1.05 16.72
N GLU C 355 -39.30 0.06 16.29
CA GLU C 355 -40.45 0.62 17.00
C GLU C 355 -41.69 -0.24 16.82
N ILE C 356 -41.81 -0.91 15.68
CA ILE C 356 -42.89 -1.86 15.46
C ILE C 356 -42.81 -3.06 16.42
N GLN C 357 -41.60 -3.59 16.63
CA GLN C 357 -41.40 -4.70 17.57
C GLN C 357 -41.70 -4.27 19.01
N ARG C 358 -41.29 -3.04 19.33
CA ARG C 358 -41.48 -2.50 20.66
C ARG C 358 -42.95 -2.23 20.95
N PHE C 359 -43.68 -1.71 19.96
CA PHE C 359 -45.06 -1.34 20.17
C PHE C 359 -45.92 -2.59 20.26
N SER C 360 -45.71 -3.50 19.30
CA SER C 360 -46.54 -4.69 19.17
C SER C 360 -46.42 -5.65 20.36
N ASP C 361 -45.26 -5.71 21.01
CA ASP C 361 -45.14 -6.34 22.34
C ASP C 361 -45.63 -7.81 22.32
N LEU C 362 -45.01 -8.62 21.45
CA LEU C 362 -45.50 -9.96 21.13
C LEU C 362 -45.68 -10.87 22.35
N ALA C 363 -44.71 -10.83 23.26
CA ALA C 363 -44.81 -11.58 24.50
C ALA C 363 -44.74 -10.60 25.66
N PRO C 364 -45.91 -10.11 26.15
CA PRO C 364 -45.99 -9.03 27.16
C PRO C 364 -45.29 -9.40 28.47
N ILE C 365 -45.61 -10.54 29.03
CA ILE C 365 -44.75 -11.14 29.99
C ILE C 365 -43.65 -11.74 29.19
N GLY C 366 -42.70 -12.43 29.79
CA GLY C 366 -41.72 -13.11 28.96
C GLY C 366 -42.26 -14.46 28.53
N ALA C 367 -41.39 -15.46 28.62
CA ALA C 367 -41.82 -16.85 28.66
C ALA C 367 -41.60 -17.19 30.13
N PRO C 368 -42.37 -18.09 30.71
CA PRO C 368 -42.13 -18.37 32.12
C PRO C 368 -40.71 -18.93 32.36
N HIS C 369 -39.97 -18.27 33.25
CA HIS C 369 -38.69 -18.79 33.71
C HIS C 369 -38.86 -19.44 35.06
N LYS C 370 -37.76 -19.95 35.59
CA LYS C 370 -37.68 -20.39 36.97
C LYS C 370 -36.21 -20.38 37.40
N VAL C 371 -35.97 -20.32 38.71
CA VAL C 371 -34.60 -20.29 39.19
C VAL C 371 -34.08 -21.72 39.39
N THR C 372 -32.85 -21.95 38.94
CA THR C 372 -32.28 -23.31 38.90
C THR C 372 -31.66 -23.79 40.21
N LYS C 373 -31.52 -22.86 41.15
CA LYS C 373 -30.86 -23.11 42.43
C LYS C 373 -31.49 -22.14 43.42
N ASP C 374 -31.37 -22.37 44.73
CA ASP C 374 -31.71 -21.33 45.72
C ASP C 374 -30.98 -20.05 45.37
N THR C 375 -31.72 -18.95 45.21
CA THR C 375 -31.15 -17.73 44.66
C THR C 375 -31.44 -16.53 45.57
N LEU C 376 -30.45 -15.67 45.77
CA LEU C 376 -30.65 -14.45 46.53
C LEU C 376 -30.81 -13.29 45.58
N PHE C 377 -31.90 -12.53 45.71
CA PHE C 377 -32.16 -11.49 44.74
C PHE C 377 -32.74 -10.25 45.43
N ARG C 378 -32.01 -9.15 45.35
CA ARG C 378 -32.35 -7.92 46.04
C ARG C 378 -32.79 -8.17 47.48
N GLY C 379 -32.08 -9.06 48.15
CA GLY C 379 -32.35 -9.39 49.53
C GLY C 379 -33.40 -10.46 49.74
N TYR C 380 -34.04 -10.89 48.66
CA TYR C 380 -35.00 -11.98 48.77
C TYR C 380 -34.35 -13.32 48.44
N LEU C 381 -34.81 -14.37 49.10
CA LEU C 381 -34.39 -15.71 48.81
C LEU C 381 -35.50 -16.44 48.07
N LEU C 382 -35.22 -16.76 46.81
CA LEU C 382 -36.09 -17.53 45.92
C LEU C 382 -35.64 -19.00 45.89
N PRO C 383 -36.41 -19.90 46.52
CA PRO C 383 -36.06 -21.32 46.55
C PRO C 383 -35.93 -21.87 45.14
N LYS C 384 -35.15 -22.94 44.97
CA LYS C 384 -34.96 -23.60 43.67
C LYS C 384 -36.32 -23.93 43.03
N ASN C 385 -36.45 -23.65 41.74
CA ASN C 385 -37.69 -23.86 40.96
C ASN C 385 -38.82 -22.85 41.23
N THR C 386 -38.51 -21.79 41.95
CA THR C 386 -39.50 -20.74 42.11
C THR C 386 -39.69 -20.11 40.74
N GLU C 387 -40.94 -20.10 40.25
CA GLU C 387 -41.21 -19.56 38.91
C GLU C 387 -41.03 -18.06 38.89
N VAL C 388 -40.68 -17.56 37.71
CA VAL C 388 -40.34 -16.15 37.51
C VAL C 388 -40.87 -15.66 36.17
N TYR C 389 -41.59 -14.54 36.18
CA TYR C 389 -42.01 -13.92 34.94
C TYR C 389 -41.19 -12.65 34.69
N PRO C 390 -40.33 -12.66 33.66
CA PRO C 390 -39.77 -11.36 33.27
C PRO C 390 -40.78 -10.61 32.42
N ILE C 391 -41.38 -9.55 32.99
CA ILE C 391 -42.44 -8.85 32.28
C ILE C 391 -41.81 -7.92 31.22
N LEU C 392 -41.55 -8.51 30.06
CA LEU C 392 -40.90 -7.83 28.94
C LEU C 392 -41.64 -6.58 28.48
N SER C 393 -42.97 -6.61 28.60
CA SER C 393 -43.78 -5.45 28.25
C SER C 393 -43.33 -4.20 29.03
N SER C 394 -42.97 -4.39 30.30
CA SER C 394 -42.52 -3.27 31.12
C SER C 394 -41.13 -2.72 30.76
N ALA C 395 -40.33 -3.49 30.02
CA ALA C 395 -39.07 -2.98 29.49
C ALA C 395 -39.32 -2.24 28.17
N LEU C 396 -40.17 -2.83 27.33
CA LEU C 396 -40.50 -2.22 26.04
C LEU C 396 -41.25 -0.91 26.25
N HIS C 397 -41.97 -0.80 27.35
CA HIS C 397 -42.65 0.44 27.68
C HIS C 397 -42.03 1.14 28.90
N ASP C 398 -40.72 0.95 29.11
CA ASP C 398 -40.00 1.56 30.24
C ASP C 398 -39.78 3.07 30.05
N PRO C 399 -40.47 3.91 30.86
CA PRO C 399 -40.40 5.37 30.69
C PRO C 399 -39.00 5.96 30.84
N GLN C 400 -38.11 5.27 31.52
CA GLN C 400 -36.74 5.76 31.63
C GLN C 400 -36.00 5.58 30.30
N TYR C 401 -36.63 4.92 29.32
CA TYR C 401 -35.96 4.70 28.04
C TYR C 401 -36.75 5.22 26.85
N PHE C 402 -38.05 5.44 27.04
CA PHE C 402 -38.87 5.93 25.95
C PHE C 402 -39.74 7.06 26.46
N GLU C 403 -39.68 8.21 25.78
CA GLU C 403 -40.34 9.43 26.28
C GLU C 403 -41.84 9.25 26.41
N GLN C 404 -42.47 8.81 25.34
CA GLN C 404 -43.90 8.57 25.36
C GLN C 404 -44.14 7.14 24.87
N PRO C 405 -43.86 6.15 25.73
CA PRO C 405 -43.81 4.71 25.39
C PRO C 405 -45.16 4.12 24.98
N GLY C 406 -46.25 4.79 25.35
CA GLY C 406 -47.58 4.31 24.98
C GLY C 406 -47.91 4.70 23.55
N THR C 407 -47.02 5.45 22.92
CA THR C 407 -47.26 5.95 21.58
C THR C 407 -46.30 5.32 20.55
N PHE C 408 -46.76 5.15 19.31
CA PHE C 408 -45.88 4.66 18.25
C PHE C 408 -45.04 5.81 17.67
N ASN C 409 -43.74 5.78 17.88
CA ASN C 409 -42.87 6.83 17.35
C ASN C 409 -41.47 6.31 17.04
N PRO C 410 -41.13 6.24 15.74
CA PRO C 410 -39.86 5.75 15.21
C PRO C 410 -38.65 6.43 15.83
N ASP C 411 -38.86 7.66 16.29
CA ASP C 411 -37.78 8.44 16.88
C ASP C 411 -37.29 7.81 18.18
N HIS C 412 -38.06 6.87 18.72
CA HIS C 412 -37.61 6.16 19.91
C HIS C 412 -36.30 5.44 19.64
N PHE C 413 -35.95 5.27 18.36
CA PHE C 413 -34.74 4.52 17.99
C PHE C 413 -33.83 5.31 17.04
N LEU C 414 -34.10 6.62 16.97
CA LEU C 414 -33.26 7.59 16.25
C LEU C 414 -32.66 8.64 17.20
N ASP C 415 -31.38 8.95 17.01
CA ASP C 415 -30.72 9.99 17.79
C ASP C 415 -30.86 11.35 17.12
N ALA C 416 -30.27 12.35 17.75
CA ALA C 416 -30.35 13.72 17.31
C ALA C 416 -30.03 13.78 15.86
N ASN C 417 -29.03 13.01 15.47
CA ASN C 417 -28.52 12.96 14.11
C ASN C 417 -29.30 12.11 13.10
N GLY C 418 -30.34 11.43 13.56
CA GLY C 418 -31.20 10.57 12.76
C GLY C 418 -30.52 9.24 12.45
N ALA C 419 -29.50 8.91 13.24
CA ALA C 419 -28.82 7.62 13.17
C ALA C 419 -29.50 6.65 14.15
N LEU C 420 -29.25 5.35 13.99
CA LEU C 420 -29.95 4.38 14.83
C LEU C 420 -29.47 4.35 16.29
N LYS C 421 -30.43 4.53 17.18
CA LYS C 421 -30.18 4.55 18.61
C LYS C 421 -30.65 3.24 19.23
N LYS C 422 -29.69 2.42 19.64
CA LYS C 422 -30.01 1.17 20.34
C LYS C 422 -30.54 1.53 21.71
N SER C 423 -31.15 0.57 22.37
CA SER C 423 -31.69 0.80 23.69
C SER C 423 -31.67 -0.48 24.48
N GLU C 424 -31.12 -0.38 25.68
CA GLU C 424 -31.07 -1.51 26.58
C GLU C 424 -32.43 -1.97 27.02
N ALA C 425 -33.46 -1.15 26.82
CA ALA C 425 -34.80 -1.55 27.22
C ALA C 425 -35.41 -2.44 26.16
N PHE C 426 -34.82 -2.40 24.97
CA PHE C 426 -35.32 -3.17 23.83
C PHE C 426 -34.92 -4.64 23.94
N MET C 427 -35.83 -5.42 24.53
CA MET C 427 -35.68 -6.87 24.70
C MET C 427 -36.87 -7.69 24.18
N PRO C 428 -37.28 -7.47 22.92
CA PRO C 428 -38.46 -8.23 22.48
C PRO C 428 -38.18 -9.73 22.35
N PHE C 429 -36.90 -10.09 22.24
CA PHE C 429 -36.48 -11.49 22.12
C PHE C 429 -36.01 -12.01 23.47
N SER C 430 -36.37 -11.27 24.52
CA SER C 430 -35.90 -11.50 25.89
C SER C 430 -34.40 -11.31 25.97
N ILE C 431 -33.77 -11.88 27.00
CA ILE C 431 -32.35 -11.66 27.23
C ILE C 431 -31.73 -12.75 28.06
N GLY C 432 -30.41 -12.81 28.10
CA GLY C 432 -29.76 -13.83 28.92
C GLY C 432 -29.65 -15.18 28.23
N LYS C 433 -29.44 -16.24 29.00
CA LYS C 433 -29.17 -17.54 28.43
C LYS C 433 -30.35 -18.15 27.65
N ARG C 434 -31.57 -17.67 27.89
CA ARG C 434 -32.78 -18.17 27.21
C ARG C 434 -33.20 -17.30 26.06
N ILE C 435 -32.35 -16.35 25.70
CA ILE C 435 -32.69 -15.40 24.66
C ILE C 435 -33.07 -16.17 23.39
N CYS C 436 -34.04 -15.63 22.69
CA CYS C 436 -34.61 -16.24 21.48
C CYS C 436 -33.59 -16.77 20.49
N LEU C 437 -33.71 -18.04 20.20
CA LEU C 437 -32.85 -18.72 19.25
C LEU C 437 -33.04 -18.09 17.86
N GLY C 438 -34.23 -17.54 17.60
CA GLY C 438 -34.50 -16.97 16.29
C GLY C 438 -34.39 -15.46 16.12
N GLU C 439 -33.70 -14.78 17.03
CA GLU C 439 -33.51 -13.31 16.97
C GLU C 439 -33.01 -12.81 15.63
N GLY C 440 -31.93 -13.43 15.15
CA GLY C 440 -31.35 -13.08 13.87
C GLY C 440 -32.25 -13.26 12.66
N ILE C 441 -32.79 -14.46 12.50
CA ILE C 441 -33.67 -14.73 11.36
C ILE C 441 -34.94 -13.90 11.43
N ALA C 442 -35.45 -13.68 12.64
CA ALA C 442 -36.64 -12.89 12.77
C ALA C 442 -36.34 -11.46 12.32
N ARG C 443 -35.23 -10.91 12.78
CA ARG C 443 -34.87 -9.55 12.42
C ARG C 443 -34.67 -9.42 10.92
N ASN C 444 -33.91 -10.37 10.35
CA ASN C 444 -33.64 -10.42 8.92
C ASN C 444 -34.90 -10.61 8.09
N GLU C 445 -35.82 -11.46 8.55
CA GLU C 445 -37.13 -11.60 7.89
C GLU C 445 -37.89 -10.25 7.92
N LEU C 446 -37.84 -9.59 9.07
CA LEU C 446 -38.54 -8.33 9.27
C LEU C 446 -38.01 -7.29 8.32
N PHE C 447 -36.68 -7.13 8.27
CA PHE C 447 -36.13 -6.08 7.42
C PHE C 447 -36.43 -6.28 5.95
N LEU C 448 -36.07 -7.45 5.42
CA LEU C 448 -36.24 -7.75 3.98
C LEU C 448 -37.69 -7.74 3.51
N PHE C 449 -38.60 -8.33 4.28
CA PHE C 449 -40.02 -8.34 3.90
C PHE C 449 -40.65 -6.95 3.97
N PHE C 450 -40.29 -6.17 5.00
CA PHE C 450 -40.89 -4.85 5.18
C PHE C 450 -40.48 -3.96 4.01
N THR C 451 -39.17 -3.85 3.78
CA THR C 451 -38.66 -2.95 2.75
C THR C 451 -39.04 -3.40 1.34
N THR C 452 -39.07 -4.72 1.11
CA THR C 452 -39.42 -5.23 -0.22
C THR C 452 -40.88 -4.94 -0.54
N ILE C 453 -41.76 -5.03 0.44
CA ILE C 453 -43.18 -4.73 0.18
C ILE C 453 -43.33 -3.25 -0.16
N LEU C 454 -42.65 -2.38 0.59
CA LEU C 454 -42.80 -0.94 0.38
C LEU C 454 -41.97 -0.39 -0.78
N GLN C 455 -40.91 -1.08 -1.17
CA GLN C 455 -40.20 -0.71 -2.38
C GLN C 455 -41.14 -0.80 -3.59
N ASN C 456 -42.01 -1.81 -3.58
CA ASN C 456 -42.87 -2.08 -4.72
C ASN C 456 -44.31 -1.56 -4.57
N PHE C 457 -44.77 -1.37 -3.34
CA PHE C 457 -46.12 -0.90 -3.12
C PHE C 457 -46.29 0.19 -2.07
N SER C 458 -47.51 0.68 -1.97
CA SER C 458 -47.89 1.60 -0.93
C SER C 458 -49.17 1.00 -0.46
N VAL C 459 -49.63 1.41 0.72
CA VAL C 459 -50.70 0.71 1.43
C VAL C 459 -51.92 1.55 1.78
N SER C 460 -53.10 0.94 1.79
CA SER C 460 -54.30 1.67 2.16
C SER C 460 -55.44 0.77 2.59
N SER C 461 -56.56 1.35 3.05
CA SER C 461 -57.71 0.54 3.41
C SER C 461 -58.93 1.46 3.47
N SER C 462 -60.12 0.88 3.59
CA SER C 462 -61.35 1.65 3.73
C SER C 462 -61.31 2.54 4.98
N VAL C 463 -60.76 1.99 6.07
CA VAL C 463 -60.76 2.68 7.36
C VAL C 463 -59.72 3.80 7.47
N ALA C 464 -60.21 4.99 7.82
CA ALA C 464 -59.36 6.15 8.00
C ALA C 464 -58.36 5.96 9.13
N PRO C 465 -57.14 6.48 8.96
CA PRO C 465 -56.01 6.40 9.89
C PRO C 465 -56.32 6.76 11.35
N LYS C 466 -57.27 7.67 11.58
CA LYS C 466 -57.60 8.11 12.94
C LYS C 466 -58.50 7.09 13.61
N ASP C 467 -59.13 6.26 12.79
CA ASP C 467 -60.04 5.25 13.30
C ASP C 467 -59.35 3.89 13.41
N ILE C 468 -58.07 3.86 13.08
CA ILE C 468 -57.29 2.62 13.16
C ILE C 468 -57.09 2.20 14.60
N ASP C 469 -57.51 0.97 14.89
CA ASP C 469 -57.58 0.50 16.26
C ASP C 469 -56.32 -0.30 16.59
N LEU C 470 -55.49 0.23 17.48
CA LEU C 470 -54.23 -0.42 17.83
C LEU C 470 -54.37 -1.25 19.09
N SER C 471 -55.54 -1.23 19.71
CA SER C 471 -55.77 -2.08 20.87
C SER C 471 -55.65 -3.56 20.47
N PRO C 472 -55.06 -4.41 21.27
CA PRO C 472 -54.98 -5.83 20.92
C PRO C 472 -56.24 -6.61 21.12
N LYS C 473 -56.52 -7.50 20.21
CA LYS C 473 -57.50 -8.53 20.42
C LYS C 473 -56.81 -9.45 21.40
N GLU C 474 -57.48 -10.10 22.29
CA GLU C 474 -56.74 -11.22 23.04
C GLU C 474 -55.67 -10.87 24.15
N SER C 475 -54.58 -10.20 23.80
CA SER C 475 -53.50 -9.97 24.77
C SER C 475 -53.42 -10.99 25.95
N GLY C 476 -52.29 -11.69 26.03
CA GLY C 476 -51.93 -12.55 27.14
C GLY C 476 -50.51 -13.10 27.08
N ILE C 477 -50.36 -14.39 27.06
CA ILE C 477 -49.02 -14.92 26.92
C ILE C 477 -48.50 -14.46 25.60
N GLY C 478 -49.38 -14.19 24.68
CA GLY C 478 -49.05 -13.48 23.47
C GLY C 478 -49.99 -12.29 23.31
N LYS C 479 -49.63 -11.42 22.37
CA LYS C 479 -50.41 -10.26 22.05
C LYS C 479 -50.73 -10.27 20.56
N VAL C 480 -52.02 -10.19 20.22
CA VAL C 480 -52.51 -10.33 18.85
C VAL C 480 -53.34 -9.12 18.34
N PRO C 481 -52.99 -8.54 17.18
CA PRO C 481 -53.74 -7.33 16.76
C PRO C 481 -55.18 -7.60 16.34
N GLN C 482 -55.99 -6.55 16.21
CA GLN C 482 -57.36 -6.71 15.69
C GLN C 482 -57.28 -7.16 14.21
N THR C 483 -58.27 -7.92 13.76
CA THR C 483 -58.35 -8.30 12.35
C THR C 483 -58.66 -7.09 11.50
N TYR C 484 -58.02 -6.99 10.35
CA TYR C 484 -58.26 -5.87 9.44
C TYR C 484 -57.99 -6.27 7.98
N GLN C 485 -58.40 -5.43 7.04
CA GLN C 485 -58.11 -5.64 5.63
C GLN C 485 -57.21 -4.51 5.10
N ILE C 486 -56.41 -4.79 4.09
CA ILE C 486 -55.47 -3.80 3.57
C ILE C 486 -55.32 -3.95 2.06
N SER C 487 -55.06 -2.85 1.38
CA SER C 487 -54.93 -2.86 -0.06
C SER C 487 -53.51 -2.57 -0.51
N PHE C 488 -52.99 -3.39 -1.42
CA PHE C 488 -51.66 -3.16 -1.96
C PHE C 488 -51.80 -2.60 -3.38
N LEU C 489 -51.26 -1.42 -3.62
CA LEU C 489 -51.34 -0.80 -4.95
C LEU C 489 -50.04 -0.34 -5.57
N ALA C 490 -49.81 -0.69 -6.81
CA ALA C 490 -48.60 -0.32 -7.50
C ALA C 490 -48.19 1.05 -7.05
N ARG C 491 -46.89 1.26 -6.88
CA ARG C 491 -46.38 2.51 -6.35
C ARG C 491 -46.45 3.65 -7.36
N HIS C 492 -46.49 4.85 -6.83
CA HIS C 492 -46.26 6.11 -7.49
C HIS C 492 -46.64 6.09 -8.97
N LEU D 30 -49.06 17.40 -29.63
CA LEU D 30 -47.85 16.57 -29.75
C LEU D 30 -46.69 17.42 -29.27
N PRO D 31 -45.68 16.78 -28.65
CA PRO D 31 -44.58 17.63 -28.21
C PRO D 31 -44.05 18.44 -29.40
N PRO D 32 -43.46 19.58 -29.14
CA PRO D 32 -43.08 20.47 -30.24
C PRO D 32 -41.96 19.89 -31.11
N GLY D 33 -41.77 20.47 -32.30
CA GLY D 33 -40.68 20.06 -33.14
C GLY D 33 -40.71 20.78 -34.48
N PRO D 34 -39.67 20.55 -35.29
CA PRO D 34 -39.55 21.19 -36.61
C PRO D 34 -40.71 20.80 -37.49
N ARG D 35 -41.24 21.73 -38.27
CA ARG D 35 -42.36 21.43 -39.16
C ARG D 35 -41.91 20.48 -40.24
N PRO D 36 -42.60 19.36 -40.38
CA PRO D 36 -42.29 18.34 -41.39
C PRO D 36 -42.84 18.64 -42.77
N LEU D 37 -42.23 18.01 -43.77
CA LEU D 37 -42.66 18.21 -45.13
C LEU D 37 -43.38 16.94 -45.52
N PRO D 38 -44.30 17.02 -46.49
CA PRO D 38 -44.88 15.79 -47.04
C PRO D 38 -43.74 14.93 -47.55
N LEU D 39 -43.82 13.61 -47.38
CA LEU D 39 -42.85 12.65 -47.88
C LEU D 39 -41.51 12.61 -47.14
N LEU D 40 -40.84 13.74 -47.10
CA LEU D 40 -39.50 13.80 -46.55
C LEU D 40 -39.53 13.86 -45.02
N GLY D 41 -40.70 14.12 -44.45
CA GLY D 41 -40.80 14.23 -43.01
C GLY D 41 -39.88 15.32 -42.55
N ASN D 42 -39.02 15.03 -41.58
CA ASN D 42 -38.05 16.03 -41.15
C ASN D 42 -36.65 15.70 -41.74
N LEU D 43 -36.57 15.16 -42.97
CA LEU D 43 -35.26 14.86 -43.57
C LEU D 43 -34.35 16.08 -43.55
N LEU D 44 -34.92 17.27 -43.80
CA LEU D 44 -34.15 18.53 -43.83
C LEU D 44 -33.53 18.93 -42.49
N GLN D 45 -34.02 18.38 -41.37
CA GLN D 45 -33.37 18.68 -40.09
C GLN D 45 -32.48 17.53 -39.65
N MET D 46 -32.29 16.55 -40.54
CA MET D 46 -31.44 15.40 -40.25
C MET D 46 -29.98 15.69 -40.55
N ASP D 47 -29.10 14.88 -39.99
CA ASP D 47 -27.68 15.13 -40.16
C ASP D 47 -27.02 13.88 -40.74
N ARG D 48 -25.96 14.06 -41.51
CA ARG D 48 -25.34 12.91 -42.19
C ARG D 48 -24.62 11.98 -41.23
N GLY D 49 -24.42 12.40 -39.99
CA GLY D 49 -23.87 11.55 -38.96
C GLY D 49 -24.84 10.51 -38.42
N GLY D 50 -26.10 10.60 -38.83
CA GLY D 50 -27.07 9.63 -38.33
C GLY D 50 -28.03 10.13 -37.28
N PHE D 51 -28.92 9.25 -36.84
CA PHE D 51 -30.03 9.59 -35.95
C PHE D 51 -29.61 10.30 -34.67
N LEU D 52 -28.57 9.81 -34.01
CA LEU D 52 -28.19 10.34 -32.70
C LEU D 52 -27.71 11.79 -32.85
N ASN D 53 -26.89 12.05 -33.87
CA ASN D 53 -26.49 13.41 -34.14
C ASN D 53 -27.68 14.29 -34.51
N SER D 54 -28.60 13.72 -35.27
CA SER D 54 -29.77 14.44 -35.71
C SER D 54 -30.63 14.88 -34.51
N PHE D 55 -30.93 13.94 -33.62
CA PHE D 55 -31.82 14.19 -32.50
C PHE D 55 -31.15 15.15 -31.53
N MET D 56 -29.84 15.02 -31.39
CA MET D 56 -29.06 15.86 -30.48
C MET D 56 -29.15 17.32 -30.93
N ARG D 57 -29.16 17.55 -32.24
CA ARG D 57 -29.24 18.91 -32.75
C ARG D 57 -30.63 19.53 -32.62
N ILE D 58 -31.65 18.73 -32.91
CA ILE D 58 -33.02 19.19 -32.76
C ILE D 58 -33.33 19.52 -31.32
N ARG D 59 -32.73 18.74 -30.42
CA ARG D 59 -32.89 18.95 -29.00
C ARG D 59 -32.38 20.31 -28.55
N GLU D 60 -31.27 20.75 -29.14
CA GLU D 60 -30.72 22.05 -28.76
C GLU D 60 -31.77 23.15 -29.02
N LYS D 61 -32.59 22.94 -30.04
CA LYS D 61 -33.59 23.89 -30.46
C LYS D 61 -34.93 23.76 -29.73
N TYR D 62 -35.40 22.54 -29.48
CA TYR D 62 -36.77 22.32 -29.03
C TYR D 62 -36.87 21.78 -27.61
N GLY D 63 -35.72 21.52 -26.99
CA GLY D 63 -35.77 21.07 -25.60
C GLY D 63 -35.70 19.57 -25.43
N ASP D 64 -36.01 19.10 -24.23
CA ASP D 64 -35.81 17.72 -23.84
C ASP D 64 -36.88 16.76 -24.30
N VAL D 65 -38.06 17.28 -24.60
CA VAL D 65 -39.13 16.40 -25.05
C VAL D 65 -39.64 17.00 -26.34
N PHE D 66 -39.44 16.29 -27.45
CA PHE D 66 -39.77 16.84 -28.76
C PHE D 66 -40.17 15.78 -29.78
N THR D 67 -40.72 16.25 -30.88
CA THR D 67 -41.19 15.37 -31.93
C THR D 67 -40.35 15.50 -33.18
N VAL D 68 -39.90 14.37 -33.69
CA VAL D 68 -39.28 14.32 -34.99
C VAL D 68 -40.18 13.44 -35.82
N HIS D 69 -40.49 13.89 -37.03
CA HIS D 69 -41.22 13.03 -37.95
C HIS D 69 -40.20 12.22 -38.74
N LEU D 70 -40.16 10.92 -38.50
CA LEU D 70 -39.31 10.02 -39.28
C LEU D 70 -40.12 9.48 -40.45
N GLY D 71 -39.84 9.95 -41.65
CA GLY D 71 -40.75 9.73 -42.77
C GLY D 71 -42.13 10.31 -42.42
N PRO D 72 -43.20 9.56 -42.68
CA PRO D 72 -44.50 10.11 -42.25
C PRO D 72 -44.85 9.92 -40.76
N ARG D 73 -44.05 9.17 -40.01
CA ARG D 73 -44.39 8.84 -38.63
C ARG D 73 -43.92 9.87 -37.57
N PRO D 74 -44.84 10.37 -36.75
CA PRO D 74 -44.38 11.20 -35.64
C PRO D 74 -43.70 10.33 -34.57
N VAL D 75 -42.51 10.71 -34.11
CA VAL D 75 -41.82 9.93 -33.08
C VAL D 75 -41.38 10.83 -31.93
N VAL D 76 -41.78 10.52 -30.70
CA VAL D 76 -41.41 11.43 -29.61
C VAL D 76 -40.09 11.02 -28.94
N MET D 77 -39.14 11.95 -28.88
CA MET D 77 -37.81 11.73 -28.30
C MET D 77 -37.76 12.18 -26.86
N LEU D 78 -37.02 11.44 -26.03
CA LEU D 78 -36.85 11.78 -24.61
C LEU D 78 -35.38 11.98 -24.28
N TYR D 79 -34.99 13.20 -23.93
CA TYR D 79 -33.60 13.48 -23.60
C TYR D 79 -33.36 13.70 -22.13
N GLY D 80 -32.29 13.11 -21.63
CA GLY D 80 -31.91 13.30 -20.24
C GLY D 80 -32.57 12.33 -19.29
N THR D 81 -31.84 12.02 -18.23
CA THR D 81 -32.27 11.09 -17.19
C THR D 81 -33.66 11.37 -16.67
N GLU D 82 -33.90 12.64 -16.38
CA GLU D 82 -35.13 13.08 -15.70
C GLU D 82 -36.37 12.81 -16.55
N ALA D 83 -36.30 13.19 -17.82
CA ALA D 83 -37.41 12.98 -18.74
C ALA D 83 -37.63 11.49 -19.04
N ILE D 84 -36.54 10.75 -19.26
CA ILE D 84 -36.66 9.31 -19.59
C ILE D 84 -37.32 8.56 -18.43
N ARG D 85 -36.84 8.80 -17.22
CA ARG D 85 -37.41 8.22 -16.03
C ARG D 85 -38.84 8.72 -15.77
N GLU D 86 -39.10 9.96 -16.10
CA GLU D 86 -40.42 10.53 -15.86
C GLU D 86 -41.45 9.72 -16.64
N ALA D 87 -41.04 9.26 -17.81
CA ALA D 87 -41.90 8.46 -18.67
C ALA D 87 -41.86 6.98 -18.31
N LEU D 88 -40.66 6.41 -18.33
CA LEU D 88 -40.56 4.97 -18.25
C LEU D 88 -40.81 4.45 -16.83
N VAL D 89 -40.58 5.30 -15.83
CA VAL D 89 -40.83 4.89 -14.45
C VAL D 89 -42.17 5.42 -13.91
N ASP D 90 -42.37 6.73 -13.93
CA ASP D 90 -43.56 7.30 -13.29
C ASP D 90 -44.83 7.02 -14.10
N GLN D 91 -44.68 6.74 -15.38
CA GLN D 91 -45.80 6.23 -16.15
C GLN D 91 -45.41 4.97 -16.91
N ALA D 92 -44.89 4.01 -16.15
CA ALA D 92 -44.39 2.76 -16.70
C ALA D 92 -45.41 2.05 -17.61
N GLU D 93 -46.68 2.06 -17.24
CA GLU D 93 -47.67 1.27 -17.99
C GLU D 93 -47.92 1.89 -19.36
N ALA D 94 -48.03 3.21 -19.35
CA ALA D 94 -48.35 3.90 -20.58
C ALA D 94 -47.22 3.75 -21.59
N PHE D 95 -46.01 3.92 -21.09
CA PHE D 95 -44.85 3.87 -21.94
C PHE D 95 -44.26 2.46 -22.06
N SER D 96 -45.10 1.44 -21.88
CA SER D 96 -44.64 0.05 -21.92
C SER D 96 -44.81 -0.56 -23.30
N GLY D 97 -45.36 0.21 -24.23
CA GLY D 97 -45.53 -0.32 -25.58
C GLY D 97 -44.23 -0.43 -26.35
N ARG D 98 -44.22 -1.31 -27.35
CA ARG D 98 -43.02 -1.54 -28.16
C ARG D 98 -43.25 -1.11 -29.60
N GLY D 99 -42.35 -0.28 -30.10
CA GLY D 99 -42.41 0.20 -31.46
C GLY D 99 -41.75 -0.75 -32.42
N THR D 100 -41.24 -0.22 -33.54
CA THR D 100 -40.68 -1.06 -34.58
C THR D 100 -39.32 -0.62 -35.10
N ILE D 101 -38.54 -1.60 -35.53
CA ILE D 101 -37.32 -1.35 -36.25
C ILE D 101 -37.54 -1.84 -37.69
N ALA D 102 -37.54 -0.90 -38.62
CA ALA D 102 -38.05 -1.13 -39.97
C ALA D 102 -37.28 -2.25 -40.66
N VAL D 103 -36.00 -2.32 -40.37
CA VAL D 103 -35.10 -3.18 -41.11
C VAL D 103 -35.21 -4.67 -40.69
N ILE D 104 -35.73 -4.94 -39.51
CA ILE D 104 -35.83 -6.34 -39.06
C ILE D 104 -37.29 -6.78 -38.96
N LYS D 105 -38.20 -5.88 -39.30
CA LYS D 105 -39.63 -6.20 -39.28
C LYS D 105 -40.04 -7.35 -40.25
N PRO D 106 -39.46 -7.41 -41.46
CA PRO D 106 -39.85 -8.52 -42.35
C PRO D 106 -39.73 -9.92 -41.75
N VAL D 107 -38.57 -10.26 -41.19
CA VAL D 107 -38.38 -11.61 -40.63
C VAL D 107 -39.00 -11.73 -39.24
N ILE D 108 -38.77 -10.74 -38.42
CA ILE D 108 -39.01 -10.84 -37.02
C ILE D 108 -40.34 -10.34 -36.60
N GLY D 109 -40.79 -9.32 -37.27
CA GLY D 109 -42.06 -8.74 -36.97
C GLY D 109 -42.29 -8.41 -35.53
N ASP D 110 -43.51 -8.70 -35.09
CA ASP D 110 -43.90 -8.41 -33.73
C ASP D 110 -43.93 -9.69 -32.89
N TYR D 111 -43.23 -10.72 -33.34
CA TYR D 111 -43.25 -11.99 -32.60
C TYR D 111 -42.15 -12.04 -31.55
N GLY D 112 -42.22 -13.04 -30.67
CA GLY D 112 -41.23 -13.20 -29.60
C GLY D 112 -41.54 -12.34 -28.37
N MET D 113 -40.61 -12.29 -27.44
CA MET D 113 -40.78 -11.52 -26.23
C MET D 113 -40.18 -10.12 -26.26
N ILE D 114 -39.49 -9.78 -27.31
CA ILE D 114 -38.86 -8.46 -27.36
C ILE D 114 -39.70 -7.46 -28.13
N PHE D 115 -40.11 -7.85 -29.32
CA PHE D 115 -40.77 -6.92 -30.22
C PHE D 115 -42.31 -7.02 -30.19
N SER D 116 -42.83 -7.75 -29.21
CA SER D 116 -44.26 -7.94 -29.11
C SER D 116 -44.92 -6.87 -28.23
N ASN D 117 -46.24 -6.79 -28.33
CA ASN D 117 -47.00 -5.85 -27.53
C ASN D 117 -48.12 -6.53 -26.77
N GLY D 118 -48.75 -5.75 -25.92
CA GLY D 118 -49.91 -6.20 -25.16
C GLY D 118 -49.65 -7.48 -24.39
N GLU D 119 -50.66 -8.36 -24.38
CA GLU D 119 -50.60 -9.56 -23.58
C GLU D 119 -49.63 -10.60 -24.17
N ARG D 120 -49.46 -10.63 -25.49
CA ARG D 120 -48.45 -11.53 -26.06
C ARG D 120 -47.11 -11.27 -25.39
N TRP D 121 -46.78 -9.99 -25.30
CA TRP D 121 -45.56 -9.56 -24.66
C TRP D 121 -45.62 -9.91 -23.19
N LYS D 122 -46.75 -9.64 -22.55
CA LYS D 122 -46.91 -9.90 -21.11
C LYS D 122 -46.64 -11.37 -20.75
N VAL D 123 -47.22 -12.25 -21.55
CA VAL D 123 -47.07 -13.70 -21.40
C VAL D 123 -45.64 -14.19 -21.70
N LEU D 124 -45.13 -13.83 -22.88
CA LEU D 124 -43.86 -14.35 -23.35
C LEU D 124 -42.65 -13.83 -22.57
N ARG D 125 -42.76 -12.61 -22.08
CA ARG D 125 -41.73 -12.07 -21.21
C ARG D 125 -41.72 -12.82 -19.90
N ARG D 126 -42.91 -13.01 -19.32
CA ARG D 126 -43.05 -13.76 -18.06
C ARG D 126 -42.57 -15.20 -18.21
N PHE D 127 -42.96 -15.84 -19.31
CA PHE D 127 -42.51 -17.18 -19.62
C PHE D 127 -40.98 -17.20 -19.66
N SER D 128 -40.41 -16.25 -20.41
CA SER D 128 -38.97 -16.22 -20.63
C SER D 128 -38.23 -15.98 -19.33
N LEU D 129 -38.74 -15.05 -18.53
CA LEU D 129 -38.12 -14.78 -17.26
C LEU D 129 -38.10 -16.05 -16.41
N ALA D 130 -39.27 -16.63 -16.17
CA ALA D 130 -39.39 -17.83 -15.32
C ALA D 130 -38.58 -19.04 -15.82
N THR D 131 -38.62 -19.29 -17.13
CA THR D 131 -38.00 -20.45 -17.74
C THR D 131 -36.45 -20.40 -17.68
N MET D 132 -35.90 -19.25 -18.05
CA MET D 132 -34.46 -19.04 -18.04
C MET D 132 -33.94 -19.13 -16.61
N ARG D 133 -34.76 -18.69 -15.65
CA ARG D 133 -34.37 -18.83 -14.24
C ARG D 133 -34.38 -20.29 -13.80
N ASP D 134 -35.30 -21.06 -14.35
CA ASP D 134 -35.37 -22.50 -14.05
C ASP D 134 -34.24 -23.28 -14.66
N PHE D 135 -33.57 -22.71 -15.66
CA PHE D 135 -32.35 -23.32 -16.16
C PHE D 135 -31.12 -22.56 -15.73
N GLY D 136 -31.21 -21.91 -14.58
CA GLY D 136 -30.03 -21.45 -13.87
C GLY D 136 -29.82 -19.97 -13.67
N MET D 137 -30.56 -19.14 -14.39
CA MET D 137 -30.31 -17.69 -14.36
C MET D 137 -30.57 -17.09 -12.99
N GLY D 138 -29.58 -16.37 -12.48
CA GLY D 138 -29.66 -15.80 -11.15
C GLY D 138 -29.41 -16.84 -10.08
N LYS D 139 -29.36 -18.07 -10.53
CA LYS D 139 -29.08 -19.23 -9.72
C LYS D 139 -27.86 -19.95 -10.25
N SER D 141 -25.79 -24.16 -11.94
CA SER D 141 -26.05 -22.73 -11.95
C SER D 141 -25.38 -22.10 -13.16
N VAL D 142 -25.92 -20.97 -13.62
CA VAL D 142 -25.35 -20.20 -14.71
C VAL D 142 -23.98 -19.59 -14.38
N GLU D 143 -23.77 -19.20 -13.13
CA GLU D 143 -22.44 -18.73 -12.74
C GLU D 143 -21.35 -19.79 -12.98
N ASP D 144 -21.69 -21.06 -12.74
CA ASP D 144 -20.70 -22.09 -12.87
C ASP D 144 -20.36 -22.24 -14.35
N ARG D 145 -21.36 -22.22 -15.22
CA ARG D 145 -21.16 -22.29 -16.67
C ARG D 145 -20.37 -21.12 -17.22
N ILE D 146 -20.56 -19.93 -16.66
CA ILE D 146 -19.78 -18.78 -17.07
C ILE D 146 -18.31 -18.92 -16.64
N GLN D 147 -18.09 -19.40 -15.42
CA GLN D 147 -16.73 -19.69 -14.94
C GLN D 147 -15.99 -20.69 -15.82
N GLU D 148 -16.66 -21.79 -16.17
CA GLU D 148 -16.10 -22.83 -17.03
C GLU D 148 -15.82 -22.33 -18.43
N GLU D 149 -16.67 -21.44 -18.91
CA GLU D 149 -16.47 -20.86 -20.23
C GLU D 149 -15.30 -19.88 -20.16
N ALA D 150 -15.19 -19.18 -19.03
CA ALA D 150 -14.10 -18.25 -18.78
C ALA D 150 -12.79 -19.05 -18.72
N GLN D 151 -12.84 -20.21 -18.07
CA GLN D 151 -11.70 -21.09 -18.02
C GLN D 151 -11.35 -21.61 -19.44
N CYS D 152 -12.32 -21.95 -20.27
CA CYS D 152 -12.04 -22.36 -21.62
C CYS D 152 -11.43 -21.26 -22.41
N LEU D 153 -11.89 -20.06 -22.20
CA LEU D 153 -11.35 -18.97 -22.98
C LEU D 153 -9.87 -18.77 -22.63
N VAL D 154 -9.50 -18.94 -21.37
CA VAL D 154 -8.11 -18.73 -21.00
C VAL D 154 -7.20 -19.77 -21.67
N GLU D 155 -7.66 -21.02 -21.83
CA GLU D 155 -6.84 -22.02 -22.49
C GLU D 155 -6.51 -21.62 -23.92
N GLU D 156 -7.45 -20.94 -24.55
CA GLU D 156 -7.32 -20.57 -25.95
C GLU D 156 -6.42 -19.38 -26.15
N LEU D 157 -6.40 -18.46 -25.19
CA LEU D 157 -5.54 -17.30 -25.29
C LEU D 157 -4.07 -17.60 -24.88
N GLN D 158 -3.86 -18.68 -24.12
CA GLN D 158 -2.49 -19.10 -23.83
C GLN D 158 -1.85 -19.71 -25.08
N LYS D 159 -2.64 -20.42 -25.87
CA LYS D 159 -2.12 -21.03 -27.09
C LYS D 159 -1.63 -20.00 -28.10
N SER D 160 -2.05 -18.76 -27.93
CA SER D 160 -1.70 -17.71 -28.88
C SER D 160 -0.29 -17.26 -28.61
N GLN D 161 0.08 -17.26 -27.34
CA GLN D 161 1.42 -16.86 -26.93
C GLN D 161 1.77 -15.47 -27.43
N GLY D 162 0.99 -14.46 -27.05
CA GLY D 162 1.33 -13.11 -27.46
C GLY D 162 0.73 -12.67 -28.77
N ALA D 163 0.73 -13.56 -29.76
CA ALA D 163 0.25 -13.22 -31.10
C ALA D 163 -1.00 -12.35 -31.11
N PRO D 164 -0.94 -11.22 -31.83
CA PRO D 164 -2.07 -10.31 -31.93
C PRO D 164 -3.25 -10.99 -32.65
N LEU D 165 -4.47 -10.75 -32.19
CA LEU D 165 -5.63 -11.37 -32.82
C LEU D 165 -6.87 -10.48 -32.69
N ASP D 166 -7.85 -10.70 -33.56
CA ASP D 166 -9.11 -10.00 -33.48
C ASP D 166 -10.03 -10.81 -32.59
N PRO D 167 -10.32 -10.27 -31.39
CA PRO D 167 -11.01 -11.00 -30.33
C PRO D 167 -12.52 -11.06 -30.51
N THR D 168 -13.03 -10.61 -31.66
CA THR D 168 -14.48 -10.57 -31.90
C THR D 168 -15.12 -11.92 -31.75
N PHE D 169 -14.67 -12.87 -32.56
CA PHE D 169 -15.23 -14.21 -32.57
C PHE D 169 -15.10 -14.90 -31.22
N LEU D 170 -13.95 -14.78 -30.57
CA LEU D 170 -13.81 -15.39 -29.26
C LEU D 170 -14.78 -14.74 -28.27
N PHE D 171 -14.94 -13.42 -28.35
CA PHE D 171 -15.87 -12.75 -27.44
C PHE D 171 -17.31 -13.12 -27.77
N GLN D 172 -17.61 -13.36 -29.05
CA GLN D 172 -18.92 -13.89 -29.41
C GLN D 172 -19.12 -15.30 -28.85
N CYS D 173 -18.11 -16.15 -29.01
CA CYS D 173 -18.15 -17.52 -28.54
C CYS D 173 -18.53 -17.65 -27.08
N ILE D 174 -17.83 -16.93 -26.21
CA ILE D 174 -18.00 -17.14 -24.79
C ILE D 174 -19.39 -16.66 -24.30
N THR D 175 -19.94 -15.64 -24.95
CA THR D 175 -21.24 -15.12 -24.51
C THR D 175 -22.33 -15.96 -25.16
N ALA D 176 -22.15 -16.30 -26.44
CA ALA D 176 -23.12 -17.16 -27.14
C ALA D 176 -23.30 -18.50 -26.41
N ASN D 177 -22.21 -19.07 -25.91
CA ASN D 177 -22.31 -20.35 -25.22
C ASN D 177 -23.11 -20.34 -23.93
N ILE D 178 -23.17 -19.19 -23.26
CA ILE D 178 -23.96 -19.12 -22.04
C ILE D 178 -25.44 -19.19 -22.39
N ILE D 179 -25.86 -18.50 -23.44
CA ILE D 179 -27.27 -18.49 -23.78
C ILE D 179 -27.63 -19.78 -24.50
N CYS D 180 -26.69 -20.32 -25.28
CA CYS D 180 -26.93 -21.59 -25.98
C CYS D 180 -27.21 -22.68 -24.98
N SER D 181 -26.49 -22.70 -23.86
CA SER D 181 -26.73 -23.73 -22.86
C SER D 181 -28.13 -23.58 -22.24
N ILE D 182 -28.66 -22.36 -22.20
CA ILE D 182 -30.01 -22.15 -21.65
C ILE D 182 -31.09 -22.37 -22.73
N VAL D 183 -30.78 -22.08 -23.98
CA VAL D 183 -31.82 -22.16 -25.00
C VAL D 183 -31.71 -23.47 -25.82
N PHE D 184 -30.51 -23.81 -26.28
CA PHE D 184 -30.36 -25.03 -27.09
C PHE D 184 -29.89 -26.25 -26.27
N GLY D 185 -29.53 -26.06 -25.01
CA GLY D 185 -29.13 -27.18 -24.16
C GLY D 185 -27.68 -27.65 -24.31
N GLU D 186 -26.92 -26.98 -25.15
CA GLU D 186 -25.53 -27.35 -25.35
C GLU D 186 -24.63 -26.13 -25.52
N ARG D 187 -23.32 -26.33 -25.41
CA ARG D 187 -22.37 -25.31 -25.82
C ARG D 187 -21.71 -25.80 -27.08
N TYR D 188 -20.96 -24.94 -27.75
CA TYR D 188 -20.34 -25.32 -29.00
C TYR D 188 -18.90 -24.92 -28.92
N ASP D 189 -18.07 -25.72 -29.59
CA ASP D 189 -16.62 -25.59 -29.66
C ASP D 189 -16.20 -24.39 -30.50
N TYR D 190 -15.05 -23.80 -30.20
CA TYR D 190 -14.61 -22.57 -30.88
C TYR D 190 -14.23 -22.77 -32.35
N LYS D 191 -14.24 -24.02 -32.79
CA LYS D 191 -13.92 -24.32 -34.18
C LYS D 191 -15.01 -25.07 -34.89
N ASP D 192 -16.17 -25.18 -34.24
CA ASP D 192 -17.33 -25.69 -34.92
C ASP D 192 -17.68 -24.82 -36.12
N ARG D 193 -17.80 -25.44 -37.29
CA ARG D 193 -18.06 -24.73 -38.54
C ARG D 193 -19.44 -24.09 -38.54
N GLN D 194 -20.45 -24.79 -38.02
CA GLN D 194 -21.79 -24.22 -38.01
C GLN D 194 -21.93 -23.08 -36.99
N PHE D 195 -21.18 -23.16 -35.89
CA PHE D 195 -21.10 -22.11 -34.88
C PHE D 195 -20.39 -20.88 -35.43
N LEU D 196 -19.29 -21.08 -36.16
CA LEU D 196 -18.57 -19.98 -36.77
C LEU D 196 -19.46 -19.18 -37.73
N ARG D 197 -20.22 -19.91 -38.54
CA ARG D 197 -21.08 -19.30 -39.54
C ARG D 197 -22.18 -18.42 -38.89
N LEU D 198 -22.89 -18.98 -37.91
CA LEU D 198 -23.94 -18.23 -37.21
C LEU D 198 -23.42 -16.94 -36.59
N LEU D 199 -22.21 -16.98 -36.05
CA LEU D 199 -21.63 -15.83 -35.35
C LEU D 199 -21.15 -14.78 -36.35
N ASP D 200 -20.69 -15.22 -37.52
CA ASP D 200 -20.34 -14.29 -38.58
C ASP D 200 -21.63 -13.54 -39.00
N LEU D 201 -22.75 -14.26 -39.06
CA LEU D 201 -24.05 -13.70 -39.44
C LEU D 201 -24.58 -12.64 -38.44
N PHE D 202 -24.48 -12.94 -37.16
CA PHE D 202 -24.87 -12.03 -36.13
C PHE D 202 -24.04 -10.75 -36.12
N TYR D 203 -22.72 -10.87 -36.18
CA TYR D 203 -21.86 -9.71 -36.21
C TYR D 203 -22.20 -8.85 -37.42
N ARG D 204 -22.26 -9.48 -38.58
CA ARG D 204 -22.50 -8.74 -39.81
C ARG D 204 -23.90 -8.11 -39.76
N THR D 205 -24.89 -8.79 -39.18
CA THR D 205 -26.22 -8.22 -39.14
C THR D 205 -26.29 -7.06 -38.17
N PHE D 206 -25.64 -7.20 -37.01
CA PHE D 206 -25.68 -6.14 -36.00
C PHE D 206 -25.06 -4.87 -36.60
N SER D 207 -23.98 -5.02 -37.35
CA SER D 207 -23.38 -3.87 -38.04
C SER D 207 -24.29 -3.23 -39.09
N LEU D 208 -24.89 -4.07 -39.93
CA LEU D 208 -25.77 -3.58 -40.98
C LEU D 208 -27.01 -2.84 -40.41
N MET D 209 -27.56 -3.38 -39.33
CA MET D 209 -28.70 -2.77 -38.65
C MET D 209 -28.32 -1.37 -38.14
N SER D 210 -27.05 -1.19 -37.80
CA SER D 210 -26.52 0.02 -37.19
C SER D 210 -26.00 0.98 -38.26
N SER D 211 -26.00 0.55 -39.51
CA SER D 211 -25.47 1.35 -40.60
C SER D 211 -26.37 2.53 -40.97
N PHE D 212 -25.79 3.49 -41.68
CA PHE D 212 -26.50 4.66 -42.19
C PHE D 212 -27.65 4.18 -43.08
N SER D 213 -27.41 3.13 -43.83
CA SER D 213 -28.41 2.58 -44.73
C SER D 213 -29.70 2.27 -43.99
N SER D 214 -29.56 1.71 -42.80
CA SER D 214 -30.70 1.28 -42.03
C SER D 214 -31.46 2.45 -41.42
N GLN D 215 -30.75 3.52 -41.14
CA GLN D 215 -31.38 4.73 -40.66
C GLN D 215 -32.14 5.40 -41.81
N VAL D 216 -31.55 5.38 -42.99
CA VAL D 216 -32.23 5.88 -44.18
C VAL D 216 -33.45 4.98 -44.45
N PHE D 217 -33.29 3.69 -44.22
CA PHE D 217 -34.41 2.77 -44.39
C PHE D 217 -35.56 2.97 -43.42
N GLU D 218 -35.25 3.32 -42.18
CA GLU D 218 -36.26 3.55 -41.15
C GLU D 218 -37.25 4.70 -41.53
N LEU D 219 -36.71 5.70 -42.22
CA LEU D 219 -37.45 6.84 -42.67
C LEU D 219 -38.32 6.47 -43.88
N PHE D 220 -37.75 5.79 -44.85
CA PHE D 220 -38.39 5.66 -46.16
C PHE D 220 -38.56 4.22 -46.67
N SER D 221 -38.76 3.29 -45.74
CA SER D 221 -38.88 1.88 -46.09
C SER D 221 -39.97 1.60 -47.09
N GLY D 222 -41.09 2.34 -46.97
CA GLY D 222 -42.24 2.14 -47.84
C GLY D 222 -41.87 2.19 -49.32
N PHE D 223 -40.84 2.93 -49.62
CA PHE D 223 -40.33 3.09 -50.94
C PHE D 223 -39.06 2.28 -51.19
N MET D 224 -38.07 2.41 -50.32
CA MET D 224 -36.77 1.81 -50.52
C MET D 224 -36.78 0.28 -50.52
N LYS D 225 -37.85 -0.30 -49.99
CA LYS D 225 -37.93 -1.75 -49.89
C LYS D 225 -37.94 -2.45 -51.26
N TYR D 226 -38.24 -1.70 -52.31
CA TYR D 226 -38.27 -2.27 -53.65
C TYR D 226 -36.87 -2.35 -54.26
N PHE D 227 -35.89 -1.82 -53.54
CA PHE D 227 -34.56 -1.68 -54.15
C PHE D 227 -33.52 -2.44 -53.35
N PRO D 228 -32.41 -2.79 -54.01
CA PRO D 228 -31.33 -3.41 -53.24
C PRO D 228 -30.86 -2.53 -52.10
N GLY D 229 -30.23 -3.16 -51.12
CA GLY D 229 -29.74 -2.43 -49.97
C GLY D 229 -29.51 -3.34 -48.78
N ALA D 230 -28.96 -2.73 -47.72
CA ALA D 230 -28.64 -3.44 -46.50
C ALA D 230 -29.83 -4.22 -45.99
N HIS D 231 -31.04 -3.70 -46.23
CA HIS D 231 -32.26 -4.31 -45.71
C HIS D 231 -32.50 -5.73 -46.25
N ARG D 232 -31.95 -6.04 -47.42
CA ARG D 232 -32.13 -7.34 -48.03
C ARG D 232 -31.16 -8.35 -47.41
N GLN D 233 -29.91 -7.93 -47.26
CA GLN D 233 -28.90 -8.74 -46.65
C GLN D 233 -29.26 -9.06 -45.19
N ILE D 234 -29.93 -8.13 -44.52
CA ILE D 234 -30.34 -8.39 -43.14
C ILE D 234 -31.45 -9.43 -43.07
N THR D 235 -32.36 -9.38 -44.04
CA THR D 235 -33.42 -10.34 -44.07
C THR D 235 -32.83 -11.73 -44.43
N ARG D 236 -31.83 -11.78 -45.31
CA ARG D 236 -31.17 -13.06 -45.67
C ARG D 236 -30.48 -13.72 -44.47
N ASN D 237 -29.59 -12.95 -43.82
CA ASN D 237 -28.88 -13.42 -42.64
C ASN D 237 -29.88 -13.89 -41.56
N LEU D 238 -30.82 -13.04 -41.20
CA LEU D 238 -31.80 -13.42 -40.17
C LEU D 238 -32.55 -14.68 -40.61
N GLN D 239 -32.83 -14.79 -41.92
CA GLN D 239 -33.52 -15.97 -42.41
C GLN D 239 -32.68 -17.24 -42.31
N GLU D 240 -31.38 -17.14 -42.62
CA GLU D 240 -30.44 -18.26 -42.53
C GLU D 240 -30.34 -18.75 -41.08
N ILE D 241 -30.32 -17.80 -40.14
CA ILE D 241 -30.27 -18.15 -38.74
C ILE D 241 -31.58 -18.80 -38.31
N LEU D 242 -32.69 -18.30 -38.84
CA LEU D 242 -33.99 -18.87 -38.55
C LEU D 242 -34.12 -20.30 -39.12
N ASP D 243 -33.38 -20.59 -40.18
CA ASP D 243 -33.40 -21.96 -40.70
C ASP D 243 -32.76 -22.88 -39.67
N TYR D 244 -31.59 -22.49 -39.18
CA TYR D 244 -30.89 -23.24 -38.14
C TYR D 244 -31.81 -23.47 -36.93
N VAL D 245 -32.52 -22.42 -36.52
CA VAL D 245 -33.40 -22.50 -35.36
C VAL D 245 -34.55 -23.51 -35.56
N GLY D 246 -35.19 -23.47 -36.72
CA GLY D 246 -36.23 -24.44 -37.04
C GLY D 246 -35.71 -25.87 -37.01
N GLN D 247 -34.54 -26.07 -37.60
CA GLN D 247 -33.86 -27.37 -37.56
C GLN D 247 -33.65 -27.80 -36.11
N SER D 248 -33.11 -26.89 -35.29
CA SER D 248 -32.85 -27.22 -33.89
C SER D 248 -34.14 -27.56 -33.13
N VAL D 249 -35.23 -26.85 -33.42
CA VAL D 249 -36.52 -27.15 -32.79
C VAL D 249 -37.03 -28.56 -33.12
N GLU D 250 -36.89 -28.97 -34.38
CA GLU D 250 -37.31 -30.32 -34.78
C GLU D 250 -36.46 -31.40 -34.15
N LYS D 251 -35.16 -31.20 -34.13
CA LYS D 251 -34.27 -32.10 -33.43
C LYS D 251 -34.63 -32.11 -31.95
N HIS D 252 -35.07 -30.96 -31.41
CA HIS D 252 -35.52 -30.94 -30.02
C HIS D 252 -36.85 -31.67 -29.89
N ARG D 253 -37.71 -31.51 -30.91
CA ARG D 253 -39.05 -32.11 -30.97
C ARG D 253 -39.02 -33.63 -30.93
N ALA D 254 -38.08 -34.18 -31.68
CA ALA D 254 -37.94 -35.61 -31.84
C ALA D 254 -37.57 -36.29 -30.55
N THR D 255 -36.60 -35.70 -29.88
CA THR D 255 -36.02 -36.28 -28.68
C THR D 255 -36.62 -35.75 -27.39
N LEU D 256 -37.83 -35.26 -27.46
CA LEU D 256 -38.44 -34.69 -26.29
C LEU D 256 -38.78 -35.69 -25.20
N ASP D 257 -38.24 -35.45 -24.01
CA ASP D 257 -38.61 -36.20 -22.84
C ASP D 257 -39.43 -35.33 -21.90
N PRO D 258 -40.76 -35.43 -21.95
CA PRO D 258 -41.75 -34.64 -21.21
C PRO D 258 -41.51 -34.61 -19.71
N SER D 259 -40.57 -35.43 -19.23
CA SER D 259 -40.26 -35.53 -17.82
C SER D 259 -38.86 -35.02 -17.51
N ASN D 260 -38.21 -34.55 -18.54
CA ASN D 260 -36.99 -33.86 -18.39
C ASN D 260 -36.81 -32.89 -19.51
N PRO D 261 -37.38 -31.71 -19.36
CA PRO D 261 -37.00 -30.66 -20.31
C PRO D 261 -35.59 -30.14 -19.97
N ARG D 262 -34.70 -30.15 -20.96
CA ARG D 262 -33.31 -29.75 -20.78
C ARG D 262 -33.10 -28.24 -20.92
N ASP D 263 -33.99 -27.55 -21.64
CA ASP D 263 -33.75 -26.15 -22.02
C ASP D 263 -35.01 -25.34 -22.34
N PHE D 264 -34.79 -24.09 -22.80
CA PHE D 264 -35.86 -23.17 -23.16
C PHE D 264 -36.81 -23.78 -24.19
N ILE D 265 -36.25 -24.39 -25.22
CA ILE D 265 -37.06 -24.94 -26.30
C ILE D 265 -38.00 -26.05 -25.81
N ASP D 266 -37.48 -26.98 -25.02
CA ASP D 266 -38.31 -28.08 -24.53
C ASP D 266 -39.51 -27.61 -23.74
N THR D 267 -39.28 -26.69 -22.80
CA THR D 267 -40.34 -26.20 -21.92
C THR D 267 -41.47 -25.59 -22.76
N TYR D 268 -41.08 -24.92 -23.84
CA TYR D 268 -41.99 -24.27 -24.78
C TYR D 268 -42.79 -25.32 -25.58
N LEU D 269 -42.10 -26.34 -26.08
CA LEU D 269 -42.77 -27.45 -26.72
C LEU D 269 -43.81 -28.06 -25.77
N LEU D 270 -43.38 -28.29 -24.54
CA LEU D 270 -44.23 -28.85 -23.51
C LEU D 270 -45.49 -28.06 -23.30
N ARG D 271 -45.39 -26.75 -23.19
CA ARG D 271 -46.58 -25.95 -22.96
C ARG D 271 -47.35 -25.75 -24.29
N MET D 272 -46.68 -25.94 -25.43
CA MET D 272 -47.39 -25.88 -26.72
C MET D 272 -48.45 -26.97 -26.75
N GLU D 273 -48.05 -28.19 -26.41
CA GLU D 273 -49.00 -29.30 -26.39
C GLU D 273 -50.07 -29.06 -25.33
N LYS D 274 -49.64 -28.58 -24.16
CA LYS D 274 -50.57 -28.31 -23.06
C LYS D 274 -51.59 -27.22 -23.39
N GLU D 275 -51.24 -26.33 -24.32
CA GLU D 275 -52.12 -25.24 -24.65
C GLU D 275 -52.62 -25.35 -26.09
N LYS D 276 -52.47 -26.54 -26.69
CA LYS D 276 -52.97 -26.82 -28.05
C LYS D 276 -54.49 -26.76 -28.14
N SER D 277 -55.14 -27.05 -27.02
CA SER D 277 -56.56 -26.82 -26.88
C SER D 277 -56.86 -25.44 -27.40
N ASN D 278 -56.25 -24.40 -26.88
CA ASN D 278 -56.52 -23.02 -27.35
C ASN D 278 -56.14 -22.63 -28.80
N GLN D 279 -56.91 -21.74 -29.39
CA GLN D 279 -56.62 -21.25 -30.71
C GLN D 279 -56.01 -19.89 -30.58
N HIS D 280 -56.19 -19.28 -29.43
CA HIS D 280 -55.64 -17.97 -29.20
C HIS D 280 -54.49 -18.03 -28.21
N THR D 281 -53.85 -19.18 -28.13
CA THR D 281 -52.62 -19.28 -27.36
C THR D 281 -51.50 -18.49 -28.03
N GLU D 282 -50.59 -17.99 -27.21
CA GLU D 282 -49.46 -17.25 -27.75
C GLU D 282 -48.37 -18.26 -28.10
N PHE D 283 -48.50 -19.45 -27.52
CA PHE D 283 -47.49 -20.52 -27.64
C PHE D 283 -47.59 -21.35 -28.90
N HIS D 284 -47.23 -20.74 -30.02
CA HIS D 284 -47.23 -21.46 -31.29
C HIS D 284 -45.82 -21.52 -31.86
N HIS D 285 -45.71 -22.09 -33.06
CA HIS D 285 -44.39 -22.36 -33.65
C HIS D 285 -43.68 -21.05 -34.02
N GLN D 286 -44.42 -20.06 -34.52
CA GLN D 286 -43.79 -18.80 -34.92
C GLN D 286 -43.23 -18.05 -33.71
N ASN D 287 -44.02 -17.94 -32.64
CA ASN D 287 -43.54 -17.34 -31.41
C ASN D 287 -42.37 -18.11 -30.81
N LEU D 288 -42.26 -19.41 -31.09
CA LEU D 288 -41.10 -20.18 -30.63
C LEU D 288 -39.84 -19.81 -31.41
N LEU D 289 -39.95 -19.74 -32.74
CA LEU D 289 -38.80 -19.46 -33.59
C LEU D 289 -38.22 -18.08 -33.34
N ILE D 290 -39.09 -17.08 -33.30
CA ILE D 290 -38.68 -15.70 -33.15
C ILE D 290 -38.24 -15.45 -31.72
N SER D 291 -38.85 -16.15 -30.77
CA SER D 291 -38.37 -16.12 -29.38
C SER D 291 -36.91 -16.57 -29.27
N VAL D 292 -36.62 -17.73 -29.86
CA VAL D 292 -35.28 -18.26 -29.82
C VAL D 292 -34.30 -17.38 -30.59
N LEU D 293 -34.67 -16.92 -31.79
CA LEU D 293 -33.81 -15.99 -32.54
C LEU D 293 -33.52 -14.73 -31.73
N SER D 294 -34.55 -14.18 -31.07
CA SER D 294 -34.40 -12.99 -30.25
C SER D 294 -33.44 -13.22 -29.08
N LEU D 295 -33.58 -14.29 -28.30
CA LEU D 295 -32.66 -14.57 -27.32
C LEU D 295 -31.28 -14.92 -27.87
N PHE D 296 -31.18 -15.61 -28.98
CA PHE D 296 -29.90 -16.10 -29.48
C PHE D 296 -29.08 -14.87 -29.86
N PHE D 297 -29.68 -14.00 -30.65
CA PHE D 297 -29.20 -12.66 -30.86
C PHE D 297 -29.24 -11.91 -29.57
N ALA D 298 -28.35 -11.03 -29.40
CA ALA D 298 -28.45 -10.29 -28.15
C ALA D 298 -27.83 -11.07 -27.00
N GLY D 299 -27.58 -12.35 -27.16
CA GLY D 299 -26.81 -13.11 -26.20
C GLY D 299 -25.50 -13.48 -26.89
N THR D 300 -25.42 -12.99 -28.08
CA THR D 300 -24.27 -13.16 -28.84
C THR D 300 -23.74 -11.81 -29.08
N GLU D 301 -24.59 -10.88 -29.43
CA GLU D 301 -24.11 -9.63 -29.96
C GLU D 301 -24.05 -8.46 -29.01
N THR D 302 -24.57 -8.64 -27.83
CA THR D 302 -24.63 -7.57 -26.85
C THR D 302 -23.43 -7.49 -25.89
N THR D 303 -23.40 -8.43 -24.95
CA THR D 303 -22.30 -8.53 -23.97
C THR D 303 -20.93 -8.59 -24.64
N SER D 304 -20.84 -9.35 -25.73
CA SER D 304 -19.59 -9.46 -26.49
C SER D 304 -19.12 -8.10 -27.02
N THR D 305 -20.05 -7.33 -27.56
CA THR D 305 -19.72 -6.03 -28.12
C THR D 305 -19.22 -5.11 -26.99
N THR D 306 -19.93 -5.14 -25.86
CA THR D 306 -19.52 -4.40 -24.67
C THR D 306 -18.11 -4.78 -24.24
N LEU D 307 -17.87 -6.09 -24.13
CA LEU D 307 -16.58 -6.64 -23.74
C LEU D 307 -15.46 -6.22 -24.67
N ARG D 308 -15.76 -6.22 -25.97
CA ARG D 308 -14.79 -5.86 -27.01
C ARG D 308 -14.38 -4.38 -26.88
N TYR D 309 -15.33 -3.51 -26.51
CA TYR D 309 -15.00 -2.10 -26.32
C TYR D 309 -14.21 -1.89 -25.03
N GLY D 310 -14.49 -2.73 -24.05
CA GLY D 310 -13.85 -2.73 -22.76
C GLY D 310 -12.36 -2.91 -22.88
N PHE D 311 -11.95 -3.81 -23.76
CA PHE D 311 -10.52 -4.08 -23.92
C PHE D 311 -9.90 -3.11 -24.89
N LEU D 312 -10.68 -2.52 -25.78
CA LEU D 312 -10.16 -1.41 -26.58
C LEU D 312 -9.84 -0.26 -25.63
N LEU D 313 -10.69 -0.08 -24.63
CA LEU D 313 -10.50 0.96 -23.61
C LEU D 313 -9.31 0.64 -22.70
N MET D 314 -9.01 -0.64 -22.52
CA MET D 314 -7.93 -1.06 -21.62
C MET D 314 -6.59 -0.82 -22.31
N LEU D 315 -6.60 -0.85 -23.64
CA LEU D 315 -5.42 -0.52 -24.41
C LEU D 315 -5.13 0.97 -24.37
N LYS D 316 -6.18 1.76 -24.37
CA LYS D 316 -5.99 3.18 -24.42
C LYS D 316 -5.63 3.69 -23.02
N TYR D 317 -6.18 3.05 -22.00
CA TYR D 317 -5.93 3.47 -20.60
C TYR D 317 -5.31 2.35 -19.73
N PRO D 318 -4.06 1.96 -20.03
CA PRO D 318 -3.43 0.81 -19.35
C PRO D 318 -3.33 0.96 -17.83
N HIS D 319 -3.31 2.19 -17.33
CA HIS D 319 -3.25 2.42 -15.89
C HIS D 319 -4.54 1.97 -15.21
N VAL D 320 -5.67 2.05 -15.92
CA VAL D 320 -6.92 1.51 -15.40
C VAL D 320 -6.85 -0.01 -15.32
N ALA D 321 -6.30 -0.62 -16.37
CA ALA D 321 -6.12 -2.07 -16.40
C ALA D 321 -5.23 -2.49 -15.23
N GLU D 322 -4.10 -1.82 -15.09
CA GLU D 322 -3.15 -2.12 -14.01
C GLU D 322 -3.79 -2.04 -12.63
N LYS D 323 -4.69 -1.08 -12.45
CA LYS D 323 -5.34 -0.89 -11.18
C LYS D 323 -6.44 -1.96 -10.97
N VAL D 324 -6.93 -2.53 -12.07
CA VAL D 324 -7.90 -3.62 -12.01
C VAL D 324 -7.20 -4.89 -11.55
N GLN D 325 -6.07 -5.19 -12.18
CA GLN D 325 -5.28 -6.38 -11.81
C GLN D 325 -4.80 -6.31 -10.39
N LYS D 326 -4.49 -5.10 -9.92
CA LYS D 326 -4.05 -4.91 -8.56
C LYS D 326 -5.18 -5.23 -7.59
N GLU D 327 -6.41 -4.99 -8.02
CA GLU D 327 -7.51 -5.29 -7.13
C GLU D 327 -7.82 -6.78 -7.20
N ILE D 328 -7.62 -7.36 -8.39
CA ILE D 328 -7.84 -8.79 -8.61
C ILE D 328 -6.83 -9.63 -7.84
N ASP D 329 -5.56 -9.22 -7.92
CA ASP D 329 -4.47 -9.92 -7.26
C ASP D 329 -4.68 -9.93 -5.75
N GLN D 330 -5.15 -8.81 -5.21
CA GLN D 330 -5.40 -8.71 -3.78
C GLN D 330 -6.66 -9.47 -3.34
N VAL D 331 -7.77 -9.32 -4.07
CA VAL D 331 -9.02 -9.93 -3.64
C VAL D 331 -9.13 -11.41 -4.02
N ILE D 332 -8.64 -11.77 -5.20
CA ILE D 332 -8.84 -13.13 -5.71
C ILE D 332 -7.55 -13.99 -5.70
N GLY D 333 -6.45 -13.44 -6.19
CA GLY D 333 -5.20 -14.18 -6.25
C GLY D 333 -5.08 -14.81 -7.62
N SER D 334 -4.22 -15.80 -7.77
CA SER D 334 -4.05 -16.43 -9.05
C SER D 334 -4.42 -17.89 -9.01
N HIS D 335 -4.85 -18.36 -7.86
CA HIS D 335 -5.09 -19.79 -7.69
C HIS D 335 -6.56 -20.24 -7.67
N ARG D 336 -7.45 -19.39 -8.17
CA ARG D 336 -8.87 -19.72 -8.28
C ARG D 336 -9.55 -18.81 -9.28
N LEU D 337 -10.70 -19.27 -9.76
CA LEU D 337 -11.51 -18.46 -10.66
C LEU D 337 -12.33 -17.48 -9.85
N PRO D 338 -12.45 -16.25 -10.37
CA PRO D 338 -13.30 -15.24 -9.73
C PRO D 338 -14.75 -15.70 -9.67
N THR D 339 -15.48 -15.16 -8.70
CA THR D 339 -16.89 -15.47 -8.49
C THR D 339 -17.70 -14.19 -8.41
N LEU D 340 -19.02 -14.32 -8.52
CA LEU D 340 -19.89 -13.14 -8.41
C LEU D 340 -19.78 -12.52 -7.02
N GLU D 341 -19.50 -13.34 -6.01
CA GLU D 341 -19.32 -12.86 -4.64
C GLU D 341 -18.16 -11.86 -4.52
N ASP D 342 -17.15 -12.03 -5.37
CA ASP D 342 -15.98 -11.16 -5.35
C ASP D 342 -16.27 -9.73 -5.81
N ARG D 343 -17.33 -9.55 -6.59
CA ARG D 343 -17.64 -8.25 -7.15
C ARG D 343 -18.05 -7.26 -6.06
N THR D 344 -18.78 -7.78 -5.09
CA THR D 344 -19.26 -6.99 -3.97
C THR D 344 -18.08 -6.48 -3.16
N LYS D 345 -16.93 -7.13 -3.32
CA LYS D 345 -15.71 -6.73 -2.60
C LYS D 345 -14.68 -6.15 -3.54
N MET D 346 -15.10 -5.78 -4.75
CA MET D 346 -14.19 -5.18 -5.73
C MET D 346 -14.73 -3.91 -6.37
N PRO D 347 -14.84 -2.85 -5.57
CA PRO D 347 -15.50 -1.63 -6.01
C PRO D 347 -14.86 -1.01 -7.25
N TYR D 348 -13.53 -1.07 -7.36
CA TYR D 348 -12.89 -0.39 -8.47
C TYR D 348 -13.17 -1.06 -9.82
N THR D 349 -12.98 -2.38 -9.90
CA THR D 349 -13.33 -3.14 -11.10
C THR D 349 -14.79 -2.98 -11.49
N ASP D 350 -15.66 -3.08 -10.51
CA ASP D 350 -17.08 -2.88 -10.74
C ASP D 350 -17.34 -1.49 -11.33
N ALA D 351 -16.65 -0.49 -10.80
CA ALA D 351 -16.81 0.86 -11.31
C ALA D 351 -16.29 0.94 -12.73
N VAL D 352 -15.20 0.26 -12.99
CA VAL D 352 -14.62 0.23 -14.33
C VAL D 352 -15.59 -0.37 -15.34
N ILE D 353 -16.28 -1.43 -14.91
CA ILE D 353 -17.27 -2.11 -15.74
C ILE D 353 -18.46 -1.18 -15.99
N HIS D 354 -18.96 -0.54 -14.95
CA HIS D 354 -19.99 0.48 -15.11
C HIS D 354 -19.53 1.48 -16.18
N GLU D 355 -18.30 1.96 -16.06
CA GLU D 355 -17.84 2.98 -16.99
C GLU D 355 -17.67 2.45 -18.42
N ILE D 356 -17.37 1.15 -18.58
CA ILE D 356 -17.30 0.59 -19.94
C ILE D 356 -18.69 0.59 -20.59
N GLN D 357 -19.69 0.17 -19.82
CA GLN D 357 -21.05 0.13 -20.30
C GLN D 357 -21.58 1.53 -20.58
N ARG D 358 -21.20 2.49 -19.75
CA ARG D 358 -21.61 3.87 -19.93
C ARG D 358 -20.97 4.47 -21.17
N PHE D 359 -19.68 4.24 -21.33
CA PHE D 359 -18.97 4.81 -22.45
C PHE D 359 -19.34 4.09 -23.74
N SER D 360 -19.32 2.77 -23.72
CA SER D 360 -19.53 2.01 -24.95
C SER D 360 -20.94 2.20 -25.55
N ASP D 361 -21.93 2.41 -24.70
CA ASP D 361 -23.22 2.93 -25.16
C ASP D 361 -23.87 2.06 -26.25
N LEU D 362 -24.12 0.79 -25.92
CA LEU D 362 -24.58 -0.24 -26.87
C LEU D 362 -25.84 0.09 -27.69
N ALA D 363 -26.83 0.68 -27.02
CA ALA D 363 -28.06 1.14 -27.67
C ALA D 363 -28.18 2.64 -27.44
N PRO D 364 -27.63 3.47 -28.29
CA PRO D 364 -27.61 4.89 -28.03
C PRO D 364 -29.00 5.50 -27.98
N ILE D 365 -29.88 4.88 -28.73
CA ILE D 365 -31.29 5.16 -28.62
C ILE D 365 -31.84 3.86 -28.05
N GLY D 366 -32.27 3.87 -26.80
CA GLY D 366 -33.21 2.91 -26.26
C GLY D 366 -34.18 2.46 -27.35
N ALA D 367 -34.27 1.14 -27.53
CA ALA D 367 -35.19 0.46 -28.43
C ALA D 367 -36.57 1.12 -28.48
N PRO D 368 -37.18 1.15 -29.67
CA PRO D 368 -38.41 1.93 -29.87
C PRO D 368 -39.52 1.49 -28.93
N HIS D 369 -40.03 2.46 -28.19
CA HIS D 369 -41.21 2.29 -27.37
C HIS D 369 -42.42 2.84 -28.11
N LYS D 370 -43.56 2.77 -27.45
CA LYS D 370 -44.74 3.52 -27.87
C LYS D 370 -45.70 3.62 -26.69
N VAL D 371 -46.57 4.65 -26.68
CA VAL D 371 -47.53 4.78 -25.57
C VAL D 371 -48.70 3.86 -25.86
N THR D 372 -49.14 3.15 -24.82
CA THR D 372 -50.21 2.14 -24.97
C THR D 372 -51.64 2.72 -24.86
N LYS D 373 -51.73 3.99 -24.46
CA LYS D 373 -53.00 4.68 -24.23
C LYS D 373 -52.75 6.16 -24.51
N ASP D 374 -53.82 6.94 -24.73
CA ASP D 374 -53.66 8.39 -24.81
C ASP D 374 -52.96 8.82 -23.53
N THR D 375 -51.83 9.50 -23.66
CA THR D 375 -50.99 9.75 -22.51
C THR D 375 -50.67 11.23 -22.41
N LEU D 376 -50.70 11.75 -21.19
CA LEU D 376 -50.34 13.14 -20.96
C LEU D 376 -48.95 13.22 -20.39
N PHE D 377 -48.09 13.99 -21.03
CA PHE D 377 -46.70 14.05 -20.59
C PHE D 377 -46.21 15.47 -20.73
N ARG D 378 -45.93 16.09 -19.59
CA ARG D 378 -45.54 17.49 -19.53
C ARG D 378 -46.45 18.46 -20.34
N GLY D 379 -47.75 18.21 -20.28
CA GLY D 379 -48.72 19.06 -20.92
C GLY D 379 -48.97 18.75 -22.35
N TYR D 380 -48.27 17.77 -22.89
CA TYR D 380 -48.49 17.31 -24.26
C TYR D 380 -49.39 16.07 -24.25
N LEU D 381 -50.13 15.83 -25.33
CA LEU D 381 -50.93 14.61 -25.49
C LEU D 381 -50.34 13.67 -26.54
N LEU D 382 -49.95 12.46 -26.13
CA LEU D 382 -49.48 11.48 -27.10
C LEU D 382 -50.60 10.50 -27.43
N PRO D 383 -51.14 10.58 -28.65
CA PRO D 383 -52.20 9.65 -29.02
C PRO D 383 -51.72 8.23 -28.84
N LYS D 384 -52.64 7.28 -28.62
CA LYS D 384 -52.26 5.90 -28.47
C LYS D 384 -51.41 5.44 -29.66
N ASN D 385 -50.39 4.63 -29.36
CA ASN D 385 -49.49 4.03 -30.35
C ASN D 385 -48.49 5.02 -30.97
N THR D 386 -48.43 6.23 -30.42
CA THR D 386 -47.41 7.19 -30.84
C THR D 386 -46.03 6.70 -30.40
N GLU D 387 -45.13 6.53 -31.34
CA GLU D 387 -43.83 5.97 -30.96
C GLU D 387 -42.97 6.93 -30.14
N VAL D 388 -42.14 6.35 -29.28
CA VAL D 388 -41.32 7.08 -28.33
C VAL D 388 -39.92 6.46 -28.33
N TYR D 389 -38.91 7.29 -28.52
CA TYR D 389 -37.52 6.86 -28.45
C TYR D 389 -36.87 7.36 -27.18
N PRO D 390 -36.60 6.47 -26.23
CA PRO D 390 -35.81 6.92 -25.07
C PRO D 390 -34.32 6.94 -25.39
N ILE D 391 -33.74 8.13 -25.53
CA ILE D 391 -32.35 8.20 -25.96
C ILE D 391 -31.44 7.90 -24.75
N LEU D 392 -31.24 6.60 -24.50
CA LEU D 392 -30.48 6.13 -23.33
C LEU D 392 -29.10 6.76 -23.35
N SER D 393 -28.59 7.05 -24.55
CA SER D 393 -27.32 7.75 -24.70
C SER D 393 -27.32 9.07 -23.97
N SER D 394 -28.47 9.73 -23.97
CA SER D 394 -28.57 11.03 -23.33
C SER D 394 -28.54 10.93 -21.80
N ALA D 395 -28.85 9.74 -21.27
CA ALA D 395 -28.70 9.50 -19.84
C ALA D 395 -27.26 9.11 -19.54
N LEU D 396 -26.68 8.21 -20.33
CA LEU D 396 -25.32 7.74 -20.07
C LEU D 396 -24.31 8.88 -20.17
N HIS D 397 -24.63 9.86 -21.00
CA HIS D 397 -23.76 11.04 -21.12
C HIS D 397 -24.38 12.30 -20.49
N ASP D 398 -25.26 12.12 -19.51
CA ASP D 398 -25.92 13.25 -18.83
C ASP D 398 -24.96 14.06 -17.94
N PRO D 399 -24.71 15.33 -18.31
CA PRO D 399 -23.73 16.16 -17.59
C PRO D 399 -24.10 16.43 -16.13
N GLN D 400 -25.37 16.26 -15.79
CA GLN D 400 -25.78 16.43 -14.41
C GLN D 400 -25.41 15.24 -13.54
N TYR D 401 -24.93 14.15 -14.15
CA TYR D 401 -24.57 12.98 -13.34
C TYR D 401 -23.12 12.57 -13.52
N PHE D 402 -22.50 13.06 -14.58
CA PHE D 402 -21.11 12.74 -14.84
C PHE D 402 -20.34 14.00 -15.22
N GLU D 403 -19.26 14.24 -14.52
CA GLU D 403 -18.50 15.49 -14.64
C GLU D 403 -17.97 15.63 -16.07
N GLN D 404 -17.38 14.58 -16.63
CA GLN D 404 -16.96 14.72 -18.01
C GLN D 404 -17.35 13.53 -18.87
N PRO D 405 -18.62 13.52 -19.31
CA PRO D 405 -19.31 12.37 -19.91
C PRO D 405 -18.72 11.91 -21.23
N GLY D 406 -18.00 12.78 -21.92
CA GLY D 406 -17.38 12.48 -23.20
C GLY D 406 -16.05 11.76 -23.11
N THR D 407 -15.53 11.61 -21.90
CA THR D 407 -14.28 10.91 -21.71
C THR D 407 -14.51 9.63 -20.88
N PHE D 408 -13.65 8.63 -21.05
CA PHE D 408 -13.68 7.40 -20.23
C PHE D 408 -12.99 7.62 -18.89
N ASN D 409 -13.76 7.55 -17.80
CA ASN D 409 -13.19 7.74 -16.47
C ASN D 409 -13.93 6.95 -15.39
N PRO D 410 -13.27 5.90 -14.87
CA PRO D 410 -13.82 5.01 -13.82
C PRO D 410 -14.31 5.78 -12.60
N ASP D 411 -13.77 6.96 -12.39
CA ASP D 411 -14.15 7.76 -11.23
C ASP D 411 -15.63 8.20 -11.29
N HIS D 412 -16.27 8.08 -12.46
CA HIS D 412 -17.69 8.44 -12.55
C HIS D 412 -18.55 7.56 -11.65
N PHE D 413 -18.00 6.43 -11.22
CA PHE D 413 -18.77 5.47 -10.43
C PHE D 413 -18.09 5.16 -9.10
N LEU D 414 -17.13 6.01 -8.76
CA LEU D 414 -16.47 5.97 -7.46
C LEU D 414 -16.72 7.25 -6.66
N ASP D 415 -17.01 7.10 -5.37
CA ASP D 415 -17.13 8.27 -4.50
C ASP D 415 -15.78 8.59 -3.85
N ALA D 416 -15.72 9.54 -2.95
CA ALA D 416 -14.41 9.95 -2.53
C ALA D 416 -13.70 8.98 -1.62
N ASN D 417 -14.43 7.96 -1.21
CA ASN D 417 -13.88 6.84 -0.49
C ASN D 417 -13.27 5.78 -1.39
N GLY D 418 -13.63 5.76 -2.66
CA GLY D 418 -13.27 4.70 -3.60
C GLY D 418 -14.30 3.59 -3.50
N ALA D 419 -15.47 3.92 -2.96
CA ALA D 419 -16.59 2.99 -2.93
C ALA D 419 -17.40 3.15 -4.18
N LEU D 420 -18.22 2.15 -4.50
CA LEU D 420 -18.99 2.21 -5.73
C LEU D 420 -20.12 3.21 -5.58
N LYS D 421 -20.15 4.17 -6.50
CA LYS D 421 -21.21 5.18 -6.50
C LYS D 421 -22.23 4.90 -7.61
N LYS D 422 -23.42 4.50 -7.19
CA LYS D 422 -24.53 4.25 -8.09
C LYS D 422 -24.98 5.58 -8.70
N SER D 423 -25.73 5.51 -9.79
CA SER D 423 -26.23 6.71 -10.43
C SER D 423 -27.51 6.39 -11.16
N GLU D 424 -28.53 7.19 -10.91
CA GLU D 424 -29.85 7.04 -11.53
C GLU D 424 -29.79 7.25 -13.03
N ALA D 425 -28.68 7.82 -13.51
CA ALA D 425 -28.45 8.07 -14.92
C ALA D 425 -27.90 6.84 -15.66
N PHE D 426 -27.36 5.88 -14.90
CA PHE D 426 -26.83 4.63 -15.47
C PHE D 426 -27.94 3.66 -15.80
N MET D 427 -28.49 3.77 -17.02
CA MET D 427 -29.54 2.88 -17.47
C MET D 427 -29.28 2.20 -18.85
N PRO D 428 -28.13 1.51 -18.99
CA PRO D 428 -27.75 0.91 -20.28
C PRO D 428 -28.69 -0.21 -20.67
N PHE D 429 -29.43 -0.71 -19.69
CA PHE D 429 -30.42 -1.75 -19.91
C PHE D 429 -31.82 -1.16 -19.99
N SER D 430 -31.87 0.17 -20.15
CA SER D 430 -33.11 0.95 -20.07
C SER D 430 -33.65 0.85 -18.64
N ILE D 431 -34.94 1.14 -18.50
CA ILE D 431 -35.59 1.18 -17.19
C ILE D 431 -37.09 0.97 -17.38
N GLY D 432 -37.81 0.72 -16.29
CA GLY D 432 -39.25 0.56 -16.42
C GLY D 432 -39.58 -0.86 -16.72
N LYS D 433 -40.79 -1.11 -17.23
CA LYS D 433 -41.27 -2.46 -17.51
C LYS D 433 -40.62 -3.23 -18.67
N ARG D 434 -39.95 -2.51 -19.56
CA ARG D 434 -39.28 -3.13 -20.68
C ARG D 434 -37.79 -3.30 -20.39
N ILE D 435 -37.38 -3.14 -19.12
CA ILE D 435 -35.96 -3.20 -18.77
C ILE D 435 -35.40 -4.55 -19.24
N CYS D 436 -34.19 -4.53 -19.77
CA CYS D 436 -33.59 -5.74 -20.36
C CYS D 436 -33.79 -7.01 -19.55
N LEU D 437 -34.36 -8.02 -20.17
CA LEU D 437 -34.58 -9.28 -19.46
C LEU D 437 -33.25 -9.90 -18.99
N GLY D 438 -32.18 -9.62 -19.73
CA GLY D 438 -30.87 -10.19 -19.43
C GLY D 438 -29.90 -9.31 -18.66
N GLU D 439 -30.42 -8.32 -17.92
CA GLU D 439 -29.57 -7.41 -17.13
C GLU D 439 -28.60 -8.14 -16.19
N GLY D 440 -29.13 -9.07 -15.39
CA GLY D 440 -28.31 -9.85 -14.47
C GLY D 440 -27.27 -10.70 -15.19
N ILE D 441 -27.73 -11.51 -16.15
CA ILE D 441 -26.85 -12.38 -16.89
C ILE D 441 -25.79 -11.57 -17.65
N ALA D 442 -26.17 -10.42 -18.21
CA ALA D 442 -25.18 -9.60 -18.93
C ALA D 442 -24.16 -9.03 -17.94
N ARG D 443 -24.63 -8.53 -16.80
CA ARG D 443 -23.74 -7.98 -15.79
C ARG D 443 -22.80 -9.05 -15.28
N ASN D 444 -23.35 -10.21 -14.96
CA ASN D 444 -22.53 -11.30 -14.47
C ASN D 444 -21.47 -11.71 -15.47
N GLU D 445 -21.85 -11.86 -16.74
CA GLU D 445 -20.89 -12.19 -17.79
C GLU D 445 -19.81 -11.15 -17.88
N LEU D 446 -20.18 -9.88 -17.78
CA LEU D 446 -19.20 -8.80 -17.91
C LEU D 446 -18.13 -8.92 -16.85
N PHE D 447 -18.54 -9.08 -15.60
CA PHE D 447 -17.61 -9.18 -14.50
C PHE D 447 -16.69 -10.41 -14.61
N LEU D 448 -17.28 -11.59 -14.64
CA LEU D 448 -16.47 -12.79 -14.65
C LEU D 448 -15.54 -12.84 -15.86
N PHE D 449 -16.01 -12.47 -17.06
CA PHE D 449 -15.12 -12.53 -18.23
C PHE D 449 -14.02 -11.47 -18.16
N PHE D 450 -14.37 -10.25 -17.77
CA PHE D 450 -13.41 -9.14 -17.67
C PHE D 450 -12.38 -9.51 -16.63
N THR D 451 -12.84 -9.90 -15.45
CA THR D 451 -11.95 -10.17 -14.32
C THR D 451 -11.11 -11.46 -14.55
N THR D 452 -11.68 -12.48 -15.19
CA THR D 452 -10.93 -13.69 -15.45
C THR D 452 -9.84 -13.44 -16.50
N ILE D 453 -10.13 -12.63 -17.52
CA ILE D 453 -9.12 -12.37 -18.52
C ILE D 453 -7.93 -11.57 -17.95
N LEU D 454 -8.21 -10.55 -17.16
CA LEU D 454 -7.13 -9.70 -16.66
C LEU D 454 -6.40 -10.35 -15.48
N GLN D 455 -7.06 -11.29 -14.82
CA GLN D 455 -6.39 -12.09 -13.80
C GLN D 455 -5.18 -12.81 -14.40
N ASN D 456 -5.38 -13.36 -15.60
CA ASN D 456 -4.39 -14.22 -16.26
C ASN D 456 -3.58 -13.51 -17.33
N PHE D 457 -4.08 -12.40 -17.84
CA PHE D 457 -3.39 -11.73 -18.94
C PHE D 457 -3.25 -10.25 -18.75
N SER D 458 -2.28 -9.67 -19.45
CA SER D 458 -2.25 -8.24 -19.68
C SER D 458 -2.38 -8.06 -21.17
N VAL D 459 -2.79 -6.88 -21.62
CA VAL D 459 -3.04 -6.72 -23.03
C VAL D 459 -2.21 -5.58 -23.62
N SER D 460 -1.83 -5.77 -24.87
CA SER D 460 -1.12 -4.73 -25.59
C SER D 460 -1.48 -4.86 -27.06
N SER D 461 -1.03 -3.89 -27.84
CA SER D 461 -1.24 -3.89 -29.28
C SER D 461 -0.23 -2.97 -29.94
N SER D 462 -0.11 -3.08 -31.25
CA SER D 462 0.80 -2.25 -32.01
C SER D 462 0.56 -0.75 -31.82
N VAL D 463 -0.71 -0.36 -31.77
CA VAL D 463 -1.05 1.05 -31.77
C VAL D 463 -0.84 1.67 -30.39
N ALA D 464 -0.11 2.79 -30.37
CA ALA D 464 0.16 3.50 -29.15
C ALA D 464 -1.17 3.91 -28.54
N PRO D 465 -1.26 3.87 -27.20
CA PRO D 465 -2.50 4.16 -26.48
C PRO D 465 -3.17 5.42 -26.95
N LYS D 466 -2.36 6.35 -27.44
CA LYS D 466 -2.85 7.66 -27.85
C LYS D 466 -3.44 7.61 -29.29
N ASP D 467 -3.10 6.58 -30.06
CA ASP D 467 -3.65 6.42 -31.41
C ASP D 467 -4.83 5.47 -31.43
N ILE D 468 -5.24 5.02 -30.25
CA ILE D 468 -6.38 4.12 -30.15
C ILE D 468 -7.68 4.87 -30.46
N ASP D 469 -8.43 4.38 -31.44
CA ASP D 469 -9.59 5.10 -31.93
C ASP D 469 -10.86 4.57 -31.27
N LEU D 470 -11.49 5.43 -30.48
CA LEU D 470 -12.68 5.03 -29.75
C LEU D 470 -13.99 5.42 -30.45
N SER D 471 -13.92 6.15 -31.57
CA SER D 471 -15.13 6.49 -32.30
C SER D 471 -15.78 5.21 -32.82
N PRO D 472 -17.11 5.12 -32.72
CA PRO D 472 -17.80 3.91 -33.21
C PRO D 472 -17.62 3.72 -34.70
N LYS D 473 -17.55 2.46 -35.13
CA LYS D 473 -17.45 2.10 -36.54
C LYS D 473 -18.83 2.21 -37.21
N GLU D 474 -19.85 1.96 -36.41
CA GLU D 474 -21.24 2.18 -36.80
C GLU D 474 -21.95 2.70 -35.59
N SER D 475 -22.77 3.71 -35.78
CA SER D 475 -23.60 4.18 -34.69
C SER D 475 -25.01 4.42 -35.21
N GLY D 476 -25.97 3.72 -34.63
CA GLY D 476 -27.31 3.68 -35.15
C GLY D 476 -28.13 2.99 -34.10
N ILE D 477 -28.96 2.02 -34.50
CA ILE D 477 -29.73 1.31 -33.48
C ILE D 477 -28.77 0.65 -32.51
N GLY D 478 -27.54 0.38 -32.96
CA GLY D 478 -26.49 -0.10 -32.10
C GLY D 478 -25.23 0.71 -32.25
N LYS D 479 -24.27 0.48 -31.36
CA LYS D 479 -22.99 1.15 -31.43
C LYS D 479 -21.84 0.12 -31.41
N VAL D 480 -20.93 0.20 -32.38
CA VAL D 480 -19.88 -0.79 -32.60
C VAL D 480 -18.48 -0.18 -32.66
N PRO D 481 -17.50 -0.77 -31.94
CA PRO D 481 -16.15 -0.19 -31.94
C PRO D 481 -15.47 -0.41 -33.29
N GLN D 482 -14.38 0.30 -33.52
CA GLN D 482 -13.53 0.06 -34.67
C GLN D 482 -12.97 -1.34 -34.52
N THR D 483 -12.71 -2.02 -35.63
CA THR D 483 -12.02 -3.30 -35.59
C THR D 483 -10.56 -3.13 -35.15
N TYR D 484 -10.07 -4.02 -34.29
CA TYR D 484 -8.69 -3.90 -33.85
C TYR D 484 -8.05 -5.23 -33.50
N GLN D 485 -6.74 -5.20 -33.32
CA GLN D 485 -6.03 -6.39 -32.94
C GLN D 485 -5.47 -6.21 -31.56
N ILE D 486 -5.38 -7.30 -30.82
CA ILE D 486 -4.92 -7.21 -29.44
C ILE D 486 -4.11 -8.44 -29.07
N SER D 487 -3.15 -8.25 -28.17
CA SER D 487 -2.30 -9.33 -27.70
C SER D 487 -2.57 -9.63 -26.23
N PHE D 488 -2.79 -10.90 -25.91
CA PHE D 488 -2.96 -11.32 -24.52
C PHE D 488 -1.65 -11.97 -24.05
N LEU D 489 -1.04 -11.36 -23.06
CA LEU D 489 0.24 -11.82 -22.58
C LEU D 489 0.08 -12.42 -21.20
N ALA D 490 0.63 -13.61 -21.03
CA ALA D 490 0.52 -14.31 -19.76
C ALA D 490 1.17 -13.51 -18.64
N ARG D 491 0.60 -13.68 -17.45
CA ARG D 491 0.98 -12.99 -16.23
C ARG D 491 1.76 -13.88 -15.26
N HIS D 492 2.80 -13.33 -14.63
CA HIS D 492 3.51 -14.07 -13.57
C HIS D 492 4.61 -14.97 -14.12
N HIS D 493 5.29 -15.73 -13.26
CA HIS D 493 6.36 -16.61 -13.79
C HIS D 493 7.65 -15.81 -13.92
N GLY E 28 23.10 -9.34 4.87
CA GLY E 28 23.60 -8.03 5.22
C GLY E 28 23.03 -6.86 4.43
N HIS E 29 23.43 -5.64 4.79
CA HIS E 29 23.07 -4.48 3.98
C HIS E 29 24.27 -3.72 3.47
N LEU E 30 25.32 -3.60 4.26
CA LEU E 30 26.57 -3.04 3.74
C LEU E 30 27.24 -4.10 2.85
N PRO E 31 28.01 -3.66 1.87
CA PRO E 31 28.76 -4.65 1.07
C PRO E 31 29.59 -5.57 1.98
N PRO E 32 29.87 -6.79 1.52
CA PRO E 32 30.52 -7.72 2.44
C PRO E 32 31.97 -7.29 2.72
N GLY E 33 32.55 -7.86 3.76
CA GLY E 33 33.94 -7.59 4.08
C GLY E 33 34.35 -8.31 5.35
N PRO E 34 35.63 -8.25 5.69
CA PRO E 34 36.14 -8.96 6.86
C PRO E 34 35.50 -8.47 8.19
N ARG E 35 35.19 -9.41 9.06
CA ARG E 35 34.57 -9.05 10.31
C ARG E 35 35.57 -8.23 11.17
N PRO E 36 35.16 -7.01 11.56
CA PRO E 36 36.01 -6.14 12.41
C PRO E 36 35.95 -6.46 13.89
N LEU E 37 36.95 -6.02 14.64
CA LEU E 37 37.00 -6.22 16.08
C LEU E 37 36.69 -4.89 16.74
N PRO E 38 36.16 -4.94 17.97
CA PRO E 38 35.97 -3.67 18.69
C PRO E 38 37.30 -2.97 18.80
N LEU E 39 37.31 -1.65 18.64
CA LEU E 39 38.51 -0.82 18.81
C LEU E 39 39.50 -0.93 17.63
N LEU E 40 39.88 -2.15 17.26
CA LEU E 40 40.85 -2.35 16.17
C LEU E 40 40.25 -2.24 14.74
N GLY E 41 38.93 -2.32 14.62
CA GLY E 41 38.29 -2.33 13.30
C GLY E 41 38.85 -3.51 12.50
N ASN E 42 39.31 -3.25 11.28
CA ASN E 42 39.94 -4.30 10.46
C ASN E 42 41.47 -4.24 10.41
N LEU E 43 42.09 -3.79 11.50
CA LEU E 43 43.53 -3.71 11.56
C LEU E 43 44.20 -5.04 11.16
N LEU E 44 43.58 -6.17 11.53
CA LEU E 44 44.17 -7.50 11.30
C LEU E 44 44.33 -7.82 9.82
N GLN E 45 43.53 -7.19 8.98
CA GLN E 45 43.69 -7.40 7.56
C GLN E 45 44.48 -6.22 7.00
N MET E 46 45.00 -5.38 7.87
CA MET E 46 45.82 -4.27 7.34
C MET E 46 47.26 -4.70 7.24
N ASP E 47 47.94 -4.01 6.35
CA ASP E 47 49.26 -4.39 5.97
C ASP E 47 50.14 -3.15 6.11
N ARG E 48 51.42 -3.38 6.38
CA ARG E 48 52.39 -2.32 6.52
C ARG E 48 52.79 -1.73 5.16
N GLY E 49 52.38 -2.39 4.07
CA GLY E 49 52.59 -1.86 2.75
C GLY E 49 51.70 -0.66 2.47
N GLY E 50 50.80 -0.37 3.41
CA GLY E 50 49.92 0.78 3.28
C GLY E 50 48.52 0.39 2.91
N PHE E 51 47.65 1.39 2.84
CA PHE E 51 46.24 1.18 2.53
C PHE E 51 46.02 0.44 1.19
N LEU E 52 46.74 0.87 0.16
CA LEU E 52 46.45 0.36 -1.18
C LEU E 52 46.73 -1.13 -1.25
N ASN E 53 47.88 -1.56 -0.71
CA ASN E 53 48.23 -2.97 -0.74
C ASN E 53 47.28 -3.79 0.11
N SER E 54 46.86 -3.22 1.23
CA SER E 54 45.94 -3.90 2.13
C SER E 54 44.60 -4.14 1.47
N PHE E 55 44.04 -3.08 0.88
CA PHE E 55 42.71 -3.15 0.28
C PHE E 55 42.75 -4.12 -0.91
N MET E 56 43.88 -4.14 -1.60
CA MET E 56 44.07 -5.01 -2.75
C MET E 56 43.95 -6.47 -2.35
N ARG E 57 44.45 -6.85 -1.17
CA ARG E 57 44.29 -8.24 -0.76
C ARG E 57 42.86 -8.54 -0.25
N ILE E 58 42.22 -7.62 0.48
CA ILE E 58 40.83 -7.84 0.89
C ILE E 58 39.93 -8.04 -0.37
N ARG E 59 40.26 -7.32 -1.43
CA ARG E 59 39.52 -7.44 -2.67
C ARG E 59 39.57 -8.87 -3.26
N GLU E 60 40.72 -9.51 -3.12
CA GLU E 60 40.87 -10.88 -3.59
C GLU E 60 39.85 -11.81 -2.93
N LYS E 61 39.56 -11.52 -1.66
CA LYS E 61 38.65 -12.34 -0.88
C LYS E 61 37.15 -11.99 -1.03
N TYR E 62 36.84 -10.70 -1.14
CA TYR E 62 35.45 -10.22 -1.06
C TYR E 62 34.89 -9.60 -2.33
N GLY E 63 35.70 -9.46 -3.37
CA GLY E 63 35.18 -8.93 -4.62
C GLY E 63 35.45 -7.46 -4.82
N ASP E 64 34.77 -6.87 -5.81
CA ASP E 64 35.04 -5.52 -6.28
C ASP E 64 34.43 -4.43 -5.40
N VAL E 65 33.41 -4.77 -4.63
CA VAL E 65 32.75 -3.82 -3.77
C VAL E 65 32.65 -4.41 -2.38
N PHE E 66 33.34 -3.81 -1.42
CA PHE E 66 33.46 -4.39 -0.10
C PHE E 66 33.66 -3.34 0.97
N THR E 67 33.53 -3.75 2.21
CA THR E 67 33.61 -2.85 3.34
C THR E 67 34.86 -3.12 4.18
N VAL E 68 35.64 -2.08 4.44
CA VAL E 68 36.72 -2.17 5.44
C VAL E 68 36.44 -1.18 6.55
N HIS E 69 36.54 -1.64 7.80
CA HIS E 69 36.38 -0.74 8.92
C HIS E 69 37.70 -0.09 9.30
N LEU E 70 37.75 1.22 9.10
CA LEU E 70 38.88 2.05 9.54
C LEU E 70 38.60 2.53 10.95
N GLY E 71 39.29 1.97 11.93
CA GLY E 71 38.86 2.14 13.31
C GLY E 71 37.41 1.66 13.34
N PRO E 72 36.52 2.44 13.97
CA PRO E 72 35.08 2.09 14.00
C PRO E 72 34.29 2.46 12.74
N ARG E 73 34.86 3.19 11.79
CA ARG E 73 34.09 3.66 10.67
C ARG E 73 34.01 2.65 9.51
N PRO E 74 32.79 2.25 9.14
CA PRO E 74 32.72 1.40 7.93
C PRO E 74 32.96 2.23 6.66
N VAL E 75 33.89 1.74 5.83
CA VAL E 75 34.25 2.42 4.60
C VAL E 75 34.13 1.46 3.39
N VAL E 76 33.39 1.87 2.37
CA VAL E 76 33.15 1.04 1.18
C VAL E 76 34.12 1.30 0.03
N MET E 77 34.82 0.26 -0.42
CA MET E 77 35.82 0.39 -1.48
C MET E 77 35.21 0.02 -2.82
N LEU E 78 35.57 0.75 -3.87
CA LEU E 78 35.04 0.46 -5.20
C LEU E 78 36.22 0.18 -6.13
N TYR E 79 36.31 -1.06 -6.63
CA TYR E 79 37.44 -1.51 -7.47
C TYR E 79 37.03 -1.73 -8.91
N GLY E 80 37.87 -1.28 -9.83
CA GLY E 80 37.63 -1.46 -11.25
C GLY E 80 36.84 -0.34 -11.88
N THR E 81 37.13 -0.06 -13.14
CA THR E 81 36.46 0.97 -13.90
C THR E 81 34.96 0.87 -13.76
N GLU E 82 34.49 -0.36 -13.82
CA GLU E 82 33.07 -0.66 -13.84
C GLU E 82 32.34 -0.21 -12.57
N ALA E 83 32.90 -0.54 -11.42
CA ALA E 83 32.26 -0.23 -10.14
C ALA E 83 32.23 1.26 -9.85
N ILE E 84 33.34 1.93 -10.14
CA ILE E 84 33.47 3.34 -9.87
C ILE E 84 32.43 4.12 -10.68
N ARG E 85 32.35 3.81 -11.97
CA ARG E 85 31.35 4.46 -12.86
C ARG E 85 29.92 4.16 -12.48
N GLU E 86 29.65 2.94 -12.05
CA GLU E 86 28.30 2.57 -11.66
C GLU E 86 27.83 3.41 -10.50
N ALA E 87 28.76 3.75 -9.61
CA ALA E 87 28.45 4.57 -8.44
C ALA E 87 28.55 6.05 -8.75
N LEU E 88 29.74 6.50 -9.15
CA LEU E 88 30.01 7.92 -9.27
C LEU E 88 29.39 8.56 -10.50
N VAL E 89 29.09 7.76 -11.53
CA VAL E 89 28.38 8.28 -12.70
C VAL E 89 26.89 7.94 -12.74
N ASP E 90 26.57 6.66 -12.69
CA ASP E 90 25.19 6.18 -12.86
C ASP E 90 24.33 6.43 -11.63
N GLN E 91 24.96 6.65 -10.49
CA GLN E 91 24.23 7.20 -9.34
C GLN E 91 24.99 8.42 -8.83
N ALA E 92 25.27 9.34 -9.76
CA ALA E 92 26.13 10.48 -9.56
C ALA E 92 25.82 11.34 -8.33
N GLU E 93 24.55 11.62 -8.07
CA GLU E 93 24.19 12.52 -6.97
C GLU E 93 24.41 11.91 -5.59
N ALA E 94 24.02 10.64 -5.45
CA ALA E 94 24.08 9.95 -4.18
C ALA E 94 25.54 9.81 -3.73
N PHE E 95 26.43 9.51 -4.68
CA PHE E 95 27.85 9.35 -4.40
C PHE E 95 28.59 10.67 -4.58
N SER E 96 27.88 11.80 -4.44
CA SER E 96 28.51 13.11 -4.65
C SER E 96 29.03 13.69 -3.35
N GLY E 97 28.77 12.98 -2.26
CA GLY E 97 29.22 13.42 -0.96
C GLY E 97 30.73 13.34 -0.76
N ARG E 98 31.20 14.10 0.22
CA ARG E 98 32.63 14.18 0.53
C ARG E 98 32.88 13.62 1.92
N GLY E 99 33.88 12.73 2.04
CA GLY E 99 34.35 12.20 3.33
C GLY E 99 35.49 13.02 3.90
N THR E 100 36.31 12.39 4.74
CA THR E 100 37.36 13.14 5.40
C THR E 100 38.76 12.53 5.33
N ILE E 101 39.76 13.39 5.40
CA ILE E 101 41.12 12.96 5.59
C ILE E 101 41.57 13.47 6.98
N ALA E 102 41.77 12.53 7.90
CA ALA E 102 41.92 12.87 9.30
C ALA E 102 43.07 13.80 9.52
N VAL E 103 44.10 13.65 8.72
CA VAL E 103 45.35 14.31 9.05
C VAL E 103 45.29 15.79 8.71
N ILE E 104 44.36 16.19 7.84
CA ILE E 104 44.25 17.59 7.48
C ILE E 104 42.96 18.24 8.04
N LYS E 105 42.18 17.46 8.78
CA LYS E 105 40.92 17.95 9.34
C LYS E 105 41.06 19.07 10.37
N PRO E 106 42.10 19.02 11.23
CA PRO E 106 42.26 20.13 12.17
C PRO E 106 42.37 21.49 11.54
N VAL E 107 43.26 21.69 10.58
CA VAL E 107 43.42 23.01 9.95
C VAL E 107 42.33 23.34 8.93
N ILE E 108 42.02 22.37 8.07
CA ILE E 108 41.18 22.61 6.89
C ILE E 108 39.71 22.41 7.19
N GLY E 109 39.42 21.48 8.09
CA GLY E 109 38.05 21.18 8.42
C GLY E 109 37.14 20.73 7.29
N ASP E 110 36.06 21.49 7.18
CA ASP E 110 34.92 21.20 6.35
C ASP E 110 34.73 22.31 5.34
N TYR E 111 35.71 23.21 5.31
CA TYR E 111 35.56 24.46 4.56
C TYR E 111 36.16 24.40 3.18
N GLY E 112 35.81 25.40 2.36
CA GLY E 112 36.25 25.47 1.00
C GLY E 112 35.40 24.69 0.02
N MET E 113 35.89 24.63 -1.21
CA MET E 113 35.27 23.93 -2.33
C MET E 113 35.55 22.43 -2.34
N ILE E 114 36.68 22.04 -1.74
CA ILE E 114 37.19 20.68 -1.88
C ILE E 114 36.65 19.78 -0.79
N PHE E 115 36.74 20.21 0.46
CA PHE E 115 36.36 19.35 1.57
C PHE E 115 34.96 19.63 2.13
N SER E 116 34.17 20.39 1.38
CA SER E 116 32.82 20.70 1.81
C SER E 116 31.76 19.71 1.31
N ASN E 117 30.59 19.81 1.94
CA ASN E 117 29.40 19.07 1.57
C ASN E 117 28.22 20.01 1.37
N GLY E 118 27.11 19.42 0.92
CA GLY E 118 25.85 20.10 0.84
C GLY E 118 25.87 21.40 0.08
N GLU E 119 25.14 22.37 0.59
CA GLU E 119 24.97 23.64 -0.11
C GLU E 119 26.26 24.41 -0.15
N ARG E 120 27.05 24.30 0.93
CA ARG E 120 28.36 24.92 0.93
C ARG E 120 29.16 24.42 -0.27
N TRP E 121 29.15 23.11 -0.51
CA TRP E 121 29.94 22.58 -1.65
C TRP E 121 29.37 23.04 -2.98
N LYS E 122 28.05 22.91 -3.12
CA LYS E 122 27.36 23.29 -4.36
C LYS E 122 27.61 24.75 -4.70
N VAL E 123 27.51 25.62 -3.69
CA VAL E 123 27.75 27.04 -3.87
C VAL E 123 29.22 27.29 -4.22
N LEU E 124 30.13 26.79 -3.40
CA LEU E 124 31.55 27.14 -3.60
C LEU E 124 32.19 26.51 -4.84
N ARG E 125 31.75 25.31 -5.24
CA ARG E 125 32.31 24.71 -6.45
C ARG E 125 31.94 25.58 -7.64
N ARG E 126 30.64 25.86 -7.73
CA ARG E 126 30.08 26.74 -8.78
C ARG E 126 30.73 28.13 -8.84
N PHE E 127 30.87 28.78 -7.69
CA PHE E 127 31.57 30.07 -7.60
C PHE E 127 32.99 29.89 -8.09
N SER E 128 33.64 28.85 -7.59
CA SER E 128 35.05 28.61 -7.89
C SER E 128 35.24 28.32 -9.37
N LEU E 129 34.34 27.51 -9.93
CA LEU E 129 34.43 27.21 -11.35
C LEU E 129 34.28 28.50 -12.17
N ALA E 130 33.17 29.21 -11.94
CA ALA E 130 32.86 30.44 -12.66
C ALA E 130 33.98 31.50 -12.54
N THR E 131 34.52 31.66 -11.34
CA THR E 131 35.52 32.69 -11.08
C THR E 131 36.84 32.43 -11.78
N MET E 132 37.29 31.18 -11.76
CA MET E 132 38.56 30.84 -12.39
C MET E 132 38.50 31.07 -13.90
N ARG E 133 37.34 30.84 -14.51
CA ARG E 133 37.16 31.08 -15.93
C ARG E 133 37.21 32.57 -16.31
N ASP E 134 36.70 33.43 -15.44
CA ASP E 134 36.70 34.89 -15.69
C ASP E 134 38.12 35.42 -15.63
N PHE E 135 39.00 34.66 -14.99
CA PHE E 135 40.42 34.95 -14.97
C PHE E 135 41.18 33.97 -15.88
N GLY E 136 40.50 33.48 -16.91
CA GLY E 136 41.16 32.79 -18.03
C GLY E 136 40.86 31.35 -18.45
N MET E 137 40.14 30.58 -17.64
CA MET E 137 39.80 29.16 -17.91
C MET E 137 39.26 28.49 -16.66
N ARG E 140 41.63 29.92 -21.99
CA ARG E 140 41.81 31.17 -22.71
C ARG E 140 43.21 31.76 -22.47
N SER E 141 43.21 33.00 -21.97
CA SER E 141 44.45 33.75 -21.70
C SER E 141 45.41 33.01 -20.75
N VAL E 142 44.95 31.95 -20.07
CA VAL E 142 45.82 31.15 -19.20
C VAL E 142 46.92 30.47 -20.03
N GLU E 143 46.55 30.06 -21.24
CA GLU E 143 47.50 29.49 -22.19
C GLU E 143 48.69 30.40 -22.43
N ASP E 144 48.46 31.71 -22.48
CA ASP E 144 49.55 32.62 -22.73
C ASP E 144 50.41 32.67 -21.49
N ARG E 145 49.77 32.71 -20.32
CA ARG E 145 50.53 32.73 -19.06
C ARG E 145 51.36 31.45 -18.87
N ILE E 146 50.82 30.30 -19.28
CA ILE E 146 51.58 29.06 -19.20
C ILE E 146 52.77 29.13 -20.16
N GLN E 147 52.51 29.61 -21.37
CA GLN E 147 53.58 29.80 -22.34
C GLN E 147 54.69 30.69 -21.80
N GLU E 148 54.35 31.87 -21.27
CA GLU E 148 55.37 32.78 -20.74
C GLU E 148 56.09 32.17 -19.53
N GLU E 149 55.38 31.37 -18.75
CA GLU E 149 56.05 30.68 -17.65
C GLU E 149 56.96 29.57 -18.19
N ALA E 150 56.56 28.93 -19.29
CA ALA E 150 57.41 27.90 -19.91
C ALA E 150 58.74 28.49 -20.40
N GLN E 151 58.68 29.64 -21.08
CA GLN E 151 59.91 30.31 -21.52
C GLN E 151 60.75 30.73 -20.33
N CYS E 152 60.10 31.12 -19.25
CA CYS E 152 60.81 31.52 -18.02
C CYS E 152 61.60 30.32 -17.50
N LEU E 153 61.03 29.13 -17.70
CA LEU E 153 61.64 27.87 -17.30
C LEU E 153 62.85 27.54 -18.16
N VAL E 154 62.75 27.78 -19.47
CA VAL E 154 63.85 27.42 -20.34
C VAL E 154 65.11 28.23 -20.02
N GLU E 155 64.94 29.52 -19.74
CA GLU E 155 66.09 30.39 -19.46
C GLU E 155 66.90 30.00 -18.22
N GLU E 156 66.22 29.42 -17.23
CA GLU E 156 66.88 29.04 -15.97
C GLU E 156 67.66 27.77 -16.16
N LEU E 157 67.16 26.91 -17.04
CA LEU E 157 67.82 25.63 -17.33
C LEU E 157 68.97 25.80 -18.33
N GLN E 158 68.93 26.87 -19.11
CA GLN E 158 70.06 27.20 -19.96
C GLN E 158 71.17 27.71 -19.05
N LYS E 159 70.77 28.42 -18.00
CA LYS E 159 71.71 28.95 -17.01
C LYS E 159 72.40 27.82 -16.24
N SER E 160 71.81 26.63 -16.27
CA SER E 160 72.39 25.48 -15.60
C SER E 160 73.43 24.88 -16.54
N GLN E 161 73.12 24.93 -17.84
CA GLN E 161 73.99 24.43 -18.91
C GLN E 161 74.37 22.98 -18.66
N GLY E 162 73.37 22.10 -18.59
CA GLY E 162 73.63 20.71 -18.36
C GLY E 162 73.65 20.26 -16.91
N ALA E 163 74.35 21.00 -16.06
CA ALA E 163 74.56 20.63 -14.65
C ALA E 163 73.34 19.98 -14.00
N PRO E 164 73.58 18.85 -13.33
CA PRO E 164 72.53 18.06 -12.67
C PRO E 164 71.83 18.83 -11.55
N LEU E 165 70.51 18.71 -11.48
CA LEU E 165 69.73 19.41 -10.47
C LEU E 165 68.46 18.64 -10.10
N ASP E 166 67.93 18.93 -8.92
CA ASP E 166 66.68 18.34 -8.47
C ASP E 166 65.54 19.23 -8.93
N PRO E 167 64.74 18.74 -9.89
CA PRO E 167 63.70 19.53 -10.54
C PRO E 167 62.43 19.68 -9.71
N THR E 168 62.46 19.23 -8.46
CA THR E 168 61.28 19.32 -7.60
C THR E 168 60.76 20.74 -7.53
N PHE E 169 61.64 21.57 -7.00
CA PHE E 169 61.40 22.97 -6.77
C PHE E 169 60.96 23.70 -8.00
N LEU E 170 61.71 23.59 -9.07
CA LEU E 170 61.37 24.37 -10.26
C LEU E 170 60.01 23.98 -10.78
N PHE E 171 59.70 22.70 -10.77
CA PHE E 171 58.42 22.24 -11.30
C PHE E 171 57.23 22.71 -10.46
N GLN E 172 57.46 22.90 -9.17
CA GLN E 172 56.49 23.51 -8.25
C GLN E 172 56.21 24.95 -8.65
N CYS E 173 57.29 25.72 -8.85
CA CYS E 173 57.23 27.14 -9.21
C CYS E 173 56.31 27.39 -10.38
N ILE E 174 56.57 26.68 -11.47
CA ILE E 174 55.94 26.94 -12.75
C ILE E 174 54.45 26.60 -12.68
N THR E 175 54.13 25.62 -11.85
CA THR E 175 52.74 25.21 -11.76
C THR E 175 52.06 26.13 -10.73
N ALA E 176 52.75 26.44 -9.64
CA ALA E 176 52.21 27.33 -8.61
C ALA E 176 51.90 28.72 -9.18
N ASN E 177 52.80 29.23 -10.04
CA ASN E 177 52.62 30.56 -10.64
C ASN E 177 51.35 30.69 -11.46
N ILE E 178 50.87 29.60 -12.03
CA ILE E 178 49.64 29.64 -12.82
C ILE E 178 48.38 29.86 -11.96
N ILE E 179 48.35 29.16 -10.83
CA ILE E 179 47.19 29.26 -9.96
C ILE E 179 47.30 30.53 -9.09
N CYS E 180 48.53 30.94 -8.79
CA CYS E 180 48.80 32.15 -8.05
C CYS E 180 48.32 33.38 -8.80
N SER E 181 48.56 33.37 -10.11
CA SER E 181 48.18 34.48 -10.96
C SER E 181 46.66 34.63 -11.02
N ILE E 182 45.96 33.51 -10.90
CA ILE E 182 44.49 33.48 -10.94
C ILE E 182 43.92 33.78 -9.55
N VAL E 183 44.69 33.42 -8.53
CA VAL E 183 44.21 33.54 -7.17
C VAL E 183 44.75 34.76 -6.47
N PHE E 184 46.08 34.96 -6.54
CA PHE E 184 46.72 36.09 -5.86
C PHE E 184 46.95 37.29 -6.78
N GLY E 185 46.66 37.12 -8.07
CA GLY E 185 46.82 38.22 -9.00
C GLY E 185 48.25 38.43 -9.46
N GLU E 186 49.18 37.63 -8.93
CA GLU E 186 50.59 37.77 -9.33
C GLU E 186 51.33 36.44 -9.52
N ARG E 187 52.46 36.50 -10.22
CA ARG E 187 53.39 35.38 -10.25
C ARG E 187 54.61 35.80 -9.45
N TYR E 188 55.45 34.85 -9.08
CA TYR E 188 56.60 35.15 -8.24
C TYR E 188 57.89 34.63 -8.89
N ASP E 189 58.99 35.31 -8.58
CA ASP E 189 60.29 34.92 -9.11
C ASP E 189 60.81 33.64 -8.46
N TYR E 190 61.58 32.87 -9.22
CA TYR E 190 62.09 31.57 -8.76
C TYR E 190 63.07 31.70 -7.59
N LYS E 191 63.40 32.93 -7.20
CA LYS E 191 64.31 33.11 -6.07
C LYS E 191 63.73 33.96 -4.95
N ASP E 192 62.43 34.26 -5.03
CA ASP E 192 61.72 34.89 -3.93
C ASP E 192 61.83 33.99 -2.72
N ARG E 193 62.37 34.54 -1.63
CA ARG E 193 62.67 33.71 -0.49
C ARG E 193 61.42 33.09 0.12
N GLN E 194 60.38 33.91 0.36
CA GLN E 194 59.17 33.41 0.99
C GLN E 194 58.31 32.57 0.02
N PHE E 195 58.49 32.76 -1.28
CA PHE E 195 57.89 31.86 -2.27
C PHE E 195 58.55 30.49 -2.15
N LEU E 196 59.88 30.48 -2.01
CA LEU E 196 60.63 29.24 -1.83
C LEU E 196 60.10 28.49 -0.61
N ARG E 197 59.83 29.22 0.47
CA ARG E 197 59.36 28.64 1.72
C ARG E 197 58.02 27.93 1.55
N LEU E 198 57.09 28.60 0.88
CA LEU E 198 55.75 28.06 0.64
C LEU E 198 55.78 26.74 -0.12
N LEU E 199 56.67 26.67 -1.11
CA LEU E 199 56.77 25.51 -1.98
C LEU E 199 57.46 24.35 -1.26
N ASP E 200 58.40 24.68 -0.38
CA ASP E 200 59.01 23.70 0.47
C ASP E 200 57.99 23.09 1.42
N LEU E 201 57.11 23.92 1.98
CA LEU E 201 56.07 23.48 2.90
C LEU E 201 55.07 22.56 2.19
N PHE E 202 54.68 22.97 0.98
CA PHE E 202 53.78 22.17 0.16
C PHE E 202 54.39 20.80 -0.18
N TYR E 203 55.65 20.75 -0.60
CA TYR E 203 56.29 19.46 -0.90
C TYR E 203 56.33 18.58 0.35
N ARG E 204 56.89 19.09 1.44
CA ARG E 204 57.04 18.26 2.65
C ARG E 204 55.68 17.80 3.19
N THR E 205 54.65 18.60 3.02
CA THR E 205 53.34 18.27 3.57
C THR E 205 52.62 17.18 2.78
N PHE E 206 52.76 17.25 1.46
CA PHE E 206 52.16 16.25 0.61
C PHE E 206 52.77 14.87 0.89
N SER E 207 54.08 14.85 1.12
CA SER E 207 54.76 13.61 1.49
C SER E 207 54.29 13.08 2.84
N LEU E 208 54.17 13.97 3.82
CA LEU E 208 53.68 13.57 5.13
C LEU E 208 52.26 13.03 5.08
N MET E 209 51.40 13.69 4.30
CA MET E 209 50.04 13.25 4.11
C MET E 209 50.01 11.84 3.50
N SER E 210 51.00 11.51 2.67
CA SER E 210 51.02 10.24 1.95
C SER E 210 51.76 9.14 2.72
N SER E 211 52.40 9.52 3.81
CA SER E 211 53.22 8.59 4.58
C SER E 211 52.38 7.55 5.32
N PHE E 212 53.06 6.49 5.74
CA PHE E 212 52.43 5.41 6.49
C PHE E 212 51.83 5.98 7.76
N SER E 213 52.52 6.97 8.32
CA SER E 213 52.09 7.60 9.55
C SER E 213 50.68 8.19 9.43
N SER E 214 50.38 8.81 8.29
CA SER E 214 49.08 9.45 8.10
C SER E 214 47.97 8.42 7.91
N GLN E 215 48.32 7.27 7.35
CA GLN E 215 47.36 6.18 7.17
C GLN E 215 47.01 5.51 8.51
N VAL E 216 48.01 5.32 9.36
CA VAL E 216 47.78 4.81 10.70
C VAL E 216 46.99 5.91 11.46
N PHE E 217 47.28 7.16 11.17
CA PHE E 217 46.49 8.22 11.78
C PHE E 217 45.04 8.15 11.29
N GLU E 218 44.84 7.79 10.02
CA GLU E 218 43.48 7.68 9.49
C GLU E 218 42.68 6.61 10.25
N LEU E 219 43.35 5.54 10.64
CA LEU E 219 42.69 4.47 11.38
C LEU E 219 42.35 4.89 12.83
N PHE E 220 43.31 5.55 13.50
CA PHE E 220 43.29 5.75 14.97
C PHE E 220 43.56 7.18 15.47
N SER E 221 43.15 8.17 14.69
CA SER E 221 43.38 9.57 15.03
C SER E 221 42.89 9.97 16.44
N GLY E 222 41.77 9.41 16.88
CA GLY E 222 41.25 9.68 18.23
C GLY E 222 42.22 9.42 19.36
N PHE E 223 43.20 8.57 19.07
CA PHE E 223 44.21 8.09 20.00
C PHE E 223 45.58 8.65 19.63
N MET E 224 45.92 8.58 18.34
CA MET E 224 47.24 8.98 17.87
C MET E 224 47.47 10.49 17.98
N LYS E 225 46.37 11.26 18.07
CA LYS E 225 46.41 12.73 18.16
C LYS E 225 47.14 13.19 19.42
N TYR E 226 47.25 12.32 20.42
CA TYR E 226 47.96 12.63 21.66
C TYR E 226 49.46 12.40 21.65
N PHE E 227 49.98 11.87 20.55
CA PHE E 227 51.38 11.48 20.43
C PHE E 227 52.06 12.12 19.24
N PRO E 228 53.40 12.16 19.26
CA PRO E 228 54.14 12.64 18.09
C PRO E 228 53.80 11.86 16.82
N GLY E 229 53.99 12.49 15.67
CA GLY E 229 53.68 11.86 14.40
C GLY E 229 53.54 12.89 13.31
N ALA E 230 53.40 12.42 12.08
CA ALA E 230 53.30 13.32 10.93
C ALA E 230 52.19 14.33 11.07
N HIS E 231 51.13 13.94 11.77
CA HIS E 231 49.91 14.74 11.83
C HIS E 231 50.11 16.11 12.39
N ARG E 232 51.16 16.27 13.21
CA ARG E 232 51.45 17.52 13.89
C ARG E 232 52.26 18.45 13.02
N GLN E 233 53.19 17.87 12.26
CA GLN E 233 53.97 18.66 11.33
C GLN E 233 53.07 19.14 10.19
N ILE E 234 52.10 18.31 9.82
CA ILE E 234 51.19 18.68 8.75
C ILE E 234 50.30 19.83 9.23
N THR E 235 49.88 19.78 10.49
CA THR E 235 49.11 20.89 11.03
C THR E 235 49.98 22.15 11.11
N ARG E 236 51.24 22.00 11.53
CA ARG E 236 52.15 23.15 11.64
C ARG E 236 52.36 23.79 10.27
N ASN E 237 52.74 22.99 9.27
CA ASN E 237 52.96 23.50 7.92
C ASN E 237 51.77 24.24 7.35
N LEU E 238 50.62 23.57 7.36
CA LEU E 238 49.41 24.12 6.80
C LEU E 238 49.01 25.42 7.53
N GLN E 239 49.27 25.48 8.84
CA GLN E 239 48.98 26.70 9.59
C GLN E 239 49.91 27.83 9.16
N GLU E 240 51.17 27.51 8.87
CA GLU E 240 52.10 28.51 8.37
C GLU E 240 51.68 29.03 6.99
N ILE E 241 51.16 28.13 6.16
CA ILE E 241 50.65 28.55 4.85
C ILE E 241 49.35 29.36 4.99
N LEU E 242 48.50 28.94 5.92
CA LEU E 242 47.24 29.65 6.11
C LEU E 242 47.47 31.08 6.63
N ASP E 243 48.58 31.26 7.33
CA ASP E 243 48.99 32.57 7.81
C ASP E 243 49.30 33.48 6.64
N TYR E 244 50.11 32.97 5.72
CA TYR E 244 50.41 33.71 4.49
C TYR E 244 49.15 34.12 3.77
N VAL E 245 48.22 33.17 3.68
CA VAL E 245 46.98 33.39 2.97
C VAL E 245 46.22 34.52 3.63
N GLY E 246 46.16 34.51 4.96
CA GLY E 246 45.52 35.59 5.69
C GLY E 246 46.11 36.98 5.48
N GLN E 247 47.43 37.07 5.53
CA GLN E 247 48.17 38.29 5.28
C GLN E 247 47.78 38.84 3.92
N SER E 248 47.85 37.96 2.93
CA SER E 248 47.53 38.30 1.56
C SER E 248 46.08 38.75 1.39
N VAL E 249 45.16 38.11 2.13
CA VAL E 249 43.76 38.51 2.08
C VAL E 249 43.63 39.95 2.59
N GLU E 250 44.35 40.25 3.67
CA GLU E 250 44.37 41.58 4.25
C GLU E 250 45.00 42.59 3.29
N LYS E 251 46.07 42.17 2.64
CA LYS E 251 46.72 42.98 1.62
C LYS E 251 45.75 43.27 0.46
N HIS E 252 44.81 42.35 0.22
CA HIS E 252 43.78 42.54 -0.79
C HIS E 252 42.65 43.48 -0.35
N ARG E 253 42.28 43.42 0.93
CA ARG E 253 41.19 44.25 1.44
C ARG E 253 41.60 45.72 1.33
N ALA E 254 42.83 46.01 1.72
CA ALA E 254 43.36 47.36 1.75
C ALA E 254 43.27 48.00 0.37
N THR E 255 43.63 47.24 -0.66
CA THR E 255 43.63 47.77 -2.01
C THR E 255 42.48 47.32 -2.92
N LEU E 256 41.36 46.85 -2.36
CA LEU E 256 40.24 46.40 -3.19
C LEU E 256 39.53 47.51 -3.97
N ASP E 257 39.58 47.40 -5.30
CA ASP E 257 38.84 48.27 -6.20
C ASP E 257 37.61 47.56 -6.72
N PRO E 258 36.43 47.93 -6.19
CA PRO E 258 35.15 47.26 -6.51
C PRO E 258 34.82 47.17 -8.00
N SER E 259 35.55 47.87 -8.85
CA SER E 259 35.26 47.86 -10.28
C SER E 259 36.37 47.24 -11.12
N ASN E 260 37.45 46.84 -10.47
CA ASN E 260 38.50 46.04 -11.10
C ASN E 260 39.03 44.95 -10.15
N PRO E 261 38.26 43.84 -9.99
CA PRO E 261 38.82 42.70 -9.27
C PRO E 261 39.93 42.08 -10.09
N ARG E 262 41.11 41.92 -9.50
CA ARG E 262 42.30 41.38 -10.17
C ARG E 262 42.34 39.84 -10.21
N ASP E 263 41.70 39.21 -9.24
CA ASP E 263 41.89 37.78 -9.03
C ASP E 263 40.75 37.16 -8.23
N PHE E 264 40.92 35.88 -7.89
CA PHE E 264 39.97 35.10 -7.12
C PHE E 264 39.58 35.79 -5.80
N ILE E 265 40.58 36.29 -5.09
CA ILE E 265 40.33 36.88 -3.77
C ILE E 265 39.42 38.10 -3.85
N ASP E 266 39.73 39.02 -4.77
CA ASP E 266 38.92 40.21 -4.95
C ASP E 266 37.48 39.86 -5.25
N THR E 267 37.25 38.97 -6.20
CA THR E 267 35.92 38.58 -6.63
C THR E 267 35.13 38.02 -5.47
N TYR E 268 35.82 37.25 -4.63
CA TYR E 268 35.22 36.69 -3.41
C TYR E 268 34.93 37.80 -2.38
N LEU E 269 35.89 38.71 -2.17
CA LEU E 269 35.67 39.81 -1.25
C LEU E 269 34.42 40.59 -1.64
N LEU E 270 34.34 40.96 -2.92
CA LEU E 270 33.17 41.68 -3.43
C LEU E 270 31.90 40.90 -3.20
N ARG E 271 31.95 39.59 -3.36
CA ARG E 271 30.77 38.78 -3.16
C ARG E 271 30.46 38.61 -1.68
N MET E 272 31.46 38.80 -0.81
CA MET E 272 31.18 38.81 0.61
C MET E 272 30.29 39.99 0.96
N GLU E 273 30.69 41.17 0.47
CA GLU E 273 29.98 42.43 0.75
C GLU E 273 28.55 42.42 0.23
N LYS E 274 28.37 41.91 -0.98
CA LYS E 274 27.06 41.80 -1.60
C LYS E 274 26.11 40.91 -0.78
N GLU E 275 26.66 40.00 0.00
CA GLU E 275 25.82 39.06 0.71
C GLU E 275 25.83 39.14 2.24
N LYS E 276 26.38 40.23 2.80
CA LYS E 276 26.46 40.37 4.27
C LYS E 276 25.06 40.42 4.88
N SER E 277 24.10 40.93 4.11
CA SER E 277 22.68 40.86 4.47
C SER E 277 22.27 39.49 5.01
N ASN E 278 22.52 38.44 4.22
CA ASN E 278 22.25 37.06 4.63
C ASN E 278 23.25 36.62 5.73
N GLN E 279 22.74 36.11 6.86
CA GLN E 279 23.57 35.74 8.02
C GLN E 279 24.02 34.29 7.92
N HIS E 280 23.47 33.64 6.92
CA HIS E 280 23.71 32.25 6.62
C HIS E 280 24.34 32.07 5.23
N THR E 281 25.01 33.10 4.75
CA THR E 281 25.80 33.06 3.53
C THR E 281 26.98 32.10 3.69
N GLU E 282 27.46 31.54 2.59
CA GLU E 282 28.64 30.70 2.69
C GLU E 282 29.88 31.57 2.53
N PHE E 283 29.69 32.75 1.95
CA PHE E 283 30.82 33.63 1.60
C PHE E 283 31.29 34.41 2.81
N HIS E 284 31.99 33.71 3.70
CA HIS E 284 32.55 34.32 4.88
C HIS E 284 34.07 34.18 4.89
N HIS E 285 34.71 34.68 5.95
CA HIS E 285 36.15 34.75 5.96
C HIS E 285 36.81 33.37 6.02
N GLN E 286 36.23 32.46 6.76
CA GLN E 286 36.83 31.13 6.90
C GLN E 286 36.82 30.32 5.58
N ASN E 287 35.68 30.35 4.88
CA ASN E 287 35.56 29.74 3.57
C ASN E 287 36.47 30.42 2.58
N LEU E 288 36.81 31.69 2.82
CA LEU E 288 37.77 32.36 1.94
C LEU E 288 39.18 31.83 2.16
N LEU E 289 39.61 31.79 3.42
CA LEU E 289 40.96 31.36 3.74
C LEU E 289 41.21 29.90 3.32
N ILE E 290 40.25 29.03 3.58
CA ILE E 290 40.43 27.62 3.27
C ILE E 290 40.32 27.41 1.76
N SER E 291 39.42 28.14 1.08
CA SER E 291 39.32 28.09 -0.38
C SER E 291 40.65 28.38 -1.06
N VAL E 292 41.29 29.45 -0.61
CA VAL E 292 42.59 29.87 -1.12
C VAL E 292 43.65 28.82 -0.76
N LEU E 293 43.59 28.33 0.47
CA LEU E 293 44.52 27.28 0.89
C LEU E 293 44.38 26.08 -0.04
N SER E 294 43.13 25.71 -0.32
CA SER E 294 42.81 24.59 -1.20
C SER E 294 43.30 24.77 -2.62
N LEU E 295 42.97 25.87 -3.26
CA LEU E 295 43.42 26.06 -4.59
C LEU E 295 44.91 26.17 -4.67
N PHE E 296 45.54 26.73 -3.64
CA PHE E 296 46.96 27.03 -3.72
C PHE E 296 47.72 25.69 -3.69
N PHE E 297 47.36 24.87 -2.73
CA PHE E 297 47.71 23.47 -2.72
C PHE E 297 47.06 22.80 -3.88
N ALA E 298 47.67 21.83 -4.39
CA ALA E 298 46.99 21.16 -5.49
C ALA E 298 47.19 21.92 -6.80
N GLY E 299 47.65 23.14 -6.76
CA GLY E 299 48.06 23.86 -7.95
C GLY E 299 49.56 24.03 -7.86
N THR E 300 50.11 23.52 -6.80
CA THR E 300 51.50 23.58 -6.57
C THR E 300 52.00 22.15 -6.58
N GLU E 301 51.21 21.24 -6.08
CA GLU E 301 51.68 19.93 -5.76
C GLU E 301 51.15 18.80 -6.60
N THR E 302 50.21 19.07 -7.45
CA THR E 302 49.59 18.05 -8.29
C THR E 302 50.24 17.90 -9.68
N THR E 303 49.97 18.87 -10.56
CA THR E 303 50.62 18.90 -11.88
C THR E 303 52.11 18.78 -11.76
N SER E 304 52.64 19.46 -10.75
CA SER E 304 54.03 19.43 -10.43
C SER E 304 54.57 18.01 -10.18
N THR E 305 53.87 17.24 -9.35
CA THR E 305 54.31 15.89 -9.00
C THR E 305 54.23 14.96 -10.25
N THR E 306 53.13 15.09 -11.00
CA THR E 306 52.98 14.39 -12.28
C THR E 306 54.17 14.66 -13.21
N LEU E 307 54.56 15.91 -13.32
CA LEU E 307 55.65 16.31 -14.15
C LEU E 307 56.92 15.70 -13.69
N ARG E 308 57.15 15.65 -12.39
CA ARG E 308 58.39 15.08 -11.89
C ARG E 308 58.46 13.57 -12.20
N TYR E 309 57.30 12.89 -12.18
CA TYR E 309 57.24 11.52 -12.66
C TYR E 309 57.34 11.45 -14.18
N GLY E 310 56.83 12.47 -14.85
CA GLY E 310 56.86 12.52 -16.30
C GLY E 310 58.28 12.40 -16.80
N PHE E 311 59.18 13.10 -16.13
CA PHE E 311 60.59 13.13 -16.52
C PHE E 311 61.47 12.03 -15.93
N LEU E 312 61.06 11.44 -14.80
CA LEU E 312 61.75 10.25 -14.31
C LEU E 312 61.53 9.07 -15.27
N LEU E 313 60.32 9.02 -15.82
CA LEU E 313 59.93 8.06 -16.83
C LEU E 313 60.62 8.31 -18.15
N MET E 314 60.99 9.57 -18.37
CA MET E 314 61.67 9.98 -19.58
C MET E 314 63.14 9.59 -19.47
N LEU E 315 63.63 9.49 -18.24
CA LEU E 315 64.98 9.01 -18.03
C LEU E 315 65.07 7.50 -18.28
N LYS E 316 64.00 6.78 -17.93
CA LYS E 316 64.01 5.30 -18.00
C LYS E 316 63.68 4.78 -19.41
N TYR E 317 62.88 5.54 -20.16
CA TYR E 317 62.48 5.19 -21.52
C TYR E 317 62.84 6.27 -22.56
N PRO E 318 64.16 6.51 -22.79
CA PRO E 318 64.69 7.58 -23.64
C PRO E 318 64.20 7.57 -25.09
N HIS E 319 63.87 6.40 -25.62
CA HIS E 319 63.38 6.36 -26.99
C HIS E 319 61.98 6.97 -27.13
N VAL E 320 61.17 6.87 -26.06
CA VAL E 320 59.86 7.53 -26.03
C VAL E 320 60.07 9.04 -26.02
N ALA E 321 61.12 9.47 -25.32
CA ALA E 321 61.51 10.88 -25.30
C ALA E 321 61.80 11.35 -26.73
N GLU E 322 62.63 10.60 -27.41
CA GLU E 322 63.03 10.91 -28.77
C GLU E 322 61.83 10.93 -29.74
N LYS E 323 60.91 9.98 -29.58
CA LYS E 323 59.73 9.92 -30.41
C LYS E 323 58.85 11.12 -30.17
N VAL E 324 58.89 11.67 -28.94
CA VAL E 324 58.13 12.88 -28.60
C VAL E 324 58.76 14.09 -29.32
N GLN E 325 60.08 14.23 -29.22
CA GLN E 325 60.78 15.35 -29.88
C GLN E 325 60.66 15.38 -31.39
N LYS E 326 60.63 14.20 -31.99
CA LYS E 326 60.50 14.09 -33.42
C LYS E 326 59.11 14.56 -33.87
N GLU E 327 58.11 14.38 -33.00
CA GLU E 327 56.75 14.76 -33.37
C GLU E 327 56.58 16.28 -33.17
N ILE E 328 57.34 16.82 -32.21
CA ILE E 328 57.38 18.26 -31.98
C ILE E 328 58.05 18.96 -33.17
N ASP E 329 59.15 18.40 -33.63
CA ASP E 329 59.94 18.99 -34.73
C ASP E 329 59.10 19.07 -36.01
N GLN E 330 58.32 18.03 -36.27
CA GLN E 330 57.46 17.96 -37.45
C GLN E 330 56.23 18.92 -37.40
N VAL E 331 55.54 18.93 -36.26
CA VAL E 331 54.31 19.72 -36.10
C VAL E 331 54.54 21.18 -35.70
N ILE E 332 55.53 21.40 -34.85
CA ILE E 332 55.73 22.73 -34.30
C ILE E 332 56.97 23.33 -34.93
N GLY E 333 58.04 22.55 -35.01
CA GLY E 333 59.31 23.06 -35.49
C GLY E 333 60.09 23.34 -34.24
N SER E 334 61.13 24.17 -34.30
CA SER E 334 61.97 24.37 -33.12
C SER E 334 62.08 25.84 -32.67
N HIS E 335 61.30 26.74 -33.28
CA HIS E 335 61.41 28.17 -32.97
C HIS E 335 60.24 28.75 -32.16
N ARG E 336 59.01 28.32 -32.50
CA ARG E 336 57.81 28.91 -31.92
C ARG E 336 57.42 28.21 -30.63
N LEU E 337 56.52 28.85 -29.89
CA LEU E 337 55.97 28.26 -28.68
C LEU E 337 54.89 27.26 -29.07
N PRO E 338 54.88 26.12 -28.39
CA PRO E 338 53.80 25.14 -28.56
C PRO E 338 52.46 25.74 -28.14
N THR E 339 51.37 25.26 -28.72
CA THR E 339 50.03 25.76 -28.41
C THR E 339 49.09 24.63 -28.08
N LEU E 340 47.96 24.94 -27.46
CA LEU E 340 46.99 23.89 -27.16
C LEU E 340 46.47 23.27 -28.45
N GLU E 341 46.52 24.05 -29.53
CA GLU E 341 46.11 23.57 -30.86
C GLU E 341 47.03 22.44 -31.39
N ASP E 342 48.29 22.44 -30.98
CA ASP E 342 49.25 21.41 -31.37
C ASP E 342 48.95 20.04 -30.77
N ARG E 343 48.23 20.01 -29.66
CA ARG E 343 47.96 18.75 -28.97
C ARG E 343 47.03 17.87 -29.80
N THR E 344 46.09 18.51 -30.48
CA THR E 344 45.19 17.78 -31.37
C THR E 344 45.95 17.19 -32.56
N LYS E 345 47.12 17.74 -32.84
CA LYS E 345 47.90 17.29 -33.98
C LYS E 345 49.18 16.52 -33.59
N MET E 346 49.23 16.07 -32.34
CA MET E 346 50.37 15.29 -31.86
C MET E 346 49.92 14.05 -31.09
N PRO E 347 49.33 13.07 -31.80
CA PRO E 347 48.68 11.92 -31.15
C PRO E 347 49.61 11.14 -30.22
N TYR E 348 50.89 11.03 -30.59
CA TYR E 348 51.82 10.26 -29.78
C TYR E 348 52.21 10.95 -28.45
N THR E 349 52.60 12.23 -28.48
CA THR E 349 52.89 12.96 -27.24
C THR E 349 51.68 13.03 -26.29
N ASP E 350 50.51 13.24 -26.84
CA ASP E 350 49.28 13.24 -26.06
C ASP E 350 49.11 11.90 -25.31
N ALA E 351 49.37 10.81 -26.02
CA ALA E 351 49.30 9.46 -25.46
C ALA E 351 50.34 9.28 -24.35
N VAL E 352 51.50 9.87 -24.53
CA VAL E 352 52.57 9.79 -23.56
C VAL E 352 52.20 10.50 -22.25
N ILE E 353 51.57 11.67 -22.38
CA ILE E 353 51.10 12.42 -21.23
C ILE E 353 50.05 11.60 -20.52
N HIS E 354 49.11 11.07 -21.30
CA HIS E 354 48.09 10.15 -20.79
C HIS E 354 48.71 9.00 -19.98
N GLU E 355 49.76 8.39 -20.54
CA GLU E 355 50.43 7.25 -19.90
C GLU E 355 51.24 7.64 -18.68
N ILE E 356 51.77 8.86 -18.68
CA ILE E 356 52.47 9.36 -17.51
C ILE E 356 51.52 9.50 -16.31
N GLN E 357 50.35 10.06 -16.56
CA GLN E 357 49.30 10.23 -15.56
C GLN E 357 48.70 8.91 -15.10
N ARG E 358 48.57 7.96 -16.04
CA ARG E 358 48.03 6.64 -15.71
C ARG E 358 49.03 5.89 -14.82
N PHE E 359 50.31 5.98 -15.16
CA PHE E 359 51.32 5.26 -14.40
C PHE E 359 51.59 5.93 -13.07
N SER E 360 51.76 7.25 -13.07
CA SER E 360 52.13 7.95 -11.84
C SER E 360 51.03 7.83 -10.77
N ASP E 361 49.77 7.81 -11.17
CA ASP E 361 48.71 7.44 -10.22
C ASP E 361 48.71 8.39 -9.00
N LEU E 362 48.56 9.69 -9.24
CA LEU E 362 48.75 10.69 -8.19
C LEU E 362 47.81 10.47 -6.98
N ALA E 363 46.56 10.14 -7.24
CA ALA E 363 45.61 9.82 -6.18
C ALA E 363 45.12 8.37 -6.34
N PRO E 364 45.82 7.41 -5.72
CA PRO E 364 45.59 5.96 -5.88
C PRO E 364 44.20 5.51 -5.43
N ILE E 365 43.84 5.84 -4.21
CA ILE E 365 42.44 5.89 -3.86
C ILE E 365 42.03 7.22 -4.45
N GLY E 366 40.76 7.52 -4.63
CA GLY E 366 40.46 8.86 -5.09
C GLY E 366 40.62 9.80 -3.92
N ALA E 367 39.69 10.72 -3.78
CA ALA E 367 39.52 11.44 -2.55
C ALA E 367 38.28 10.84 -1.90
N PRO E 368 38.20 10.83 -0.55
CA PRO E 368 37.05 10.19 0.12
C PRO E 368 35.68 10.80 -0.23
N HIS E 369 34.75 9.93 -0.64
CA HIS E 369 33.36 10.29 -0.85
C HIS E 369 32.46 9.83 0.29
N LYS E 370 31.15 10.11 0.18
CA LYS E 370 30.15 9.48 1.04
C LYS E 370 28.78 9.58 0.37
N VAL E 371 27.85 8.69 0.71
CA VAL E 371 26.54 8.77 0.09
C VAL E 371 25.74 9.83 0.86
N THR E 372 25.06 10.69 0.10
CA THR E 372 24.37 11.84 0.67
C THR E 372 22.99 11.42 1.19
N LYS E 373 22.58 10.21 0.82
CA LYS E 373 21.28 9.69 1.17
C LYS E 373 21.40 8.19 1.23
N ASP E 374 20.49 7.53 1.94
CA ASP E 374 20.45 6.08 1.90
C ASP E 374 20.40 5.61 0.47
N THR E 375 21.37 4.77 0.10
CA THR E 375 21.61 4.40 -1.29
C THR E 375 21.65 2.89 -1.43
N LEU E 376 20.99 2.40 -2.48
CA LEU E 376 21.03 1.01 -2.85
C LEU E 376 22.00 0.87 -4.02
N PHE E 377 22.95 -0.05 -3.84
CA PHE E 377 24.04 -0.27 -4.80
C PHE E 377 24.30 -1.75 -4.91
N ARG E 378 24.15 -2.29 -6.12
CA ARG E 378 24.35 -3.72 -6.37
C ARG E 378 23.71 -4.62 -5.30
N GLY E 379 22.52 -4.23 -4.86
CA GLY E 379 21.79 -5.01 -3.88
C GLY E 379 22.23 -4.70 -2.48
N TYR E 380 23.28 -3.90 -2.32
CA TYR E 380 23.72 -3.51 -0.99
C TYR E 380 23.06 -2.21 -0.61
N LEU E 381 22.79 -2.05 0.68
CA LEU E 381 22.20 -0.84 1.22
C LEU E 381 23.17 -0.01 2.04
N LEU E 382 23.51 1.16 1.54
CA LEU E 382 24.43 2.06 2.22
C LEU E 382 23.67 3.19 2.90
N PRO E 383 23.62 3.18 4.24
CA PRO E 383 22.95 4.25 4.97
C PRO E 383 23.55 5.61 4.65
N LYS E 384 22.79 6.68 4.84
CA LYS E 384 23.27 8.04 4.61
C LYS E 384 24.58 8.31 5.37
N ASN E 385 25.51 8.97 4.67
CA ASN E 385 26.85 9.32 5.17
C ASN E 385 27.85 8.14 5.25
N THR E 386 27.49 7.01 4.67
CA THR E 386 28.42 5.87 4.59
C THR E 386 29.58 6.32 3.71
N GLU E 387 30.80 6.24 4.24
CA GLU E 387 31.94 6.67 3.48
C GLU E 387 32.27 5.68 2.37
N VAL E 388 32.80 6.21 1.27
CA VAL E 388 33.02 5.47 0.04
C VAL E 388 34.36 5.90 -0.60
N TYR E 389 35.27 4.95 -0.85
CA TYR E 389 36.54 5.27 -1.53
C TYR E 389 36.55 4.74 -2.96
N PRO E 390 36.56 5.63 -3.97
CA PRO E 390 36.76 5.14 -5.34
C PRO E 390 38.24 4.89 -5.58
N ILE E 391 38.65 3.63 -5.66
CA ILE E 391 40.08 3.34 -5.77
C ILE E 391 40.45 3.55 -7.22
N LEU E 392 40.74 4.81 -7.56
CA LEU E 392 40.99 5.20 -8.93
C LEU E 392 42.14 4.39 -9.54
N SER E 393 43.10 4.02 -8.70
CA SER E 393 44.24 3.23 -9.15
C SER E 393 43.82 1.94 -9.83
N SER E 394 42.74 1.33 -9.35
CA SER E 394 42.23 0.10 -9.90
C SER E 394 41.59 0.34 -11.26
N ALA E 395 41.26 1.61 -11.53
CA ALA E 395 40.77 1.99 -12.84
C ALA E 395 41.94 2.25 -13.78
N LEU E 396 42.94 2.99 -13.30
CA LEU E 396 44.12 3.32 -14.10
C LEU E 396 44.93 2.08 -14.46
N HIS E 397 44.86 1.05 -13.62
CA HIS E 397 45.53 -0.22 -13.86
C HIS E 397 44.54 -1.34 -14.17
N ASP E 398 43.39 -1.01 -14.75
CA ASP E 398 42.40 -2.02 -15.03
C ASP E 398 42.85 -2.95 -16.21
N PRO E 399 43.06 -4.25 -15.94
CA PRO E 399 43.58 -5.15 -16.97
C PRO E 399 42.64 -5.26 -18.16
N GLN E 400 41.37 -4.98 -17.95
CA GLN E 400 40.39 -5.01 -19.02
C GLN E 400 40.49 -3.80 -19.95
N TYR E 401 41.35 -2.85 -19.61
CA TYR E 401 41.53 -1.65 -20.43
C TYR E 401 43.02 -1.43 -20.75
N PHE E 402 43.89 -2.03 -19.96
CA PHE E 402 45.32 -1.88 -20.19
C PHE E 402 46.00 -3.23 -20.11
N GLU E 403 46.65 -3.61 -21.20
CA GLU E 403 47.22 -4.95 -21.37
C GLU E 403 48.34 -5.26 -20.38
N GLN E 404 49.28 -4.34 -20.23
CA GLN E 404 50.40 -4.49 -19.28
C GLN E 404 50.41 -3.32 -18.31
N PRO E 405 49.44 -3.29 -17.38
CA PRO E 405 49.15 -2.11 -16.55
C PRO E 405 50.24 -1.74 -15.57
N GLY E 406 51.10 -2.70 -15.20
CA GLY E 406 52.21 -2.45 -14.28
C GLY E 406 53.44 -1.87 -14.96
N THR E 407 53.37 -1.73 -16.28
CA THR E 407 54.48 -1.17 -17.05
C THR E 407 54.07 0.16 -17.70
N PHE E 408 55.04 1.05 -17.86
CA PHE E 408 54.84 2.32 -18.57
C PHE E 408 54.89 2.09 -20.09
N ASN E 409 53.76 2.27 -20.78
CA ASN E 409 53.73 2.09 -22.22
C ASN E 409 52.72 2.99 -22.93
N PRO E 410 53.25 3.94 -23.71
CA PRO E 410 52.47 4.88 -24.51
C PRO E 410 51.42 4.22 -25.38
N ASP E 411 51.66 2.99 -25.78
CA ASP E 411 50.69 2.29 -26.62
C ASP E 411 49.40 2.01 -25.89
N HIS E 412 49.38 2.20 -24.57
CA HIS E 412 48.12 2.06 -23.85
C HIS E 412 47.09 3.08 -24.35
N PHE E 413 47.56 4.13 -25.04
CA PHE E 413 46.65 5.18 -25.49
C PHE E 413 46.77 5.48 -26.99
N LEU E 414 47.39 4.53 -27.72
CA LEU E 414 47.49 4.57 -29.17
C LEU E 414 46.76 3.39 -29.78
N ASP E 415 46.01 3.60 -30.86
CA ASP E 415 45.39 2.48 -31.58
C ASP E 415 46.32 2.02 -32.71
N ALA E 416 45.84 1.08 -33.53
CA ALA E 416 46.67 0.46 -34.56
C ALA E 416 47.29 1.45 -35.55
N ASN E 417 46.59 2.54 -35.85
CA ASN E 417 47.07 3.54 -36.81
C ASN E 417 48.02 4.58 -36.20
N GLY E 418 48.08 4.62 -34.88
CA GLY E 418 48.90 5.58 -34.16
C GLY E 418 48.16 6.85 -33.76
N ALA E 419 46.83 6.78 -33.76
CA ALA E 419 45.97 7.86 -33.28
C ALA E 419 45.68 7.71 -31.80
N LEU E 420 45.25 8.78 -31.16
CA LEU E 420 45.03 8.77 -29.72
C LEU E 420 43.78 8.00 -29.37
N LYS E 421 43.92 7.00 -28.50
CA LYS E 421 42.77 6.20 -28.09
C LYS E 421 42.35 6.48 -26.65
N LYS E 422 41.18 7.09 -26.50
CA LYS E 422 40.65 7.39 -25.18
C LYS E 422 40.28 6.10 -24.48
N SER E 423 40.07 6.18 -23.17
CA SER E 423 39.70 5.02 -22.37
C SER E 423 38.85 5.41 -21.18
N GLU E 424 37.74 4.68 -21.00
CA GLU E 424 36.86 4.91 -19.87
C GLU E 424 37.54 4.64 -18.54
N ALA E 425 38.66 3.93 -18.59
CA ALA E 425 39.42 3.59 -17.40
C ALA E 425 40.35 4.72 -17.02
N PHE E 426 40.57 5.66 -17.93
CA PHE E 426 41.45 6.79 -17.64
C PHE E 426 40.69 7.85 -16.79
N MET E 427 40.81 7.74 -15.47
CA MET E 427 40.20 8.70 -14.53
C MET E 427 41.10 9.28 -13.48
N PRO E 428 42.25 9.88 -13.88
CA PRO E 428 43.12 10.43 -12.83
C PRO E 428 42.47 11.65 -12.14
N PHE E 429 41.51 12.28 -12.81
CA PHE E 429 40.81 13.43 -12.22
C PHE E 429 39.49 12.95 -11.62
N SER E 430 39.37 11.63 -11.41
CA SER E 430 38.14 10.99 -10.96
C SER E 430 37.00 11.17 -11.97
N ILE E 431 35.78 10.95 -11.51
CA ILE E 431 34.63 11.05 -12.38
C ILE E 431 33.38 11.37 -11.57
N GLY E 432 32.33 11.81 -12.25
CA GLY E 432 31.12 12.16 -11.56
C GLY E 432 31.12 13.62 -11.11
N LYS E 433 30.25 13.94 -10.16
CA LYS E 433 30.05 15.34 -9.76
C LYS E 433 31.19 16.03 -9.03
N ARG E 434 32.13 15.26 -8.48
CA ARG E 434 33.28 15.81 -7.75
C ARG E 434 34.51 15.86 -8.63
N ILE E 435 34.30 15.68 -9.93
CA ILE E 435 35.42 15.61 -10.85
C ILE E 435 36.25 16.88 -10.71
N CYS E 436 37.56 16.71 -10.73
CA CYS E 436 38.52 17.77 -10.51
C CYS E 436 38.16 19.06 -11.25
N LEU E 437 38.05 20.15 -10.50
CA LEU E 437 37.71 21.45 -11.08
C LEU E 437 38.84 21.90 -12.01
N GLY E 438 40.05 21.42 -11.73
CA GLY E 438 41.20 21.85 -12.50
C GLY E 438 41.67 20.90 -13.59
N GLU E 439 40.81 19.98 -14.05
CA GLU E 439 41.19 19.02 -15.11
C GLU E 439 41.73 19.71 -16.36
N GLY E 440 41.00 20.70 -16.86
CA GLY E 440 41.44 21.46 -18.02
C GLY E 440 42.80 22.15 -17.80
N ILE E 441 42.89 22.94 -16.74
CA ILE E 441 44.12 23.66 -16.42
C ILE E 441 45.29 22.69 -16.17
N ALA E 442 45.00 21.55 -15.54
CA ALA E 442 46.03 20.56 -15.26
C ALA E 442 46.55 19.94 -16.55
N ARG E 443 45.64 19.57 -17.44
CA ARG E 443 46.03 18.96 -18.73
C ARG E 443 46.89 19.92 -19.55
N ASN E 444 46.44 21.17 -19.68
CA ASN E 444 47.16 22.17 -20.46
C ASN E 444 48.55 22.44 -19.91
N GLU E 445 48.66 22.52 -18.59
CA GLU E 445 49.95 22.66 -17.93
C GLU E 445 50.85 21.47 -18.30
N LEU E 446 50.26 20.28 -18.30
CA LEU E 446 50.99 19.05 -18.62
C LEU E 446 51.54 19.08 -20.06
N PHE E 447 50.67 19.33 -21.05
CA PHE E 447 51.06 19.37 -22.45
C PHE E 447 52.11 20.46 -22.76
N LEU E 448 51.80 21.71 -22.40
CA LEU E 448 52.68 22.86 -22.64
C LEU E 448 54.04 22.80 -21.90
N PHE E 449 54.05 22.42 -20.62
CA PHE E 449 55.30 22.32 -19.86
C PHE E 449 56.17 21.16 -20.38
N PHE E 450 55.53 20.02 -20.68
CA PHE E 450 56.22 18.82 -21.20
C PHE E 450 56.79 19.07 -22.60
N THR E 451 55.95 19.56 -23.50
CA THR E 451 56.34 19.77 -24.90
C THR E 451 57.41 20.86 -25.04
N THR E 452 57.30 21.94 -24.26
CA THR E 452 58.27 23.06 -24.29
C THR E 452 59.64 22.70 -23.71
N ILE E 453 59.68 21.88 -22.66
CA ILE E 453 60.96 21.47 -22.07
C ILE E 453 61.71 20.56 -23.08
N LEU E 454 60.99 19.65 -23.73
CA LEU E 454 61.63 18.71 -24.65
C LEU E 454 61.90 19.34 -26.04
N GLN E 455 61.13 20.37 -26.37
CA GLN E 455 61.40 21.21 -27.55
C GLN E 455 62.78 21.80 -27.45
N ASN E 456 63.13 22.25 -26.25
CA ASN E 456 64.37 22.97 -26.05
C ASN E 456 65.49 22.06 -25.51
N PHE E 457 65.10 20.96 -24.89
CA PHE E 457 66.08 20.11 -24.22
C PHE E 457 65.92 18.61 -24.45
N SER E 458 67.01 17.90 -24.21
CA SER E 458 66.99 16.48 -23.94
C SER E 458 67.52 16.25 -22.54
N VAL E 459 67.22 15.09 -21.97
CA VAL E 459 67.51 14.87 -20.56
C VAL E 459 68.46 13.72 -20.36
N SER E 460 69.29 13.82 -19.34
CA SER E 460 70.18 12.74 -18.97
C SER E 460 70.43 12.75 -17.49
N SER E 461 71.08 11.70 -17.01
CA SER E 461 71.46 11.59 -15.62
C SER E 461 72.56 10.55 -15.44
N SER E 462 73.23 10.63 -14.29
CA SER E 462 74.25 9.66 -13.91
C SER E 462 73.68 8.25 -13.86
N VAL E 463 72.41 8.14 -13.45
CA VAL E 463 71.76 6.85 -13.30
C VAL E 463 71.37 6.26 -14.64
N ALA E 464 71.83 5.04 -14.90
CA ALA E 464 71.47 4.32 -16.11
C ALA E 464 69.98 3.95 -16.11
N PRO E 465 69.32 4.01 -17.29
CA PRO E 465 67.89 3.70 -17.47
C PRO E 465 67.45 2.39 -16.80
N LYS E 466 68.38 1.47 -16.59
CA LYS E 466 68.04 0.16 -16.06
C LYS E 466 67.87 0.28 -14.56
N ASP E 467 68.56 1.25 -13.97
CA ASP E 467 68.54 1.39 -12.53
C ASP E 467 67.56 2.45 -12.04
N ILE E 468 66.84 3.06 -12.96
CA ILE E 468 65.90 4.10 -12.56
C ILE E 468 64.76 3.47 -11.77
N ASP E 469 64.53 3.97 -10.57
CA ASP E 469 63.58 3.35 -9.66
C ASP E 469 62.25 4.07 -9.81
N LEU E 470 61.25 3.35 -10.24
CA LEU E 470 59.93 3.93 -10.43
C LEU E 470 59.00 3.66 -9.25
N SER E 471 59.45 2.92 -8.25
CA SER E 471 58.64 2.72 -7.05
C SER E 471 58.46 4.05 -6.32
N PRO E 472 57.22 4.34 -5.89
CA PRO E 472 56.98 5.60 -5.17
C PRO E 472 57.71 5.66 -3.85
N LYS E 473 58.14 6.87 -3.49
CA LYS E 473 58.83 7.18 -2.24
C LYS E 473 57.86 7.27 -1.07
N GLU E 474 56.60 7.57 -1.39
CA GLU E 474 55.51 7.54 -0.43
C GLU E 474 54.32 7.09 -1.24
N SER E 475 53.50 6.21 -0.68
CA SER E 475 52.27 5.82 -1.35
C SER E 475 51.11 5.81 -0.35
N GLY E 476 50.09 6.61 -0.60
CA GLY E 476 49.02 6.84 0.38
C GLY E 476 47.88 7.64 -0.22
N ILE E 477 47.43 8.71 0.44
CA ILE E 477 46.40 9.55 -0.19
C ILE E 477 47.04 10.12 -1.43
N GLY E 478 48.36 10.21 -1.42
CA GLY E 478 49.08 10.56 -2.63
C GLY E 478 50.22 9.57 -2.94
N LYS E 479 50.73 9.70 -4.16
CA LYS E 479 51.81 8.88 -4.62
C LYS E 479 52.93 9.83 -5.10
N VAL E 480 54.13 9.65 -4.56
CA VAL E 480 55.26 10.58 -4.77
C VAL E 480 56.48 9.83 -5.29
N PRO E 481 57.11 10.32 -6.37
CA PRO E 481 58.25 9.57 -6.92
C PRO E 481 59.46 9.68 -6.00
N GLN E 482 60.46 8.84 -6.27
CA GLN E 482 61.74 8.93 -5.57
C GLN E 482 62.38 10.27 -5.91
N THR E 483 63.17 10.81 -4.99
CA THR E 483 63.96 11.98 -5.32
C THR E 483 65.05 11.55 -6.31
N TYR E 484 65.30 12.39 -7.31
CA TYR E 484 66.31 12.15 -8.33
C TYR E 484 66.93 13.42 -8.90
N GLN E 485 68.04 13.25 -9.61
CA GLN E 485 68.66 14.37 -10.29
C GLN E 485 68.60 14.19 -11.80
N ILE E 486 68.54 15.32 -12.50
CA ILE E 486 68.38 15.27 -13.94
C ILE E 486 69.14 16.44 -14.55
N SER E 487 69.66 16.21 -15.75
CA SER E 487 70.44 17.20 -16.45
C SER E 487 69.71 17.66 -17.70
N PHE E 488 69.68 18.98 -17.90
CA PHE E 488 69.07 19.57 -19.09
C PHE E 488 70.12 20.07 -20.07
N LEU E 489 70.15 19.46 -21.26
CA LEU E 489 71.11 19.85 -22.29
C LEU E 489 70.36 20.47 -23.46
N ALA E 490 70.76 21.68 -23.84
CA ALA E 490 70.14 22.43 -24.92
C ALA E 490 70.29 21.78 -26.29
N ARG E 491 69.29 21.98 -27.16
CA ARG E 491 69.33 21.43 -28.51
C ARG E 491 69.50 22.50 -29.62
N HIS F 29 -12.92 38.52 -52.29
CA HIS F 29 -11.49 38.77 -52.14
C HIS F 29 -11.12 38.63 -50.70
N LEU F 30 -11.99 39.06 -49.81
CA LEU F 30 -11.77 38.75 -48.41
C LEU F 30 -12.15 37.30 -48.27
N PRO F 31 -11.56 36.58 -47.30
CA PRO F 31 -12.03 35.21 -47.03
C PRO F 31 -13.56 35.19 -46.83
N PRO F 32 -14.19 34.04 -47.04
CA PRO F 32 -15.67 34.05 -46.99
C PRO F 32 -16.21 34.32 -45.58
N GLY F 33 -17.50 34.61 -45.48
CA GLY F 33 -18.17 34.78 -44.20
C GLY F 33 -19.62 35.24 -44.31
N PRO F 34 -20.33 35.25 -43.19
CA PRO F 34 -21.75 35.63 -43.28
C PRO F 34 -21.94 37.04 -43.83
N ARG F 35 -22.89 37.22 -44.73
CA ARG F 35 -23.14 38.54 -45.29
C ARG F 35 -23.61 39.47 -44.16
N PRO F 36 -22.98 40.66 -44.02
CA PRO F 36 -23.28 41.66 -42.98
C PRO F 36 -24.42 42.61 -43.36
N LEU F 37 -25.07 43.17 -42.34
CA LEU F 37 -26.16 44.12 -42.54
C LEU F 37 -25.65 45.54 -42.18
N PRO F 38 -26.26 46.58 -42.79
CA PRO F 38 -25.98 47.98 -42.38
C PRO F 38 -26.19 48.17 -40.89
N LEU F 39 -25.27 48.90 -40.29
CA LEU F 39 -25.25 49.23 -38.86
C LEU F 39 -24.88 48.00 -38.03
N LEU F 40 -25.62 46.91 -38.21
CA LEU F 40 -25.43 45.75 -37.33
C LEU F 40 -24.24 44.83 -37.67
N GLY F 41 -23.67 44.96 -38.87
CA GLY F 41 -22.60 44.04 -39.24
C GLY F 41 -23.08 42.60 -39.16
N ASN F 42 -22.33 41.76 -38.46
CA ASN F 42 -22.74 40.36 -38.29
C ASN F 42 -23.30 40.02 -36.91
N LEU F 43 -23.95 40.99 -36.30
CA LEU F 43 -24.56 40.78 -34.99
C LEU F 43 -25.47 39.56 -34.98
N LEU F 44 -26.22 39.36 -36.06
CA LEU F 44 -27.17 38.24 -36.14
C LEU F 44 -26.46 36.88 -36.09
N GLN F 45 -25.18 36.85 -36.42
CA GLN F 45 -24.44 35.58 -36.31
C GLN F 45 -23.63 35.46 -35.04
N MET F 46 -23.83 36.39 -34.10
CA MET F 46 -23.14 36.36 -32.81
C MET F 46 -23.90 35.51 -31.80
N ASP F 47 -23.23 35.21 -30.69
CA ASP F 47 -23.79 34.34 -29.68
C ASP F 47 -23.75 35.02 -28.32
N ARG F 48 -24.66 34.69 -27.41
CA ARG F 48 -24.65 35.34 -26.09
C ARG F 48 -23.45 34.94 -25.21
N GLY F 49 -22.76 33.86 -25.55
CA GLY F 49 -21.56 33.46 -24.83
C GLY F 49 -20.36 34.35 -25.10
N GLY F 50 -20.50 35.26 -26.06
CA GLY F 50 -19.41 36.17 -26.37
C GLY F 50 -18.66 35.89 -27.66
N PHE F 51 -17.65 36.74 -27.94
CA PHE F 51 -16.89 36.71 -29.18
C PHE F 51 -16.32 35.34 -29.59
N LEU F 52 -15.71 34.61 -28.64
CA LEU F 52 -15.04 33.33 -28.93
C LEU F 52 -16.01 32.28 -29.39
N ASN F 53 -17.05 32.23 -28.58
CA ASN F 53 -18.16 31.35 -28.84
C ASN F 53 -18.84 31.60 -30.17
N SER F 54 -18.95 32.88 -30.51
CA SER F 54 -19.54 33.25 -31.78
C SER F 54 -18.66 32.79 -32.89
N PHE F 55 -17.36 33.04 -32.73
CA PHE F 55 -16.40 32.75 -33.77
C PHE F 55 -16.29 31.26 -34.04
N MET F 56 -16.44 30.46 -32.99
CA MET F 56 -16.37 29.01 -33.10
C MET F 56 -17.57 28.46 -33.91
N ARG F 57 -18.71 29.10 -33.73
CA ARG F 57 -19.94 28.68 -34.40
C ARG F 57 -19.85 29.09 -35.87
N ILE F 58 -19.41 30.31 -36.13
CA ILE F 58 -19.26 30.78 -37.50
C ILE F 58 -18.20 29.94 -38.23
N ARG F 59 -17.21 29.45 -37.47
CA ARG F 59 -16.14 28.64 -38.02
C ARG F 59 -16.64 27.36 -38.73
N GLU F 60 -17.60 26.66 -38.09
CA GLU F 60 -18.19 25.46 -38.68
C GLU F 60 -18.82 25.73 -40.04
N LYS F 61 -19.34 26.92 -40.22
CA LYS F 61 -20.02 27.20 -41.46
C LYS F 61 -19.02 27.60 -42.53
N TYR F 62 -17.99 28.36 -42.19
CA TYR F 62 -17.15 28.90 -43.25
C TYR F 62 -15.70 28.42 -43.27
N GLY F 63 -15.30 27.60 -42.30
CA GLY F 63 -13.96 27.03 -42.29
C GLY F 63 -12.94 27.72 -41.38
N ASP F 64 -11.66 27.41 -41.56
CA ASP F 64 -10.64 27.83 -40.61
C ASP F 64 -10.25 29.31 -40.84
N VAL F 65 -10.50 29.85 -42.02
CA VAL F 65 -10.21 31.25 -42.26
C VAL F 65 -11.44 31.94 -42.84
N PHE F 66 -12.00 32.89 -42.09
CA PHE F 66 -13.25 33.56 -42.48
C PHE F 66 -13.30 35.01 -42.04
N THR F 67 -14.23 35.74 -42.61
CA THR F 67 -14.41 37.14 -42.35
C THR F 67 -15.66 37.36 -41.51
N VAL F 68 -15.51 38.07 -40.38
CA VAL F 68 -16.65 38.53 -39.59
C VAL F 68 -16.64 40.05 -39.48
N HIS F 69 -17.79 40.67 -39.72
CA HIS F 69 -17.93 42.11 -39.58
C HIS F 69 -18.33 42.48 -38.15
N LEU F 70 -17.40 43.13 -37.46
CA LEU F 70 -17.64 43.66 -36.11
C LEU F 70 -18.14 45.08 -36.31
N GLY F 71 -19.44 45.31 -36.10
CA GLY F 71 -20.03 46.56 -36.57
C GLY F 71 -19.76 46.62 -38.06
N PRO F 72 -19.32 47.78 -38.59
CA PRO F 72 -18.97 47.92 -40.00
C PRO F 72 -17.56 47.44 -40.41
N ARG F 73 -16.72 47.01 -39.47
CA ARG F 73 -15.33 46.65 -39.80
C ARG F 73 -15.09 45.18 -40.16
N PRO F 74 -14.54 44.94 -41.36
CA PRO F 74 -14.17 43.56 -41.68
C PRO F 74 -12.97 43.03 -40.89
N VAL F 75 -13.15 41.89 -40.23
CA VAL F 75 -12.09 41.26 -39.44
C VAL F 75 -11.90 39.79 -39.81
N VAL F 76 -10.67 39.42 -40.15
CA VAL F 76 -10.38 38.07 -40.57
C VAL F 76 -9.96 37.21 -39.37
N MET F 77 -10.62 36.07 -39.19
CA MET F 77 -10.34 35.15 -38.08
C MET F 77 -9.43 34.01 -38.52
N LEU F 78 -8.52 33.58 -37.64
CA LEU F 78 -7.67 32.46 -37.95
C LEU F 78 -7.87 31.36 -36.92
N TYR F 79 -8.41 30.24 -37.40
CA TYR F 79 -8.71 29.10 -36.53
C TYR F 79 -7.74 27.97 -36.77
N GLY F 80 -7.31 27.37 -35.66
CA GLY F 80 -6.45 26.21 -35.72
C GLY F 80 -4.97 26.55 -35.79
N THR F 81 -4.15 25.68 -35.24
CA THR F 81 -2.69 25.80 -35.31
C THR F 81 -2.18 26.11 -36.71
N GLU F 82 -2.73 25.39 -37.67
CA GLU F 82 -2.23 25.44 -39.04
C GLU F 82 -2.40 26.82 -39.62
N ALA F 83 -3.61 27.35 -39.53
CA ALA F 83 -3.89 28.65 -40.12
C ALA F 83 -3.15 29.76 -39.38
N ILE F 84 -3.07 29.65 -38.05
CA ILE F 84 -2.36 30.66 -37.26
C ILE F 84 -0.86 30.72 -37.60
N ARG F 85 -0.18 29.56 -37.67
CA ARG F 85 1.23 29.49 -38.09
C ARG F 85 1.44 29.87 -39.55
N GLU F 86 0.48 29.51 -40.39
CA GLU F 86 0.58 29.79 -41.80
C GLU F 86 0.64 31.30 -42.07
N ALA F 87 -0.03 32.07 -41.22
CA ALA F 87 -0.09 33.52 -41.37
C ALA F 87 1.08 34.20 -40.68
N LEU F 88 1.15 33.97 -39.37
CA LEU F 88 2.03 34.70 -38.48
C LEU F 88 3.51 34.27 -38.54
N VAL F 89 3.77 33.04 -38.99
CA VAL F 89 5.14 32.54 -39.15
C VAL F 89 5.62 32.58 -40.60
N ASP F 90 4.89 31.95 -41.50
CA ASP F 90 5.32 31.86 -42.89
C ASP F 90 5.10 33.16 -43.68
N GLN F 91 4.23 34.05 -43.19
CA GLN F 91 4.19 35.41 -43.72
C GLN F 91 4.25 36.41 -42.57
N ALA F 92 5.23 36.22 -41.70
CA ALA F 92 5.35 36.96 -40.44
C ALA F 92 5.28 38.49 -40.58
N GLU F 93 5.90 39.03 -41.62
CA GLU F 93 6.00 40.48 -41.78
C GLU F 93 4.67 41.10 -42.19
N ALA F 94 3.95 40.42 -43.09
CA ALA F 94 2.67 40.94 -43.59
C ALA F 94 1.65 40.99 -42.45
N PHE F 95 1.66 39.97 -41.61
CA PHE F 95 0.74 39.87 -40.48
C PHE F 95 1.38 40.40 -39.21
N SER F 96 2.34 41.32 -39.34
CA SER F 96 3.05 41.83 -38.16
C SER F 96 2.41 43.11 -37.65
N GLY F 97 1.39 43.57 -38.37
CA GLY F 97 0.65 44.76 -37.99
C GLY F 97 -0.18 44.52 -36.75
N ARG F 98 -0.52 45.60 -36.08
CA ARG F 98 -1.28 45.60 -34.83
C ARG F 98 -2.60 46.26 -35.08
N GLY F 99 -3.67 45.60 -34.64
CA GLY F 99 -5.03 46.12 -34.74
C GLY F 99 -5.37 46.96 -33.52
N THR F 100 -6.66 47.09 -33.22
CA THR F 100 -7.09 47.95 -32.12
C THR F 100 -8.08 47.26 -31.21
N ILE F 101 -8.03 47.61 -29.93
CA ILE F 101 -9.04 47.22 -28.96
C ILE F 101 -9.76 48.50 -28.56
N ALA F 102 -11.06 48.61 -28.89
CA ALA F 102 -11.80 49.89 -28.79
C ALA F 102 -11.87 50.50 -27.38
N VAL F 103 -11.95 49.64 -26.38
CA VAL F 103 -12.26 50.04 -25.03
C VAL F 103 -11.01 50.64 -24.35
N ILE F 104 -9.83 50.34 -24.88
CA ILE F 104 -8.57 50.84 -24.33
C ILE F 104 -7.85 51.79 -25.32
N LYS F 105 -8.45 52.00 -26.48
CA LYS F 105 -7.87 52.91 -27.46
C LYS F 105 -7.81 54.42 -27.03
N PRO F 106 -8.84 54.93 -26.28
CA PRO F 106 -8.79 56.35 -25.88
C PRO F 106 -7.52 56.77 -25.16
N VAL F 107 -7.16 56.01 -24.12
CA VAL F 107 -5.98 56.27 -23.30
C VAL F 107 -4.65 55.84 -23.97
N ILE F 108 -4.61 54.62 -24.52
CA ILE F 108 -3.35 54.03 -24.97
C ILE F 108 -3.09 54.30 -26.45
N GLY F 109 -4.16 54.21 -27.24
CA GLY F 109 -4.05 54.45 -28.66
C GLY F 109 -2.95 53.70 -29.40
N ASP F 110 -2.22 54.45 -30.21
CA ASP F 110 -1.17 53.99 -31.12
C ASP F 110 0.24 53.98 -30.49
N TYR F 111 0.30 54.21 -29.19
CA TYR F 111 1.57 54.40 -28.50
C TYR F 111 2.09 53.15 -27.81
N GLY F 112 3.34 53.25 -27.34
CA GLY F 112 3.98 52.16 -26.64
C GLY F 112 4.60 51.15 -27.57
N MET F 113 5.11 50.09 -26.95
CA MET F 113 5.74 48.99 -27.66
C MET F 113 4.69 48.00 -28.18
N ILE F 114 3.55 47.97 -27.51
CA ILE F 114 2.57 46.93 -27.72
C ILE F 114 1.58 47.29 -28.82
N PHE F 115 1.01 48.48 -28.73
CA PHE F 115 -0.08 48.86 -29.62
C PHE F 115 0.36 49.75 -30.80
N SER F 116 1.65 49.79 -31.09
CA SER F 116 2.19 50.61 -32.18
C SER F 116 2.25 49.84 -33.50
N ASN F 117 2.46 50.58 -34.59
CA ASN F 117 2.67 50.00 -35.93
C ASN F 117 3.92 50.56 -36.64
N GLY F 118 4.28 49.96 -37.78
CA GLY F 118 5.32 50.47 -38.67
C GLY F 118 6.69 50.76 -38.09
N GLU F 119 7.28 51.88 -38.49
CA GLU F 119 8.65 52.21 -38.07
C GLU F 119 8.70 52.44 -36.56
N ARG F 120 7.60 52.98 -36.01
CA ARG F 120 7.43 53.16 -34.57
C ARG F 120 7.51 51.86 -33.77
N TRP F 121 6.82 50.83 -34.22
CA TRP F 121 6.83 49.57 -33.50
C TRP F 121 8.21 48.91 -33.56
N LYS F 122 8.81 48.93 -34.76
CA LYS F 122 10.12 48.33 -35.01
C LYS F 122 11.14 48.90 -34.04
N VAL F 123 11.08 50.21 -33.83
CA VAL F 123 11.98 50.88 -32.91
C VAL F 123 11.75 50.47 -31.45
N LEU F 124 10.52 50.67 -30.98
CA LEU F 124 10.18 50.54 -29.56
C LEU F 124 10.21 49.10 -29.03
N ARG F 125 9.90 48.12 -29.89
CA ARG F 125 10.05 46.72 -29.49
C ARG F 125 11.56 46.38 -29.38
N ARG F 126 12.32 46.77 -30.41
CA ARG F 126 13.74 46.54 -30.44
C ARG F 126 14.40 47.04 -29.16
N PHE F 127 14.16 48.31 -28.83
CA PHE F 127 14.71 48.87 -27.60
C PHE F 127 14.35 48.03 -26.38
N SER F 128 13.08 47.73 -26.19
CA SER F 128 12.66 47.07 -24.96
C SER F 128 13.28 45.66 -24.79
N LEU F 129 13.35 44.90 -25.85
CA LEU F 129 13.92 43.59 -25.65
C LEU F 129 15.41 43.71 -25.33
N ALA F 130 16.14 44.56 -26.04
CA ALA F 130 17.54 44.80 -25.69
C ALA F 130 17.69 45.27 -24.23
N THR F 131 16.85 46.25 -23.86
CA THR F 131 16.90 46.92 -22.56
C THR F 131 16.48 46.17 -21.31
N MET F 132 15.34 45.48 -21.37
CA MET F 132 14.82 44.78 -20.20
C MET F 132 15.87 43.74 -19.78
N ARG F 133 16.60 43.21 -20.77
CA ARG F 133 17.64 42.24 -20.49
C ARG F 133 18.74 42.83 -19.62
N ASP F 134 19.09 44.10 -19.89
CA ASP F 134 20.08 44.84 -19.10
C ASP F 134 19.51 45.28 -17.76
N SER F 141 20.76 39.75 -13.00
CA SER F 141 19.97 38.53 -13.02
C SER F 141 18.55 38.79 -12.53
N VAL F 142 17.61 38.85 -13.47
CA VAL F 142 16.21 39.10 -13.13
C VAL F 142 15.65 37.99 -12.26
N GLU F 143 16.10 36.76 -12.51
CA GLU F 143 15.64 35.61 -11.74
C GLU F 143 15.80 35.83 -10.24
N ASP F 144 17.05 35.79 -9.77
CA ASP F 144 17.34 36.01 -8.36
C ASP F 144 16.34 36.83 -7.58
N ARG F 145 15.80 37.87 -8.16
CA ARG F 145 14.77 38.58 -7.47
C ARG F 145 13.52 37.75 -7.22
N ILE F 146 13.18 36.90 -8.17
CA ILE F 146 11.98 36.08 -8.05
C ILE F 146 12.05 35.22 -6.83
N GLN F 147 13.12 34.45 -6.72
CA GLN F 147 13.30 33.64 -5.52
C GLN F 147 13.21 34.57 -4.31
N GLU F 148 13.87 35.72 -4.39
CA GLU F 148 13.85 36.61 -3.22
C GLU F 148 12.40 37.00 -2.95
N GLU F 149 11.67 37.29 -4.03
CA GLU F 149 10.25 37.56 -3.94
C GLU F 149 9.53 36.28 -3.53
N ALA F 150 10.01 35.15 -4.02
CA ALA F 150 9.44 33.87 -3.66
C ALA F 150 9.44 33.67 -2.17
N GLN F 151 10.53 34.08 -1.53
CA GLN F 151 10.68 33.80 -0.13
C GLN F 151 9.78 34.66 0.71
N CYS F 152 9.72 35.94 0.39
CA CYS F 152 8.87 36.83 1.14
C CYS F 152 7.50 36.28 1.03
N LEU F 153 7.19 35.73 -0.12
CA LEU F 153 5.93 35.07 -0.30
C LEU F 153 5.56 34.12 0.81
N VAL F 154 6.26 33.01 0.86
CA VAL F 154 6.12 32.01 1.92
C VAL F 154 5.88 32.54 3.30
N GLU F 155 6.64 33.54 3.69
CA GLU F 155 6.57 34.01 5.04
C GLU F 155 5.14 34.26 5.31
N GLU F 156 4.48 34.71 4.28
CA GLU F 156 3.16 35.28 4.48
C GLU F 156 2.08 34.22 4.66
N LEU F 157 2.21 33.08 3.97
CA LEU F 157 1.24 31.99 4.08
C LEU F 157 1.50 31.14 5.32
N GLN F 158 2.71 31.25 5.84
CA GLN F 158 3.01 30.65 7.13
C GLN F 158 2.31 31.51 8.19
N LYS F 159 2.40 32.81 8.00
CA LYS F 159 1.73 33.72 8.88
C LYS F 159 0.26 33.38 8.82
N SER F 160 -0.15 32.88 7.67
CA SER F 160 -1.50 32.38 7.44
C SER F 160 -2.21 31.49 8.45
N GLN F 161 -1.77 30.26 8.56
CA GLN F 161 -2.07 29.40 9.65
C GLN F 161 -3.37 28.76 9.36
N GLY F 162 -3.34 27.76 8.47
CA GLY F 162 -4.53 27.18 7.91
C GLY F 162 -5.19 28.29 7.12
N ALA F 163 -6.19 28.91 7.75
CA ALA F 163 -6.84 30.13 7.27
C ALA F 163 -7.04 30.23 5.79
N PRO F 164 -8.29 30.24 5.39
CA PRO F 164 -8.63 30.38 3.99
C PRO F 164 -8.58 31.82 3.54
N LEU F 165 -7.97 32.09 2.39
CA LEU F 165 -8.03 33.41 1.83
C LEU F 165 -8.42 33.46 0.37
N ASP F 166 -8.16 34.61 -0.23
CA ASP F 166 -8.21 34.82 -1.67
C ASP F 166 -6.82 35.29 -2.16
N PRO F 167 -6.16 34.45 -2.95
CA PRO F 167 -4.76 34.64 -3.34
C PRO F 167 -4.54 35.64 -4.46
N THR F 168 -5.59 36.35 -4.85
CA THR F 168 -5.52 37.26 -5.97
C THR F 168 -4.46 38.37 -5.79
N PHE F 169 -4.58 39.14 -4.70
CA PHE F 169 -3.66 40.25 -4.46
C PHE F 169 -2.19 39.80 -4.33
N LEU F 170 -1.98 38.67 -3.65
CA LEU F 170 -0.63 38.19 -3.41
C LEU F 170 0.11 37.81 -4.69
N PHE F 171 -0.60 37.17 -5.61
CA PHE F 171 -0.03 36.73 -6.90
C PHE F 171 0.26 37.93 -7.79
N GLN F 172 -0.56 38.96 -7.67
CA GLN F 172 -0.28 40.24 -8.31
C GLN F 172 0.98 40.88 -7.72
N CYS F 173 1.04 40.91 -6.39
CA CYS F 173 2.19 41.45 -5.66
C CYS F 173 3.47 40.80 -6.16
N ILE F 174 3.51 39.47 -6.14
CA ILE F 174 4.77 38.78 -6.43
C ILE F 174 5.19 38.96 -7.89
N THR F 175 4.22 39.13 -8.79
CA THR F 175 4.56 39.21 -10.20
C THR F 175 4.93 40.63 -10.60
N ALA F 176 4.18 41.59 -10.07
CA ALA F 176 4.41 43.01 -10.35
C ALA F 176 5.81 43.45 -9.93
N ASN F 177 6.28 42.92 -8.79
CA ASN F 177 7.56 43.31 -8.24
C ASN F 177 8.72 43.07 -9.19
N ILE F 178 8.61 42.02 -10.01
CA ILE F 178 9.66 41.70 -10.99
C ILE F 178 9.74 42.71 -12.15
N ILE F 179 8.58 43.15 -12.63
CA ILE F 179 8.54 44.07 -13.78
C ILE F 179 8.84 45.49 -13.34
N CYS F 180 8.43 45.82 -12.12
CA CYS F 180 8.65 47.13 -11.53
C CYS F 180 10.15 47.37 -11.46
N SER F 181 10.83 46.37 -10.92
CA SER F 181 12.26 46.44 -10.66
C SER F 181 13.03 46.60 -11.96
N ILE F 182 12.47 46.11 -13.05
CA ILE F 182 13.13 46.24 -14.34
C ILE F 182 12.79 47.60 -14.97
N VAL F 183 11.61 48.09 -14.67
CA VAL F 183 11.12 49.30 -15.32
C VAL F 183 11.31 50.51 -14.41
N PHE F 184 10.90 50.38 -13.15
CA PHE F 184 10.95 51.48 -12.19
C PHE F 184 12.18 51.47 -11.26
N GLY F 185 12.95 50.38 -11.31
CA GLY F 185 14.14 50.20 -10.50
C GLY F 185 13.92 49.71 -9.07
N GLU F 186 12.66 49.50 -8.68
CA GLU F 186 12.35 49.12 -7.31
C GLU F 186 11.25 48.05 -7.17
N ARG F 187 11.19 47.41 -6.00
CA ARG F 187 10.06 46.57 -5.65
C ARG F 187 9.26 47.28 -4.55
N TYR F 188 8.10 46.73 -4.20
CA TYR F 188 7.22 47.35 -3.22
C TYR F 188 6.75 46.37 -2.15
N ASP F 189 6.46 46.91 -0.97
CA ASP F 189 6.01 46.12 0.17
C ASP F 189 4.62 45.58 -0.13
N TYR F 190 4.26 44.41 0.42
CA TYR F 190 2.95 43.83 0.11
C TYR F 190 1.73 44.58 0.64
N LYS F 191 1.91 45.56 1.52
CA LYS F 191 0.72 46.32 1.92
C LYS F 191 0.91 47.85 1.82
N ASP F 192 1.95 48.24 1.08
CA ASP F 192 2.17 49.60 0.60
C ASP F 192 0.91 50.09 -0.11
N ARG F 193 0.24 51.12 0.42
CA ARG F 193 -1.10 51.53 -0.03
C ARG F 193 -1.19 51.98 -1.50
N GLN F 194 -0.18 52.71 -1.97
CA GLN F 194 -0.15 53.20 -3.35
C GLN F 194 0.14 52.06 -4.35
N PHE F 195 0.80 51.01 -3.85
CA PHE F 195 1.00 49.77 -4.60
C PHE F 195 -0.31 48.96 -4.70
N LEU F 196 -1.02 48.81 -3.56
CA LEU F 196 -2.33 48.11 -3.59
C LEU F 196 -3.34 48.73 -4.54
N ARG F 197 -3.41 50.05 -4.48
CA ARG F 197 -4.38 50.79 -5.26
C ARG F 197 -4.15 50.49 -6.71
N LEU F 198 -2.89 50.58 -7.13
CA LEU F 198 -2.51 50.25 -8.50
C LEU F 198 -2.88 48.79 -8.83
N LEU F 199 -2.71 47.87 -7.88
CA LEU F 199 -3.00 46.45 -8.11
C LEU F 199 -4.49 46.09 -8.11
N ASP F 200 -5.27 46.76 -7.26
CA ASP F 200 -6.70 46.54 -7.32
C ASP F 200 -7.22 47.09 -8.64
N LEU F 201 -6.64 48.20 -9.07
CA LEU F 201 -7.02 48.85 -10.32
C LEU F 201 -6.79 47.95 -11.52
N PHE F 202 -5.61 47.33 -11.54
CA PHE F 202 -5.23 46.43 -12.61
C PHE F 202 -6.14 45.21 -12.71
N TYR F 203 -6.44 44.60 -11.57
CA TYR F 203 -7.31 43.45 -11.57
C TYR F 203 -8.67 43.84 -12.16
N ARG F 204 -9.25 44.90 -11.62
CA ARG F 204 -10.58 45.33 -12.00
C ARG F 204 -10.69 45.73 -13.48
N THR F 205 -9.63 46.31 -14.02
CA THR F 205 -9.63 46.77 -15.39
C THR F 205 -9.54 45.56 -16.34
N PHE F 206 -8.78 44.53 -15.96
CA PHE F 206 -8.65 43.33 -16.79
C PHE F 206 -9.97 42.60 -16.91
N SER F 207 -10.66 42.40 -15.78
CA SER F 207 -11.98 41.77 -15.80
C SER F 207 -12.96 42.57 -16.63
N LEU F 208 -12.98 43.88 -16.43
CA LEU F 208 -13.89 44.72 -17.21
C LEU F 208 -13.57 44.66 -18.71
N MET F 209 -12.28 44.65 -19.06
CA MET F 209 -11.85 44.52 -20.43
C MET F 209 -12.35 43.20 -21.03
N SER F 210 -12.51 42.20 -20.17
CA SER F 210 -12.85 40.84 -20.59
C SER F 210 -14.34 40.56 -20.58
N SER F 211 -15.12 41.51 -20.05
CA SER F 211 -16.57 41.39 -19.89
C SER F 211 -17.36 41.49 -21.20
N PHE F 212 -18.62 41.07 -21.16
CA PHE F 212 -19.48 41.14 -22.35
C PHE F 212 -19.62 42.58 -22.86
N SER F 213 -19.64 43.55 -21.93
CA SER F 213 -19.75 44.97 -22.25
C SER F 213 -18.68 45.48 -23.19
N SER F 214 -17.44 45.01 -22.98
CA SER F 214 -16.33 45.45 -23.79
C SER F 214 -16.41 44.85 -25.20
N GLN F 215 -16.99 43.66 -25.27
CA GLN F 215 -17.24 43.02 -26.57
C GLN F 215 -18.34 43.72 -27.35
N VAL F 216 -19.44 44.07 -26.67
CA VAL F 216 -20.53 44.82 -27.33
C VAL F 216 -19.95 46.17 -27.72
N PHE F 217 -19.11 46.72 -26.85
CA PHE F 217 -18.46 47.98 -27.12
C PHE F 217 -17.55 47.84 -28.34
N GLU F 218 -16.93 46.67 -28.50
CA GLU F 218 -16.09 46.46 -29.69
C GLU F 218 -16.93 46.57 -30.95
N LEU F 219 -18.17 46.09 -30.91
CA LEU F 219 -19.07 46.14 -32.07
C LEU F 219 -19.57 47.55 -32.33
N PHE F 220 -19.97 48.23 -31.27
CA PHE F 220 -20.72 49.45 -31.45
C PHE F 220 -20.20 50.69 -30.69
N SER F 221 -18.87 50.79 -30.51
CA SER F 221 -18.25 51.87 -29.73
C SER F 221 -18.70 53.22 -30.25
N GLY F 222 -18.86 53.30 -31.57
CA GLY F 222 -19.29 54.52 -32.21
C GLY F 222 -20.58 55.09 -31.62
N PHE F 223 -21.36 54.23 -30.98
CA PHE F 223 -22.66 54.60 -30.46
C PHE F 223 -22.67 54.61 -28.94
N MET F 224 -22.08 53.57 -28.36
CA MET F 224 -22.06 53.39 -26.92
C MET F 224 -21.14 54.36 -26.19
N LYS F 225 -20.22 54.98 -26.91
CA LYS F 225 -19.27 55.85 -26.26
C LYS F 225 -19.97 57.05 -25.63
N TYR F 226 -21.19 57.37 -26.08
CA TYR F 226 -21.94 58.51 -25.55
C TYR F 226 -22.69 58.19 -24.24
N PHE F 227 -22.67 56.93 -23.85
CA PHE F 227 -23.52 56.49 -22.75
C PHE F 227 -22.70 55.76 -21.69
N PRO F 228 -23.24 55.62 -20.48
CA PRO F 228 -22.54 54.84 -19.45
C PRO F 228 -22.24 53.42 -19.90
N GLY F 229 -21.26 52.78 -19.27
CA GLY F 229 -20.88 51.41 -19.57
C GLY F 229 -19.48 51.11 -19.11
N ALA F 230 -19.08 49.84 -19.17
CA ALA F 230 -17.75 49.44 -18.70
C ALA F 230 -16.64 50.26 -19.33
N HIS F 231 -16.86 50.74 -20.55
CA HIS F 231 -15.80 51.42 -21.27
C HIS F 231 -15.31 52.66 -20.53
N ARG F 232 -16.15 53.17 -19.63
CA ARG F 232 -15.84 54.40 -18.89
C ARG F 232 -14.99 54.13 -17.67
N GLN F 233 -15.23 53.03 -16.96
CA GLN F 233 -14.35 52.68 -15.87
C GLN F 233 -12.98 52.29 -16.46
N ILE F 234 -13.00 51.61 -17.57
CA ILE F 234 -11.77 51.26 -18.18
C ILE F 234 -11.29 52.44 -18.91
N THR F 235 -10.52 53.28 -18.29
CA THR F 235 -10.07 54.45 -19.00
C THR F 235 -9.84 55.47 -17.93
N ARG F 236 -10.73 55.42 -16.95
CA ARG F 236 -10.55 56.10 -15.72
C ARG F 236 -9.33 55.45 -15.21
N ASN F 237 -9.51 54.20 -14.86
CA ASN F 237 -8.48 53.40 -14.23
C ASN F 237 -7.13 53.58 -14.88
N LEU F 238 -7.11 53.45 -16.18
CA LEU F 238 -5.90 53.51 -16.93
C LEU F 238 -5.29 54.88 -16.87
N GLN F 239 -6.11 55.91 -16.90
CA GLN F 239 -5.58 57.27 -16.79
C GLN F 239 -4.97 57.49 -15.39
N GLU F 240 -5.61 56.94 -14.36
CA GLU F 240 -5.08 57.04 -13.01
C GLU F 240 -3.71 56.38 -12.92
N ILE F 241 -3.58 55.20 -13.51
CA ILE F 241 -2.31 54.49 -13.47
C ILE F 241 -1.27 55.29 -14.27
N LEU F 242 -1.75 55.96 -15.33
CA LEU F 242 -0.89 56.83 -16.15
C LEU F 242 -0.44 58.09 -15.37
N ASP F 243 -1.23 58.50 -14.38
CA ASP F 243 -0.83 59.61 -13.52
C ASP F 243 0.43 59.23 -12.76
N TYR F 244 0.39 58.04 -12.16
CA TYR F 244 1.50 57.49 -11.44
C TYR F 244 2.71 57.40 -12.35
N VAL F 245 2.48 56.98 -13.58
CA VAL F 245 3.55 56.78 -14.55
C VAL F 245 4.33 58.07 -14.90
N GLY F 246 3.61 59.17 -15.10
CA GLY F 246 4.26 60.46 -15.35
C GLY F 246 5.15 60.94 -14.19
N GLN F 247 4.59 60.88 -12.98
CA GLN F 247 5.28 61.28 -11.76
C GLN F 247 6.60 60.52 -11.58
N SER F 248 6.50 59.21 -11.58
CA SER F 248 7.66 58.34 -11.40
C SER F 248 8.70 58.63 -12.48
N VAL F 249 8.25 58.91 -13.70
CA VAL F 249 9.14 59.31 -14.80
C VAL F 249 9.88 60.62 -14.49
N GLU F 250 9.12 61.52 -13.94
CA GLU F 250 9.73 62.81 -13.58
CA GLU F 250 9.68 62.74 -13.64
C GLU F 250 10.78 62.63 -12.49
N LYS F 251 10.50 61.86 -11.45
CA LYS F 251 11.40 61.47 -10.38
C LYS F 251 12.64 60.78 -10.96
N HIS F 252 12.45 60.08 -12.08
CA HIS F 252 13.55 59.44 -12.84
C HIS F 252 14.38 60.53 -13.54
N ARG F 253 13.69 61.56 -14.01
CA ARG F 253 14.31 62.70 -14.69
C ARG F 253 15.22 63.48 -13.75
N ALA F 254 14.69 63.79 -12.56
CA ALA F 254 15.42 64.58 -11.56
C ALA F 254 16.72 63.89 -11.10
N THR F 255 16.62 62.61 -10.79
CA THR F 255 17.72 61.85 -10.19
C THR F 255 18.48 61.05 -11.25
N LEU F 256 18.38 61.50 -12.50
CA LEU F 256 19.04 60.81 -13.60
C LEU F 256 20.59 60.95 -13.52
N ASP F 257 21.26 59.80 -13.39
CA ASP F 257 22.71 59.69 -13.54
C ASP F 257 23.02 59.07 -14.90
N PRO F 258 23.46 59.89 -15.86
CA PRO F 258 23.70 59.54 -17.27
C PRO F 258 24.62 58.32 -17.54
N SER F 259 25.32 57.85 -16.50
CA SER F 259 26.19 56.68 -16.62
C SER F 259 25.83 55.56 -15.62
N ASN F 260 24.79 55.79 -14.82
CA ASN F 260 24.25 54.71 -14.01
C ASN F 260 22.72 54.73 -14.04
N PRO F 261 22.15 54.25 -15.18
CA PRO F 261 20.71 54.02 -15.31
C PRO F 261 20.26 52.89 -14.41
N ARG F 262 19.24 53.09 -13.58
CA ARG F 262 18.81 52.03 -12.68
C ARG F 262 17.88 51.04 -13.45
N ASP F 263 17.22 51.54 -14.50
CA ASP F 263 16.12 50.82 -15.13
C ASP F 263 15.76 51.23 -16.57
N PHE F 264 14.65 50.65 -17.04
CA PHE F 264 14.05 50.93 -18.33
C PHE F 264 13.75 52.42 -18.56
N ILE F 265 13.12 53.09 -17.58
CA ILE F 265 12.74 54.49 -17.80
C ILE F 265 13.98 55.32 -18.08
N ASP F 266 14.97 55.15 -17.21
CA ASP F 266 16.20 55.91 -17.31
C ASP F 266 16.83 55.72 -18.68
N THR F 267 16.95 54.47 -19.14
CA THR F 267 17.64 54.21 -20.40
C THR F 267 16.98 54.96 -21.55
N TYR F 268 15.66 55.12 -21.54
CA TYR F 268 14.96 55.88 -22.59
C TYR F 268 15.25 57.35 -22.32
N LEU F 269 15.04 57.85 -21.12
CA LEU F 269 15.33 59.26 -20.97
C LEU F 269 16.57 59.62 -21.73
N LEU F 270 17.69 59.13 -21.24
CA LEU F 270 19.00 59.34 -21.84
C LEU F 270 19.06 59.36 -23.38
N ARG F 271 18.26 58.53 -24.04
CA ARG F 271 18.24 58.63 -25.46
C ARG F 271 17.10 59.48 -25.97
N MET F 272 16.16 59.83 -25.10
CA MET F 272 15.29 60.94 -25.52
C MET F 272 16.16 62.16 -25.79
N GLU F 273 17.12 62.44 -24.90
CA GLU F 273 18.00 63.58 -25.06
C GLU F 273 18.87 63.50 -26.31
N LYS F 274 19.45 62.33 -26.55
CA LYS F 274 20.31 62.15 -27.73
C LYS F 274 19.61 62.38 -29.07
N GLU F 275 18.28 62.19 -29.13
CA GLU F 275 17.58 62.32 -30.40
C GLU F 275 16.57 63.45 -30.44
N LYS F 276 16.59 64.34 -29.44
CA LYS F 276 15.67 65.48 -29.42
C LYS F 276 16.01 66.43 -30.59
N SER F 277 17.27 66.41 -31.02
CA SER F 277 17.72 67.04 -32.27
C SER F 277 16.72 66.72 -33.38
N ASN F 278 16.58 65.43 -33.67
CA ASN F 278 15.57 64.94 -34.59
C ASN F 278 14.16 65.03 -33.99
N GLN F 279 13.26 65.74 -34.67
CA GLN F 279 11.88 65.88 -34.17
C GLN F 279 10.97 64.86 -34.88
N HIS F 280 11.55 64.07 -35.78
CA HIS F 280 10.79 62.97 -36.38
C HIS F 280 11.19 61.72 -35.60
N THR F 281 11.64 61.94 -34.36
CA THR F 281 12.00 60.87 -33.43
C THR F 281 10.81 60.09 -32.97
N GLU F 282 11.04 58.84 -32.58
CA GLU F 282 9.99 58.07 -31.96
C GLU F 282 10.06 58.27 -30.44
N PHE F 283 11.23 58.69 -29.96
CA PHE F 283 11.53 58.76 -28.52
C PHE F 283 11.06 60.04 -27.86
N HIS F 284 9.76 60.08 -27.63
CA HIS F 284 9.16 61.20 -26.94
C HIS F 284 8.49 60.77 -25.63
N HIS F 285 7.87 61.74 -24.98
CA HIS F 285 7.32 61.52 -23.66
C HIS F 285 6.13 60.57 -23.70
N GLN F 286 5.23 60.73 -24.66
CA GLN F 286 4.00 59.92 -24.71
C GLN F 286 4.33 58.45 -24.97
N ASN F 287 5.21 58.22 -25.96
CA ASN F 287 5.68 56.87 -26.21
C ASN F 287 6.40 56.29 -25.01
N LEU F 288 7.07 57.13 -24.23
CA LEU F 288 7.70 56.65 -23.02
C LEU F 288 6.59 56.30 -22.03
N LEU F 289 5.59 57.16 -21.96
CA LEU F 289 4.47 57.00 -21.02
C LEU F 289 3.64 55.75 -21.24
N ILE F 290 3.30 55.49 -22.48
CA ILE F 290 2.47 54.36 -22.78
C ILE F 290 3.30 53.10 -22.64
N SER F 291 4.58 53.21 -23.01
CA SER F 291 5.52 52.10 -22.82
C SER F 291 5.55 51.60 -21.39
N VAL F 292 5.68 52.52 -20.45
CA VAL F 292 5.71 52.14 -19.04
C VAL F 292 4.39 51.49 -18.64
N LEU F 293 3.28 52.09 -19.07
CA LEU F 293 1.96 51.55 -18.77
C LEU F 293 1.78 50.13 -19.33
N SER F 294 2.22 49.92 -20.56
CA SER F 294 2.12 48.61 -21.22
C SER F 294 2.81 47.48 -20.46
N LEU F 295 4.04 47.71 -20.03
CA LEU F 295 4.79 46.72 -19.28
C LEU F 295 4.31 46.60 -17.88
N PHE F 296 3.76 47.67 -17.32
CA PHE F 296 3.37 47.56 -15.91
C PHE F 296 2.16 46.64 -15.87
N PHE F 297 1.18 46.93 -16.69
CA PHE F 297 0.10 46.02 -17.01
C PHE F 297 0.68 44.83 -17.70
N ALA F 298 0.08 43.74 -17.51
CA ALA F 298 0.63 42.60 -18.25
C ALA F 298 1.84 42.01 -17.53
N GLY F 299 2.41 42.72 -16.58
CA GLY F 299 3.42 42.16 -15.70
C GLY F 299 2.82 42.08 -14.32
N THR F 300 1.53 42.36 -14.32
CA THR F 300 0.74 42.31 -13.13
C THR F 300 -0.37 41.32 -13.30
N GLU F 301 -1.10 41.44 -14.39
CA GLU F 301 -2.37 40.75 -14.53
C GLU F 301 -2.31 39.46 -15.37
N THR F 302 -1.17 39.18 -16.00
CA THR F 302 -1.11 38.00 -16.86
C THR F 302 -0.65 36.75 -16.10
N THR F 303 0.65 36.67 -15.85
CA THR F 303 1.24 35.54 -15.14
C THR F 303 0.50 35.31 -13.82
N SER F 304 0.14 36.40 -13.17
CA SER F 304 -0.63 36.38 -11.92
C SER F 304 -1.99 35.64 -12.05
N THR F 305 -2.75 35.89 -13.12
CA THR F 305 -4.02 35.17 -13.34
C THR F 305 -3.76 33.67 -13.64
N THR F 306 -2.72 33.38 -14.44
CA THR F 306 -2.33 32.00 -14.71
C THR F 306 -2.09 31.22 -13.41
N LEU F 307 -1.30 31.81 -12.52
CA LEU F 307 -1.00 31.20 -11.23
C LEU F 307 -2.27 30.97 -10.45
N ARG F 308 -3.16 31.94 -10.52
CA ARG F 308 -4.41 31.88 -9.78
C ARG F 308 -5.26 30.76 -10.34
N TYR F 309 -5.22 30.58 -11.66
CA TYR F 309 -5.97 29.47 -12.24
C TYR F 309 -5.27 28.14 -11.93
N GLY F 310 -3.94 28.16 -11.92
CA GLY F 310 -3.17 26.96 -11.68
C GLY F 310 -3.55 26.30 -10.38
N PHE F 311 -3.81 27.11 -9.37
CA PHE F 311 -4.13 26.63 -8.03
C PHE F 311 -5.60 26.32 -7.83
N LEU F 312 -6.45 26.94 -8.64
CA LEU F 312 -7.84 26.53 -8.74
C LEU F 312 -7.86 25.14 -9.36
N LEU F 313 -6.94 24.92 -10.30
CA LEU F 313 -6.75 23.61 -10.91
C LEU F 313 -6.12 22.59 -9.97
N MET F 314 -5.31 23.06 -9.02
CA MET F 314 -4.63 22.17 -8.08
C MET F 314 -5.59 21.66 -7.02
N LEU F 315 -6.60 22.47 -6.72
CA LEU F 315 -7.66 22.15 -5.77
C LEU F 315 -8.61 21.09 -6.31
N LYS F 316 -8.87 21.14 -7.62
CA LYS F 316 -9.82 20.21 -8.23
C LYS F 316 -9.16 18.87 -8.49
N TYR F 317 -7.87 18.91 -8.79
CA TYR F 317 -7.10 17.70 -9.09
C TYR F 317 -5.86 17.50 -8.21
N PRO F 318 -6.07 17.36 -6.91
CA PRO F 318 -5.00 17.27 -5.91
C PRO F 318 -3.95 16.23 -6.21
N HIS F 319 -4.30 15.16 -6.92
CA HIS F 319 -3.33 14.10 -7.15
C HIS F 319 -2.25 14.43 -8.15
N VAL F 320 -2.36 15.56 -8.82
CA VAL F 320 -1.34 15.99 -9.72
C VAL F 320 -0.43 16.87 -8.89
N ALA F 321 -1.04 17.58 -7.98
CA ALA F 321 -0.28 18.36 -7.01
C ALA F 321 0.68 17.47 -6.21
N GLU F 322 0.15 16.40 -5.64
CA GLU F 322 0.96 15.45 -4.87
C GLU F 322 2.11 14.94 -5.73
N LYS F 323 1.85 14.80 -7.03
CA LYS F 323 2.84 14.28 -7.95
C LYS F 323 3.91 15.33 -8.28
N VAL F 324 3.51 16.60 -8.15
CA VAL F 324 4.41 17.75 -8.32
C VAL F 324 5.32 17.88 -7.08
N GLN F 325 4.71 17.83 -5.89
CA GLN F 325 5.49 17.80 -4.64
C GLN F 325 6.50 16.62 -4.58
N LYS F 326 6.15 15.46 -5.11
CA LYS F 326 7.10 14.34 -5.05
C LYS F 326 8.32 14.57 -5.93
N GLU F 327 8.15 15.32 -7.02
CA GLU F 327 9.29 15.60 -7.91
C GLU F 327 10.11 16.80 -7.42
N ILE F 328 9.46 17.72 -6.70
CA ILE F 328 10.13 18.84 -6.05
C ILE F 328 11.05 18.28 -4.95
N ASP F 329 10.52 17.31 -4.21
CA ASP F 329 11.26 16.69 -3.12
C ASP F 329 12.56 16.00 -3.58
N GLN F 330 12.45 15.23 -4.66
CA GLN F 330 13.56 14.46 -5.20
C GLN F 330 14.63 15.34 -5.84
N VAL F 331 14.19 16.29 -6.66
CA VAL F 331 15.12 17.14 -7.40
C VAL F 331 15.62 18.31 -6.54
N ILE F 332 14.76 18.84 -5.68
CA ILE F 332 15.16 20.03 -4.92
C ILE F 332 15.31 19.78 -3.41
N GLY F 333 14.32 19.13 -2.81
CA GLY F 333 14.29 18.89 -1.38
C GLY F 333 13.45 19.94 -0.67
N SER F 334 13.70 20.11 0.63
CA SER F 334 12.94 21.02 1.48
C SER F 334 13.97 22.03 1.97
N HIS F 335 15.14 21.95 1.32
CA HIS F 335 16.34 22.67 1.70
C HIS F 335 16.56 23.99 0.99
N ARG F 336 16.76 23.92 -0.32
CA ARG F 336 17.19 25.08 -1.10
C ARG F 336 16.03 25.74 -1.84
N LEU F 337 16.23 26.96 -2.31
CA LEU F 337 15.23 27.64 -3.12
C LEU F 337 15.35 27.04 -4.51
N PRO F 338 14.21 26.77 -5.16
CA PRO F 338 14.25 26.24 -6.52
C PRO F 338 14.97 27.21 -7.47
N THR F 339 15.54 26.69 -8.54
CA THR F 339 16.28 27.50 -9.51
C THR F 339 15.77 27.24 -10.92
N LEU F 340 16.11 28.14 -11.86
CA LEU F 340 15.71 27.92 -13.24
C LEU F 340 16.41 26.66 -13.79
N GLU F 341 17.59 26.34 -13.25
CA GLU F 341 18.31 25.12 -13.63
C GLU F 341 17.54 23.86 -13.23
N ASP F 342 16.72 23.97 -12.18
CA ASP F 342 15.97 22.83 -11.70
C ASP F 342 14.88 22.32 -12.66
N ARG F 343 14.37 23.21 -13.52
CA ARG F 343 13.25 22.84 -14.38
C ARG F 343 13.65 21.86 -15.47
N THR F 344 14.85 22.00 -16.01
CA THR F 344 15.30 21.11 -17.07
C THR F 344 15.37 19.64 -16.58
N LYS F 345 15.10 19.42 -15.30
CA LYS F 345 15.05 18.08 -14.70
C LYS F 345 13.79 17.75 -13.93
N MET F 346 12.68 18.40 -14.24
CA MET F 346 11.44 18.06 -13.56
C MET F 346 10.33 17.92 -14.60
N PRO F 347 10.65 17.22 -15.66
CA PRO F 347 9.79 17.20 -16.85
C PRO F 347 8.29 17.23 -16.52
N TYR F 348 7.88 16.60 -15.43
CA TYR F 348 6.45 16.54 -15.09
C TYR F 348 5.87 17.90 -14.65
N THR F 349 6.52 18.54 -13.69
CA THR F 349 6.06 19.86 -13.26
C THR F 349 6.09 20.84 -14.44
N ASP F 350 7.11 20.75 -15.27
CA ASP F 350 7.15 21.59 -16.46
C ASP F 350 5.89 21.36 -17.29
N ALA F 351 5.45 20.10 -17.39
CA ALA F 351 4.24 19.81 -18.16
C ALA F 351 3.00 20.40 -17.50
N VAL F 352 2.94 20.30 -16.18
CA VAL F 352 1.78 20.78 -15.46
C VAL F 352 1.63 22.28 -15.68
N ILE F 353 2.77 22.98 -15.66
CA ILE F 353 2.78 24.41 -15.96
C ILE F 353 2.34 24.64 -17.41
N HIS F 354 2.89 23.87 -18.34
CA HIS F 354 2.44 23.91 -19.74
C HIS F 354 0.94 23.72 -19.83
N GLU F 355 0.44 22.72 -19.14
CA GLU F 355 -0.97 22.38 -19.16
C GLU F 355 -1.83 23.39 -18.38
N ILE F 356 -1.26 24.04 -17.37
CA ILE F 356 -1.97 25.12 -16.68
C ILE F 356 -2.16 26.28 -17.64
N GLN F 357 -1.09 26.59 -18.35
CA GLN F 357 -1.09 27.66 -19.33
C GLN F 357 -2.03 27.34 -20.52
N ARG F 358 -2.06 26.08 -20.97
CA ARG F 358 -2.91 25.66 -22.09
C ARG F 358 -4.40 25.74 -21.75
N PHE F 359 -4.73 25.27 -20.56
CA PHE F 359 -6.10 25.24 -20.10
C PHE F 359 -6.59 26.63 -19.74
N SER F 360 -5.79 27.35 -18.96
CA SER F 360 -6.21 28.65 -18.42
C SER F 360 -6.50 29.62 -19.54
N ASP F 361 -5.75 29.50 -20.63
CA ASP F 361 -6.11 30.16 -21.88
C ASP F 361 -6.29 31.68 -21.71
N LEU F 362 -5.23 32.36 -21.28
CA LEU F 362 -5.29 33.77 -20.87
C LEU F 362 -5.86 34.69 -21.94
N ALA F 363 -5.42 34.45 -23.18
CA ALA F 363 -5.87 35.21 -24.32
C ALA F 363 -6.57 34.30 -25.30
N PRO F 364 -7.90 34.12 -25.14
CA PRO F 364 -8.65 33.14 -25.96
C PRO F 364 -8.54 33.50 -27.44
N ILE F 365 -8.74 34.79 -27.72
CA ILE F 365 -8.26 35.44 -28.91
C ILE F 365 -6.92 36.07 -28.52
N GLY F 366 -6.06 36.29 -29.50
CA GLY F 366 -4.73 36.75 -29.27
C GLY F 366 -4.95 38.20 -29.05
N ALA F 367 -4.12 39.01 -29.66
CA ALA F 367 -4.29 40.42 -29.63
C ALA F 367 -4.53 40.81 -31.05
N PRO F 368 -5.33 41.81 -31.28
CA PRO F 368 -5.67 42.14 -32.67
C PRO F 368 -4.45 42.45 -33.51
N HIS F 369 -4.32 41.75 -34.63
CA HIS F 369 -3.32 42.07 -35.65
C HIS F 369 -3.99 42.82 -36.82
N LYS F 370 -3.20 43.17 -37.82
CA LYS F 370 -3.73 43.68 -39.07
C LYS F 370 -2.64 43.50 -40.10
N VAL F 371 -2.99 43.46 -41.38
CA VAL F 371 -1.95 43.28 -42.37
C VAL F 371 -1.33 44.63 -42.77
N THR F 372 -0.01 44.62 -42.90
CA THR F 372 0.79 45.80 -43.18
C THR F 372 0.82 46.08 -44.69
N LYS F 373 0.26 45.17 -45.48
CA LYS F 373 0.36 45.22 -46.93
C LYS F 373 -0.90 44.64 -47.52
N ASP F 374 -1.17 44.92 -48.79
CA ASP F 374 -2.11 44.08 -49.51
C ASP F 374 -1.54 42.67 -49.45
N THR F 375 -2.24 41.70 -48.89
CA THR F 375 -1.68 40.38 -48.81
C THR F 375 -2.43 39.35 -49.63
N LEU F 376 -1.87 38.17 -49.75
CA LEU F 376 -2.61 37.09 -50.35
C LEU F 376 -2.39 35.93 -49.45
N PHE F 377 -3.49 35.33 -49.03
CA PHE F 377 -3.45 34.27 -48.02
C PHE F 377 -4.46 33.20 -48.40
N ARG F 378 -3.97 31.98 -48.66
CA ARG F 378 -4.80 30.86 -49.13
C ARG F 378 -5.74 31.29 -50.26
N GLY F 379 -5.20 32.10 -51.17
CA GLY F 379 -5.89 32.56 -52.35
C GLY F 379 -6.78 33.76 -52.14
N TYR F 380 -6.94 34.16 -50.89
CA TYR F 380 -7.76 35.34 -50.62
C TYR F 380 -6.86 36.56 -50.61
N LEU F 381 -7.43 37.68 -51.03
CA LEU F 381 -6.72 38.95 -50.96
C LEU F 381 -7.25 39.84 -49.83
N LEU F 382 -6.39 40.03 -48.84
CA LEU F 382 -6.69 40.91 -47.72
C LEU F 382 -6.04 42.26 -47.98
N PRO F 383 -6.85 43.29 -48.30
CA PRO F 383 -6.33 44.65 -48.52
C PRO F 383 -5.60 45.17 -47.30
N LYS F 384 -4.68 46.11 -47.52
CA LYS F 384 -3.86 46.67 -46.42
C LYS F 384 -4.69 47.22 -45.26
N ASN F 385 -4.20 46.97 -44.04
CA ASN F 385 -4.81 47.42 -42.78
C ASN F 385 -6.07 46.62 -42.40
N THR F 386 -6.27 45.50 -43.09
CA THR F 386 -7.32 44.57 -42.70
C THR F 386 -6.97 43.92 -41.38
N GLU F 387 -7.85 44.03 -40.39
CA GLU F 387 -7.57 43.44 -39.10
C GLU F 387 -7.64 41.93 -39.15
N VAL F 388 -6.87 41.30 -38.28
CA VAL F 388 -6.73 39.86 -38.28
C VAL F 388 -6.72 39.38 -36.84
N TYR F 389 -7.61 38.46 -36.48
CA TYR F 389 -7.57 37.88 -35.12
C TYR F 389 -7.04 36.45 -35.15
N PRO F 390 -5.84 36.21 -34.59
CA PRO F 390 -5.38 34.82 -34.42
C PRO F 390 -5.97 34.16 -33.17
N ILE F 391 -6.90 33.23 -33.33
CA ILE F 391 -7.66 32.70 -32.19
C ILE F 391 -6.84 31.63 -31.47
N LEU F 392 -6.00 32.11 -30.55
CA LEU F 392 -5.07 31.26 -29.83
C LEU F 392 -5.72 30.11 -29.11
N SER F 393 -6.93 30.33 -28.58
CA SER F 393 -7.68 29.30 -27.88
C SER F 393 -7.90 28.05 -28.76
N SER F 394 -8.10 28.26 -30.06
CA SER F 394 -8.35 27.18 -30.99
C SER F 394 -7.06 26.42 -31.26
N ALA F 395 -5.94 27.04 -30.93
CA ALA F 395 -4.65 26.37 -31.00
C ALA F 395 -4.38 25.54 -29.74
N LEU F 396 -4.68 26.14 -28.59
CA LEU F 396 -4.47 25.49 -27.29
C LEU F 396 -5.43 24.35 -27.10
N HIS F 397 -6.59 24.45 -27.76
CA HIS F 397 -7.61 23.41 -27.69
C HIS F 397 -7.80 22.64 -29.00
N ASP F 398 -6.75 22.65 -29.82
CA ASP F 398 -6.73 21.96 -31.11
C ASP F 398 -6.68 20.44 -30.92
N PRO F 399 -7.77 19.75 -31.28
CA PRO F 399 -7.91 18.29 -31.11
C PRO F 399 -6.88 17.50 -31.91
N GLN F 400 -6.31 18.13 -32.93
CA GLN F 400 -5.25 17.50 -33.71
C GLN F 400 -3.91 17.47 -32.97
N TYR F 401 -3.83 18.15 -31.82
CA TYR F 401 -2.58 18.16 -31.04
C TYR F 401 -2.83 17.70 -29.62
N PHE F 402 -4.08 17.72 -29.21
CA PHE F 402 -4.44 17.34 -27.86
C PHE F 402 -5.62 16.38 -27.82
N GLU F 403 -5.45 15.26 -27.12
CA GLU F 403 -6.49 14.25 -27.15
C GLU F 403 -7.79 14.75 -26.54
N GLN F 404 -7.77 15.25 -25.31
CA GLN F 404 -9.03 15.79 -24.80
C GLN F 404 -8.81 17.20 -24.31
N PRO F 405 -8.86 18.13 -25.27
CA PRO F 405 -8.49 19.54 -25.10
C PRO F 405 -9.37 20.27 -24.09
N GLY F 406 -10.57 19.76 -23.82
CA GLY F 406 -11.46 20.36 -22.84
C GLY F 406 -11.18 19.95 -21.39
N THR F 407 -10.24 19.04 -21.23
CA THR F 407 -9.91 18.53 -19.91
C THR F 407 -8.54 19.01 -19.51
N PHE F 408 -8.34 19.15 -18.20
CA PHE F 408 -7.01 19.43 -17.69
C PHE F 408 -6.25 18.11 -17.58
N ASN F 409 -5.20 17.93 -18.39
CA ASN F 409 -4.39 16.72 -18.26
C ASN F 409 -2.93 16.96 -18.66
N PRO F 410 -2.02 16.92 -17.66
CA PRO F 410 -0.58 17.15 -17.80
C PRO F 410 0.05 16.27 -18.89
N ASP F 411 -0.60 15.14 -19.19
CA ASP F 411 -0.10 14.20 -20.19
C ASP F 411 -0.04 14.79 -21.59
N HIS F 412 -0.71 15.92 -21.78
CA HIS F 412 -0.69 16.61 -23.07
C HIS F 412 0.73 17.07 -23.41
N PHE F 413 1.57 17.08 -22.39
CA PHE F 413 2.94 17.55 -22.50
C PHE F 413 3.96 16.53 -21.95
N LEU F 414 3.52 15.30 -21.74
CA LEU F 414 4.43 14.21 -21.39
C LEU F 414 4.40 13.13 -22.48
N ASP F 415 5.57 12.60 -22.83
CA ASP F 415 5.60 11.48 -23.79
C ASP F 415 5.46 10.17 -23.02
N ALA F 416 5.59 9.05 -23.73
CA ALA F 416 5.37 7.72 -23.13
C ALA F 416 6.26 7.46 -21.92
N ASN F 417 7.44 8.05 -21.94
CA ASN F 417 8.42 7.83 -20.91
C ASN F 417 8.22 8.74 -19.70
N GLY F 418 7.40 9.77 -19.87
CA GLY F 418 7.16 10.76 -18.84
C GLY F 418 8.08 11.96 -18.98
N ALA F 419 8.63 12.13 -20.18
CA ALA F 419 9.44 13.31 -20.49
C ALA F 419 8.59 14.43 -21.09
N LEU F 420 9.11 15.64 -21.07
CA LEU F 420 8.34 16.78 -21.55
C LEU F 420 8.24 16.73 -23.07
N LYS F 421 7.00 16.82 -23.55
CA LYS F 421 6.68 16.81 -24.98
C LYS F 421 6.27 18.20 -25.46
N LYS F 422 7.09 18.82 -26.29
CA LYS F 422 6.78 20.14 -26.83
C LYS F 422 5.59 20.02 -27.76
N SER F 423 4.95 21.14 -28.06
CA SER F 423 3.80 21.12 -28.97
C SER F 423 3.69 22.42 -29.74
N GLU F 424 3.61 22.31 -31.06
CA GLU F 424 3.47 23.48 -31.94
C GLU F 424 2.10 24.20 -31.76
N ALA F 425 1.19 23.54 -31.07
CA ALA F 425 -0.11 24.14 -30.74
C ALA F 425 0.00 24.98 -29.45
N PHE F 426 1.09 24.77 -28.71
CA PHE F 426 1.29 25.52 -27.47
C PHE F 426 1.81 26.93 -27.75
N MET F 427 0.89 27.86 -27.94
CA MET F 427 1.24 29.25 -28.23
C MET F 427 0.59 30.30 -27.35
N PRO F 428 0.69 30.14 -26.02
CA PRO F 428 -0.02 31.10 -25.19
C PRO F 428 0.61 32.47 -25.31
N PHE F 429 1.84 32.53 -25.79
CA PHE F 429 2.54 33.80 -25.94
C PHE F 429 2.49 34.22 -27.40
N SER F 430 1.58 33.61 -28.16
CA SER F 430 1.49 33.81 -29.61
C SER F 430 2.74 33.35 -30.34
N ILE F 431 2.94 33.89 -31.53
CA ILE F 431 4.03 33.47 -32.40
C ILE F 431 4.26 34.63 -33.35
N GLY F 432 5.33 34.58 -34.12
CA GLY F 432 5.65 35.59 -35.12
C GLY F 432 6.42 36.77 -34.53
N LYS F 433 6.47 37.86 -35.30
CA LYS F 433 7.25 39.05 -34.90
C LYS F 433 6.63 39.79 -33.69
N ARG F 434 5.37 39.50 -33.38
CA ARG F 434 4.70 40.12 -32.23
C ARG F 434 4.70 39.24 -31.00
N ILE F 435 5.45 38.13 -31.04
CA ILE F 435 5.41 37.18 -29.94
C ILE F 435 5.79 37.87 -28.65
N CYS F 436 5.09 37.49 -27.58
CA CYS F 436 5.28 38.09 -26.28
C CYS F 436 6.74 38.33 -25.91
N LEU F 437 7.03 39.60 -25.64
CA LEU F 437 8.36 40.05 -25.28
C LEU F 437 8.78 39.44 -23.95
N GLY F 438 7.78 39.15 -23.11
CA GLY F 438 7.97 38.59 -21.78
C GLY F 438 7.78 37.08 -21.67
N GLU F 439 7.88 36.35 -22.79
CA GLU F 439 7.74 34.88 -22.76
C GLU F 439 8.68 34.22 -21.75
N GLY F 440 9.97 34.53 -21.87
CA GLY F 440 10.98 34.02 -20.96
C GLY F 440 10.72 34.34 -19.49
N ILE F 441 10.50 35.63 -19.20
CA ILE F 441 10.25 36.04 -17.83
C ILE F 441 8.99 35.39 -17.24
N ALA F 442 7.94 35.26 -18.03
CA ALA F 442 6.67 34.67 -17.57
C ALA F 442 6.83 33.18 -17.23
N ARG F 443 7.52 32.48 -18.12
CA ARG F 443 7.80 31.07 -17.93
C ARG F 443 8.52 30.87 -16.61
N ASN F 444 9.55 31.69 -16.41
CA ASN F 444 10.37 31.72 -15.21
C ASN F 444 9.62 32.10 -13.94
N GLU F 445 8.79 33.15 -13.99
CA GLU F 445 8.00 33.49 -12.80
C GLU F 445 7.09 32.32 -12.45
N LEU F 446 6.47 31.73 -13.48
CA LEU F 446 5.58 30.59 -13.29
C LEU F 446 6.30 29.39 -12.71
N PHE F 447 7.41 28.99 -13.31
CA PHE F 447 8.11 27.83 -12.77
C PHE F 447 8.55 28.11 -11.32
N LEU F 448 9.29 29.19 -11.11
CA LEU F 448 9.84 29.47 -9.78
C LEU F 448 8.77 29.69 -8.72
N PHE F 449 7.73 30.47 -9.02
CA PHE F 449 6.66 30.68 -8.02
C PHE F 449 5.90 29.38 -7.76
N PHE F 450 5.57 28.65 -8.83
CA PHE F 450 4.76 27.44 -8.68
C PHE F 450 5.50 26.41 -7.82
N THR F 451 6.74 26.10 -8.19
CA THR F 451 7.47 25.05 -7.48
C THR F 451 7.80 25.48 -6.03
N THR F 452 8.10 26.75 -5.80
CA THR F 452 8.42 27.22 -4.45
C THR F 452 7.22 27.16 -3.50
N ILE F 453 6.02 27.46 -4.00
CA ILE F 453 4.82 27.40 -3.14
C ILE F 453 4.51 25.98 -2.68
N LEU F 454 4.64 25.03 -3.56
CA LEU F 454 4.23 23.71 -3.20
C LEU F 454 5.30 23.07 -2.37
N GLN F 455 6.55 23.44 -2.62
CA GLN F 455 7.60 22.86 -1.81
C GLN F 455 7.31 23.03 -0.32
N ASN F 456 6.80 24.18 0.06
CA ASN F 456 6.58 24.43 1.48
C ASN F 456 5.15 24.12 1.93
N PHE F 457 4.21 24.11 0.99
CA PHE F 457 2.80 23.92 1.31
C PHE F 457 2.14 22.90 0.42
N SER F 458 1.02 22.38 0.94
CA SER F 458 0.00 21.72 0.17
C SER F 458 -1.27 22.56 0.32
N VAL F 459 -2.23 22.41 -0.56
CA VAL F 459 -3.39 23.26 -0.49
C VAL F 459 -4.69 22.54 -0.42
N SER F 460 -5.66 23.22 0.19
CA SER F 460 -7.00 22.70 0.37
C SER F 460 -7.97 23.85 0.45
N SER F 461 -9.25 23.51 0.44
CA SER F 461 -10.30 24.52 0.35
C SER F 461 -11.63 23.99 0.88
N SER F 462 -12.56 24.92 1.08
CA SER F 462 -13.91 24.63 1.56
C SER F 462 -14.73 23.67 0.67
N VAL F 463 -14.79 23.84 -0.63
CA VAL F 463 -15.70 22.99 -1.44
C VAL F 463 -15.10 21.79 -2.21
N ALA F 464 -15.86 20.71 -2.24
CA ALA F 464 -15.42 19.44 -2.81
C ALA F 464 -14.71 19.59 -4.15
N PRO F 465 -13.57 18.93 -4.27
CA PRO F 465 -12.82 18.84 -5.53
C PRO F 465 -13.73 18.62 -6.72
N LYS F 466 -14.87 18.00 -6.48
CA LYS F 466 -15.85 17.70 -7.53
C LYS F 466 -16.72 18.92 -7.86
N ASP F 467 -16.79 19.84 -6.92
CA ASP F 467 -17.62 21.05 -7.03
C ASP F 467 -16.77 22.23 -7.44
N ILE F 468 -15.50 21.99 -7.72
CA ILE F 468 -14.64 23.09 -8.15
C ILE F 468 -15.04 23.50 -9.55
N ASP F 469 -15.30 24.78 -9.74
CA ASP F 469 -15.85 25.26 -10.98
C ASP F 469 -14.82 25.93 -11.84
N LEU F 470 -14.47 25.30 -12.94
CA LEU F 470 -13.41 25.76 -13.81
C LEU F 470 -13.96 26.73 -14.86
N SER F 471 -15.26 27.00 -14.84
CA SER F 471 -15.82 27.97 -15.77
C SER F 471 -15.20 29.34 -15.50
N PRO F 472 -14.73 30.01 -16.57
CA PRO F 472 -14.15 31.34 -16.40
C PRO F 472 -15.21 32.32 -15.92
N LYS F 473 -14.80 33.27 -15.10
CA LYS F 473 -15.69 34.29 -14.56
C LYS F 473 -15.98 35.29 -15.65
N GLU F 474 -14.97 35.58 -16.44
CA GLU F 474 -15.16 36.42 -17.60
C GLU F 474 -14.31 35.89 -18.74
N SER F 475 -14.89 35.89 -19.93
CA SER F 475 -14.16 35.50 -21.13
C SER F 475 -14.38 36.41 -22.32
N GLY F 476 -13.31 36.99 -22.81
CA GLY F 476 -13.38 37.98 -23.87
C GLY F 476 -11.95 38.16 -24.29
N ILE F 477 -11.51 39.41 -24.45
CA ILE F 477 -10.11 39.61 -24.85
C ILE F 477 -9.12 38.96 -23.86
N GLY F 478 -9.54 38.77 -22.62
CA GLY F 478 -8.80 37.97 -21.66
C GLY F 478 -9.73 37.01 -20.96
N LYS F 479 -9.16 36.04 -20.25
CA LYS F 479 -9.95 35.04 -19.53
C LYS F 479 -9.62 34.96 -18.03
N VAL F 480 -10.65 35.03 -17.20
CA VAL F 480 -10.50 35.11 -15.75
C VAL F 480 -11.28 34.03 -14.99
N PRO F 481 -10.61 33.35 -14.04
CA PRO F 481 -11.19 32.26 -13.24
C PRO F 481 -12.14 32.74 -12.16
N GLN F 482 -12.99 31.87 -11.72
CA GLN F 482 -13.90 32.29 -10.72
C GLN F 482 -13.13 32.57 -9.44
N THR F 483 -13.65 33.50 -8.67
CA THR F 483 -13.13 33.80 -7.35
C THR F 483 -13.23 32.59 -6.43
N TYR F 484 -12.18 32.35 -5.65
CA TYR F 484 -12.17 31.23 -4.73
C TYR F 484 -11.29 31.55 -3.54
N GLN F 485 -11.45 30.78 -2.47
CA GLN F 485 -10.57 30.89 -1.33
C GLN F 485 -9.80 29.58 -1.19
N ILE F 486 -8.57 29.68 -0.70
CA ILE F 486 -7.68 28.54 -0.65
C ILE F 486 -6.84 28.60 0.63
N SER F 487 -6.50 27.43 1.17
CA SER F 487 -5.75 27.31 2.41
C SER F 487 -4.36 26.75 2.19
N PHE F 488 -3.36 27.42 2.75
CA PHE F 488 -1.99 26.92 2.67
C PHE F 488 -1.54 26.37 4.02
N LEU F 489 -1.24 25.07 4.03
CA LEU F 489 -0.81 24.42 5.25
C LEU F 489 0.63 23.94 5.10
N ALA F 490 1.46 24.27 6.09
CA ALA F 490 2.86 23.86 6.12
C ALA F 490 2.97 22.34 6.19
N ARG F 491 4.00 21.79 5.54
CA ARG F 491 4.22 20.35 5.50
C ARG F 491 5.48 19.83 6.19
N HIS F 492 5.34 19.04 7.26
CA HIS F 492 6.44 18.25 7.88
C HIS F 492 5.91 17.16 8.83
C1 GLC G . 1.59 -15.47 -8.00
C2 GLC G . 2.20 -14.14 -8.38
C3 GLC G . 2.01 -13.08 -7.40
C4 GLC G . 0.62 -12.88 -7.33
C5 GLC G . 0.08 -14.19 -6.97
C6 GLC G . -1.35 -14.01 -6.63
O2 GLC G . 3.49 -14.16 -8.75
O3 GLC G . 2.49 -11.91 -7.84
O4 GLC G . 0.56 -12.05 -6.27
O5 GLC G . 0.29 -15.10 -8.00
O6 GLC G . -1.63 -12.68 -6.68
C1 FRU G . 3.27 -17.61 -7.32
C2 FRU G . 2.94 -16.54 -6.29
C3 FRU G . 4.06 -15.50 -6.17
C4 FRU G . 3.84 -14.98 -4.76
C5 FRU G . 3.32 -16.19 -4.01
C6 FRU G . 2.28 -15.83 -2.97
O1 FRU G . 2.79 -18.87 -6.94
O2 FRU G . 1.74 -15.87 -6.68
O3 FRU G . 4.00 -14.50 -7.16
O4 FRU G . 5.02 -14.51 -4.17
O5 FRU G . 2.79 -17.08 -4.98
O6 FRU G . 1.78 -17.01 -2.37
CHA HEM H . 8.53 -28.07 -9.08
CHB HEM H . 7.11 -27.33 -4.65
CHC HEM H . 3.54 -30.37 -5.40
CHD HEM H . 4.71 -30.80 -9.91
C1A HEM H . 8.48 -27.66 -7.80
C2A HEM H . 9.46 -26.88 -7.15
C3A HEM H . 9.07 -26.69 -5.94
C4A HEM H . 7.83 -27.33 -5.79
CMA HEM H . 9.80 -25.88 -4.87
CAA HEM H . 10.77 -26.36 -7.72
CBA HEM H . 10.58 -25.04 -8.41
CGA HEM H . 11.86 -24.53 -8.94
O1A HEM H . 12.53 -25.23 -9.58
O2A HEM H . 12.20 -23.42 -8.77
C1B HEM H . 6.02 -28.10 -4.52
C2B HEM H . 5.28 -28.19 -3.33
C3B HEM H . 4.32 -29.01 -3.55
C4B HEM H . 4.42 -29.47 -4.88
CMB HEM H . 5.58 -27.43 -2.03
CAB HEM H . 3.26 -29.43 -2.54
CBB HEM H . 3.15 -28.80 -1.40
C1C HEM H . 3.50 -30.71 -6.69
C2C HEM H . 2.48 -31.41 -7.33
C3C HEM H . 2.82 -31.54 -8.60
C4C HEM H . 4.05 -30.91 -8.76
CMC HEM H . 1.21 -31.94 -6.64
CAC HEM H . 2.06 -32.20 -9.74
CBC HEM H . 1.12 -33.09 -9.52
C1D HEM H . 5.84 -30.09 -10.11
C2D HEM H . 6.51 -29.99 -11.35
C3D HEM H . 7.69 -29.13 -11.07
C4D HEM H . 7.62 -28.82 -9.71
CMD HEM H . 6.14 -30.62 -12.70
CAD HEM H . 8.76 -28.70 -12.04
CBD HEM H . 8.39 -27.37 -12.61
CGD HEM H . 9.29 -27.06 -13.75
O1D HEM H . 8.81 -26.45 -14.69
O2D HEM H . 10.44 -27.37 -13.77
NA HEM H . 7.48 -27.96 -6.95
NB HEM H . 5.49 -28.88 -5.53
NC HEM H . 4.47 -30.39 -7.58
ND HEM H . 6.51 -29.38 -9.15
FE HEM H . 5.94 -29.04 -7.23
C11 CPZ I . 9.30 -34.08 -8.26
C10 CPZ I . 10.10 -35.16 -8.61
C9 CPZ I . 11.13 -35.56 -7.78
C8 CPZ I . 11.36 -34.90 -6.59
C7 CPZ I . 10.56 -33.81 -6.23
C6 CPZ I . 9.53 -33.41 -7.07
C4 CPZ I . 8.67 -32.25 -6.68
C2 CPZ I . 7.95 -31.43 -7.53
N1 CPZ I . 7.29 -30.49 -6.84
C5 CPZ I . 7.60 -30.74 -5.55
N3 CPZ I . 8.43 -31.80 -5.43
CL CPZ I . 12.12 -36.90 -8.23
C11 CPZ J . 13.45 -31.10 -5.68
C10 CPZ J . 13.86 -30.84 -6.98
C9 CPZ J . 12.98 -30.24 -7.88
C8 CPZ J . 11.71 -29.89 -7.47
C7 CPZ J . 11.30 -30.14 -6.17
C6 CPZ J . 12.17 -30.74 -5.27
C4 CPZ J . 11.73 -31.01 -3.87
C2 CPZ J . 12.42 -30.73 -2.70
N1 CPZ J . 11.73 -31.11 -1.63
C5 CPZ J . 10.59 -31.63 -2.12
N3 CPZ J . 10.57 -31.58 -3.47
CL CPZ J . 13.49 -29.92 -9.49
C7 CM5 K . 36.80 -38.70 -1.44
C8 CM5 K . 37.79 -37.82 -2.16
C9 CM5 K . 37.40 -36.39 -2.12
C10 CM5 K . 37.18 -35.92 -0.72
C11 CM5 K . 36.29 -36.82 0.09
C6 CM5 K . 36.60 -38.27 -0.03
C1 GOL L . 4.08 -47.54 6.43
O1 GOL L . 3.09 -48.43 6.94
C2 GOL L . 4.72 -46.60 7.48
O2 GOL L . 5.35 -47.30 8.54
C3 GOL L . 5.70 -45.54 6.93
O3 GOL L . 6.26 -45.80 5.64
CHA HEM M . 21.68 -5.56 43.53
CHB HEM M . 18.36 -6.11 40.18
CHC HEM M . 15.96 -2.27 41.94
CHD HEM M . 18.79 -2.35 45.86
C1A HEM M . 21.07 -6.01 42.42
C2A HEM M . 21.54 -7.02 41.51
C3A HEM M . 20.63 -7.17 40.56
C4A HEM M . 19.54 -6.27 40.87
CMA HEM M . 20.67 -8.10 39.32
CAA HEM M . 22.90 -7.71 41.63
CBA HEM M . 22.74 -9.04 42.35
CGA HEM M . 24.10 -9.76 42.28
O1A HEM M . 25.12 -9.11 42.72
O2A HEM M . 24.18 -10.95 41.80
C1B HEM M . 17.42 -5.11 40.37
C2B HEM M . 16.25 -4.92 39.51
C3B HEM M . 15.59 -3.86 40.01
C4B HEM M . 16.32 -3.37 41.17
CMB HEM M . 15.88 -5.82 38.29
CAB HEM M . 14.30 -3.28 39.44
CBB HEM M . 13.70 -3.73 38.33
C1C HEM M . 16.45 -1.97 43.19
C2C HEM M . 15.90 -1.08 44.20
C3C HEM M . 16.69 -1.12 45.28
C4C HEM M . 17.77 -2.03 44.99
CMC HEM M . 14.62 -0.23 44.06
CAC HEM M . 16.54 -0.37 46.62
CBC HEM M . 16.23 0.91 46.62
C1D HEM M . 19.83 -3.20 45.56
C2D HEM M . 20.97 -3.37 46.44
C3D HEM M . 21.85 -4.37 45.70
C4D HEM M . 21.15 -4.71 44.47
CMD HEM M . 21.24 -2.70 47.81
CAD HEM M . 23.22 -4.94 46.13
CBD HEM M . 22.98 -6.31 46.79
CGD HEM M . 24.28 -6.68 47.41
O1D HEM M . 24.29 -7.30 48.50
O2D HEM M . 25.33 -6.39 46.78
NA HEM M . 19.84 -5.61 42.02
NB HEM M . 17.44 -4.15 41.38
NC HEM M . 17.58 -2.52 43.70
ND HEM M . 19.96 -3.98 44.40
FE HEM M . 18.72 -4.05 42.80
C11 CPZ N . 22.74 0.44 41.72
C10 CPZ N . 23.76 1.36 41.68
C9 CPZ N . 24.64 1.34 40.61
C8 CPZ N . 24.48 0.39 39.57
C7 CPZ N . 23.42 -0.52 39.63
C6 CPZ N . 22.54 -0.49 40.70
C4 CPZ N . 21.38 -1.41 40.84
C2 CPZ N . 21.00 -2.11 41.97
N1 CPZ N . 19.88 -2.81 41.73
C5 CPZ N . 19.56 -2.54 40.46
N3 CPZ N . 20.44 -1.70 39.92
CL CPZ N . 25.91 2.49 40.62
C11 CPZ O . 24.77 -3.34 37.96
C10 CPZ O . 25.78 -3.57 38.88
C9 CPZ O . 25.42 -4.05 40.14
C8 CPZ O . 24.10 -4.28 40.51
C7 CPZ O . 23.11 -4.06 39.57
C6 CPZ O . 23.46 -3.59 38.31
C4 CPZ O . 22.44 -3.29 37.30
C2 CPZ O . 22.07 -4.05 36.19
N1 CPZ O . 21.11 -3.43 35.50
C5 CPZ O . 20.91 -2.27 36.15
N3 CPZ O . 21.70 -2.16 37.24
CL CPZ O . 26.70 -4.32 41.25
C1 GOL P . 14.98 13.11 28.27
O1 GOL P . 14.37 14.16 27.51
C2 GOL P . 16.52 13.07 28.19
O2 GOL P . 17.09 14.28 27.75
C3 GOL P . 17.18 12.78 29.54
O3 GOL P . 16.28 12.33 30.51
CHA HEM Q . -37.77 -18.08 22.80
CHB HEM Q . -39.48 -13.92 21.09
CHC HEM Q . -39.19 -15.55 16.61
CHD HEM Q . -37.14 -19.61 18.23
C1A HEM Q . -38.32 -16.81 22.74
C2A HEM Q . -38.73 -16.01 23.90
C3A HEM Q . -39.21 -14.85 23.41
C4A HEM Q . -39.10 -14.91 21.95
CMA HEM Q . -39.76 -13.61 24.22
CAA HEM Q . -38.65 -16.49 25.38
CBA HEM Q . -37.43 -15.92 26.07
CGA HEM Q . -37.29 -16.44 27.46
O1A HEM Q . -37.61 -17.64 27.77
O2A HEM Q . -36.81 -15.58 28.27
C1B HEM Q . -39.56 -14.00 19.74
C2B HEM Q . -39.99 -12.93 18.85
C3B HEM Q . -39.89 -13.41 17.60
C4B HEM Q . -39.39 -14.77 17.69
CMB HEM Q . -40.46 -11.50 19.29
CAB HEM Q . -40.23 -12.75 16.25
CBB HEM Q . -40.51 -11.44 16.12
C1C HEM Q . -38.56 -16.75 16.69
C2C HEM Q . -38.17 -17.51 15.54
C3C HEM Q . -37.62 -18.62 15.97
C4C HEM Q . -37.62 -18.62 17.42
CMC HEM Q . -38.37 -17.11 14.07
CAC HEM Q . -37.06 -19.70 15.01
CBC HEM Q . -37.25 -20.98 15.31
C1D HEM Q . -37.14 -19.58 19.60
C2D HEM Q . -36.61 -20.63 20.46
C3D HEM Q . -36.79 -20.12 21.89
C4D HEM Q . -37.40 -18.85 21.74
CMD HEM Q . -35.99 -21.94 19.99
CAD HEM Q . -36.45 -20.79 23.23
CBD HEM Q . -35.04 -20.42 23.68
CGD HEM Q . -34.68 -21.36 24.78
O1D HEM Q . -33.48 -21.78 24.75
O2D HEM Q . -35.53 -21.67 25.72
NA HEM Q . -38.56 -16.12 21.58
NB HEM Q . -39.22 -15.14 19.02
NC HEM Q . -38.21 -17.44 17.84
ND HEM Q . -37.58 -18.53 20.40
FE HEM Q . -38.44 -16.77 19.68
C11 CPZ R . -42.71 -21.17 20.24
C10 CPZ R . -43.54 -22.25 20.49
C9 CPZ R . -44.70 -22.07 21.23
C8 CPZ R . -45.03 -20.81 21.71
C7 CPZ R . -44.19 -19.73 21.44
C6 CPZ R . -43.03 -19.91 20.70
C4 CPZ R . -42.14 -18.75 20.42
C2 CPZ R . -40.79 -18.79 20.10
N1 CPZ R . -40.31 -17.55 19.91
C5 CPZ R . -41.36 -16.75 20.12
N3 CPZ R . -42.48 -17.44 20.42
CL CPZ R . -45.73 -23.41 21.56
C11 CPZ S . -44.19 -18.12 24.91
C10 CPZ S . -43.49 -19.07 25.64
C9 CPZ S . -42.16 -19.33 25.34
C8 CPZ S . -41.53 -18.63 24.31
C7 CPZ S . -42.23 -17.68 23.60
C6 CPZ S . -43.56 -17.42 23.90
C4 CPZ S . -44.32 -16.39 23.12
C2 CPZ S . -45.47 -15.73 23.51
N1 CPZ S . -45.87 -14.87 22.56
C5 CPZ S . -44.97 -15.01 21.58
N3 CPZ S . -44.02 -15.91 21.88
CL CPZ S . -41.29 -20.52 26.24
C1 GOL T . -58.17 -15.43 5.94
O1 GOL T . -58.34 -16.67 5.28
C2 GOL T . -58.79 -15.45 7.34
O2 GOL T . -60.19 -15.68 7.27
C3 GOL T . -58.05 -16.41 8.29
O3 GOL T . -58.63 -16.46 9.60
CHA HEM U . -34.16 -5.42 -24.14
CHB HEM U . -29.73 -3.62 -23.29
CHC HEM U . -28.08 -8.10 -23.02
CHD HEM U . -32.46 -9.93 -23.43
C1A HEM U . -33.10 -4.54 -23.98
C2A HEM U . -33.15 -3.11 -24.14
C3A HEM U . -31.92 -2.62 -23.89
C4A HEM U . -31.06 -3.72 -23.58
CMA HEM U . -31.40 -1.18 -23.95
CAA HEM U . -34.43 -2.33 -24.53
CBA HEM U . -35.24 -1.93 -23.31
CGA HEM U . -36.29 -0.92 -23.80
O1A HEM U . -37.14 -1.28 -24.66
O2A HEM U . -36.28 0.26 -23.30
C1B HEM U . -28.90 -4.69 -23.15
C2B HEM U . -27.46 -4.63 -22.85
C3B HEM U . -27.04 -5.88 -22.78
C4B HEM U . -28.19 -6.75 -23.04
CMB HEM U . -26.60 -3.36 -22.65
CAB HEM U . -25.61 -6.42 -22.48
CBB HEM U . -24.57 -5.61 -22.30
C1C HEM U . -29.09 -8.99 -23.08
C2C HEM U . -28.95 -10.44 -22.93
C3C HEM U . -30.17 -10.95 -23.07
C4C HEM U . -31.11 -9.86 -23.27
CMC HEM U . -27.61 -11.19 -22.68
CAC HEM U . -30.51 -12.46 -23.01
CBC HEM U . -30.74 -13.06 -21.84
C1D HEM U . -33.33 -8.89 -23.64
C2D HEM U . -34.77 -9.03 -23.83
C3D HEM U . -35.28 -7.63 -24.05
C4D HEM U . -34.13 -6.78 -24.01
CMD HEM U . -35.57 -10.32 -23.79
CAD HEM U . -36.77 -7.22 -24.28
CBD HEM U . -37.44 -6.78 -22.98
CGD HEM U . -38.88 -6.40 -23.26
O1D HEM U . -39.77 -6.80 -22.49
O2D HEM U . -39.17 -5.72 -24.28
NA HEM U . -31.80 -4.88 -23.64
NB HEM U . -29.31 -6.01 -23.23
NC HEM U . -30.41 -8.68 -23.29
ND HEM U . -33.00 -7.55 -23.76
FE HEM U . -31.15 -6.84 -23.46
C11 CPZ V . -32.64 -2.81 -29.97
C10 CPZ V . -33.98 -3.13 -29.83
C9 CPZ V . -34.43 -3.73 -28.66
C8 CPZ V . -33.53 -4.02 -27.64
C7 CPZ V . -32.19 -3.71 -27.78
C6 CPZ V . -31.74 -3.10 -28.95
C4 CPZ V . -30.30 -2.77 -29.10
C2 CPZ V . -29.76 -1.72 -29.83
N1 CPZ V . -28.42 -1.72 -29.75
C5 CPZ V . -28.13 -2.77 -28.97
N3 CPZ V . -29.24 -3.42 -28.56
CL CPZ V . -36.10 -4.12 -28.47
C11 CPZ W . -32.23 -8.53 -29.21
C10 CPZ W . -32.68 -8.94 -30.46
C9 CPZ W . -32.45 -8.15 -31.58
C8 CPZ W . -31.77 -6.95 -31.45
C7 CPZ W . -31.31 -6.53 -30.20
C6 CPZ W . -31.54 -7.32 -29.09
C4 CPZ W . -31.05 -6.88 -27.76
C2 CPZ W . -31.48 -7.32 -26.51
N1 CPZ W . -30.82 -6.70 -25.53
C5 CPZ W . -29.98 -5.87 -26.16
N3 CPZ W . -30.10 -5.96 -27.50
CL CPZ W . -33.02 -8.67 -33.13
CHA HEM X . 39.29 17.24 -6.70
CHB HEM X . 42.85 15.12 -9.20
CHC HEM X . 45.14 19.20 -10.03
CHD HEM X . 41.35 21.49 -8.05
C1A HEM X . 40.11 16.28 -7.26
C2A HEM X . 40.00 14.84 -7.11
C3A HEM X . 41.00 14.31 -7.80
C4A HEM X . 41.76 15.36 -8.40
CMA HEM X . 41.39 12.82 -8.00
CAA HEM X . 38.96 14.07 -6.27
CBA HEM X . 37.58 13.98 -6.89
CGA HEM X . 36.60 13.25 -5.97
O1A HEM X . 36.52 13.58 -4.78
O2A HEM X . 35.90 12.30 -6.39
C1B HEM X . 43.76 16.01 -9.67
C2B HEM X . 44.92 15.69 -10.49
C3B HEM X . 45.57 16.84 -10.72
C4B HEM X . 44.84 17.89 -10.04
CMB HEM X . 45.29 14.27 -11.00
CAB HEM X . 46.86 17.13 -11.52
CBB HEM X . 47.58 16.22 -12.17
C1C HEM X . 44.24 20.15 -9.66
C2C HEM X . 44.33 21.55 -10.03
C3C HEM X . 43.28 22.17 -9.47
C4C HEM X . 42.50 21.18 -8.75
CMC HEM X . 45.42 22.19 -10.90
CAC HEM X . 42.98 23.68 -9.60
CBC HEM X . 43.94 24.54 -9.19
C1D HEM X . 40.46 20.60 -7.48
C2D HEM X . 39.25 20.95 -6.75
C3D HEM X . 38.56 19.64 -6.34
C4D HEM X . 39.47 18.62 -6.84
CMD HEM X . 38.78 22.39 -6.49
CAD HEM X . 37.27 19.42 -5.53
CBD HEM X . 36.11 18.99 -6.42
CGD HEM X . 34.79 18.90 -5.64
O1D HEM X . 33.73 19.37 -6.16
O2D HEM X . 34.80 18.38 -4.50
NA HEM X . 41.20 16.56 -8.04
NB HEM X . 43.74 17.35 -9.40
NC HEM X . 43.13 19.94 -8.88
ND HEM X . 40.56 19.22 -7.49
FE HEM X . 42.12 18.21 -8.56
C11 CPZ Y . 43.62 19.72 -2.96
C10 CPZ Y . 43.72 20.05 -1.62
C9 CPZ Y . 44.37 19.20 -0.74
C8 CPZ Y . 44.92 18.01 -1.21
C7 CPZ Y . 44.82 17.68 -2.55
C6 CPZ Y . 44.17 18.54 -3.43
C4 CPZ Y . 44.06 18.18 -4.87
C2 CPZ Y . 43.07 18.58 -5.76
N1 CPZ Y . 43.30 18.06 -6.98
C5 CPZ Y . 44.43 17.35 -6.85
N3 CPZ Y . 44.91 17.40 -5.59
CL CPZ Y . 44.49 19.60 0.94
C11 CPZ Z . 43.11 14.58 -2.09
C10 CPZ Z . 41.86 15.00 -1.63
C9 CPZ Z . 40.90 15.43 -2.53
C8 CPZ Z . 41.19 15.44 -3.90
C7 CPZ Z . 42.43 15.02 -4.34
C6 CPZ Z . 43.39 14.60 -3.44
C4 CPZ Z . 44.73 14.15 -3.93
C2 CPZ Z . 45.30 12.90 -3.78
N1 CPZ Z . 46.52 12.86 -4.34
C5 CPZ Z . 46.70 14.09 -4.84
N3 CPZ Z . 45.63 14.89 -4.61
CL CPZ Z . 39.35 15.94 -1.97
C7 CM5 AA . 44.31 2.10 20.65
C8 CM5 AA . 45.12 0.87 20.50
C9 CM5 AA . 45.66 0.80 19.14
C10 CM5 AA . 44.53 0.92 18.20
C11 CM5 AA . 43.71 2.14 18.39
C6 CM5 AA . 43.15 2.18 19.75
C5 CM5 AA . 42.44 3.51 19.99
C4 CM5 AA . 41.26 3.96 19.23
C3 CM5 AA . 40.90 5.41 19.29
C2 CM5 AA . 39.46 5.80 19.18
C1 CM5 AA . 38.99 7.11 19.71
O12 CM5 AA . 38.32 7.93 18.84
C1 GOL BA . 64.61 22.36 -2.76
O1 GOL BA . 65.99 22.47 -2.46
C2 GOL BA . 64.19 20.96 -3.24
O2 GOL BA . 65.13 19.96 -2.88
C3 GOL BA . 62.78 20.61 -2.71
O3 GOL BA . 62.73 19.33 -2.09
CHA HEM CA . 1.98 40.44 -26.18
CHB HEM CA . 0.81 36.64 -23.58
CHC HEM CA . 3.22 38.13 -19.73
CHD HEM CA . 5.12 41.57 -22.62
C1A HEM CA . 1.39 39.27 -25.82
C2A HEM CA . 0.45 38.44 -26.55
C3A HEM CA . 0.13 37.41 -25.80
C4A HEM CA . 0.87 37.55 -24.57
CMA HEM CA . -0.83 36.23 -26.12
CAA HEM CA . -0.14 38.66 -27.94
CBA HEM CA . 0.95 39.27 -28.77
CGA HEM CA . 0.61 39.11 -30.21
O1A HEM CA . 0.33 40.15 -30.84
O2A HEM CA . 0.66 37.96 -30.72
C1B HEM CA . 1.37 36.72 -22.35
C2B HEM CA . 1.12 35.71 -21.33
C3B HEM CA . 1.78 36.10 -20.25
C4B HEM CA . 2.43 37.38 -20.57
CMB HEM CA . 0.28 34.43 -21.53
CAB HEM CA . 1.87 35.36 -18.91
CBB HEM CA . 1.54 34.09 -18.72
C1C HEM CA . 3.96 39.18 -20.18
C2C HEM CA . 4.91 39.94 -19.40
C3C HEM CA . 5.43 40.86 -20.18
C4C HEM CA . 4.85 40.76 -21.52
CMC HEM CA . 5.28 39.73 -17.92
CAC HEM CA . 6.51 41.85 -19.68
CBC HEM CA . 7.73 41.36 -19.41
C1D HEM CA . 4.47 41.61 -23.83
C2D HEM CA . 4.77 42.49 -24.99
C3D HEM CA . 3.78 42.12 -26.08
C4D HEM CA . 2.98 41.06 -25.50
CMD HEM CA . 5.84 43.61 -25.14
CAD HEM CA . 3.60 42.70 -27.48
CBD HEM CA . 4.77 42.55 -28.45
CGD HEM CA . 4.46 43.51 -29.53
O1D HEM CA . 5.23 43.69 -30.50
O2D HEM CA . 3.42 44.16 -29.39
NA HEM CA . 1.64 38.68 -24.62
NB HEM CA . 2.17 37.74 -21.88
NC HEM CA . 3.96 39.70 -21.46
ND HEM CA . 3.40 40.77 -24.21
FE HEM CA . 2.78 39.22 -23.17
C11 CPZ DA . -0.34 44.32 -22.65
C10 CPZ DA . -0.99 45.54 -22.54
C9 CPZ DA . -2.28 45.59 -22.05
C8 CPZ DA . -2.93 44.43 -21.66
C7 CPZ DA . -2.27 43.21 -21.76
C6 CPZ DA . -0.98 43.15 -22.25
C4 CPZ DA . -0.28 41.83 -22.36
C2 CPZ DA . 1.00 41.61 -22.84
N1 CPZ DA . 1.30 40.30 -22.78
C5 CPZ DA . 0.21 39.73 -22.27
N3 CPZ DA . -0.76 40.63 -22.00
CL CPZ DA . -3.09 47.12 -21.92
C11 CPZ EA . -4.47 41.94 -25.22
C10 CPZ EA . -4.00 42.75 -26.24
C9 CPZ EA . -2.70 42.60 -26.70
C8 CPZ EA . -1.87 41.63 -26.14
C7 CPZ EA . -2.35 40.81 -25.13
C6 CPZ EA . -3.65 40.97 -24.67
C4 CPZ EA . -4.17 40.09 -23.58
C2 CPZ EA . -5.25 39.23 -23.63
N1 CPZ EA . -5.42 38.61 -22.45
C5 CPZ EA . -4.43 39.08 -21.67
N3 CPZ EA . -3.66 39.97 -22.32
CL CPZ EA . -2.10 43.61 -27.96
#